data_8DNT
#
_entry.id   8DNT
#
_cell.length_a   182.158
_cell.length_b   121.827
_cell.length_c   210.555
_cell.angle_alpha   90.000
_cell.angle_beta   100.020
_cell.angle_gamma   90.000
#
_symmetry.space_group_name_H-M   'C 1 2 1'
#
loop_
_entity.id
_entity.type
_entity.pdbx_description
1 polymer 'T-cell receptor alpha chain'
2 polymer 'T-cell receptor beta chain'
3 polymer Nucleoprotein
4 polymer 'MHC class I antigen alpha chain'
5 polymer Beta-2-microglobulin
#
loop_
_entity_poly.entity_id
_entity_poly.type
_entity_poly.pdbx_seq_one_letter_code
_entity_poly.pdbx_strand_id
1 'polypeptide(L)'
;KEVEQNSGPLSVPEGAIASLNCTYSDRGSQSFFWYRQYSGKSPELIMFIYSNGDKEDGRFTAQLNKASQYVSLLIRDSQP
SDSATYLCAVREGAQKLVFGQGTRLTINPNIQNPDPAVYQLRDSKSSDKSVCLFTDFDSQTNVSQSKDSDVYITDKCVLD
MRSMDFKSNSAVAWSNKSDFACANAFNNSIIPEDTFFPSPESS
;
A,H,M,V
2 'polypeptide(L)'
;GAGVSQSPSNKVTEKGKDVELRCDPISGHTALYWYRQSLGQGLEFLIYFQGNSAPDKSGLPSDRFSAERTGGSVSTLTIQ
RTQQEDSAVYLCASSLDLGADEQFFGPGTRLTVLEDLKNVFPPEVAVFEPSEAEISHTQKATLVCLATGFYPDHVELSWW
VNGKEVHSGVCTDPQPLKEQPALNDSRYALSSRLRVSATFWQNPRNHFRCQVQFYGLSENDEWTQDRAKPVTQIVSAEAW
GRAD
;
B,I,P,W
3 'polypeptide(L)' LLLDRLNQL D,J,Q,X
4 'polypeptide(L)'
;MGSHSMRYFFTSVSRPGRGEPRFIAVGYVDDTQFVRFDSDAASQRMEPRAPWIEQEGPEYWDGETRKVKAHSQTHRVDLG
TLRGYYNQSEAGSHTVQRMYGCDVGSDWRFLRGYHQYAYDGKDYIALKEDLRSWTAADMAAQTTKHKWEAAHVAEQLRAY
LEGTCVEWLRRYLENGKETLQRTDAPKTHMTHHAVSDHEATLRCWALSFYPAEITLTWQRDGEDQTQDTELVETRPAGDG
TFQKWAAVVVPSGQEQRYTCHVQHEGLPKPLTLRWEGGG
;
E,K,R,Y
5 'polypeptide(L)'
;MIQRTPKIQVYSRHPAENGKSNFLNCYVSGFHPSDIEVDLLKNGERIEKVEHSDLSFSKDWSFYLLYYTEFTPTEKDEYA
CRVNHVTLSQPKIVKWDRDM
;
F,L,T,Z
#
# COMPACT_ATOMS: atom_id res chain seq x y z
N GLU A 2 12.83 -25.66 52.50
CA GLU A 2 11.76 -25.83 53.52
C GLU A 2 10.61 -24.89 53.20
N VAL A 3 9.43 -25.23 53.73
CA VAL A 3 8.22 -24.43 53.55
C VAL A 3 7.62 -24.15 54.92
N GLU A 4 7.80 -22.89 55.39
CA GLU A 4 7.41 -22.48 56.72
C GLU A 4 6.13 -21.65 56.64
N GLN A 5 5.40 -21.58 57.77
CA GLN A 5 4.05 -21.06 57.83
C GLN A 5 3.66 -20.89 59.29
N ASN A 6 3.00 -19.76 59.61
CA ASN A 6 2.48 -19.52 60.95
C ASN A 6 1.17 -20.29 61.10
N SER A 7 0.94 -20.84 62.31
CA SER A 7 -0.14 -21.80 62.52
C SER A 7 -1.17 -21.25 63.51
N GLY A 8 -1.18 -19.93 63.70
CA GLY A 8 -2.16 -19.26 64.54
C GLY A 8 -2.20 -19.84 65.95
N PRO A 9 -3.32 -20.44 66.41
CA PRO A 9 -4.56 -20.52 65.61
C PRO A 9 -5.16 -19.14 65.35
N LEU A 10 -5.90 -19.04 64.23
CA LEU A 10 -6.61 -17.82 63.89
C LEU A 10 -8.07 -17.95 64.32
N SER A 11 -8.60 -16.88 64.93
CA SER A 11 -10.00 -16.78 65.30
C SER A 11 -10.63 -15.56 64.64
N VAL A 12 -11.70 -15.78 63.87
CA VAL A 12 -12.34 -14.75 63.09
C VAL A 12 -13.84 -14.77 63.40
N PRO A 13 -14.52 -13.60 63.45
CA PRO A 13 -15.99 -13.55 63.49
C PRO A 13 -16.62 -13.94 62.15
N GLU A 14 -17.88 -14.36 62.21
CA GLU A 14 -18.65 -14.75 61.03
C GLU A 14 -18.95 -13.51 60.20
N GLY A 15 -18.67 -13.62 58.90
CA GLY A 15 -18.85 -12.52 57.97
C GLY A 15 -17.52 -11.88 57.57
N ALA A 16 -16.57 -11.87 58.52
CA ALA A 16 -15.29 -11.22 58.33
C ALA A 16 -14.41 -12.03 57.39
N ILE A 17 -13.43 -11.36 56.78
CA ILE A 17 -12.50 -12.02 55.89
C ILE A 17 -11.37 -12.62 56.73
N ALA A 18 -11.10 -13.91 56.48
CA ALA A 18 -10.00 -14.64 57.10
C ALA A 18 -8.88 -14.82 56.08
N SER A 19 -7.64 -14.76 56.56
CA SER A 19 -6.48 -14.69 55.67
C SER A 19 -5.39 -15.65 56.14
N LEU A 20 -4.95 -16.52 55.23
CA LEU A 20 -3.94 -17.54 55.51
C LEU A 20 -2.70 -17.26 54.66
N ASN A 21 -1.52 -17.37 55.29
CA ASN A 21 -0.26 -17.03 54.64
C ASN A 21 0.68 -18.24 54.65
N CYS A 22 1.57 -18.29 53.65
CA CYS A 22 2.51 -19.39 53.46
C CYS A 22 3.71 -18.87 52.65
N THR A 23 4.90 -19.40 52.94
CA THR A 23 6.11 -19.04 52.23
C THR A 23 6.85 -20.30 51.79
N TYR A 24 8.02 -20.13 51.16
CA TYR A 24 8.83 -21.24 50.67
C TYR A 24 10.28 -20.80 50.49
N SER A 25 11.13 -21.76 50.12
CA SER A 25 12.56 -21.53 49.96
C SER A 25 12.93 -21.43 48.49
N ASP A 26 12.91 -22.58 47.78
CA ASP A 26 13.30 -22.63 46.38
C ASP A 26 12.47 -21.63 45.59
N ARG A 27 13.15 -20.58 45.12
CA ARG A 27 12.53 -19.46 44.41
C ARG A 27 11.74 -19.97 43.21
N GLY A 28 12.36 -20.88 42.44
CA GLY A 28 11.81 -21.33 41.17
C GLY A 28 10.67 -22.33 41.31
N SER A 29 9.88 -22.21 42.38
CA SER A 29 8.69 -23.02 42.56
C SER A 29 7.61 -22.57 41.57
N GLN A 30 6.59 -23.41 41.37
CA GLN A 30 5.58 -23.15 40.35
C GLN A 30 4.20 -23.67 40.76
N SER A 31 4.18 -24.67 41.66
CA SER A 31 2.92 -25.30 42.05
C SER A 31 2.56 -24.93 43.49
N PHE A 32 1.34 -24.43 43.66
CA PHE A 32 0.85 -23.86 44.91
C PHE A 32 -0.61 -24.26 45.13
N PHE A 33 -0.86 -24.99 46.22
CA PHE A 33 -2.14 -25.65 46.44
C PHE A 33 -2.67 -25.25 47.82
N TRP A 34 -3.99 -25.37 47.99
CA TRP A 34 -4.63 -25.07 49.26
C TRP A 34 -5.69 -26.11 49.61
N TYR A 35 -5.28 -27.10 50.42
CA TYR A 35 -6.12 -28.17 50.91
C TYR A 35 -6.77 -27.76 52.23
N ARG A 36 -7.94 -28.32 52.53
CA ARG A 36 -8.69 -27.96 53.71
C ARG A 36 -9.20 -29.23 54.41
N GLN A 37 -8.69 -29.49 55.62
CA GLN A 37 -9.01 -30.69 56.37
C GLN A 37 -9.76 -30.34 57.64
N TYR A 38 -10.76 -31.15 57.96
CA TYR A 38 -11.63 -30.92 59.11
C TYR A 38 -11.07 -31.63 60.34
N SER A 39 -11.97 -32.18 61.17
CA SER A 39 -11.61 -32.86 62.40
C SER A 39 -11.01 -34.23 62.08
N GLY A 40 -9.72 -34.22 61.71
CA GLY A 40 -9.00 -35.43 61.35
C GLY A 40 -9.70 -36.25 60.26
N LYS A 41 -10.43 -35.55 59.38
CA LYS A 41 -11.11 -36.17 58.27
C LYS A 41 -10.08 -36.53 57.18
N SER A 42 -10.11 -35.76 56.09
CA SER A 42 -9.20 -35.99 54.98
C SER A 42 -9.07 -34.71 54.14
N PRO A 43 -7.83 -34.27 53.82
CA PRO A 43 -7.62 -33.05 53.04
C PRO A 43 -8.39 -33.02 51.72
N GLU A 44 -9.04 -31.88 51.44
CA GLU A 44 -9.77 -31.67 50.21
C GLU A 44 -9.27 -30.41 49.53
N LEU A 45 -8.58 -30.56 48.39
CA LEU A 45 -8.06 -29.42 47.67
C LEU A 45 -9.21 -28.51 47.28
N ILE A 46 -9.00 -27.19 47.44
CA ILE A 46 -10.06 -26.24 47.16
C ILE A 46 -9.52 -24.99 46.47
N MET A 47 -8.21 -24.73 46.61
CA MET A 47 -7.57 -23.65 45.85
C MET A 47 -6.19 -24.09 45.38
N PHE A 48 -5.86 -23.70 44.14
CA PHE A 48 -4.56 -23.98 43.53
C PHE A 48 -4.22 -22.89 42.54
N ILE A 49 -2.93 -22.51 42.48
CA ILE A 49 -2.51 -21.43 41.61
C ILE A 49 -1.14 -21.78 41.02
N TYR A 50 -0.93 -21.35 39.76
CA TYR A 50 0.26 -21.70 39.00
C TYR A 50 1.02 -20.46 38.54
N SER A 51 0.33 -19.32 38.48
CA SER A 51 0.97 -18.07 38.09
C SER A 51 0.54 -16.92 39.01
N ASN A 52 1.42 -15.92 39.13
CA ASN A 52 1.19 -14.74 39.95
C ASN A 52 -0.13 -14.07 39.56
N GLY A 53 -0.96 -13.78 40.56
CA GLY A 53 -2.16 -12.99 40.33
C GLY A 53 -3.32 -13.40 41.22
N ASP A 54 -4.52 -13.31 40.63
CA ASP A 54 -5.77 -13.21 41.38
C ASP A 54 -6.77 -14.23 40.85
N LYS A 55 -6.86 -15.38 41.52
CA LYS A 55 -7.78 -16.44 41.16
C LYS A 55 -8.84 -16.54 42.24
N GLU A 56 -10.09 -16.78 41.84
CA GLU A 56 -11.20 -16.79 42.78
C GLU A 56 -12.16 -17.94 42.48
N ASP A 57 -12.42 -18.75 43.52
CA ASP A 57 -13.52 -19.71 43.52
C ASP A 57 -14.63 -19.17 44.41
N GLY A 58 -15.35 -18.15 43.91
CA GLY A 58 -16.41 -17.52 44.64
C GLY A 58 -15.90 -16.83 45.90
N ARG A 59 -15.89 -17.56 47.02
CA ARG A 59 -15.51 -17.01 48.30
C ARG A 59 -13.99 -17.03 48.45
N PHE A 60 -13.37 -18.15 48.08
CA PHE A 60 -11.92 -18.29 48.13
C PHE A 60 -11.28 -17.36 47.11
N THR A 61 -10.06 -16.91 47.42
CA THR A 61 -9.36 -15.87 46.67
C THR A 61 -7.86 -16.02 46.88
N ALA A 62 -7.30 -17.15 46.42
CA ALA A 62 -5.89 -17.44 46.62
C ALA A 62 -5.04 -16.48 45.79
N GLN A 63 -4.10 -15.81 46.45
CA GLN A 63 -3.23 -14.85 45.79
C GLN A 63 -1.79 -15.31 45.94
N LEU A 64 -1.03 -15.17 44.84
CA LEU A 64 0.36 -15.59 44.77
C LEU A 64 1.24 -14.40 44.40
N ASN A 65 2.48 -14.44 44.91
CA ASN A 65 3.50 -13.45 44.61
C ASN A 65 4.86 -14.11 44.83
N LYS A 66 5.62 -14.27 43.74
CA LYS A 66 6.89 -14.98 43.74
C LYS A 66 8.01 -14.04 44.19
N ALA A 67 7.76 -12.73 44.11
CA ALA A 67 8.73 -11.71 44.49
C ALA A 67 9.21 -11.97 45.91
N SER A 68 8.30 -11.83 46.87
CA SER A 68 8.60 -11.93 48.29
C SER A 68 8.57 -13.39 48.72
N GLN A 69 8.08 -14.26 47.83
CA GLN A 69 7.99 -15.69 48.04
C GLN A 69 6.95 -15.98 49.12
N TYR A 70 5.67 -15.71 48.78
CA TYR A 70 4.55 -16.04 49.64
C TYR A 70 3.31 -16.32 48.79
N VAL A 71 2.32 -16.98 49.42
CA VAL A 71 1.02 -17.22 48.81
C VAL A 71 -0.04 -17.08 49.91
N SER A 72 -1.18 -16.51 49.55
CA SER A 72 -2.22 -16.19 50.51
C SER A 72 -3.53 -16.90 50.15
N LEU A 73 -4.52 -16.77 51.03
CA LEU A 73 -5.86 -17.25 50.78
C LEU A 73 -6.86 -16.37 51.52
N LEU A 74 -7.85 -15.85 50.78
CA LEU A 74 -8.84 -14.92 51.29
C LEU A 74 -10.21 -15.59 51.27
N ILE A 75 -10.88 -15.65 52.42
CA ILE A 75 -12.22 -16.21 52.48
C ILE A 75 -13.19 -15.11 52.91
N ARG A 76 -13.86 -14.52 51.92
CA ARG A 76 -14.84 -13.49 52.14
C ARG A 76 -16.16 -14.15 52.54
N ASP A 77 -16.92 -13.48 53.41
CA ASP A 77 -18.22 -13.95 53.88
C ASP A 77 -18.04 -15.23 54.70
N SER A 78 -16.99 -15.26 55.54
CA SER A 78 -16.64 -16.44 56.32
C SER A 78 -17.85 -17.01 57.05
N GLN A 79 -18.16 -18.27 56.74
CA GLN A 79 -19.24 -19.01 57.39
C GLN A 79 -18.65 -19.76 58.57
N PRO A 80 -19.48 -20.13 59.59
CA PRO A 80 -19.03 -21.01 60.68
C PRO A 80 -18.65 -22.41 60.20
N SER A 81 -19.26 -22.85 59.09
CA SER A 81 -18.86 -24.07 58.40
C SER A 81 -17.62 -23.80 57.56
N ASP A 82 -16.48 -23.63 58.24
CA ASP A 82 -15.21 -23.34 57.59
C ASP A 82 -14.06 -23.74 58.51
N SER A 83 -14.27 -23.54 59.82
CA SER A 83 -13.27 -23.86 60.83
C SER A 83 -12.65 -25.22 60.53
N ALA A 84 -11.35 -25.19 60.21
CA ALA A 84 -10.58 -26.37 59.85
C ALA A 84 -9.15 -25.94 59.53
N THR A 85 -8.23 -26.90 59.49
CA THR A 85 -6.83 -26.61 59.25
C THR A 85 -6.60 -26.41 57.75
N TYR A 86 -6.32 -25.16 57.37
CA TYR A 86 -5.96 -24.82 56.00
C TYR A 86 -4.49 -25.14 55.80
N LEU A 87 -4.13 -25.47 54.54
CA LEU A 87 -2.95 -26.27 54.26
C LEU A 87 -2.37 -25.86 52.90
N CYS A 88 -1.27 -25.10 52.92
CA CYS A 88 -0.56 -24.76 51.70
C CYS A 88 0.38 -25.91 51.33
N ALA A 89 0.77 -25.96 50.04
CA ALA A 89 1.63 -27.03 49.55
C ALA A 89 2.43 -26.53 48.34
N VAL A 90 3.72 -26.90 48.33
CA VAL A 90 4.61 -26.63 47.22
C VAL A 90 5.09 -27.96 46.65
N ARG A 91 5.24 -28.01 45.32
CA ARG A 91 5.74 -29.19 44.64
C ARG A 91 7.26 -29.15 44.63
N GLU A 92 7.87 -30.12 45.33
CA GLU A 92 9.33 -30.18 45.50
C GLU A 92 9.91 -31.10 44.43
N GLY A 93 11.19 -30.87 44.12
CA GLY A 93 11.87 -31.56 43.04
C GLY A 93 11.14 -31.34 41.72
N ALA A 94 10.26 -32.29 41.38
CA ALA A 94 9.36 -32.15 40.25
C ALA A 94 7.96 -32.58 40.66
N GLN A 95 7.86 -33.77 41.26
CA GLN A 95 6.57 -34.31 41.65
C GLN A 95 6.65 -34.95 43.03
N LYS A 96 5.80 -34.43 43.93
CA LYS A 96 5.77 -34.64 45.36
C LYS A 96 5.31 -33.33 45.98
N LEU A 97 4.35 -33.40 46.90
CA LEU A 97 3.84 -32.18 47.52
C LEU A 97 4.26 -32.13 48.98
N VAL A 98 5.06 -31.12 49.31
CA VAL A 98 5.49 -30.88 50.68
C VAL A 98 4.54 -29.86 51.32
N PHE A 99 4.33 -30.01 52.64
CA PHE A 99 3.28 -29.29 53.34
C PHE A 99 3.87 -28.48 54.49
N GLY A 100 3.16 -27.42 54.86
CA GLY A 100 3.36 -26.73 56.12
C GLY A 100 2.54 -27.40 57.23
N GLN A 101 2.86 -27.04 58.49
CA GLN A 101 2.17 -27.52 59.68
C GLN A 101 0.66 -27.36 59.48
N GLY A 102 0.28 -26.28 58.79
CA GLY A 102 -1.11 -25.92 58.57
C GLY A 102 -1.63 -24.97 59.62
N THR A 103 -2.67 -24.21 59.29
CA THR A 103 -3.20 -23.22 60.22
C THR A 103 -4.60 -23.60 60.65
N ARG A 104 -4.75 -23.87 61.95
CA ARG A 104 -6.04 -24.07 62.59
C ARG A 104 -6.85 -22.79 62.49
N LEU A 105 -8.13 -22.93 62.12
CA LEU A 105 -9.04 -21.80 62.05
C LEU A 105 -10.27 -22.09 62.91
N THR A 106 -10.82 -21.02 63.51
CA THR A 106 -12.07 -21.06 64.24
C THR A 106 -12.92 -19.88 63.77
N ILE A 107 -14.15 -20.15 63.32
CA ILE A 107 -15.08 -19.10 62.95
C ILE A 107 -16.15 -19.00 64.04
N ASN A 108 -15.93 -18.06 64.96
CA ASN A 108 -16.83 -17.80 66.06
C ASN A 108 -18.17 -17.31 65.48
N PRO A 109 -19.28 -18.04 65.74
CA PRO A 109 -20.53 -17.83 64.99
C PRO A 109 -21.30 -16.59 65.47
N ASN A 110 -22.37 -16.28 64.73
CA ASN A 110 -23.23 -15.16 65.04
C ASN A 110 -24.26 -15.60 66.08
N ILE A 111 -23.94 -15.35 67.35
CA ILE A 111 -24.90 -15.50 68.43
C ILE A 111 -25.65 -14.18 68.52
N GLN A 112 -26.75 -14.07 67.75
CA GLN A 112 -27.44 -12.81 67.51
C GLN A 112 -28.39 -12.47 68.66
N ASN A 113 -29.03 -13.50 69.23
CA ASN A 113 -29.89 -13.33 70.39
C ASN A 113 -29.47 -14.29 71.49
N PRO A 114 -28.43 -13.97 72.29
CA PRO A 114 -27.93 -14.86 73.33
C PRO A 114 -28.90 -15.01 74.50
N ASP A 115 -28.83 -16.17 75.16
CA ASP A 115 -29.61 -16.44 76.37
C ASP A 115 -28.79 -17.37 77.27
N PRO A 116 -27.82 -16.83 78.04
CA PRO A 116 -26.99 -17.66 78.92
C PRO A 116 -27.87 -18.33 79.98
N ALA A 117 -27.98 -19.66 79.89
CA ALA A 117 -28.81 -20.43 80.79
C ALA A 117 -28.18 -21.80 81.04
N VAL A 118 -28.11 -22.17 82.32
CA VAL A 118 -27.52 -23.43 82.75
C VAL A 118 -28.65 -24.37 83.19
N TYR A 119 -28.70 -25.56 82.59
CA TYR A 119 -29.74 -26.53 82.87
C TYR A 119 -29.11 -27.86 83.33
N GLN A 120 -29.79 -28.53 84.26
CA GLN A 120 -29.44 -29.88 84.67
C GLN A 120 -30.21 -30.88 83.82
N LEU A 121 -29.56 -32.01 83.49
CA LEU A 121 -30.20 -33.07 82.74
C LEU A 121 -30.52 -34.24 83.66
N ARG A 122 -31.64 -34.91 83.36
CA ARG A 122 -32.31 -35.84 84.26
C ARG A 122 -31.38 -36.96 84.70
N ASP A 123 -31.70 -37.51 85.88
CA ASP A 123 -31.08 -38.73 86.39
C ASP A 123 -31.63 -39.92 85.58
N SER A 124 -31.33 -39.92 84.28
CA SER A 124 -31.71 -41.00 83.38
C SER A 124 -31.03 -42.28 83.82
N LYS A 125 -31.85 -43.26 84.27
CA LYS A 125 -31.40 -44.39 85.07
C LYS A 125 -30.23 -45.11 84.38
N SER A 126 -29.02 -44.61 84.65
CA SER A 126 -27.78 -45.14 84.13
C SER A 126 -26.70 -45.00 85.20
N SER A 127 -26.59 -43.78 85.75
CA SER A 127 -25.69 -43.45 86.84
C SER A 127 -26.25 -42.24 87.59
N ASP A 128 -25.81 -42.03 88.83
CA ASP A 128 -26.31 -40.92 89.64
C ASP A 128 -25.66 -39.62 89.19
N LYS A 129 -25.06 -39.66 87.99
CA LYS A 129 -24.45 -38.49 87.36
C LYS A 129 -25.56 -37.51 86.98
N SER A 130 -25.30 -36.22 87.20
CA SER A 130 -26.18 -35.14 86.77
C SER A 130 -25.41 -34.22 85.83
N VAL A 131 -25.95 -34.05 84.61
CA VAL A 131 -25.28 -33.26 83.58
C VAL A 131 -25.79 -31.83 83.62
N CYS A 132 -24.86 -30.89 83.84
CA CYS A 132 -25.13 -29.47 83.73
C CYS A 132 -24.61 -28.99 82.37
N LEU A 133 -25.42 -28.16 81.69
CA LEU A 133 -25.16 -27.79 80.31
C LEU A 133 -25.30 -26.28 80.16
N PHE A 134 -24.25 -25.64 79.62
CA PHE A 134 -24.25 -24.23 79.29
C PHE A 134 -24.68 -24.04 77.84
N THR A 135 -25.74 -23.25 77.63
CA THR A 135 -26.31 -23.10 76.31
C THR A 135 -26.63 -21.63 76.00
N ASP A 136 -26.50 -21.29 74.71
CA ASP A 136 -26.87 -20.02 74.12
C ASP A 136 -26.05 -18.86 74.72
N PHE A 137 -24.80 -19.15 75.10
CA PHE A 137 -23.87 -18.11 75.48
C PHE A 137 -23.27 -17.48 74.22
N ASP A 138 -22.60 -16.34 74.39
CA ASP A 138 -22.13 -15.52 73.28
C ASP A 138 -20.70 -15.91 72.90
N SER A 139 -20.26 -15.39 71.74
CA SER A 139 -19.00 -15.77 71.12
C SER A 139 -17.83 -15.07 71.81
N GLN A 140 -18.14 -14.13 72.70
CA GLN A 140 -17.15 -13.38 73.45
C GLN A 140 -16.78 -14.14 74.71
N THR A 141 -17.57 -15.17 75.05
CA THR A 141 -17.38 -15.97 76.24
C THR A 141 -16.22 -16.95 76.01
N ASN A 142 -15.57 -17.34 77.12
CA ASN A 142 -14.62 -18.44 77.14
C ASN A 142 -15.10 -19.47 78.17
N VAL A 143 -14.72 -20.73 77.96
CA VAL A 143 -15.12 -21.81 78.85
C VAL A 143 -13.86 -22.52 79.36
N SER A 144 -13.35 -22.06 80.51
CA SER A 144 -12.27 -22.72 81.20
C SER A 144 -12.78 -24.03 81.80
N GLN A 145 -12.00 -24.60 82.72
CA GLN A 145 -12.45 -25.75 83.49
C GLN A 145 -13.36 -25.25 84.62
N SER A 146 -13.03 -25.64 85.86
CA SER A 146 -13.71 -25.13 87.04
C SER A 146 -12.81 -25.27 88.26
N LYS A 147 -13.42 -25.56 89.41
CA LYS A 147 -12.69 -25.83 90.64
C LYS A 147 -12.06 -27.21 90.54
N ASP A 148 -12.84 -28.24 90.92
CA ASP A 148 -12.42 -29.62 90.89
C ASP A 148 -12.28 -30.07 89.44
N SER A 149 -11.03 -30.08 88.95
CA SER A 149 -10.74 -30.39 87.56
C SER A 149 -10.86 -31.89 87.29
N ASP A 150 -11.15 -32.67 88.35
CA ASP A 150 -11.47 -34.09 88.21
C ASP A 150 -12.91 -34.23 87.76
N VAL A 151 -13.72 -33.20 88.06
CA VAL A 151 -15.04 -33.03 87.49
C VAL A 151 -14.87 -32.32 86.15
N TYR A 152 -15.34 -32.96 85.08
CA TYR A 152 -14.96 -32.59 83.72
C TYR A 152 -15.93 -31.57 83.13
N ILE A 153 -15.35 -30.56 82.47
CA ILE A 153 -16.08 -29.63 81.60
C ILE A 153 -15.42 -29.66 80.22
N THR A 154 -16.24 -29.91 79.19
CA THR A 154 -15.76 -29.96 77.82
C THR A 154 -15.66 -28.54 77.25
N ASP A 155 -15.07 -28.44 76.06
CA ASP A 155 -14.84 -27.17 75.38
C ASP A 155 -16.16 -26.67 74.81
N LYS A 156 -16.18 -25.40 74.39
CA LYS A 156 -17.28 -24.84 73.63
C LYS A 156 -17.46 -25.63 72.33
N CYS A 157 -18.60 -25.42 71.67
CA CYS A 157 -18.90 -26.09 70.41
C CYS A 157 -20.19 -25.51 69.82
N VAL A 158 -20.27 -25.51 68.48
CA VAL A 158 -21.37 -24.90 67.76
C VAL A 158 -22.15 -25.98 67.03
N LEU A 159 -23.48 -25.84 67.00
CA LEU A 159 -24.35 -26.77 66.28
C LEU A 159 -25.31 -26.00 65.37
N ASP A 160 -26.31 -26.71 64.82
CA ASP A 160 -27.17 -26.21 63.75
C ASP A 160 -28.62 -26.62 64.01
N MET A 161 -29.53 -26.07 63.19
CA MET A 161 -30.92 -26.51 63.07
C MET A 161 -31.45 -26.02 61.72
N ARG A 162 -31.35 -26.88 60.69
CA ARG A 162 -31.46 -26.48 59.30
C ARG A 162 -32.79 -25.79 59.00
N SER A 163 -33.89 -26.55 58.97
CA SER A 163 -35.17 -26.05 58.51
C SER A 163 -35.79 -25.11 59.55
N MET A 164 -34.95 -24.67 60.51
CA MET A 164 -35.33 -23.70 61.51
C MET A 164 -34.56 -22.40 61.31
N ASP A 165 -33.30 -22.53 60.85
CA ASP A 165 -32.38 -21.42 60.65
C ASP A 165 -32.00 -20.83 62.00
N PHE A 166 -31.29 -21.64 62.81
CA PHE A 166 -30.96 -21.30 64.18
C PHE A 166 -29.50 -21.64 64.44
N LYS A 167 -28.95 -21.06 65.52
CA LYS A 167 -27.56 -21.26 65.93
C LYS A 167 -27.44 -21.07 67.43
N SER A 168 -26.54 -21.84 68.05
CA SER A 168 -26.21 -21.73 69.46
C SER A 168 -24.88 -22.42 69.77
N ASN A 169 -24.31 -22.10 70.94
CA ASN A 169 -23.11 -22.76 71.44
C ASN A 169 -23.51 -23.83 72.45
N SER A 170 -22.51 -24.56 72.96
CA SER A 170 -22.74 -25.65 73.91
C SER A 170 -21.54 -25.88 74.80
N ALA A 171 -21.82 -26.39 76.01
CA ALA A 171 -20.82 -26.86 76.96
C ALA A 171 -21.50 -27.81 77.96
N VAL A 172 -20.74 -28.76 78.48
CA VAL A 172 -21.27 -29.76 79.38
C VAL A 172 -20.43 -29.79 80.65
N ALA A 173 -21.08 -30.13 81.78
CA ALA A 173 -20.43 -30.32 83.07
C ALA A 173 -21.16 -31.40 83.84
N TRP A 174 -20.42 -32.44 84.27
CA TRP A 174 -21.00 -33.56 84.98
C TRP A 174 -19.98 -34.15 85.94
N SER A 175 -20.47 -34.85 86.97
CA SER A 175 -19.62 -35.51 87.95
C SER A 175 -20.19 -36.89 88.28
N ASN A 176 -19.34 -37.75 88.86
CA ASN A 176 -19.76 -39.08 89.28
C ASN A 176 -20.13 -39.07 90.76
N LYS A 177 -19.56 -38.12 91.51
CA LYS A 177 -19.95 -37.87 92.89
C LYS A 177 -21.22 -37.00 92.89
N SER A 178 -22.20 -37.41 93.70
CA SER A 178 -23.51 -36.78 93.75
C SER A 178 -23.43 -35.38 94.36
N ASP A 179 -22.21 -34.97 94.72
CA ASP A 179 -21.94 -33.66 95.30
C ASP A 179 -21.38 -32.73 94.22
N PHE A 180 -22.25 -32.34 93.28
CA PHE A 180 -21.88 -31.34 92.28
C PHE A 180 -23.15 -30.80 91.62
N ALA A 181 -23.48 -29.54 91.95
CA ALA A 181 -24.65 -28.86 91.42
C ALA A 181 -24.28 -28.11 90.13
N CYS A 182 -25.22 -27.31 89.63
CA CYS A 182 -25.06 -26.63 88.36
C CYS A 182 -24.89 -25.12 88.58
N ALA A 183 -24.99 -24.69 89.84
CA ALA A 183 -24.72 -23.32 90.20
C ALA A 183 -23.23 -23.15 90.49
N ASN A 184 -22.60 -24.20 91.02
CA ASN A 184 -21.20 -24.20 91.39
C ASN A 184 -20.36 -24.82 90.27
N ALA A 185 -21.04 -25.30 89.22
CA ALA A 185 -20.39 -25.99 88.12
C ALA A 185 -19.53 -25.01 87.32
N PHE A 186 -20.15 -23.93 86.85
CA PHE A 186 -19.47 -22.92 86.06
C PHE A 186 -19.01 -21.80 86.97
N ASN A 187 -18.15 -22.15 87.94
CA ASN A 187 -17.60 -21.21 88.90
C ASN A 187 -16.46 -20.42 88.26
N ASN A 188 -15.88 -20.99 87.19
CA ASN A 188 -14.78 -20.35 86.48
C ASN A 188 -15.30 -19.66 85.22
N SER A 189 -16.29 -20.31 84.56
CA SER A 189 -16.89 -19.79 83.34
C SER A 189 -17.68 -18.53 83.65
N ILE A 190 -17.25 -17.42 83.03
CA ILE A 190 -17.79 -16.10 83.30
C ILE A 190 -19.19 -15.99 82.68
N ILE A 191 -20.14 -15.48 83.48
CA ILE A 191 -21.53 -15.38 83.10
C ILE A 191 -21.89 -13.90 82.90
N PRO A 192 -22.68 -13.57 81.85
CA PRO A 192 -23.29 -12.24 81.72
C PRO A 192 -24.27 -11.92 82.85
N GLU A 193 -24.95 -10.78 82.72
CA GLU A 193 -25.86 -10.29 83.76
C GLU A 193 -27.19 -11.05 83.72
N ASP A 194 -27.64 -11.39 82.50
CA ASP A 194 -28.92 -12.05 82.31
C ASP A 194 -28.71 -13.55 82.13
N THR A 195 -27.98 -14.16 83.07
CA THR A 195 -27.70 -15.59 83.03
C THR A 195 -28.78 -16.34 83.81
N PHE A 196 -29.76 -16.87 83.06
CA PHE A 196 -30.87 -17.63 83.62
C PHE A 196 -30.32 -18.82 84.40
N PHE A 197 -30.51 -18.80 85.72
CA PHE A 197 -29.97 -19.81 86.61
C PHE A 197 -31.07 -20.43 87.45
N PRO A 198 -31.84 -21.42 86.92
CA PRO A 198 -32.69 -22.26 87.76
C PRO A 198 -31.90 -23.45 88.31
N SER A 199 -32.20 -23.83 89.57
CA SER A 199 -31.53 -24.93 90.23
C SER A 199 -32.55 -25.94 90.77
N PRO A 200 -32.42 -27.25 90.43
CA PRO A 200 -33.43 -28.25 90.80
C PRO A 200 -33.40 -28.64 92.28
N GLY B 3 -14.88 -43.35 44.73
CA GLY B 3 -13.76 -42.54 45.33
C GLY B 3 -12.63 -43.44 45.81
N VAL B 4 -12.11 -43.12 47.01
CA VAL B 4 -11.00 -43.83 47.63
C VAL B 4 -11.51 -44.56 48.87
N SER B 5 -10.74 -45.55 49.33
CA SER B 5 -10.99 -46.24 50.59
C SER B 5 -9.69 -46.86 51.10
N GLN B 6 -9.40 -46.58 52.38
CA GLN B 6 -8.29 -47.19 53.09
C GLN B 6 -8.82 -48.28 54.00
N SER B 7 -8.14 -49.43 54.00
CA SER B 7 -8.54 -50.60 54.76
C SER B 7 -7.54 -50.88 55.88
N PRO B 8 -8.00 -51.27 57.09
CA PRO B 8 -9.43 -51.30 57.42
C PRO B 8 -9.86 -49.97 58.03
N SER B 9 -10.69 -50.05 59.07
CA SER B 9 -11.15 -48.87 59.79
C SER B 9 -10.03 -48.33 60.67
N ASN B 10 -9.54 -49.17 61.58
CA ASN B 10 -8.51 -48.80 62.55
C ASN B 10 -7.63 -50.01 62.86
N LYS B 11 -6.68 -49.82 63.78
CA LYS B 11 -5.83 -50.90 64.29
C LYS B 11 -5.19 -50.46 65.61
N VAL B 12 -5.43 -51.26 66.66
CA VAL B 12 -4.73 -51.15 67.93
C VAL B 12 -3.97 -52.47 68.15
N THR B 13 -2.65 -52.36 68.38
CA THR B 13 -1.80 -53.54 68.35
C THR B 13 -0.75 -53.49 69.46
N GLU B 14 -0.18 -54.67 69.76
CA GLU B 14 0.89 -54.84 70.72
C GLU B 14 2.23 -54.53 70.05
N LYS B 15 3.13 -53.88 70.80
CA LYS B 15 4.44 -53.53 70.31
C LYS B 15 5.19 -54.79 69.87
N GLY B 16 5.63 -54.80 68.61
CA GLY B 16 6.39 -55.90 68.06
C GLY B 16 5.65 -56.61 66.91
N LYS B 17 4.43 -56.16 66.63
CA LYS B 17 3.63 -56.73 65.56
C LYS B 17 4.05 -56.13 64.22
N ASP B 18 3.78 -56.88 63.15
CA ASP B 18 3.84 -56.37 61.80
C ASP B 18 2.43 -56.02 61.35
N VAL B 19 2.30 -55.06 60.43
CA VAL B 19 1.00 -54.65 59.90
C VAL B 19 1.15 -54.21 58.45
N GLU B 20 0.31 -54.79 57.58
CA GLU B 20 0.11 -54.35 56.21
C GLU B 20 -1.08 -53.39 56.19
N LEU B 21 -0.96 -52.31 55.41
CA LEU B 21 -2.00 -51.31 55.32
C LEU B 21 -2.46 -51.19 53.87
N ARG B 22 -3.78 -51.37 53.67
CA ARG B 22 -4.39 -51.36 52.34
C ARG B 22 -5.08 -50.02 52.10
N CYS B 23 -4.85 -49.45 50.92
CA CYS B 23 -5.50 -48.24 50.46
C CYS B 23 -5.92 -48.43 49.01
N ASP B 24 -7.16 -48.90 48.81
CA ASP B 24 -7.69 -49.11 47.47
C ASP B 24 -7.89 -47.74 46.81
N PRO B 25 -7.03 -47.35 45.84
CA PRO B 25 -7.05 -46.00 45.27
C PRO B 25 -7.97 -45.85 44.07
N ILE B 26 -8.22 -44.58 43.68
CA ILE B 26 -9.14 -44.24 42.61
C ILE B 26 -8.69 -44.90 41.32
N SER B 27 -9.63 -45.59 40.67
CA SER B 27 -9.41 -46.44 39.51
C SER B 27 -8.99 -45.61 38.30
N GLY B 28 -7.74 -45.82 37.86
CA GLY B 28 -7.15 -45.10 36.75
C GLY B 28 -6.26 -43.96 37.22
N HIS B 29 -5.37 -44.26 38.16
CA HIS B 29 -4.49 -43.28 38.79
C HIS B 29 -3.08 -43.84 38.91
N THR B 30 -2.13 -43.21 38.20
CA THR B 30 -0.77 -43.73 38.10
C THR B 30 0.20 -42.91 38.94
N ALA B 31 -0.11 -42.77 40.23
CA ALA B 31 0.69 -42.01 41.19
C ALA B 31 0.06 -42.10 42.58
N LEU B 32 0.86 -42.51 43.57
CA LEU B 32 0.35 -42.66 44.92
C LEU B 32 1.34 -42.11 45.95
N TYR B 33 0.80 -41.38 46.93
CA TYR B 33 1.59 -40.76 47.99
C TYR B 33 1.13 -41.29 49.34
N TRP B 34 2.09 -41.64 50.21
CA TRP B 34 1.83 -42.05 51.57
C TRP B 34 2.20 -40.92 52.53
N TYR B 35 1.25 -40.57 53.40
CA TYR B 35 1.41 -39.48 54.35
C TYR B 35 1.01 -39.95 55.76
N ARG B 36 1.59 -39.32 56.77
CA ARG B 36 1.24 -39.57 58.16
C ARG B 36 1.22 -38.26 58.95
N GLN B 37 0.19 -38.12 59.78
CA GLN B 37 -0.12 -36.92 60.55
C GLN B 37 -0.99 -37.32 61.73
N SER B 38 -0.80 -36.67 62.89
CA SER B 38 -1.65 -36.96 64.04
C SER B 38 -1.66 -35.80 65.03
N LEU B 39 -2.61 -35.87 65.99
CA LEU B 39 -2.87 -34.86 67.01
C LEU B 39 -1.97 -33.64 66.82
N GLY B 40 -0.75 -33.71 67.37
CA GLY B 40 0.18 -32.59 67.38
C GLY B 40 0.84 -32.38 66.01
N GLN B 41 1.21 -33.48 65.35
CA GLN B 41 2.00 -33.45 64.12
C GLN B 41 1.18 -32.88 62.97
N GLY B 42 1.89 -32.46 61.92
CA GLY B 42 1.30 -32.10 60.64
C GLY B 42 1.49 -33.21 59.61
N LEU B 43 1.10 -32.95 58.36
CA LEU B 43 1.15 -33.94 57.30
C LEU B 43 2.61 -34.19 56.92
N GLU B 44 3.13 -35.38 57.28
CA GLU B 44 4.51 -35.73 57.04
C GLU B 44 4.60 -36.82 55.97
N PHE B 45 5.47 -36.57 54.97
CA PHE B 45 5.59 -37.38 53.78
C PHE B 45 6.41 -38.64 54.07
N LEU B 46 6.15 -39.70 53.29
CA LEU B 46 6.83 -40.98 53.41
C LEU B 46 7.46 -41.37 52.08
N ILE B 47 6.64 -41.94 51.18
CA ILE B 47 7.13 -42.51 49.93
C ILE B 47 6.08 -42.27 48.84
N TYR B 48 6.54 -41.70 47.72
CA TYR B 48 5.69 -41.52 46.56
C TYR B 48 6.01 -42.59 45.52
N PHE B 49 4.97 -43.04 44.82
CA PHE B 49 5.05 -44.15 43.89
C PHE B 49 4.77 -43.69 42.46
N GLN B 50 5.13 -44.55 41.50
CA GLN B 50 4.85 -44.32 40.09
C GLN B 50 4.88 -45.64 39.35
N GLY B 51 3.71 -46.06 38.87
CA GLY B 51 3.54 -47.34 38.20
C GLY B 51 3.66 -48.51 39.18
N ASN B 52 4.91 -48.88 39.48
CA ASN B 52 5.22 -49.93 40.43
C ASN B 52 6.63 -49.74 40.98
N SER B 53 7.34 -48.76 40.43
CA SER B 53 8.68 -48.40 40.91
C SER B 53 8.56 -47.45 42.08
N ALA B 54 9.47 -47.59 43.05
CA ALA B 54 9.56 -46.70 44.20
C ALA B 54 10.61 -45.63 43.92
N PRO B 55 10.21 -44.47 43.33
CA PRO B 55 11.16 -43.42 42.94
C PRO B 55 11.80 -42.68 44.10
N ASP B 56 11.09 -42.63 45.24
CA ASP B 56 11.62 -41.97 46.42
C ASP B 56 11.19 -42.74 47.67
N LYS B 57 12.18 -43.33 48.35
CA LYS B 57 11.95 -44.21 49.49
C LYS B 57 12.38 -43.50 50.78
N SER B 58 13.21 -42.46 50.63
CA SER B 58 13.76 -41.72 51.76
C SER B 58 12.65 -41.01 52.52
N GLY B 59 12.78 -40.98 53.86
CA GLY B 59 11.76 -40.43 54.73
C GLY B 59 10.93 -41.53 55.38
N LEU B 60 11.60 -42.40 56.14
CA LEU B 60 10.96 -43.48 56.89
C LEU B 60 11.71 -43.65 58.21
N PRO B 61 11.00 -43.71 59.36
CA PRO B 61 11.66 -43.76 60.68
C PRO B 61 12.74 -44.84 60.83
N SER B 62 12.48 -46.03 60.29
CA SER B 62 13.38 -47.17 60.45
C SER B 62 13.43 -47.98 59.16
N ASP B 63 14.18 -49.10 59.21
CA ASP B 63 14.21 -50.08 58.14
C ASP B 63 13.01 -51.00 58.28
N ARG B 64 12.30 -50.87 59.40
CA ARG B 64 11.05 -51.57 59.66
C ARG B 64 10.00 -51.10 58.66
N PHE B 65 10.13 -49.84 58.24
CA PHE B 65 9.23 -49.22 57.29
C PHE B 65 9.62 -49.61 55.87
N SER B 66 8.69 -50.25 55.17
CA SER B 66 8.80 -50.50 53.74
C SER B 66 7.40 -50.68 53.15
N ALA B 67 7.07 -49.83 52.18
CA ALA B 67 5.81 -49.92 51.45
C ALA B 67 6.11 -50.40 50.03
N GLU B 68 5.16 -51.18 49.48
CA GLU B 68 5.31 -51.69 48.11
C GLU B 68 3.96 -51.67 47.40
N ARG B 69 4.02 -51.39 46.09
CA ARG B 69 2.87 -51.33 45.20
C ARG B 69 3.33 -51.85 43.84
N THR B 70 3.09 -53.14 43.59
CA THR B 70 3.62 -53.82 42.42
C THR B 70 2.57 -54.76 41.82
N GLY B 71 1.70 -55.31 42.68
CA GLY B 71 0.74 -56.32 42.28
C GLY B 71 -0.50 -55.75 41.59
N GLY B 72 -0.37 -54.53 41.06
CA GLY B 72 -1.43 -53.86 40.32
C GLY B 72 -1.44 -52.35 40.55
N SER B 73 -2.58 -51.82 41.01
CA SER B 73 -2.74 -50.42 41.34
C SER B 73 -2.82 -50.24 42.84
N VAL B 74 -3.52 -51.16 43.52
CA VAL B 74 -3.66 -51.17 44.98
C VAL B 74 -2.26 -51.19 45.61
N SER B 75 -2.16 -50.64 46.83
CA SER B 75 -0.87 -50.43 47.47
C SER B 75 -0.86 -50.95 48.90
N THR B 76 0.36 -51.23 49.40
CA THR B 76 0.56 -51.80 50.72
C THR B 76 1.71 -51.09 51.43
N LEU B 77 1.57 -50.94 52.75
CA LEU B 77 2.57 -50.35 53.62
C LEU B 77 2.89 -51.33 54.75
N THR B 78 4.16 -51.71 54.88
CA THR B 78 4.57 -52.69 55.87
C THR B 78 5.41 -52.01 56.96
N ILE B 79 4.96 -52.15 58.21
CA ILE B 79 5.70 -51.72 59.37
C ILE B 79 5.96 -52.94 60.25
N GLN B 80 7.23 -53.34 60.32
CA GLN B 80 7.63 -54.49 61.11
C GLN B 80 7.93 -54.05 62.55
N ARG B 81 7.69 -54.96 63.50
CA ARG B 81 7.94 -54.75 64.92
C ARG B 81 7.53 -53.35 65.32
N THR B 82 6.20 -53.15 65.43
CA THR B 82 5.60 -51.84 65.64
C THR B 82 6.14 -51.17 66.88
N GLN B 83 6.85 -50.05 66.69
CA GLN B 83 7.26 -49.17 67.76
C GLN B 83 6.06 -48.34 68.22
N GLN B 84 6.12 -47.88 69.47
CA GLN B 84 5.04 -47.10 70.08
C GLN B 84 5.04 -45.69 69.51
N GLU B 85 6.12 -45.35 68.79
CA GLU B 85 6.36 -43.98 68.33
C GLU B 85 5.67 -43.75 66.99
N ASP B 86 5.05 -44.80 66.44
CA ASP B 86 4.48 -44.73 65.10
C ASP B 86 2.95 -44.62 65.16
N SER B 87 2.41 -44.58 66.39
CA SER B 87 1.00 -44.34 66.61
C SER B 87 0.60 -43.00 65.99
N ALA B 88 -0.06 -43.08 64.83
CA ALA B 88 -0.43 -41.90 64.05
C ALA B 88 -1.56 -42.25 63.09
N VAL B 89 -2.00 -41.25 62.33
CA VAL B 89 -3.01 -41.41 61.30
C VAL B 89 -2.30 -41.49 59.95
N TYR B 90 -2.44 -42.64 59.27
CA TYR B 90 -1.75 -42.87 58.01
C TYR B 90 -2.70 -42.60 56.84
N LEU B 91 -2.35 -41.57 56.07
CA LEU B 91 -3.17 -41.12 54.94
C LEU B 91 -2.49 -41.55 53.64
N CYS B 92 -3.33 -41.96 52.68
CA CYS B 92 -2.90 -42.37 51.35
C CYS B 92 -3.70 -41.58 50.31
N ALA B 93 -2.98 -40.97 49.37
CA ALA B 93 -3.60 -40.10 48.37
C ALA B 93 -3.09 -40.47 46.97
N SER B 94 -4.04 -40.64 46.04
CA SER B 94 -3.76 -40.98 44.66
C SER B 94 -3.70 -39.73 43.78
N SER B 95 -3.49 -39.95 42.47
CA SER B 95 -3.33 -38.87 41.51
C SER B 95 -3.49 -39.45 40.09
N LEU B 96 -4.30 -38.79 39.26
CA LEU B 96 -4.56 -39.24 37.90
C LEU B 96 -3.28 -39.16 37.08
N ASP B 97 -2.81 -37.92 36.89
CA ASP B 97 -1.48 -37.66 36.36
C ASP B 97 -0.50 -37.72 37.54
N LEU B 98 0.70 -37.16 37.35
CA LEU B 98 1.64 -36.99 38.44
C LEU B 98 1.66 -35.52 38.85
N GLY B 99 1.76 -34.64 37.84
CA GLY B 99 1.61 -33.21 38.01
C GLY B 99 0.20 -32.76 37.68
N ALA B 100 -0.78 -33.37 38.37
CA ALA B 100 -2.18 -33.01 38.23
C ALA B 100 -2.57 -32.06 39.36
N ASP B 101 -3.82 -31.59 39.31
CA ASP B 101 -4.35 -30.64 40.27
C ASP B 101 -4.53 -31.32 41.62
N GLU B 102 -5.73 -31.85 41.84
CA GLU B 102 -6.12 -32.39 43.14
C GLU B 102 -5.45 -33.74 43.38
N GLN B 103 -5.18 -34.01 44.65
CA GLN B 103 -4.91 -35.35 45.16
C GLN B 103 -6.15 -35.78 45.96
N PHE B 104 -6.40 -37.08 45.99
CA PHE B 104 -7.63 -37.58 46.60
C PHE B 104 -7.29 -38.48 47.78
N PHE B 105 -7.56 -37.96 48.99
CA PHE B 105 -7.29 -38.68 50.23
C PHE B 105 -8.46 -39.58 50.55
N GLY B 106 -8.16 -40.82 50.93
CA GLY B 106 -9.14 -41.73 51.52
C GLY B 106 -9.34 -41.37 52.98
N PRO B 107 -10.32 -41.99 53.68
CA PRO B 107 -10.63 -41.60 55.06
C PRO B 107 -9.43 -41.68 56.00
N GLY B 108 -8.37 -42.39 55.58
CA GLY B 108 -7.18 -42.58 56.37
C GLY B 108 -7.35 -43.69 57.41
N THR B 109 -6.25 -44.10 58.05
CA THR B 109 -6.30 -45.15 59.05
C THR B 109 -5.47 -44.76 60.27
N ARG B 110 -6.16 -44.58 61.40
CA ARG B 110 -5.53 -44.29 62.68
C ARG B 110 -4.89 -45.56 63.21
N LEU B 111 -3.67 -45.42 63.73
CA LEU B 111 -2.90 -46.54 64.23
C LEU B 111 -2.42 -46.26 65.64
N THR B 112 -2.71 -47.20 66.55
CA THR B 112 -2.32 -47.12 67.95
C THR B 112 -1.42 -48.30 68.28
N VAL B 113 -0.22 -47.99 68.81
CA VAL B 113 0.71 -49.02 69.25
C VAL B 113 0.89 -48.92 70.76
N LEU B 114 0.12 -49.73 71.48
CA LEU B 114 0.29 -49.93 72.92
C LEU B 114 1.16 -51.17 73.13
N GLU B 115 1.50 -51.43 74.40
CA GLU B 115 2.19 -52.66 74.75
C GLU B 115 1.25 -53.55 75.58
N ASP B 116 0.53 -52.92 76.50
CA ASP B 116 -0.49 -53.61 77.28
C ASP B 116 -1.86 -53.28 76.72
N LEU B 117 -2.64 -54.32 76.42
CA LEU B 117 -4.04 -54.18 76.07
C LEU B 117 -4.85 -54.19 77.37
N LYS B 118 -4.19 -53.74 78.44
CA LYS B 118 -4.68 -53.88 79.82
C LYS B 118 -5.68 -52.78 80.12
N ASN B 119 -6.02 -51.96 79.11
CA ASN B 119 -6.87 -50.80 79.31
C ASN B 119 -7.89 -50.68 78.17
N VAL B 120 -8.05 -51.76 77.39
CA VAL B 120 -9.02 -51.78 76.30
C VAL B 120 -10.42 -51.86 76.91
N PHE B 121 -11.00 -50.69 77.16
CA PHE B 121 -12.28 -50.56 77.85
C PHE B 121 -13.33 -49.97 76.91
N PRO B 122 -14.51 -50.63 76.77
CA PRO B 122 -15.64 -50.05 76.04
C PRO B 122 -16.25 -48.88 76.81
N PRO B 123 -16.79 -47.85 76.13
CA PRO B 123 -17.33 -46.67 76.79
C PRO B 123 -18.71 -46.91 77.41
N GLU B 124 -18.95 -46.26 78.55
CA GLU B 124 -20.23 -46.33 79.24
C GLU B 124 -21.16 -45.27 78.66
N VAL B 125 -22.12 -45.72 77.84
CA VAL B 125 -22.92 -44.83 77.01
C VAL B 125 -24.28 -44.60 77.66
N ALA B 126 -24.55 -43.33 78.01
CA ALA B 126 -25.77 -42.95 78.70
C ALA B 126 -26.31 -41.64 78.13
N VAL B 127 -27.53 -41.72 77.57
CA VAL B 127 -28.23 -40.55 77.07
C VAL B 127 -28.84 -39.81 78.25
N PHE B 128 -28.53 -38.51 78.35
CA PHE B 128 -29.15 -37.63 79.31
C PHE B 128 -30.33 -36.93 78.66
N GLU B 129 -31.46 -36.91 79.38
CA GLU B 129 -32.73 -36.44 78.83
C GLU B 129 -32.84 -34.93 79.04
N PRO B 130 -33.48 -34.19 78.10
CA PRO B 130 -33.65 -32.74 78.21
C PRO B 130 -34.22 -32.25 79.55
N SER B 131 -33.84 -31.03 79.92
CA SER B 131 -34.38 -30.37 81.10
C SER B 131 -35.75 -29.78 80.78
N GLU B 132 -36.73 -30.08 81.63
CA GLU B 132 -38.10 -29.61 81.47
C GLU B 132 -38.15 -28.08 81.63
N ALA B 133 -37.05 -27.52 82.14
CA ALA B 133 -36.91 -26.08 82.33
C ALA B 133 -36.51 -25.42 81.02
N GLU B 134 -35.79 -26.17 80.18
CA GLU B 134 -35.26 -25.65 78.92
C GLU B 134 -36.38 -25.48 77.90
N ILE B 135 -37.42 -26.32 78.01
CA ILE B 135 -38.54 -26.34 77.09
C ILE B 135 -39.47 -25.17 77.39
N SER B 136 -39.45 -24.68 78.63
CA SER B 136 -40.31 -23.60 79.08
C SER B 136 -39.64 -22.24 78.90
N HIS B 137 -38.40 -22.26 78.40
CA HIS B 137 -37.57 -21.07 78.31
C HIS B 137 -37.09 -20.87 76.87
N THR B 138 -36.30 -21.83 76.38
CA THR B 138 -35.69 -21.76 75.06
C THR B 138 -36.66 -22.27 74.00
N GLN B 139 -37.62 -23.10 74.46
CA GLN B 139 -38.64 -23.73 73.62
C GLN B 139 -37.96 -24.70 72.65
N LYS B 140 -36.90 -25.37 73.12
CA LYS B 140 -36.11 -26.30 72.35
C LYS B 140 -35.53 -27.36 73.30
N ALA B 141 -35.46 -28.60 72.83
CA ALA B 141 -35.00 -29.72 73.65
C ALA B 141 -33.57 -30.10 73.28
N THR B 142 -32.75 -30.34 74.31
CA THR B 142 -31.33 -30.64 74.15
C THR B 142 -31.01 -31.97 74.81
N LEU B 143 -30.36 -32.86 74.04
CA LEU B 143 -29.94 -34.18 74.51
C LEU B 143 -28.42 -34.20 74.65
N VAL B 144 -27.92 -35.06 75.55
CA VAL B 144 -26.48 -35.23 75.76
C VAL B 144 -26.14 -36.71 75.67
N CYS B 145 -25.02 -37.00 75.02
CA CYS B 145 -24.46 -38.35 74.98
C CYS B 145 -23.07 -38.32 75.61
N LEU B 146 -22.87 -39.14 76.64
CA LEU B 146 -21.61 -39.19 77.35
C LEU B 146 -21.04 -40.60 77.29
N ALA B 147 -19.72 -40.69 77.10
CA ALA B 147 -18.99 -41.94 77.10
C ALA B 147 -17.89 -41.89 78.15
N THR B 148 -18.22 -42.25 79.39
CA THR B 148 -17.28 -42.19 80.50
C THR B 148 -16.45 -43.46 80.53
N GLY B 149 -15.12 -43.28 80.53
CA GLY B 149 -14.17 -44.38 80.63
C GLY B 149 -14.10 -45.19 79.35
N PHE B 150 -13.12 -44.86 78.49
CA PHE B 150 -12.80 -45.64 77.30
C PHE B 150 -11.36 -45.34 76.86
N TYR B 151 -10.77 -46.34 76.20
CA TYR B 151 -9.39 -46.29 75.73
C TYR B 151 -9.23 -47.32 74.61
N PRO B 152 -8.50 -47.00 73.51
CA PRO B 152 -7.84 -45.70 73.32
C PRO B 152 -8.72 -44.64 72.66
N ASP B 153 -8.07 -43.59 72.14
CA ASP B 153 -8.73 -42.44 71.55
C ASP B 153 -9.28 -42.82 70.17
N HIS B 154 -10.22 -43.77 70.17
CA HIS B 154 -10.79 -44.33 68.95
C HIS B 154 -12.29 -44.50 69.12
N VAL B 155 -13.06 -43.47 68.74
CA VAL B 155 -14.50 -43.47 68.87
C VAL B 155 -15.11 -42.67 67.71
N GLU B 156 -16.28 -43.12 67.26
CA GLU B 156 -17.08 -42.42 66.27
C GLU B 156 -18.54 -42.45 66.69
N LEU B 157 -19.03 -41.30 67.15
CA LEU B 157 -20.39 -41.15 67.64
C LEU B 157 -21.29 -40.67 66.50
N SER B 158 -22.57 -41.05 66.56
CA SER B 158 -23.57 -40.66 65.59
C SER B 158 -24.96 -40.79 66.20
N TRP B 159 -25.80 -39.76 65.99
CA TRP B 159 -27.16 -39.75 66.49
C TRP B 159 -28.09 -40.38 65.47
N TRP B 160 -29.06 -41.16 65.96
CA TRP B 160 -30.04 -41.82 65.11
C TRP B 160 -31.45 -41.37 65.52
N VAL B 161 -32.18 -40.83 64.54
CA VAL B 161 -33.57 -40.45 64.72
C VAL B 161 -34.45 -41.45 63.97
N ASN B 162 -35.04 -42.37 64.75
CA ASN B 162 -36.00 -43.36 64.27
C ASN B 162 -35.43 -44.14 63.09
N GLY B 163 -34.15 -44.50 63.19
CA GLY B 163 -33.50 -45.33 62.19
C GLY B 163 -32.38 -44.60 61.46
N LYS B 164 -32.69 -43.41 60.94
CA LYS B 164 -31.79 -42.69 60.06
C LYS B 164 -30.91 -41.73 60.85
N GLU B 165 -29.65 -41.65 60.43
CA GLU B 165 -28.64 -40.82 61.06
C GLU B 165 -28.86 -39.37 60.64
N VAL B 166 -29.28 -38.55 61.61
CA VAL B 166 -29.47 -37.12 61.41
C VAL B 166 -28.10 -36.44 61.48
N HIS B 167 -27.97 -35.32 60.74
CA HIS B 167 -26.73 -34.56 60.67
C HIS B 167 -26.93 -33.16 61.26
N SER B 168 -28.19 -32.81 61.52
CA SER B 168 -28.56 -31.48 61.99
C SER B 168 -28.78 -31.50 63.50
N GLY B 169 -28.24 -30.48 64.18
CA GLY B 169 -28.41 -30.31 65.61
C GLY B 169 -27.44 -31.16 66.42
N VAL B 170 -26.25 -31.42 65.85
CA VAL B 170 -25.29 -32.33 66.42
C VAL B 170 -24.05 -31.54 66.82
N CYS B 171 -23.35 -32.02 67.86
CA CYS B 171 -21.99 -31.58 68.13
C CYS B 171 -21.17 -32.72 68.73
N THR B 172 -19.92 -32.83 68.31
CA THR B 172 -18.96 -33.74 68.91
C THR B 172 -17.60 -33.04 68.96
N ASP B 173 -17.08 -32.89 70.18
CA ASP B 173 -15.77 -32.31 70.40
C ASP B 173 -14.73 -33.20 69.74
N PRO B 174 -13.83 -32.64 68.89
CA PRO B 174 -12.78 -33.44 68.25
C PRO B 174 -11.91 -34.14 69.30
N GLN B 175 -11.54 -33.39 70.34
CA GLN B 175 -10.77 -33.90 71.45
C GLN B 175 -11.70 -34.40 72.55
N PRO B 176 -11.51 -35.65 73.02
CA PRO B 176 -12.10 -36.07 74.30
C PRO B 176 -11.39 -35.32 75.43
N LEU B 177 -11.11 -36.03 76.54
CA LEU B 177 -10.26 -35.52 77.59
C LEU B 177 -9.81 -36.66 78.50
N LYS B 178 -8.52 -36.65 78.85
CA LYS B 178 -7.94 -37.58 79.80
C LYS B 178 -8.59 -37.36 81.16
N GLU B 179 -8.97 -38.46 81.81
CA GLU B 179 -9.72 -38.43 83.06
C GLU B 179 -8.78 -38.09 84.22
N GLN B 180 -7.47 -38.32 84.02
CA GLN B 180 -6.42 -37.87 84.92
C GLN B 180 -5.29 -37.25 84.10
N PRO B 181 -4.50 -36.31 84.67
CA PRO B 181 -3.43 -35.63 83.92
C PRO B 181 -2.34 -36.54 83.36
N ALA B 182 -1.12 -36.43 83.90
CA ALA B 182 0.01 -37.22 83.43
C ALA B 182 0.09 -38.51 84.22
N LEU B 183 -0.55 -39.57 83.68
CA LEU B 183 -0.74 -40.82 84.40
C LEU B 183 -0.54 -42.00 83.46
N ASN B 184 -0.24 -43.17 84.06
CA ASN B 184 -0.05 -44.43 83.36
C ASN B 184 -1.35 -44.82 82.66
N ASP B 185 -1.33 -44.77 81.31
CA ASP B 185 -2.38 -45.27 80.44
C ASP B 185 -3.75 -44.81 80.94
N SER B 186 -4.02 -43.51 80.81
CA SER B 186 -5.27 -42.92 81.26
C SER B 186 -6.42 -43.32 80.33
N ARG B 187 -7.64 -43.09 80.80
CA ARG B 187 -8.85 -43.38 80.03
C ARG B 187 -9.57 -42.06 79.74
N TYR B 188 -10.28 -42.00 78.60
CA TYR B 188 -10.82 -40.76 78.09
C TYR B 188 -12.33 -40.68 78.33
N ALA B 189 -12.88 -39.48 78.08
CA ALA B 189 -14.31 -39.22 78.10
C ALA B 189 -14.64 -38.11 77.08
N LEU B 190 -15.57 -38.41 76.16
CA LEU B 190 -15.94 -37.49 75.10
C LEU B 190 -17.43 -37.18 75.20
N SER B 191 -17.77 -35.90 75.00
CA SER B 191 -19.15 -35.42 75.10
C SER B 191 -19.75 -35.21 73.71
N SER B 192 -21.08 -35.21 73.65
CA SER B 192 -21.85 -35.00 72.43
C SER B 192 -23.24 -34.48 72.76
N ARG B 193 -23.79 -33.67 71.85
CA ARG B 193 -25.10 -33.08 72.04
C ARG B 193 -25.98 -33.32 70.82
N LEU B 194 -27.28 -33.46 71.07
CA LEU B 194 -28.33 -33.38 70.06
C LEU B 194 -29.24 -32.20 70.44
N ARG B 195 -30.03 -31.73 69.46
CA ARG B 195 -31.01 -30.69 69.70
C ARG B 195 -32.06 -30.74 68.59
N VAL B 196 -33.34 -30.62 68.98
CA VAL B 196 -34.45 -30.50 68.04
C VAL B 196 -35.52 -29.61 68.64
N SER B 197 -36.71 -29.61 68.01
CA SER B 197 -37.83 -28.77 68.42
C SER B 197 -38.45 -29.27 69.72
N ALA B 198 -39.23 -28.41 70.37
CA ALA B 198 -39.69 -28.57 71.74
C ALA B 198 -40.67 -29.75 71.86
N THR B 199 -41.78 -29.67 71.12
CA THR B 199 -42.87 -30.63 71.22
C THR B 199 -42.49 -31.93 70.51
N PHE B 200 -41.36 -31.90 69.78
CA PHE B 200 -40.82 -33.07 69.08
C PHE B 200 -40.40 -34.11 70.11
N TRP B 201 -39.66 -33.65 71.13
CA TRP B 201 -39.22 -34.51 72.23
C TRP B 201 -40.42 -34.97 73.06
N GLN B 202 -41.39 -34.07 73.25
CA GLN B 202 -42.53 -34.31 74.11
C GLN B 202 -43.51 -35.28 73.45
N ASN B 203 -43.36 -35.49 72.13
CA ASN B 203 -44.11 -36.48 71.39
C ASN B 203 -43.44 -37.83 71.54
N PRO B 204 -44.02 -38.77 72.33
CA PRO B 204 -43.34 -40.02 72.69
C PRO B 204 -43.34 -41.08 71.59
N ARG B 205 -43.51 -40.65 70.33
CA ARG B 205 -43.52 -41.55 69.19
C ARG B 205 -42.20 -41.41 68.42
N ASN B 206 -41.15 -41.00 69.13
CA ASN B 206 -39.84 -40.74 68.55
C ASN B 206 -38.76 -41.54 69.30
N HIS B 207 -37.81 -42.09 68.53
CA HIS B 207 -36.83 -43.04 69.00
C HIS B 207 -35.43 -42.44 68.85
N PHE B 208 -34.99 -41.74 69.90
CA PHE B 208 -33.69 -41.05 69.88
C PHE B 208 -32.62 -41.98 70.46
N ARG B 209 -31.79 -42.54 69.56
CA ARG B 209 -30.73 -43.45 69.96
C ARG B 209 -29.38 -42.88 69.55
N CYS B 210 -28.38 -43.13 70.40
CA CYS B 210 -27.04 -42.58 70.27
C CYS B 210 -26.03 -43.74 70.18
N GLN B 211 -25.56 -44.02 68.96
CA GLN B 211 -24.66 -45.13 68.70
C GLN B 211 -23.21 -44.66 68.87
N VAL B 212 -22.40 -45.51 69.51
CA VAL B 212 -20.99 -45.24 69.73
C VAL B 212 -20.17 -46.41 69.20
N GLN B 213 -19.72 -46.28 67.95
CA GLN B 213 -18.82 -47.25 67.34
C GLN B 213 -17.47 -47.14 68.03
N PHE B 214 -17.15 -48.13 68.87
CA PHE B 214 -15.87 -48.22 69.55
C PHE B 214 -14.94 -49.13 68.73
N TYR B 215 -13.65 -49.12 69.09
CA TYR B 215 -12.65 -49.94 68.41
C TYR B 215 -11.72 -50.58 69.45
N GLY B 216 -11.87 -51.91 69.62
CA GLY B 216 -11.10 -52.67 70.57
C GLY B 216 -10.03 -53.53 69.90
N LEU B 217 -10.15 -54.85 70.07
CA LEU B 217 -9.20 -55.81 69.55
C LEU B 217 -9.91 -56.82 68.65
N SER B 218 -9.17 -57.36 67.66
CA SER B 218 -9.72 -58.33 66.73
C SER B 218 -9.27 -59.74 67.11
N GLU B 219 -9.57 -60.71 66.23
CA GLU B 219 -9.28 -62.11 66.48
C GLU B 219 -7.79 -62.38 66.22
N ASN B 220 -6.96 -61.35 66.41
CA ASN B 220 -5.53 -61.41 66.18
C ASN B 220 -4.79 -61.45 67.52
N ASP B 221 -5.49 -61.07 68.60
CA ASP B 221 -4.93 -61.04 69.93
C ASP B 221 -5.99 -61.50 70.94
N GLU B 222 -5.75 -62.66 71.54
CA GLU B 222 -6.60 -63.21 72.59
C GLU B 222 -6.23 -62.55 73.92
N TRP B 223 -7.14 -62.67 74.91
CA TRP B 223 -7.03 -61.90 76.13
C TRP B 223 -7.82 -62.58 77.25
N THR B 224 -7.15 -62.79 78.38
CA THR B 224 -7.76 -63.23 79.63
C THR B 224 -6.92 -62.73 80.80
N GLN B 225 -7.34 -61.61 81.39
CA GLN B 225 -6.57 -60.96 82.46
C GLN B 225 -7.49 -60.64 83.63
N ASP B 226 -8.73 -60.23 83.33
CA ASP B 226 -9.68 -59.83 84.35
C ASP B 226 -11.08 -60.31 83.96
N ARG B 227 -11.43 -60.11 82.69
CA ARG B 227 -12.77 -60.41 82.19
C ARG B 227 -12.66 -61.35 81.00
N ALA B 228 -13.37 -61.01 79.92
CA ALA B 228 -13.23 -61.68 78.63
C ALA B 228 -12.73 -60.68 77.60
N LYS B 229 -12.64 -61.13 76.34
CA LYS B 229 -12.09 -60.37 75.23
C LYS B 229 -12.96 -59.14 74.94
N PRO B 230 -12.43 -57.91 75.09
CA PRO B 230 -13.18 -56.69 74.73
C PRO B 230 -12.94 -56.27 73.28
N VAL B 231 -13.80 -56.80 72.39
CA VAL B 231 -13.63 -56.68 70.95
C VAL B 231 -14.13 -55.31 70.47
N THR B 232 -14.10 -55.11 69.15
CA THR B 232 -14.69 -53.96 68.50
C THR B 232 -16.20 -54.05 68.64
N GLN B 233 -16.79 -53.10 69.39
CA GLN B 233 -18.17 -53.20 69.80
C GLN B 233 -18.87 -51.85 69.66
N ILE B 234 -20.21 -51.86 69.81
CA ILE B 234 -21.06 -50.69 69.74
C ILE B 234 -21.90 -50.63 71.02
N VAL B 235 -21.75 -49.53 71.77
CA VAL B 235 -22.54 -49.29 72.97
C VAL B 235 -23.53 -48.17 72.67
N SER B 236 -24.83 -48.48 72.79
CA SER B 236 -25.89 -47.56 72.42
C SER B 236 -26.77 -47.24 73.61
N ALA B 237 -27.20 -45.97 73.69
CA ALA B 237 -28.17 -45.52 74.67
C ALA B 237 -29.40 -44.97 73.96
N GLU B 238 -30.58 -45.46 74.36
CA GLU B 238 -31.83 -45.20 73.67
C GLU B 238 -32.75 -44.38 74.57
N ALA B 239 -33.67 -43.65 73.94
CA ALA B 239 -34.73 -42.93 74.64
C ALA B 239 -35.84 -42.59 73.65
N TRP B 240 -37.08 -42.90 74.04
CA TRP B 240 -38.26 -42.41 73.33
C TRP B 240 -38.56 -41.00 73.82
N GLY B 241 -39.52 -40.34 73.17
CA GLY B 241 -39.98 -39.03 73.63
C GLY B 241 -40.73 -39.13 74.95
N ARG B 242 -41.03 -37.97 75.56
CA ARG B 242 -41.72 -37.95 76.85
C ARG B 242 -42.72 -36.80 76.91
N ALA B 243 -44.01 -37.15 76.98
CA ALA B 243 -45.10 -36.20 77.18
C ALA B 243 -45.14 -35.80 78.66
N ASP B 244 -45.26 -36.80 79.54
CA ASP B 244 -45.26 -36.61 80.98
C ASP B 244 -44.60 -37.82 81.66
N LEU C 1 15.35 -23.17 33.41
CA LEU C 1 14.40 -23.77 34.40
C LEU C 1 13.42 -24.68 33.66
N LEU C 2 13.14 -25.85 34.27
CA LEU C 2 12.31 -26.87 33.64
C LEU C 2 10.84 -26.63 33.96
N LEU C 3 9.97 -27.47 33.37
CA LEU C 3 8.53 -27.44 33.58
C LEU C 3 8.16 -28.29 34.80
N ASP C 4 7.14 -27.85 35.54
CA ASP C 4 6.87 -28.38 36.87
C ASP C 4 5.73 -29.39 36.83
N ARG C 5 4.68 -29.10 36.06
CA ARG C 5 3.53 -29.99 36.01
C ARG C 5 3.61 -30.89 34.78
N LEU C 6 3.47 -32.20 35.02
CA LEU C 6 3.69 -33.23 34.02
C LEU C 6 2.41 -34.04 33.82
N ASN C 7 2.20 -34.46 32.57
CA ASN C 7 0.98 -35.14 32.18
C ASN C 7 1.32 -36.41 31.41
N GLN C 8 0.46 -37.43 31.55
CA GLN C 8 0.61 -38.68 30.84
C GLN C 8 -0.62 -38.92 29.96
N LEU C 9 -0.36 -39.50 28.78
CA LEU C 9 -1.29 -39.52 27.66
C LEU C 9 -2.38 -40.59 27.88
N GLY D 2 16.54 -10.01 17.10
CA GLY D 2 15.33 -9.57 17.82
C GLY D 2 14.84 -10.62 18.82
N SER D 3 14.21 -11.67 18.29
CA SER D 3 13.64 -12.74 19.10
C SER D 3 14.76 -13.58 19.72
N HIS D 4 14.44 -14.20 20.87
CA HIS D 4 15.33 -15.11 21.58
C HIS D 4 14.51 -16.30 22.10
N SER D 5 15.11 -17.51 22.03
CA SER D 5 14.37 -18.72 22.36
C SER D 5 15.12 -19.58 23.38
N MET D 6 14.39 -20.03 24.40
CA MET D 6 14.80 -21.16 25.22
C MET D 6 13.86 -22.33 24.93
N ARG D 7 14.44 -23.46 24.51
CA ARG D 7 13.70 -24.66 24.21
C ARG D 7 14.27 -25.81 25.04
N TYR D 8 13.47 -26.87 25.22
CA TYR D 8 13.88 -28.06 25.92
C TYR D 8 13.59 -29.29 25.06
N PHE D 9 14.49 -30.28 25.13
CA PHE D 9 14.46 -31.43 24.26
C PHE D 9 14.52 -32.70 25.12
N PHE D 10 13.64 -33.66 24.80
CA PHE D 10 13.51 -34.88 25.57
C PHE D 10 13.50 -36.09 24.65
N THR D 11 14.10 -37.19 25.11
CA THR D 11 14.24 -38.39 24.31
C THR D 11 14.09 -39.63 25.20
N SER D 12 13.24 -40.56 24.78
CA SER D 12 13.03 -41.80 25.50
C SER D 12 12.84 -42.96 24.51
N VAL D 13 13.86 -43.81 24.43
CA VAL D 13 13.88 -44.98 23.55
C VAL D 13 13.71 -46.22 24.43
N SER D 14 12.65 -47.00 24.15
CA SER D 14 12.43 -48.25 24.86
C SER D 14 13.41 -49.30 24.34
N ARG D 15 13.81 -50.21 25.24
CA ARG D 15 14.82 -51.21 24.94
C ARG D 15 14.44 -52.51 25.65
N PRO D 16 13.83 -53.49 24.93
CA PRO D 16 13.39 -54.75 25.53
C PRO D 16 14.56 -55.64 25.95
N GLY D 17 14.52 -56.10 27.20
CA GLY D 17 15.48 -57.07 27.73
C GLY D 17 16.80 -56.43 28.18
N ARG D 18 16.86 -55.10 28.12
CA ARG D 18 18.08 -54.37 28.44
C ARG D 18 17.83 -53.42 29.61
N GLY D 19 16.75 -53.67 30.35
CA GLY D 19 16.40 -52.92 31.54
C GLY D 19 15.38 -51.82 31.25
N GLU D 20 15.53 -50.68 31.96
CA GLU D 20 14.62 -49.56 31.84
C GLU D 20 15.04 -48.67 30.67
N PRO D 21 14.07 -48.09 29.92
CA PRO D 21 14.36 -47.22 28.77
C PRO D 21 15.40 -46.13 28.96
N ARG D 22 15.94 -45.66 27.83
CA ARG D 22 17.02 -44.69 27.78
C ARG D 22 16.41 -43.28 27.74
N PHE D 23 16.99 -42.36 28.54
CA PHE D 23 16.47 -41.01 28.65
C PHE D 23 17.58 -39.98 28.41
N ILE D 24 17.27 -38.97 27.59
CA ILE D 24 18.19 -37.88 27.28
C ILE D 24 17.40 -36.58 27.18
N ALA D 25 17.65 -35.67 28.13
CA ALA D 25 17.11 -34.32 28.13
C ALA D 25 18.22 -33.31 27.87
N VAL D 26 17.92 -32.33 27.02
CA VAL D 26 18.87 -31.27 26.69
C VAL D 26 18.15 -29.93 26.68
N GLY D 27 18.83 -28.90 27.20
CA GLY D 27 18.37 -27.52 27.14
C GLY D 27 19.18 -26.71 26.14
N TYR D 28 18.54 -25.69 25.56
CA TYR D 28 19.14 -24.83 24.56
C TYR D 28 18.69 -23.39 24.78
N VAL D 29 19.65 -22.45 24.76
CA VAL D 29 19.34 -21.04 24.62
C VAL D 29 19.78 -20.60 23.23
N ASP D 30 18.80 -20.29 22.38
CA ASP D 30 19.00 -20.09 20.96
C ASP D 30 19.68 -21.33 20.38
N ASP D 31 21.00 -21.24 20.23
CA ASP D 31 21.80 -22.30 19.63
C ASP D 31 22.95 -22.64 20.57
N THR D 32 22.85 -22.18 21.82
CA THR D 32 23.85 -22.45 22.84
C THR D 32 23.28 -23.43 23.86
N GLN D 33 24.08 -24.46 24.19
CA GLN D 33 23.66 -25.54 25.06
C GLN D 33 24.15 -25.28 26.48
N PHE D 34 23.32 -25.63 27.47
CA PHE D 34 23.65 -25.35 28.86
C PHE D 34 23.40 -26.57 29.75
N VAL D 35 22.25 -27.23 29.59
CA VAL D 35 21.91 -28.36 30.45
C VAL D 35 21.68 -29.61 29.62
N ARG D 36 22.15 -30.75 30.15
CA ARG D 36 22.02 -32.06 29.54
C ARG D 36 21.87 -33.10 30.63
N PHE D 37 21.18 -34.20 30.32
CA PHE D 37 20.97 -35.28 31.27
C PHE D 37 21.10 -36.63 30.57
N ASP D 38 21.59 -37.63 31.31
CA ASP D 38 21.79 -38.98 30.80
C ASP D 38 21.59 -39.98 31.93
N SER D 39 20.56 -40.83 31.77
CA SER D 39 20.20 -41.85 32.74
C SER D 39 21.17 -43.04 32.62
N ASP D 40 22.25 -42.84 31.86
CA ASP D 40 23.22 -43.88 31.59
C ASP D 40 24.59 -43.45 32.11
N ALA D 41 24.79 -42.14 32.23
CA ALA D 41 26.06 -41.57 32.67
C ALA D 41 26.21 -41.74 34.19
N ALA D 42 27.40 -41.41 34.69
CA ALA D 42 27.84 -41.80 36.03
C ALA D 42 27.13 -40.98 37.11
N SER D 43 27.26 -39.65 37.01
CA SER D 43 26.94 -38.73 38.10
C SER D 43 25.44 -38.73 38.41
N GLN D 44 24.62 -38.94 37.38
CA GLN D 44 23.17 -38.91 37.48
C GLN D 44 22.69 -37.49 37.79
N ARG D 45 23.52 -36.51 37.42
CA ARG D 45 23.30 -35.12 37.76
C ARG D 45 23.23 -34.28 36.48
N MET D 46 22.34 -33.28 36.49
CA MET D 46 22.25 -32.29 35.43
C MET D 46 23.60 -31.61 35.26
N GLU D 47 24.12 -31.63 34.03
CA GLU D 47 25.44 -31.12 33.73
C GLU D 47 25.36 -29.67 33.25
N PRO D 48 26.24 -28.77 33.76
CA PRO D 48 26.47 -27.48 33.13
C PRO D 48 27.48 -27.60 32.00
N ARG D 49 27.50 -26.61 31.10
CA ARG D 49 28.41 -26.60 29.96
C ARG D 49 29.01 -25.21 29.80
N ALA D 50 28.15 -24.19 29.82
CA ALA D 50 28.54 -22.81 29.57
C ALA D 50 28.81 -22.09 30.89
N PRO D 51 29.59 -20.99 30.88
CA PRO D 51 29.95 -20.28 32.13
C PRO D 51 28.78 -19.67 32.89
N TRP D 52 27.74 -19.23 32.16
CA TRP D 52 26.65 -18.47 32.74
C TRP D 52 25.72 -19.37 33.55
N ILE D 53 25.80 -20.68 33.32
CA ILE D 53 25.03 -21.64 34.09
C ILE D 53 25.93 -22.24 35.18
N GLU D 54 27.25 -22.18 34.97
CA GLU D 54 28.24 -22.63 35.93
C GLU D 54 28.10 -21.82 37.21
N GLN D 55 27.64 -20.56 37.05
CA GLN D 55 27.54 -19.60 38.13
C GLN D 55 26.34 -19.91 39.02
N GLU D 56 25.33 -20.58 38.44
CA GLU D 56 24.12 -20.94 39.18
C GLU D 56 24.48 -21.90 40.31
N GLY D 57 23.93 -21.62 41.50
CA GLY D 57 24.29 -22.27 42.74
C GLY D 57 23.73 -23.70 42.84
N PRO D 58 24.03 -24.43 43.94
CA PRO D 58 23.70 -25.85 44.05
C PRO D 58 22.25 -26.20 44.43
N GLU D 59 21.50 -25.20 44.90
CA GLU D 59 20.11 -25.38 45.28
C GLU D 59 19.26 -25.61 44.03
N TYR D 60 19.78 -25.13 42.90
CA TYR D 60 19.18 -25.25 41.59
C TYR D 60 19.48 -26.64 41.03
N TRP D 61 20.75 -27.07 41.13
CA TRP D 61 21.20 -28.35 40.61
C TRP D 61 20.39 -29.50 41.23
N ASP D 62 20.38 -29.54 42.57
CA ASP D 62 19.69 -30.59 43.32
C ASP D 62 18.20 -30.53 43.01
N GLY D 63 17.71 -29.32 42.72
CA GLY D 63 16.30 -29.10 42.40
C GLY D 63 15.95 -29.54 40.98
N GLU D 64 16.95 -29.56 40.10
CA GLU D 64 16.75 -29.91 38.71
C GLU D 64 17.39 -31.26 38.41
N THR D 65 17.41 -32.14 39.42
CA THR D 65 17.87 -33.50 39.28
C THR D 65 16.95 -34.43 40.07
N ARG D 66 16.15 -33.81 40.94
CA ARG D 66 14.99 -34.45 41.54
C ARG D 66 13.80 -34.16 40.62
N LYS D 67 14.05 -33.30 39.63
CA LYS D 67 13.04 -32.82 38.70
C LYS D 67 13.12 -33.61 37.40
N VAL D 68 14.33 -33.78 36.89
CA VAL D 68 14.56 -34.35 35.57
C VAL D 68 14.57 -35.88 35.65
N LYS D 69 14.83 -36.42 36.85
CA LYS D 69 14.68 -37.85 37.09
C LYS D 69 13.19 -38.18 37.15
N ALA D 70 12.38 -37.19 37.54
CA ALA D 70 10.93 -37.34 37.62
C ALA D 70 10.31 -37.00 36.27
N HIS D 71 11.02 -36.19 35.48
CA HIS D 71 10.68 -35.97 34.07
C HIS D 71 10.82 -37.28 33.31
N SER D 72 11.91 -38.01 33.59
CA SER D 72 12.21 -39.29 32.98
C SER D 72 11.09 -40.29 33.28
N GLN D 73 10.68 -40.34 34.56
CA GLN D 73 9.70 -41.30 35.04
C GLN D 73 8.39 -41.13 34.27
N THR D 74 8.01 -39.88 33.97
CA THR D 74 6.75 -39.61 33.30
C THR D 74 6.86 -39.99 31.83
N HIS D 75 8.09 -39.96 31.30
CA HIS D 75 8.34 -40.30 29.91
C HIS D 75 8.46 -41.80 29.73
N ARG D 76 8.88 -42.49 30.80
CA ARG D 76 9.06 -43.93 30.78
C ARG D 76 7.69 -44.62 30.74
N VAL D 77 6.74 -44.05 31.49
CA VAL D 77 5.39 -44.59 31.56
C VAL D 77 4.67 -44.30 30.25
N ASP D 78 5.00 -43.16 29.64
CA ASP D 78 4.42 -42.69 28.39
C ASP D 78 4.56 -43.75 27.30
N LEU D 79 5.76 -44.36 27.23
CA LEU D 79 6.12 -45.34 26.21
C LEU D 79 5.14 -46.51 26.22
N GLY D 80 4.65 -46.85 27.42
CA GLY D 80 3.73 -47.97 27.61
C GLY D 80 2.31 -47.65 27.14
N THR D 81 1.88 -46.41 27.37
CA THR D 81 0.55 -45.96 26.96
C THR D 81 0.47 -45.95 25.43
N LEU D 82 1.58 -45.58 24.80
CA LEU D 82 1.69 -45.45 23.36
C LEU D 82 1.72 -46.83 22.70
N ARG D 83 2.09 -47.86 23.48
CA ARG D 83 2.05 -49.24 22.99
C ARG D 83 0.64 -49.78 23.12
N GLY D 84 -0.11 -49.28 24.10
CA GLY D 84 -1.50 -49.69 24.32
C GLY D 84 -2.43 -49.07 23.29
N TYR D 85 -2.14 -47.82 22.90
CA TYR D 85 -2.97 -47.06 21.99
C TYR D 85 -2.74 -47.50 20.55
N TYR D 86 -1.47 -47.77 20.21
CA TYR D 86 -1.09 -48.15 18.85
C TYR D 86 -1.24 -49.66 18.65
N ASN D 87 -1.54 -50.37 19.74
CA ASN D 87 -1.67 -51.83 19.76
C ASN D 87 -0.42 -52.47 19.16
N GLN D 88 0.67 -52.42 19.94
CA GLN D 88 1.99 -52.78 19.45
C GLN D 88 2.64 -53.80 20.39
N SER D 89 3.77 -54.37 19.92
CA SER D 89 4.45 -55.47 20.57
C SER D 89 5.44 -54.95 21.61
N GLU D 90 5.44 -55.62 22.78
CA GLU D 90 6.24 -55.26 23.94
C GLU D 90 7.72 -55.21 23.55
N ALA D 91 8.19 -56.26 22.88
CA ALA D 91 9.53 -56.28 22.33
C ALA D 91 9.55 -55.40 21.08
N GLY D 92 9.96 -54.14 21.27
CA GLY D 92 9.99 -53.16 20.19
C GLY D 92 10.63 -51.86 20.64
N SER D 93 11.69 -51.46 19.93
CA SER D 93 12.41 -50.23 20.21
C SER D 93 11.58 -49.04 19.73
N HIS D 94 11.05 -48.28 20.69
CA HIS D 94 10.16 -47.17 20.40
C HIS D 94 10.74 -45.87 20.97
N THR D 95 10.53 -44.77 20.23
CA THR D 95 11.08 -43.47 20.57
C THR D 95 9.95 -42.47 20.83
N VAL D 96 9.98 -41.86 22.01
CA VAL D 96 9.09 -40.75 22.31
C VAL D 96 9.94 -39.49 22.50
N GLN D 97 9.38 -38.33 22.13
CA GLN D 97 10.14 -37.08 22.13
C GLN D 97 9.26 -35.92 22.58
N ARG D 98 9.85 -35.06 23.42
CA ARG D 98 9.19 -33.89 23.96
C ARG D 98 10.08 -32.67 23.73
N MET D 99 9.43 -31.56 23.36
CA MET D 99 10.08 -30.28 23.12
C MET D 99 9.10 -29.16 23.46
N TYR D 100 9.38 -28.41 24.53
CA TYR D 100 8.65 -27.20 24.83
C TYR D 100 9.60 -26.02 24.79
N GLY D 101 9.03 -24.80 24.82
CA GLY D 101 9.87 -23.61 24.80
C GLY D 101 9.10 -22.31 24.58
N CYS D 102 9.84 -21.21 24.73
CA CYS D 102 9.30 -19.86 24.68
C CYS D 102 10.26 -18.96 23.90
N ASP D 103 9.73 -17.81 23.42
CA ASP D 103 10.47 -16.83 22.65
C ASP D 103 10.26 -15.43 23.26
N VAL D 104 11.25 -14.54 23.06
CA VAL D 104 11.19 -13.18 23.55
C VAL D 104 11.82 -12.24 22.52
N GLY D 105 11.06 -11.21 22.12
CA GLY D 105 11.39 -10.37 20.99
C GLY D 105 12.39 -9.26 21.34
N SER D 106 12.64 -8.38 20.36
CA SER D 106 13.62 -7.32 20.46
C SER D 106 13.71 -6.79 21.89
N ASP D 107 12.53 -6.48 22.46
CA ASP D 107 12.42 -5.88 23.79
C ASP D 107 12.94 -6.85 24.85
N TRP D 108 12.26 -8.00 24.96
CA TRP D 108 12.63 -9.10 25.86
C TRP D 108 11.42 -9.72 26.52
N ARG D 109 10.22 -9.48 25.97
CA ARG D 109 9.00 -10.03 26.53
C ARG D 109 8.46 -11.15 25.65
N PHE D 110 7.59 -11.98 26.24
CA PHE D 110 7.03 -13.17 25.62
C PHE D 110 6.55 -12.86 24.20
N LEU D 111 6.88 -13.76 23.27
CA LEU D 111 6.47 -13.66 21.88
C LEU D 111 5.60 -14.87 21.50
N ARG D 112 6.21 -16.06 21.46
CA ARG D 112 5.51 -17.26 21.04
C ARG D 112 5.89 -18.42 21.95
N GLY D 113 5.00 -19.42 22.01
CA GLY D 113 5.23 -20.62 22.80
C GLY D 113 4.83 -21.89 22.04
N TYR D 114 5.42 -23.03 22.46
CA TYR D 114 5.15 -24.32 21.86
C TYR D 114 5.52 -25.45 22.83
N HIS D 115 4.76 -26.55 22.75
CA HIS D 115 4.96 -27.75 23.55
C HIS D 115 4.45 -28.90 22.71
N GLN D 116 5.32 -29.89 22.43
CA GLN D 116 4.98 -30.88 21.42
C GLN D 116 5.60 -32.24 21.69
N TYR D 117 4.77 -33.27 21.44
CA TYR D 117 5.13 -34.68 21.58
C TYR D 117 5.11 -35.33 20.20
N ALA D 118 6.07 -36.23 19.96
CA ALA D 118 6.07 -37.09 18.79
C ALA D 118 6.65 -38.45 19.18
N TYR D 119 6.18 -39.49 18.49
CA TYR D 119 6.47 -40.86 18.87
C TYR D 119 6.87 -41.67 17.63
N ASP D 120 8.03 -42.34 17.74
CA ASP D 120 8.58 -43.21 16.71
C ASP D 120 9.15 -42.38 15.55
N GLY D 121 8.86 -41.08 15.54
CA GLY D 121 9.27 -40.19 14.46
C GLY D 121 8.11 -39.38 13.91
N LYS D 122 6.93 -40.03 13.83
CA LYS D 122 5.71 -39.41 13.36
C LYS D 122 5.15 -38.47 14.43
N ASP D 123 4.46 -37.42 13.98
CA ASP D 123 3.82 -36.44 14.85
C ASP D 123 2.79 -37.14 15.74
N TYR D 124 2.63 -36.64 16.97
CA TYR D 124 1.57 -37.11 17.86
C TYR D 124 0.65 -35.94 18.20
N ILE D 125 1.10 -35.07 19.11
CA ILE D 125 0.32 -33.97 19.61
C ILE D 125 1.22 -32.75 19.79
N ALA D 126 0.67 -31.57 19.53
CA ALA D 126 1.39 -30.31 19.67
C ALA D 126 0.42 -29.21 20.08
N LEU D 127 0.90 -28.26 20.90
CA LEU D 127 0.11 -27.09 21.23
C LEU D 127 0.22 -26.10 20.08
N LYS D 128 -0.91 -25.50 19.71
CA LYS D 128 -0.95 -24.55 18.61
C LYS D 128 -0.31 -23.23 19.05
N GLU D 129 -0.56 -22.17 18.27
CA GLU D 129 0.00 -20.86 18.53
C GLU D 129 -0.79 -20.17 19.64
N ASP D 130 -2.11 -20.40 19.65
CA ASP D 130 -3.03 -19.75 20.57
C ASP D 130 -2.80 -20.23 22.01
N LEU D 131 -2.27 -21.45 22.15
CA LEU D 131 -2.07 -22.12 23.43
C LEU D 131 -3.41 -22.36 24.13
N ARG D 132 -4.45 -22.59 23.30
CA ARG D 132 -5.81 -22.77 23.77
C ARG D 132 -6.32 -24.13 23.29
N SER D 133 -5.76 -24.61 22.17
CA SER D 133 -6.15 -25.89 21.61
C SER D 133 -4.92 -26.71 21.22
N TRP D 134 -5.16 -28.00 20.93
CA TRP D 134 -4.12 -28.95 20.61
C TRP D 134 -4.24 -29.40 19.15
N THR D 135 -3.09 -29.72 18.55
CA THR D 135 -3.01 -30.40 17.27
C THR D 135 -2.76 -31.89 17.53
N ALA D 136 -3.74 -32.73 17.20
CA ALA D 136 -3.65 -34.17 17.31
C ALA D 136 -3.51 -34.79 15.93
N ALA D 137 -2.30 -35.25 15.60
CA ALA D 137 -1.94 -35.67 14.26
C ALA D 137 -1.86 -37.19 14.20
N ASP D 138 -2.96 -37.85 14.57
CA ASP D 138 -3.10 -39.30 14.50
C ASP D 138 -4.57 -39.67 14.66
N MET D 139 -4.92 -40.88 14.18
CA MET D 139 -6.27 -41.42 14.24
C MET D 139 -6.66 -41.63 15.71
N ALA D 140 -5.72 -42.13 16.51
CA ALA D 140 -5.93 -42.43 17.92
C ALA D 140 -4.89 -41.73 18.78
N ALA D 141 -4.58 -40.48 18.42
CA ALA D 141 -3.88 -39.57 19.33
C ALA D 141 -4.90 -38.62 19.93
N GLN D 142 -6.15 -38.73 19.48
CA GLN D 142 -7.26 -37.92 19.95
C GLN D 142 -7.62 -38.31 21.38
N THR D 143 -7.49 -39.60 21.69
CA THR D 143 -7.86 -40.14 22.98
C THR D 143 -7.02 -39.50 24.08
N THR D 144 -5.86 -38.96 23.70
CA THR D 144 -4.94 -38.28 24.60
C THR D 144 -5.30 -36.79 24.66
N LYS D 145 -5.73 -36.25 23.52
CA LYS D 145 -6.08 -34.84 23.40
C LYS D 145 -7.27 -34.52 24.31
N HIS D 146 -8.27 -35.41 24.30
CA HIS D 146 -9.47 -35.25 25.11
C HIS D 146 -9.14 -35.21 26.59
N LYS D 147 -8.15 -36.02 27.00
CA LYS D 147 -7.72 -36.10 28.39
C LYS D 147 -6.93 -34.84 28.76
N TRP D 148 -6.24 -34.26 27.76
CA TRP D 148 -5.39 -33.10 27.97
C TRP D 148 -6.21 -31.81 27.92
N GLU D 149 -7.52 -31.97 28.07
CA GLU D 149 -8.43 -30.85 28.26
C GLU D 149 -9.03 -30.98 29.67
N ALA D 150 -9.10 -32.22 30.16
CA ALA D 150 -9.72 -32.55 31.44
C ALA D 150 -9.07 -31.73 32.55
N ALA D 151 -7.75 -31.90 32.71
CA ALA D 151 -7.02 -31.24 33.79
C ALA D 151 -6.55 -29.85 33.32
N HIS D 152 -7.17 -29.36 32.23
CA HIS D 152 -6.84 -28.08 31.61
C HIS D 152 -5.33 -27.97 31.44
N VAL D 153 -4.76 -28.97 30.76
CA VAL D 153 -3.32 -29.10 30.58
C VAL D 153 -2.81 -27.92 29.75
N ALA D 154 -3.57 -27.56 28.71
CA ALA D 154 -3.23 -26.47 27.80
C ALA D 154 -3.10 -25.15 28.57
N GLU D 155 -3.96 -24.96 29.59
CA GLU D 155 -4.06 -23.73 30.35
C GLU D 155 -2.92 -23.65 31.37
N GLN D 156 -2.55 -24.79 31.92
CA GLN D 156 -1.53 -24.89 32.97
C GLN D 156 -0.15 -24.66 32.36
N LEU D 157 0.06 -25.22 31.16
CA LEU D 157 1.32 -25.06 30.43
C LEU D 157 1.49 -23.60 30.04
N ARG D 158 0.39 -23.01 29.56
CA ARG D 158 0.31 -21.62 29.13
C ARG D 158 1.00 -20.73 30.16
N ALA D 159 0.73 -20.99 31.44
CA ALA D 159 1.22 -20.15 32.54
C ALA D 159 2.71 -20.36 32.76
N TYR D 160 3.21 -21.56 32.44
CA TYR D 160 4.64 -21.82 32.55
C TYR D 160 5.39 -21.04 31.48
N LEU D 161 4.95 -21.20 30.22
CA LEU D 161 5.62 -20.62 29.07
C LEU D 161 5.61 -19.10 29.17
N GLU D 162 4.51 -18.55 29.69
CA GLU D 162 4.36 -17.12 29.87
C GLU D 162 4.90 -16.71 31.24
N GLY D 163 5.24 -17.71 32.07
CA GLY D 163 5.65 -17.47 33.44
C GLY D 163 7.17 -17.53 33.62
N THR D 164 7.65 -18.63 34.18
CA THR D 164 9.04 -18.75 34.59
C THR D 164 9.94 -18.98 33.38
N CYS D 165 9.37 -19.56 32.32
CA CYS D 165 10.07 -19.81 31.08
C CYS D 165 10.85 -18.56 30.66
N VAL D 166 10.14 -17.43 30.59
CA VAL D 166 10.70 -16.19 30.11
C VAL D 166 11.48 -15.51 31.23
N GLU D 167 10.99 -15.63 32.47
CA GLU D 167 11.60 -14.96 33.61
C GLU D 167 13.02 -15.46 33.78
N TRP D 168 13.23 -16.77 33.55
CA TRP D 168 14.53 -17.38 33.72
C TRP D 168 15.37 -17.21 32.46
N LEU D 169 14.70 -17.17 31.30
CA LEU D 169 15.35 -16.91 30.02
C LEU D 169 16.14 -15.61 30.13
N ARG D 170 15.49 -14.57 30.70
CA ARG D 170 16.11 -13.26 30.88
C ARG D 170 17.31 -13.37 31.81
N ARG D 171 17.10 -14.04 32.96
CA ARG D 171 18.13 -14.26 33.94
C ARG D 171 19.40 -14.78 33.27
N TYR D 172 19.28 -15.92 32.59
CA TYR D 172 20.40 -16.59 31.94
C TYR D 172 21.09 -15.63 30.96
N LEU D 173 20.28 -14.98 30.12
CA LEU D 173 20.80 -14.06 29.11
C LEU D 173 21.68 -13.02 29.77
N GLU D 174 21.37 -12.68 31.04
CA GLU D 174 22.13 -11.68 31.76
C GLU D 174 23.26 -12.36 32.53
N ASN D 175 23.04 -13.61 32.95
CA ASN D 175 24.01 -14.38 33.71
C ASN D 175 25.35 -14.46 32.97
N GLY D 176 25.29 -14.30 31.64
CA GLY D 176 26.47 -14.29 30.79
C GLY D 176 26.18 -13.61 29.46
N LYS D 177 26.23 -12.27 29.47
CA LYS D 177 25.80 -11.42 28.36
C LYS D 177 26.77 -11.57 27.19
N GLU D 178 28.04 -11.87 27.49
CA GLU D 178 29.04 -12.02 26.46
C GLU D 178 29.19 -13.51 26.12
N THR D 179 28.06 -14.19 25.94
CA THR D 179 28.03 -15.60 25.59
C THR D 179 26.79 -15.92 24.77
N LEU D 180 25.72 -15.14 25.00
CA LEU D 180 24.41 -15.43 24.44
C LEU D 180 23.96 -14.26 23.55
N GLN D 181 24.12 -13.04 24.08
CA GLN D 181 23.66 -11.83 23.41
C GLN D 181 24.69 -11.42 22.35
N ARG D 182 25.71 -12.27 22.17
CA ARG D 182 26.72 -12.07 21.14
C ARG D 182 26.14 -12.42 19.77
N THR D 183 26.68 -11.79 18.72
CA THR D 183 26.31 -12.06 17.34
C THR D 183 27.55 -11.96 16.46
N ASP D 184 27.82 -13.02 15.69
CA ASP D 184 29.05 -13.13 14.92
C ASP D 184 28.73 -13.21 13.44
N ALA D 185 29.46 -12.40 12.65
CA ALA D 185 29.28 -12.28 11.21
C ALA D 185 30.28 -13.16 10.48
N PRO D 186 29.87 -13.82 9.36
CA PRO D 186 30.69 -14.84 8.71
C PRO D 186 31.98 -14.30 8.09
N LYS D 187 32.95 -15.21 7.89
CA LYS D 187 34.22 -14.88 7.26
C LYS D 187 34.26 -15.52 5.87
N THR D 188 33.73 -14.79 4.88
CA THR D 188 33.32 -15.38 3.60
C THR D 188 34.43 -15.24 2.55
N HIS D 189 34.58 -16.31 1.76
CA HIS D 189 35.43 -16.35 0.59
C HIS D 189 34.87 -17.40 -0.38
N MET D 190 35.62 -17.71 -1.45
CA MET D 190 35.14 -18.65 -2.45
C MET D 190 36.32 -19.40 -3.06
N THR D 191 36.13 -20.72 -3.24
CA THR D 191 37.15 -21.59 -3.80
C THR D 191 36.71 -22.06 -5.18
N HIS D 192 37.60 -22.81 -5.85
CA HIS D 192 37.38 -23.31 -7.20
C HIS D 192 37.84 -24.75 -7.29
N HIS D 193 37.00 -25.60 -7.89
CA HIS D 193 37.30 -27.01 -8.09
C HIS D 193 37.02 -27.39 -9.54
N ALA D 194 38.04 -27.90 -10.23
CA ALA D 194 37.86 -28.46 -11.56
C ALA D 194 37.38 -29.90 -11.43
N VAL D 195 36.23 -30.20 -12.03
CA VAL D 195 35.72 -31.56 -12.11
C VAL D 195 36.15 -32.15 -13.46
N SER D 196 36.48 -31.26 -14.40
CA SER D 196 37.11 -31.62 -15.67
C SER D 196 37.75 -30.39 -16.30
N ASP D 197 38.19 -30.54 -17.56
CA ASP D 197 38.68 -29.45 -18.38
C ASP D 197 37.49 -28.57 -18.77
N HIS D 198 36.28 -29.15 -18.66
CA HIS D 198 35.09 -28.62 -19.28
C HIS D 198 34.02 -28.26 -18.24
N GLU D 199 34.23 -28.66 -16.98
CA GLU D 199 33.27 -28.44 -15.91
C GLU D 199 34.00 -27.91 -14.66
N ALA D 200 33.37 -26.96 -13.97
CA ALA D 200 33.97 -26.29 -12.81
C ALA D 200 32.93 -26.11 -11.70
N THR D 201 33.42 -25.82 -10.49
CA THR D 201 32.59 -25.68 -9.29
C THR D 201 33.01 -24.45 -8.49
N LEU D 202 32.03 -23.61 -8.16
CA LEU D 202 32.25 -22.50 -7.25
C LEU D 202 31.57 -22.79 -5.91
N ARG D 203 32.24 -22.41 -4.81
CA ARG D 203 31.83 -22.84 -3.49
C ARG D 203 31.89 -21.66 -2.52
N CYS D 204 30.70 -21.14 -2.16
CA CYS D 204 30.57 -19.97 -1.31
C CYS D 204 30.72 -20.39 0.15
N TRP D 205 31.82 -19.94 0.78
CA TRP D 205 32.13 -20.29 2.15
C TRP D 205 31.54 -19.26 3.12
N ALA D 206 31.25 -19.72 4.34
CA ALA D 206 30.84 -18.87 5.44
C ALA D 206 31.31 -19.50 6.75
N LEU D 207 32.41 -18.97 7.28
CA LEU D 207 33.13 -19.60 8.38
C LEU D 207 32.81 -18.91 9.71
N SER D 208 32.41 -19.73 10.70
CA SER D 208 32.21 -19.37 12.09
C SER D 208 31.36 -18.11 12.23
N PHE D 209 30.05 -18.30 12.44
CA PHE D 209 29.11 -17.20 12.62
C PHE D 209 28.01 -17.59 13.60
N TYR D 210 27.37 -16.57 14.19
CA TYR D 210 26.31 -16.75 15.18
C TYR D 210 25.17 -15.79 14.88
N PRO D 211 23.89 -16.24 14.93
CA PRO D 211 23.55 -17.65 15.20
C PRO D 211 23.50 -18.50 13.93
N ALA D 212 22.49 -19.36 13.85
CA ALA D 212 22.35 -20.35 12.79
C ALA D 212 21.84 -19.68 11.52
N GLU D 213 20.79 -18.86 11.66
CA GLU D 213 19.97 -18.41 10.54
C GLU D 213 20.81 -17.64 9.52
N ILE D 214 20.73 -18.08 8.27
CA ILE D 214 21.48 -17.53 7.14
C ILE D 214 20.78 -17.95 5.84
N THR D 215 20.92 -17.11 4.81
CA THR D 215 20.34 -17.39 3.51
C THR D 215 21.36 -17.14 2.41
N LEU D 216 22.10 -18.20 2.06
CA LEU D 216 22.98 -18.20 0.91
C LEU D 216 22.18 -18.58 -0.32
N THR D 217 22.38 -17.85 -1.43
CA THR D 217 21.78 -18.17 -2.71
C THR D 217 22.67 -17.61 -3.83
N TRP D 218 22.89 -18.43 -4.87
CA TRP D 218 23.69 -18.05 -6.02
C TRP D 218 22.90 -17.09 -6.91
N GLN D 219 23.63 -16.17 -7.57
CA GLN D 219 23.07 -15.30 -8.58
C GLN D 219 23.82 -15.52 -9.89
N ARG D 220 23.06 -15.65 -10.98
CA ARG D 220 23.61 -15.71 -12.33
C ARG D 220 22.91 -14.64 -13.17
N ASP D 221 23.66 -13.57 -13.50
CA ASP D 221 23.16 -12.43 -14.24
C ASP D 221 21.93 -11.85 -13.54
N GLY D 222 22.03 -11.66 -12.22
CA GLY D 222 20.98 -11.05 -11.42
C GLY D 222 19.89 -12.04 -11.03
N GLU D 223 19.50 -12.90 -11.98
CA GLU D 223 18.40 -13.84 -11.81
C GLU D 223 18.71 -14.84 -10.72
N ASP D 224 17.65 -15.40 -10.12
CA ASP D 224 17.75 -16.36 -9.03
C ASP D 224 18.20 -17.70 -9.60
N GLN D 225 19.49 -18.03 -9.42
CA GLN D 225 20.04 -19.26 -9.93
C GLN D 225 19.55 -20.43 -9.07
N THR D 226 18.85 -21.36 -9.72
CA THR D 226 18.27 -22.51 -9.05
C THR D 226 18.09 -23.65 -10.05
N GLN D 227 19.18 -24.42 -10.24
CA GLN D 227 19.14 -25.65 -11.02
C GLN D 227 20.40 -26.49 -10.72
N ASP D 228 21.58 -25.89 -10.96
CA ASP D 228 22.84 -26.59 -10.79
C ASP D 228 23.47 -26.18 -9.46
N THR D 229 22.69 -26.24 -8.38
CA THR D 229 23.09 -25.70 -7.10
C THR D 229 22.91 -26.76 -5.99
N GLU D 230 24.02 -27.07 -5.30
CA GLU D 230 24.00 -27.93 -4.13
C GLU D 230 24.34 -27.07 -2.91
N LEU D 231 23.68 -27.35 -1.78
CA LEU D 231 23.82 -26.57 -0.58
C LEU D 231 23.52 -27.47 0.63
N VAL D 232 24.37 -27.36 1.66
CA VAL D 232 24.33 -28.27 2.79
C VAL D 232 23.50 -27.67 3.92
N GLU D 233 23.33 -28.46 4.98
CA GLU D 233 22.73 -28.05 6.24
C GLU D 233 23.81 -27.38 7.09
N THR D 234 23.41 -26.29 7.77
CA THR D 234 24.31 -25.52 8.62
C THR D 234 24.95 -26.44 9.67
N ARG D 235 26.28 -26.44 9.72
CA ARG D 235 27.03 -27.38 10.55
C ARG D 235 27.68 -26.66 11.73
N PRO D 236 27.63 -27.23 12.96
CA PRO D 236 28.27 -26.63 14.13
C PRO D 236 29.78 -26.87 14.12
N ALA D 237 30.55 -25.80 14.33
CA ALA D 237 31.99 -25.84 14.26
C ALA D 237 32.56 -26.54 15.49
N GLY D 238 32.56 -25.83 16.63
CA GLY D 238 33.10 -26.37 17.87
C GLY D 238 33.11 -25.33 18.99
N ASP D 239 33.47 -24.08 18.64
CA ASP D 239 33.61 -23.02 19.63
C ASP D 239 32.41 -22.07 19.57
N GLY D 240 31.20 -22.66 19.58
CA GLY D 240 29.95 -21.92 19.63
C GLY D 240 29.67 -21.15 18.35
N THR D 241 30.18 -21.67 17.22
CA THR D 241 30.03 -21.04 15.92
C THR D 241 29.47 -22.03 14.92
N PHE D 242 29.16 -21.55 13.71
CA PHE D 242 28.48 -22.34 12.69
C PHE D 242 29.12 -22.11 11.32
N GLN D 243 28.83 -23.03 10.39
CA GLN D 243 29.38 -23.00 9.04
C GLN D 243 28.30 -23.47 8.06
N LYS D 244 28.28 -22.86 6.87
CA LYS D 244 27.41 -23.28 5.78
C LYS D 244 28.05 -22.88 4.45
N TRP D 245 27.93 -23.77 3.46
CA TRP D 245 28.46 -23.51 2.13
C TRP D 245 27.44 -23.88 1.05
N ALA D 246 27.54 -23.19 -0.09
CA ALA D 246 26.69 -23.46 -1.25
C ALA D 246 27.57 -23.68 -2.47
N ALA D 247 27.22 -24.70 -3.26
CA ALA D 247 27.98 -25.09 -4.43
C ALA D 247 27.18 -24.83 -5.70
N VAL D 248 27.89 -24.44 -6.77
CA VAL D 248 27.28 -24.23 -8.07
C VAL D 248 28.23 -24.76 -9.15
N VAL D 249 27.65 -25.39 -10.18
CA VAL D 249 28.39 -25.96 -11.30
C VAL D 249 28.45 -24.92 -12.42
N VAL D 250 29.68 -24.59 -12.85
CA VAL D 250 29.90 -23.52 -13.79
C VAL D 250 30.73 -24.04 -14.97
N PRO D 251 30.34 -23.74 -16.23
CA PRO D 251 31.11 -24.16 -17.41
C PRO D 251 32.47 -23.48 -17.47
N SER D 252 33.45 -24.19 -18.02
CA SER D 252 34.83 -23.74 -18.11
C SER D 252 34.90 -22.45 -18.92
N GLY D 253 35.02 -21.32 -18.22
CA GLY D 253 35.16 -20.02 -18.86
C GLY D 253 34.23 -18.97 -18.25
N GLN D 254 32.99 -19.39 -17.99
CA GLN D 254 31.97 -18.52 -17.44
C GLN D 254 32.07 -18.51 -15.92
N GLU D 255 32.62 -17.41 -15.36
CA GLU D 255 32.82 -17.30 -13.93
C GLU D 255 32.30 -15.95 -13.44
N GLN D 256 32.56 -14.90 -14.22
CA GLN D 256 32.20 -13.52 -13.87
C GLN D 256 30.69 -13.40 -13.73
N ARG D 257 29.95 -14.26 -14.45
CA ARG D 257 28.51 -14.22 -14.51
C ARG D 257 27.92 -14.52 -13.13
N TYR D 258 28.71 -15.22 -12.30
CA TYR D 258 28.23 -15.78 -11.05
C TYR D 258 28.67 -14.89 -9.89
N THR D 259 27.68 -14.42 -9.11
CA THR D 259 27.90 -13.65 -7.90
C THR D 259 27.09 -14.29 -6.77
N CYS D 260 27.70 -14.34 -5.58
CA CYS D 260 27.07 -14.94 -4.41
C CYS D 260 26.22 -13.90 -3.69
N HIS D 261 25.26 -14.38 -2.89
CA HIS D 261 24.44 -13.50 -2.06
C HIS D 261 24.22 -14.11 -0.67
N VAL D 262 24.89 -13.51 0.32
CA VAL D 262 24.82 -13.91 1.71
C VAL D 262 23.73 -13.10 2.40
N GLN D 263 22.95 -13.75 3.25
CA GLN D 263 21.98 -13.07 4.10
C GLN D 263 22.25 -13.47 5.54
N HIS D 264 22.03 -12.50 6.45
CA HIS D 264 22.22 -12.70 7.88
C HIS D 264 21.80 -11.43 8.62
N GLU D 265 21.39 -11.60 9.87
CA GLU D 265 21.29 -10.47 10.80
C GLU D 265 22.56 -10.43 11.63
N GLY D 266 23.56 -9.72 11.11
CA GLY D 266 24.89 -9.61 11.70
C GLY D 266 25.85 -8.84 10.79
N LEU D 267 25.36 -8.53 9.59
CA LEU D 267 26.08 -7.80 8.56
C LEU D 267 25.21 -6.62 8.10
N PRO D 268 25.80 -5.44 7.78
CA PRO D 268 25.02 -4.24 7.51
C PRO D 268 23.97 -4.49 6.43
N LYS D 269 24.46 -4.81 5.22
CA LYS D 269 23.65 -5.17 4.06
C LYS D 269 24.22 -6.45 3.42
N PRO D 270 23.45 -7.14 2.52
CA PRO D 270 23.87 -8.44 2.01
C PRO D 270 25.21 -8.40 1.26
N LEU D 271 26.05 -9.40 1.52
CA LEU D 271 27.39 -9.44 0.96
C LEU D 271 27.37 -10.20 -0.36
N THR D 272 28.14 -9.69 -1.34
CA THR D 272 28.27 -10.33 -2.63
C THR D 272 29.71 -10.81 -2.81
N LEU D 273 29.86 -12.00 -3.41
CA LEU D 273 31.17 -12.59 -3.64
C LEU D 273 31.29 -13.00 -5.11
N ARG D 274 32.42 -12.62 -5.72
CA ARG D 274 32.74 -12.99 -7.10
C ARG D 274 34.11 -13.67 -7.12
N TRP D 275 34.37 -14.42 -8.20
CA TRP D 275 35.61 -15.15 -8.38
C TRP D 275 36.72 -14.19 -8.81
N GLU D 276 37.93 -14.45 -8.28
CA GLU D 276 39.13 -13.67 -8.55
C GLU D 276 39.39 -13.64 -10.07
N MET E 1 6.77 -47.06 12.91
CA MET E 1 8.24 -46.89 13.03
C MET E 1 8.77 -46.23 11.76
N ILE E 2 8.76 -44.90 11.74
CA ILE E 2 9.22 -44.14 10.59
C ILE E 2 10.73 -43.94 10.69
N GLN E 3 11.44 -44.20 9.58
CA GLN E 3 12.88 -44.14 9.55
C GLN E 3 13.33 -43.14 8.47
N ARG E 4 14.37 -42.37 8.82
CA ARG E 4 14.96 -41.42 7.89
C ARG E 4 16.44 -41.76 7.75
N THR E 5 17.00 -41.45 6.58
CA THR E 5 18.32 -41.91 6.20
C THR E 5 19.35 -40.79 6.44
N PRO E 6 20.32 -41.00 7.36
CA PRO E 6 21.14 -39.92 7.90
C PRO E 6 22.12 -39.30 6.91
N LYS E 7 21.84 -38.06 6.51
CA LYS E 7 22.78 -37.26 5.75
C LYS E 7 24.02 -37.04 6.61
N ILE E 8 25.20 -37.24 6.00
CA ILE E 8 26.46 -37.17 6.73
C ILE E 8 27.29 -36.00 6.18
N GLN E 9 28.16 -35.45 7.05
CA GLN E 9 29.07 -34.39 6.67
C GLN E 9 30.32 -34.46 7.54
N VAL E 10 31.49 -34.30 6.90
CA VAL E 10 32.79 -34.29 7.56
C VAL E 10 33.58 -33.07 7.09
N TYR E 11 34.29 -32.42 8.02
CA TYR E 11 34.89 -31.13 7.76
C TYR E 11 35.89 -30.74 8.86
N SER E 12 36.56 -29.60 8.63
CA SER E 12 37.47 -29.00 9.60
C SER E 12 36.94 -27.63 10.02
N ARG E 13 37.30 -27.23 11.24
CA ARG E 13 36.77 -26.03 11.88
C ARG E 13 37.51 -24.80 11.38
N HIS E 14 38.73 -24.59 11.90
CA HIS E 14 39.60 -23.51 11.48
C HIS E 14 39.93 -23.68 10.00
N PRO E 15 40.39 -22.62 9.29
CA PRO E 15 40.85 -22.77 7.91
C PRO E 15 41.72 -24.03 7.80
N ALA E 16 41.45 -24.84 6.77
CA ALA E 16 42.06 -26.15 6.61
C ALA E 16 43.50 -26.02 6.11
N GLU E 17 44.40 -25.65 7.04
CA GLU E 17 45.81 -25.38 6.76
C GLU E 17 46.69 -26.26 7.64
N ASN E 18 47.57 -27.04 6.99
CA ASN E 18 48.53 -27.93 7.64
C ASN E 18 49.56 -27.09 8.39
N GLY E 19 49.90 -27.51 9.60
CA GLY E 19 50.82 -26.74 10.44
C GLY E 19 50.10 -26.14 11.64
N LYS E 20 49.00 -25.42 11.39
CA LYS E 20 48.11 -24.97 12.46
C LYS E 20 47.28 -26.15 13.01
N SER E 21 46.84 -26.01 14.26
CA SER E 21 46.05 -27.03 14.92
C SER E 21 44.56 -26.80 14.63
N ASN E 22 43.86 -27.89 14.30
CA ASN E 22 42.47 -27.84 13.88
C ASN E 22 41.69 -28.96 14.56
N PHE E 23 40.44 -29.16 14.10
CA PHE E 23 39.55 -30.18 14.63
C PHE E 23 38.78 -30.84 13.49
N LEU E 24 38.61 -32.17 13.59
CA LEU E 24 37.83 -32.93 12.63
C LEU E 24 36.46 -33.23 13.24
N ASN E 25 35.41 -32.98 12.46
CA ASN E 25 34.04 -33.06 12.93
C ASN E 25 33.21 -33.92 11.98
N CYS E 26 32.41 -34.84 12.54
CA CYS E 26 31.56 -35.72 11.76
C CYS E 26 30.10 -35.52 12.14
N TYR E 27 29.50 -34.48 11.56
CA TYR E 27 28.13 -34.08 11.82
C TYR E 27 27.16 -35.00 11.08
N VAL E 28 26.24 -35.60 11.84
CA VAL E 28 25.21 -36.48 11.29
C VAL E 28 23.84 -35.90 11.62
N SER E 29 23.00 -35.74 10.59
CA SER E 29 21.70 -35.08 10.76
C SER E 29 20.64 -35.71 9.86
N GLY E 30 19.41 -35.75 10.36
CA GLY E 30 18.23 -36.09 9.59
C GLY E 30 17.95 -37.59 9.56
N PHE E 31 17.95 -38.23 10.74
CA PHE E 31 17.76 -39.67 10.83
C PHE E 31 16.69 -40.02 11.88
N HIS E 32 16.31 -41.30 11.91
CA HIS E 32 15.35 -41.85 12.85
C HIS E 32 15.27 -43.36 12.64
N PRO E 33 15.23 -44.20 13.71
CA PRO E 33 15.41 -43.74 15.09
C PRO E 33 16.85 -43.41 15.47
N SER E 34 17.11 -43.30 16.79
CA SER E 34 18.27 -42.63 17.34
C SER E 34 19.43 -43.59 17.57
N ASP E 35 19.16 -44.90 17.42
CA ASP E 35 20.13 -45.94 17.68
C ASP E 35 21.15 -45.97 16.54
N ILE E 36 22.15 -45.08 16.62
CA ILE E 36 23.14 -44.89 15.58
C ILE E 36 24.51 -45.35 16.09
N GLU E 37 25.37 -45.78 15.16
CA GLU E 37 26.72 -46.21 15.46
C GLU E 37 27.70 -45.38 14.63
N VAL E 38 28.55 -44.60 15.31
CA VAL E 38 29.47 -43.67 14.66
C VAL E 38 30.89 -43.93 15.16
N ASP E 39 31.86 -43.75 14.27
CA ASP E 39 33.28 -43.84 14.57
C ASP E 39 34.07 -43.02 13.56
N LEU E 40 35.09 -42.30 14.05
CA LEU E 40 36.08 -41.65 13.21
C LEU E 40 37.24 -42.62 12.98
N LEU E 41 37.91 -42.47 11.83
CA LEU E 41 38.98 -43.40 11.46
C LEU E 41 40.19 -42.64 10.94
N LYS E 42 41.37 -43.20 11.21
CA LYS E 42 42.61 -42.76 10.59
C LYS E 42 43.12 -43.87 9.68
N ASN E 43 42.80 -43.74 8.39
CA ASN E 43 43.21 -44.66 7.33
C ASN E 43 42.56 -46.03 7.51
N GLY E 44 42.33 -46.43 8.77
CA GLY E 44 41.74 -47.71 9.10
C GLY E 44 41.60 -47.90 10.61
N GLU E 45 42.59 -47.38 11.36
CA GLU E 45 42.63 -47.50 12.82
C GLU E 45 41.65 -46.51 13.44
N ARG E 46 40.97 -46.97 14.50
CA ARG E 46 39.96 -46.22 15.23
C ARG E 46 40.60 -45.15 16.12
N ILE E 47 40.41 -43.88 15.77
CA ILE E 47 40.75 -42.79 16.68
C ILE E 47 39.74 -42.80 17.82
N GLU E 48 40.24 -42.77 19.06
CA GLU E 48 39.43 -43.12 20.22
C GLU E 48 39.37 -41.98 21.23
N LYS E 49 40.08 -40.87 20.95
CA LYS E 49 40.12 -39.73 21.84
C LYS E 49 38.92 -38.80 21.58
N VAL E 50 37.86 -39.37 20.97
CA VAL E 50 36.72 -38.65 20.44
C VAL E 50 35.62 -38.60 21.50
N GLU E 51 35.01 -37.42 21.67
CA GLU E 51 33.88 -37.23 22.57
C GLU E 51 32.61 -36.99 21.75
N HIS E 52 31.54 -37.70 22.11
CA HIS E 52 30.22 -37.53 21.53
C HIS E 52 29.59 -36.23 22.03
N SER E 53 28.75 -35.61 21.18
CA SER E 53 27.95 -34.48 21.60
C SER E 53 26.67 -34.98 22.27
N ASP E 54 25.89 -34.04 22.82
CA ASP E 54 24.70 -34.38 23.58
C ASP E 54 23.54 -34.62 22.60
N LEU E 55 22.88 -35.77 22.77
CA LEU E 55 21.86 -36.22 21.84
C LEU E 55 20.70 -35.22 21.82
N SER E 56 20.55 -34.57 20.67
CA SER E 56 19.49 -33.61 20.41
C SER E 56 18.81 -33.98 19.10
N PHE E 57 17.62 -33.40 18.87
CA PHE E 57 16.88 -33.62 17.63
C PHE E 57 16.42 -32.28 17.07
N SER E 58 16.03 -32.29 15.79
CA SER E 58 15.63 -31.07 15.09
C SER E 58 14.11 -30.93 15.08
N LYS E 59 13.62 -29.82 14.51
CA LYS E 59 12.20 -29.55 14.41
C LYS E 59 11.56 -30.50 13.39
N ASP E 60 12.42 -31.24 12.68
CA ASP E 60 12.03 -32.28 11.75
C ASP E 60 11.53 -33.49 12.53
N TRP E 61 11.97 -33.56 13.80
CA TRP E 61 11.82 -34.69 14.70
C TRP E 61 12.98 -35.66 14.52
N SER E 62 13.87 -35.31 13.60
CA SER E 62 15.04 -36.10 13.22
C SER E 62 16.25 -35.70 14.07
N PHE E 63 16.97 -36.72 14.58
CA PHE E 63 18.05 -36.53 15.53
C PHE E 63 19.31 -36.05 14.83
N TYR E 64 20.28 -35.61 15.64
CA TYR E 64 21.57 -35.11 15.16
C TYR E 64 22.58 -35.04 16.30
N LEU E 65 23.83 -35.37 15.99
CA LEU E 65 24.90 -35.46 16.97
C LEU E 65 26.15 -34.80 16.38
N LEU E 66 27.24 -34.78 17.16
CA LEU E 66 28.55 -34.37 16.67
C LEU E 66 29.64 -35.18 17.35
N TYR E 67 30.45 -35.86 16.52
CA TYR E 67 31.63 -36.58 16.97
C TYR E 67 32.86 -35.84 16.46
N TYR E 68 33.80 -35.53 17.37
CA TYR E 68 34.92 -34.67 17.04
C TYR E 68 36.17 -35.10 17.80
N THR E 69 37.34 -34.75 17.23
CA THR E 69 38.63 -34.99 17.85
C THR E 69 39.60 -33.88 17.46
N GLU E 70 40.59 -33.65 18.34
CA GLU E 70 41.72 -32.78 18.07
C GLU E 70 42.60 -33.47 17.02
N PHE E 71 42.95 -32.73 15.96
CA PHE E 71 43.79 -33.27 14.90
C PHE E 71 44.51 -32.14 14.16
N THR E 72 45.71 -32.45 13.67
CA THR E 72 46.43 -31.58 12.75
C THR E 72 46.69 -32.37 11.47
N PRO E 73 46.31 -31.85 10.28
CA PRO E 73 46.46 -32.59 9.03
C PRO E 73 47.84 -32.49 8.38
N THR E 74 48.23 -33.57 7.67
CA THR E 74 49.40 -33.59 6.82
C THR E 74 48.96 -33.86 5.38
N GLU E 75 49.83 -33.52 4.42
CA GLU E 75 49.59 -33.79 3.02
C GLU E 75 50.06 -35.22 2.70
N LYS E 76 49.72 -36.16 3.59
CA LYS E 76 50.11 -37.54 3.47
C LYS E 76 49.01 -38.44 4.06
N ASP E 77 48.70 -38.22 5.34
CA ASP E 77 47.69 -39.00 6.05
C ASP E 77 46.30 -38.63 5.56
N GLU E 78 45.35 -39.55 5.74
CA GLU E 78 43.96 -39.35 5.35
C GLU E 78 43.05 -39.69 6.53
N TYR E 79 42.03 -38.85 6.73
CA TYR E 79 41.05 -39.06 7.78
C TYR E 79 39.67 -39.22 7.15
N ALA E 80 38.85 -40.06 7.78
CA ALA E 80 37.53 -40.40 7.25
C ALA E 80 36.59 -40.77 8.40
N CYS E 81 35.33 -41.03 8.05
CA CYS E 81 34.28 -41.27 9.04
C CYS E 81 33.42 -42.47 8.63
N ARG E 82 33.05 -43.27 9.63
CA ARG E 82 32.18 -44.43 9.44
C ARG E 82 30.88 -44.20 10.23
N VAL E 83 29.75 -44.42 9.56
CA VAL E 83 28.43 -44.27 10.16
C VAL E 83 27.56 -45.46 9.74
N ASN E 84 26.97 -46.13 10.74
CA ASN E 84 26.07 -47.24 10.48
C ASN E 84 24.75 -47.02 11.24
N HIS E 85 23.67 -46.90 10.46
CA HIS E 85 22.32 -46.69 10.97
C HIS E 85 21.52 -47.97 10.74
N VAL E 86 20.22 -47.88 11.02
CA VAL E 86 19.30 -49.00 10.83
C VAL E 86 18.71 -48.91 9.42
N THR E 87 19.11 -47.86 8.68
CA THR E 87 18.59 -47.63 7.34
C THR E 87 19.63 -48.09 6.31
N LEU E 88 20.90 -47.78 6.59
CA LEU E 88 22.00 -48.06 5.68
C LEU E 88 22.27 -49.57 5.65
N SER E 89 22.09 -50.16 4.47
CA SER E 89 22.29 -51.58 4.24
C SER E 89 23.71 -51.96 4.66
N GLN E 90 24.68 -51.14 4.24
CA GLN E 90 26.06 -51.23 4.66
C GLN E 90 26.44 -49.92 5.34
N PRO E 91 27.60 -49.81 6.03
CA PRO E 91 28.12 -48.53 6.53
C PRO E 91 28.14 -47.38 5.53
N LYS E 92 29.02 -46.38 5.78
CA LYS E 92 29.03 -45.17 4.96
C LYS E 92 30.44 -44.59 4.86
N ILE E 93 30.87 -44.38 3.60
CA ILE E 93 32.14 -43.76 3.26
C ILE E 93 31.98 -42.25 3.34
N VAL E 94 32.94 -41.59 4.00
CA VAL E 94 33.09 -40.13 3.93
C VAL E 94 34.50 -39.74 4.34
N LYS E 95 35.34 -39.49 3.33
CA LYS E 95 36.70 -39.01 3.51
C LYS E 95 36.67 -37.50 3.65
N TRP E 96 37.59 -36.96 4.46
CA TRP E 96 37.76 -35.53 4.59
C TRP E 96 38.32 -34.97 3.29
N ASP E 97 37.68 -33.93 2.76
CA ASP E 97 38.20 -33.23 1.59
C ASP E 97 38.77 -31.88 2.02
N ARG E 98 40.02 -31.66 1.65
CA ARG E 98 40.84 -30.55 2.15
C ARG E 98 40.16 -29.22 1.88
N ASP E 99 39.42 -29.14 0.76
CA ASP E 99 38.76 -27.91 0.36
C ASP E 99 37.25 -28.08 0.42
N MET E 100 36.79 -29.15 1.07
CA MET E 100 35.38 -29.43 1.25
C MET E 100 35.13 -29.84 2.71
N VAL F 3 6.12 31.67 -49.99
CA VAL F 3 5.72 30.23 -49.93
C VAL F 3 5.86 29.64 -51.34
N GLU F 4 6.96 28.89 -51.54
CA GLU F 4 7.41 28.51 -52.88
C GLU F 4 7.08 27.05 -53.18
N GLN F 5 7.23 26.68 -54.46
CA GLN F 5 6.76 25.40 -54.97
C GLN F 5 7.36 25.17 -56.35
N ASN F 6 7.76 23.92 -56.63
CA ASN F 6 8.39 23.54 -57.89
C ASN F 6 7.44 23.85 -59.05
N SER F 7 8.03 24.16 -60.21
CA SER F 7 7.30 24.55 -61.39
C SER F 7 6.78 23.33 -62.16
N GLY F 8 7.63 22.30 -62.28
CA GLY F 8 7.34 21.15 -63.11
C GLY F 8 7.49 21.50 -64.60
N PRO F 9 6.47 21.26 -65.44
CA PRO F 9 5.31 20.42 -65.10
C PRO F 9 5.67 18.93 -65.11
N LEU F 10 4.90 18.13 -64.38
CA LEU F 10 5.16 16.70 -64.23
C LEU F 10 4.32 15.89 -65.19
N SER F 11 4.98 14.93 -65.86
CA SER F 11 4.35 13.98 -66.76
C SER F 11 4.68 12.57 -66.26
N VAL F 12 3.82 12.03 -65.39
CA VAL F 12 4.02 10.69 -64.85
C VAL F 12 3.05 9.74 -65.54
N PRO F 13 3.55 8.78 -66.35
CA PRO F 13 2.70 7.74 -66.95
C PRO F 13 1.88 7.00 -65.90
N GLU F 14 0.69 6.53 -66.32
CA GLU F 14 -0.33 6.00 -65.44
C GLU F 14 0.21 4.82 -64.63
N GLY F 15 -0.43 4.57 -63.49
CA GLY F 15 -0.08 3.47 -62.60
C GLY F 15 0.94 3.89 -61.55
N ALA F 16 1.85 4.79 -61.96
CA ALA F 16 2.97 5.21 -61.14
C ALA F 16 2.49 6.06 -59.97
N ILE F 17 3.38 6.27 -59.00
CA ILE F 17 3.11 7.13 -57.86
C ILE F 17 3.58 8.54 -58.22
N ALA F 18 2.63 9.48 -58.26
CA ALA F 18 2.90 10.86 -58.63
C ALA F 18 2.99 11.73 -57.37
N SER F 19 4.04 12.55 -57.32
CA SER F 19 4.36 13.31 -56.13
C SER F 19 4.30 14.81 -56.41
N LEU F 20 3.92 15.57 -55.39
CA LEU F 20 3.92 17.03 -55.39
C LEU F 20 4.70 17.51 -54.17
N ASN F 21 5.27 18.72 -54.26
CA ASN F 21 6.04 19.29 -53.16
C ASN F 21 5.66 20.75 -52.97
N CYS F 22 6.17 21.34 -51.89
CA CYS F 22 5.86 22.71 -51.49
C CYS F 22 6.62 23.09 -50.23
N THR F 23 7.40 24.17 -50.32
CA THR F 23 8.11 24.73 -49.17
C THR F 23 7.58 26.13 -48.87
N TYR F 24 7.34 26.39 -47.56
CA TYR F 24 6.74 27.64 -47.13
C TYR F 24 7.77 28.47 -46.35
N SER F 25 7.48 29.77 -46.23
CA SER F 25 8.41 30.74 -45.68
C SER F 25 8.43 30.66 -44.15
N ASP F 26 7.30 31.03 -43.52
CA ASP F 26 7.24 31.40 -42.11
C ASP F 26 6.95 30.17 -41.24
N ARG F 27 7.60 30.14 -40.06
CA ARG F 27 7.79 28.96 -39.23
C ARG F 27 6.49 28.54 -38.54
N GLY F 28 5.58 29.50 -38.33
CA GLY F 28 4.46 29.31 -37.42
C GLY F 28 3.22 28.71 -38.09
N SER F 29 3.35 28.34 -39.37
CA SER F 29 2.24 27.84 -40.17
C SER F 29 1.80 26.46 -39.69
N GLN F 30 0.49 26.29 -39.51
CA GLN F 30 -0.06 25.08 -38.90
C GLN F 30 -1.09 24.42 -39.81
N SER F 31 -1.78 25.23 -40.62
CA SER F 31 -2.90 24.76 -41.44
C SER F 31 -2.50 24.73 -42.91
N PHE F 32 -2.56 23.54 -43.51
CA PHE F 32 -2.04 23.31 -44.85
C PHE F 32 -3.10 22.67 -45.75
N PHE F 33 -3.16 23.18 -46.98
CA PHE F 33 -4.22 22.86 -47.93
C PHE F 33 -3.60 22.36 -49.23
N TRP F 34 -4.34 21.48 -49.93
CA TRP F 34 -4.03 21.05 -51.29
C TRP F 34 -5.28 21.21 -52.16
N TYR F 35 -5.16 22.05 -53.18
CA TYR F 35 -6.27 22.34 -54.08
C TYR F 35 -5.93 21.88 -55.49
N ARG F 36 -6.88 21.16 -56.10
CA ARG F 36 -6.73 20.66 -57.46
C ARG F 36 -7.62 21.47 -58.40
N GLN F 37 -6.98 22.16 -59.37
CA GLN F 37 -7.71 22.89 -60.38
C GLN F 37 -7.65 22.13 -61.70
N TYR F 38 -8.82 21.90 -62.30
CA TYR F 38 -8.90 21.18 -63.56
C TYR F 38 -8.54 22.10 -64.72
N SER F 39 -8.70 21.57 -65.95
CA SER F 39 -8.38 22.31 -67.17
C SER F 39 -9.30 23.52 -67.30
N GLY F 40 -8.88 24.64 -66.71
CA GLY F 40 -9.61 25.91 -66.80
C GLY F 40 -10.96 25.87 -66.10
N LYS F 41 -11.22 24.80 -65.35
CA LYS F 41 -12.43 24.68 -64.55
C LYS F 41 -12.22 25.41 -63.22
N SER F 42 -13.10 25.12 -62.26
CA SER F 42 -13.05 25.75 -60.94
C SER F 42 -12.12 24.97 -60.02
N PRO F 43 -11.20 25.66 -59.29
CA PRO F 43 -10.31 24.98 -58.35
C PRO F 43 -11.06 24.61 -57.07
N GLU F 44 -10.75 23.42 -56.54
CA GLU F 44 -11.45 22.87 -55.40
C GLU F 44 -10.44 22.24 -54.45
N LEU F 45 -10.86 22.03 -53.20
CA LEU F 45 -10.02 21.39 -52.19
C LEU F 45 -10.07 19.88 -52.39
N ILE F 46 -8.93 19.23 -52.14
CA ILE F 46 -8.88 17.78 -52.03
C ILE F 46 -8.43 17.41 -50.61
N MET F 47 -7.30 17.97 -50.16
CA MET F 47 -6.70 17.56 -48.90
C MET F 47 -6.26 18.75 -48.07
N PHE F 48 -6.21 18.54 -46.76
CA PHE F 48 -5.80 19.50 -45.76
C PHE F 48 -5.15 18.75 -44.59
N ILE F 49 -4.11 19.34 -44.00
CA ILE F 49 -3.43 18.69 -42.89
C ILE F 49 -3.14 19.72 -41.81
N TYR F 50 -3.27 19.29 -40.55
CA TYR F 50 -3.27 20.21 -39.42
C TYR F 50 -2.12 19.91 -38.45
N SER F 51 -1.36 18.83 -38.73
CA SER F 51 -0.22 18.44 -37.93
C SER F 51 0.72 17.54 -38.74
N ASN F 52 1.94 17.33 -38.22
CA ASN F 52 2.97 16.56 -38.90
C ASN F 52 2.51 15.13 -39.14
N GLY F 53 2.88 14.58 -40.30
CA GLY F 53 2.82 13.13 -40.51
C GLY F 53 1.98 12.71 -41.71
N ASP F 54 1.89 11.39 -41.89
CA ASP F 54 1.06 10.78 -42.91
C ASP F 54 -0.39 11.15 -42.64
N LYS F 55 -1.11 11.60 -43.67
CA LYS F 55 -2.56 11.68 -43.66
C LYS F 55 -3.10 11.09 -44.96
N GLU F 56 -3.52 9.82 -44.90
CA GLU F 56 -3.98 9.12 -46.08
C GLU F 56 -5.47 9.40 -46.31
N ASP F 57 -5.88 9.29 -47.58
CA ASP F 57 -7.28 9.19 -47.97
C ASP F 57 -7.35 8.20 -49.13
N GLY F 58 -6.96 6.96 -48.84
CA GLY F 58 -6.82 5.92 -49.86
C GLY F 58 -5.69 6.25 -50.82
N ARG F 59 -6.04 6.94 -51.91
CA ARG F 59 -5.09 7.24 -52.98
C ARG F 59 -4.22 8.42 -52.58
N PHE F 60 -4.87 9.53 -52.20
CA PHE F 60 -4.20 10.75 -51.83
C PHE F 60 -3.59 10.59 -50.43
N THR F 61 -2.28 10.87 -50.33
CA THR F 61 -1.56 10.76 -49.08
C THR F 61 -0.83 12.07 -48.80
N ALA F 62 -1.55 13.01 -48.17
CA ALA F 62 -0.97 14.27 -47.73
C ALA F 62 0.04 13.99 -46.61
N GLN F 63 1.04 14.87 -46.50
CA GLN F 63 2.16 14.66 -45.61
C GLN F 63 2.69 16.02 -45.17
N LEU F 64 3.01 16.16 -43.88
CA LEU F 64 3.51 17.42 -43.36
C LEU F 64 4.75 17.18 -42.50
N ASN F 65 5.72 18.10 -42.63
CA ASN F 65 6.95 18.05 -41.86
C ASN F 65 7.39 19.47 -41.53
N LYS F 66 7.08 19.90 -40.30
CA LYS F 66 7.32 21.26 -39.85
C LYS F 66 8.81 21.45 -39.54
N ALA F 67 9.56 20.34 -39.56
CA ALA F 67 10.99 20.35 -39.29
C ALA F 67 11.73 20.98 -40.47
N SER F 68 11.62 20.35 -41.65
CA SER F 68 12.29 20.84 -42.84
C SER F 68 11.41 21.87 -43.55
N GLN F 69 10.21 22.09 -43.00
CA GLN F 69 9.30 23.16 -43.37
C GLN F 69 8.80 22.99 -44.81
N TYR F 70 8.13 21.85 -45.04
CA TYR F 70 7.58 21.52 -46.34
C TYR F 70 6.36 20.61 -46.18
N VAL F 71 5.60 20.45 -47.27
CA VAL F 71 4.39 19.66 -47.29
C VAL F 71 4.25 18.99 -48.66
N SER F 72 4.09 17.66 -48.65
CA SER F 72 4.05 16.85 -49.85
C SER F 72 2.64 16.33 -50.12
N LEU F 73 2.33 16.13 -51.41
CA LEU F 73 1.14 15.38 -51.82
C LEU F 73 1.58 14.17 -52.64
N LEU F 74 1.34 12.98 -52.07
CA LEU F 74 1.60 11.70 -52.72
C LEU F 74 0.31 11.10 -53.25
N ILE F 75 0.28 10.85 -54.56
CA ILE F 75 -0.84 10.20 -55.22
C ILE F 75 -0.43 8.77 -55.57
N ARG F 76 -0.76 7.84 -54.67
CA ARG F 76 -0.38 6.43 -54.81
C ARG F 76 -1.27 5.80 -55.88
N ASP F 77 -0.64 5.41 -57.00
CA ASP F 77 -1.32 4.82 -58.14
C ASP F 77 -2.09 5.92 -58.88
N SER F 78 -1.49 6.44 -59.95
CA SER F 78 -2.02 7.57 -60.69
C SER F 78 -3.03 7.10 -61.73
N GLN F 79 -4.05 7.93 -61.97
CA GLN F 79 -5.17 7.60 -62.84
C GLN F 79 -5.36 8.70 -63.88
N PRO F 80 -5.85 8.37 -65.11
CA PRO F 80 -5.75 9.28 -66.26
C PRO F 80 -6.87 10.33 -66.25
N SER F 81 -7.58 10.35 -65.12
CA SER F 81 -8.58 11.34 -64.74
C SER F 81 -7.93 12.44 -63.92
N ASP F 82 -6.81 12.11 -63.27
CA ASP F 82 -6.09 13.03 -62.41
C ASP F 82 -5.21 13.95 -63.25
N SER F 83 -5.63 14.18 -64.49
CA SER F 83 -5.09 15.25 -65.33
C SER F 83 -5.63 16.58 -64.83
N ALA F 84 -4.84 17.25 -63.99
CA ALA F 84 -5.23 18.52 -63.38
C ALA F 84 -4.00 19.26 -62.86
N THR F 85 -4.20 20.54 -62.50
CA THR F 85 -3.18 21.40 -61.91
C THR F 85 -3.36 21.44 -60.39
N TYR F 86 -2.26 21.22 -59.67
CA TYR F 86 -2.28 21.11 -58.21
C TYR F 86 -1.68 22.37 -57.60
N LEU F 87 -2.31 22.84 -56.51
CA LEU F 87 -1.87 24.04 -55.82
C LEU F 87 -1.72 23.75 -54.33
N CYS F 88 -0.59 24.22 -53.78
CA CYS F 88 -0.29 24.13 -52.36
C CYS F 88 -0.65 25.46 -51.70
N ALA F 89 -1.25 25.38 -50.51
CA ALA F 89 -1.82 26.55 -49.85
C ALA F 89 -1.49 26.57 -48.35
N VAL F 90 -1.16 27.77 -47.85
CA VAL F 90 -0.82 27.99 -46.45
C VAL F 90 -1.59 29.22 -45.95
N ARG F 91 -2.26 29.10 -44.80
CA ARG F 91 -3.13 30.16 -44.31
C ARG F 91 -2.29 31.24 -43.62
N GLU F 92 -2.36 32.47 -44.16
CA GLU F 92 -1.47 33.55 -43.79
C GLU F 92 -1.93 34.18 -42.48
N GLY F 93 -1.02 34.16 -41.48
CA GLY F 93 -1.23 34.72 -40.17
C GLY F 93 -2.69 34.64 -39.73
N ALA F 94 -3.39 35.77 -39.86
CA ALA F 94 -4.76 35.97 -39.43
C ALA F 94 -5.64 34.83 -39.93
N GLN F 95 -6.27 35.08 -41.08
CA GLN F 95 -7.00 34.07 -41.81
C GLN F 95 -7.11 34.54 -43.25
N LYS F 96 -6.15 34.13 -44.08
CA LYS F 96 -6.11 34.55 -45.47
C LYS F 96 -6.14 33.32 -46.38
N LEU F 97 -4.96 32.73 -46.61
CA LEU F 97 -4.77 31.59 -47.52
C LEU F 97 -3.87 32.03 -48.67
N VAL F 98 -2.71 31.38 -48.79
CA VAL F 98 -1.64 31.78 -49.69
C VAL F 98 -1.20 30.60 -50.54
N PHE F 99 -1.49 30.68 -51.85
CA PHE F 99 -1.26 29.59 -52.78
C PHE F 99 0.16 29.64 -53.32
N GLY F 100 0.69 28.47 -53.64
CA GLY F 100 1.96 28.33 -54.35
C GLY F 100 1.79 28.58 -55.84
N GLN F 101 2.85 28.29 -56.62
CA GLN F 101 2.83 28.59 -58.04
C GLN F 101 1.69 27.81 -58.69
N GLY F 102 1.80 26.48 -58.68
CA GLY F 102 0.81 25.62 -59.28
C GLY F 102 1.43 24.65 -60.28
N THR F 103 1.82 23.47 -59.79
CA THR F 103 2.41 22.42 -60.61
C THR F 103 1.27 21.69 -61.34
N ARG F 104 1.39 21.61 -62.66
CA ARG F 104 0.42 20.96 -63.53
C ARG F 104 0.86 19.51 -63.75
N LEU F 105 -0.10 18.58 -63.70
CA LEU F 105 0.22 17.15 -63.65
C LEU F 105 -0.54 16.40 -64.74
N THR F 106 0.19 15.54 -65.46
CA THR F 106 -0.34 14.73 -66.55
C THR F 106 -0.11 13.23 -66.26
N ILE F 107 -1.22 12.49 -66.24
CA ILE F 107 -1.21 11.04 -66.10
C ILE F 107 -1.50 10.43 -67.47
N ASN F 108 -0.42 10.15 -68.23
CA ASN F 108 -0.52 9.54 -69.54
C ASN F 108 -1.05 8.12 -69.40
N PRO F 109 -2.21 7.78 -70.02
CA PRO F 109 -2.86 6.50 -69.80
C PRO F 109 -2.09 5.35 -70.46
N ASN F 110 -2.45 4.12 -70.10
CA ASN F 110 -1.75 2.92 -70.55
C ASN F 110 -2.51 2.28 -71.72
N ILE F 111 -2.08 2.62 -72.95
CA ILE F 111 -2.69 2.09 -74.16
C ILE F 111 -2.39 0.60 -74.24
N GLN F 112 -3.46 -0.21 -74.29
CA GLN F 112 -3.37 -1.66 -74.18
C GLN F 112 -3.07 -2.31 -75.54
N ASN F 113 -3.37 -1.58 -76.61
CA ASN F 113 -3.15 -2.06 -77.97
C ASN F 113 -2.71 -0.91 -78.87
N PRO F 114 -1.41 -0.51 -78.86
CA PRO F 114 -0.90 0.53 -79.76
C PRO F 114 -1.20 0.22 -81.22
N ASP F 115 -2.19 0.94 -81.76
CA ASP F 115 -2.71 0.71 -83.10
C ASP F 115 -2.57 2.00 -83.91
N PRO F 116 -1.33 2.47 -84.21
CA PRO F 116 -1.14 3.75 -84.88
C PRO F 116 -1.67 3.71 -86.32
N ALA F 117 -2.63 4.58 -86.62
CA ALA F 117 -3.31 4.60 -87.90
C ALA F 117 -3.87 5.98 -88.21
N VAL F 118 -3.47 6.53 -89.36
CA VAL F 118 -3.98 7.81 -89.84
C VAL F 118 -5.26 7.53 -90.62
N TYR F 119 -6.16 8.52 -90.66
CA TYR F 119 -7.35 8.48 -91.50
C TYR F 119 -7.65 9.89 -92.00
N GLN F 120 -8.57 9.99 -92.97
CA GLN F 120 -9.01 11.27 -93.49
C GLN F 120 -10.50 11.44 -93.19
N LEU F 121 -10.82 12.44 -92.37
CA LEU F 121 -12.21 12.82 -92.15
C LEU F 121 -12.60 13.85 -93.21
N ARG F 122 -13.49 13.44 -94.11
CA ARG F 122 -13.88 14.24 -95.27
C ARG F 122 -14.77 15.39 -94.82
N ASP F 123 -14.60 16.54 -95.50
CA ASP F 123 -15.37 17.74 -95.22
C ASP F 123 -16.85 17.45 -95.49
N SER F 124 -17.72 17.88 -94.56
CA SER F 124 -19.15 17.84 -94.80
C SER F 124 -19.54 19.05 -95.66
N LYS F 125 -18.65 19.39 -96.58
CA LYS F 125 -18.66 20.61 -97.39
C LYS F 125 -19.11 21.80 -96.55
N SER F 126 -18.49 21.95 -95.38
CA SER F 126 -18.81 23.02 -94.44
C SER F 126 -17.64 24.01 -94.36
N SER F 127 -16.41 23.49 -94.41
CA SER F 127 -15.21 24.31 -94.28
C SER F 127 -14.31 24.12 -95.50
N ASP F 128 -13.30 24.99 -95.62
CA ASP F 128 -12.32 24.94 -96.69
C ASP F 128 -11.11 24.12 -96.23
N LYS F 129 -11.35 23.21 -95.28
CA LYS F 129 -10.30 22.49 -94.58
C LYS F 129 -10.60 20.98 -94.64
N SER F 130 -9.56 20.19 -94.93
CA SER F 130 -9.65 18.74 -94.90
C SER F 130 -8.82 18.20 -93.74
N VAL F 131 -9.47 17.43 -92.87
CA VAL F 131 -8.89 16.99 -91.61
C VAL F 131 -8.44 15.53 -91.72
N CYS F 132 -7.22 15.27 -91.24
CA CYS F 132 -6.67 13.93 -91.15
C CYS F 132 -6.29 13.65 -89.69
N LEU F 133 -6.82 12.55 -89.15
CA LEU F 133 -6.74 12.24 -87.72
C LEU F 133 -5.84 11.03 -87.49
N PHE F 134 -5.00 11.12 -86.45
CA PHE F 134 -4.15 10.03 -86.00
C PHE F 134 -4.77 9.41 -84.75
N THR F 135 -4.31 8.21 -84.36
CA THR F 135 -4.90 7.52 -83.23
C THR F 135 -3.93 6.49 -82.62
N ASP F 136 -4.09 6.26 -81.31
CA ASP F 136 -3.72 5.05 -80.60
C ASP F 136 -2.21 4.95 -80.32
N PHE F 137 -1.47 6.05 -80.53
CA PHE F 137 -0.06 6.09 -80.17
C PHE F 137 0.06 6.12 -78.64
N ASP F 138 0.96 5.29 -78.10
CA ASP F 138 1.05 5.07 -76.67
C ASP F 138 1.92 6.15 -76.02
N SER F 139 2.13 6.01 -74.71
CA SER F 139 2.82 6.99 -73.88
C SER F 139 4.34 6.89 -74.10
N GLN F 140 4.75 6.83 -75.36
CA GLN F 140 6.15 6.84 -75.74
C GLN F 140 6.34 7.86 -76.87
N THR F 141 5.22 8.37 -77.38
CA THR F 141 5.20 9.31 -78.48
C THR F 141 5.06 10.72 -77.95
N ASN F 142 5.71 11.67 -78.61
CA ASN F 142 5.51 13.09 -78.39
C ASN F 142 5.29 13.76 -79.75
N VAL F 143 4.01 14.01 -80.07
CA VAL F 143 3.63 14.65 -81.32
C VAL F 143 4.22 16.05 -81.34
N SER F 144 4.91 16.38 -82.43
CA SER F 144 5.60 17.66 -82.56
C SER F 144 4.70 18.67 -83.28
N GLN F 145 5.20 19.91 -83.43
CA GLN F 145 4.43 21.04 -83.90
C GLN F 145 4.14 20.92 -85.39
N SER F 146 3.60 21.99 -85.97
CA SER F 146 3.07 21.99 -87.33
C SER F 146 4.16 22.22 -88.36
N LYS F 147 3.82 21.97 -89.63
CA LYS F 147 4.72 22.16 -90.76
C LYS F 147 4.81 23.65 -91.10
N ASP F 148 4.20 24.03 -92.23
CA ASP F 148 4.20 25.41 -92.72
C ASP F 148 3.36 26.27 -91.78
N SER F 149 3.55 27.59 -91.86
CA SER F 149 2.76 28.55 -91.11
C SER F 149 1.32 28.56 -91.63
N ASP F 150 1.14 28.01 -92.83
CA ASP F 150 -0.15 27.92 -93.48
C ASP F 150 -0.72 26.50 -93.34
N VAL F 151 -0.20 25.77 -92.35
CA VAL F 151 -0.68 24.45 -91.97
C VAL F 151 -0.76 24.42 -90.44
N TYR F 152 -1.76 23.71 -89.89
CA TYR F 152 -1.94 23.62 -88.45
C TYR F 152 -2.07 22.17 -88.00
N ILE F 153 -1.27 21.80 -86.99
CA ILE F 153 -1.33 20.51 -86.33
C ILE F 153 -1.55 20.76 -84.84
N THR F 154 -2.38 19.91 -84.22
CA THR F 154 -2.74 20.09 -82.81
C THR F 154 -1.96 19.12 -81.93
N ASP F 155 -2.14 19.27 -80.61
CA ASP F 155 -1.49 18.46 -79.60
C ASP F 155 -2.31 17.18 -79.39
N LYS F 156 -1.72 16.23 -78.67
CA LYS F 156 -2.35 14.97 -78.33
C LYS F 156 -3.46 15.19 -77.31
N CYS F 157 -4.37 14.22 -77.23
CA CYS F 157 -5.54 14.29 -76.36
C CYS F 157 -6.11 12.89 -76.15
N VAL F 158 -6.54 12.61 -74.92
CA VAL F 158 -7.09 11.31 -74.58
C VAL F 158 -8.59 11.46 -74.32
N LEU F 159 -9.40 10.64 -75.02
CA LEU F 159 -10.83 10.59 -74.79
C LEU F 159 -11.18 9.35 -73.99
N ASP F 160 -11.90 9.56 -72.87
CA ASP F 160 -12.25 8.51 -71.93
C ASP F 160 -13.64 7.95 -72.28
N MET F 161 -13.65 6.85 -73.04
CA MET F 161 -14.88 6.12 -73.34
C MET F 161 -15.26 5.29 -72.12
N ARG F 162 -16.07 5.88 -71.23
CA ARG F 162 -16.39 5.29 -69.92
C ARG F 162 -17.63 4.40 -70.00
N SER F 163 -17.84 3.79 -71.18
CA SER F 163 -18.92 2.85 -71.43
C SER F 163 -18.36 1.63 -72.16
N MET F 164 -17.37 1.88 -73.02
CA MET F 164 -16.68 0.84 -73.77
C MET F 164 -15.46 0.39 -72.98
N ASP F 165 -14.75 1.37 -72.38
CA ASP F 165 -13.59 1.15 -71.54
C ASP F 165 -12.29 1.37 -72.32
N PHE F 166 -12.36 2.16 -73.39
CA PHE F 166 -11.16 2.41 -74.17
C PHE F 166 -10.71 3.86 -74.08
N LYS F 167 -9.42 4.03 -73.74
CA LYS F 167 -8.73 5.31 -73.77
C LYS F 167 -7.67 5.24 -74.87
N SER F 168 -7.64 6.29 -75.71
CA SER F 168 -6.73 6.34 -76.85
C SER F 168 -6.35 7.78 -77.15
N ASN F 169 -5.06 7.99 -77.47
CA ASN F 169 -4.56 9.30 -77.85
C ASN F 169 -4.99 9.61 -79.28
N SER F 170 -5.14 10.90 -79.58
CA SER F 170 -5.63 11.38 -80.86
C SER F 170 -5.14 12.80 -81.14
N ALA F 171 -4.67 13.02 -82.38
CA ALA F 171 -4.18 14.32 -82.82
C ALA F 171 -4.81 14.68 -84.16
N VAL F 172 -5.18 15.96 -84.29
CA VAL F 172 -5.83 16.48 -85.48
C VAL F 172 -4.81 17.29 -86.28
N ALA F 173 -4.82 17.11 -87.61
CA ALA F 173 -3.97 17.86 -88.51
C ALA F 173 -4.78 18.34 -89.71
N TRP F 174 -4.61 19.63 -90.04
CA TRP F 174 -5.29 20.21 -91.18
C TRP F 174 -4.41 21.27 -91.85
N SER F 175 -4.73 21.58 -93.11
CA SER F 175 -4.05 22.62 -93.86
C SER F 175 -5.06 23.33 -94.76
N ASN F 176 -4.81 24.63 -94.99
CA ASN F 176 -5.63 25.42 -95.90
C ASN F 176 -4.85 25.72 -97.18
N LYS F 177 -4.37 24.64 -97.82
CA LYS F 177 -3.73 24.70 -99.14
C LYS F 177 -3.72 23.30 -99.75
N SER F 178 -2.65 22.99 -100.50
CA SER F 178 -2.50 21.71 -101.18
C SER F 178 -1.18 21.04 -100.77
N ASP F 179 -0.38 21.76 -99.97
CA ASP F 179 0.95 21.33 -99.55
C ASP F 179 0.83 20.32 -98.42
N PHE F 180 -0.17 19.43 -98.53
CA PHE F 180 -0.56 18.54 -97.45
C PHE F 180 -1.53 17.48 -97.95
N ALA F 181 -1.26 16.23 -97.55
CA ALA F 181 -2.14 15.07 -97.75
C ALA F 181 -1.91 14.11 -96.59
N CYS F 182 -2.92 13.30 -96.26
CA CYS F 182 -2.96 12.56 -95.01
C CYS F 182 -1.91 11.45 -95.00
N ALA F 183 -0.64 11.84 -95.19
CA ALA F 183 0.51 10.94 -95.10
C ALA F 183 1.80 11.75 -95.13
N ASN F 184 1.72 13.02 -94.70
CA ASN F 184 2.87 13.91 -94.71
C ASN F 184 2.91 14.76 -93.44
N ALA F 185 1.73 15.04 -92.88
CA ALA F 185 1.58 15.95 -91.74
C ALA F 185 2.10 15.29 -90.47
N PHE F 186 1.96 13.96 -90.39
CA PHE F 186 2.35 13.20 -89.21
C PHE F 186 3.72 12.54 -89.41
N ASN F 187 4.15 12.44 -90.68
CA ASN F 187 5.47 11.92 -91.00
C ASN F 187 6.53 12.94 -90.63
N ASN F 188 6.07 14.12 -90.18
CA ASN F 188 6.92 15.16 -89.65
C ASN F 188 7.48 14.73 -88.29
N SER F 189 6.63 14.06 -87.49
CA SER F 189 6.97 13.71 -86.11
C SER F 189 7.39 12.26 -86.02
N ILE F 190 7.99 11.91 -84.86
CA ILE F 190 8.49 10.57 -84.58
C ILE F 190 7.31 9.64 -84.34
N ILE F 191 7.15 8.66 -85.23
CA ILE F 191 5.98 7.79 -85.29
C ILE F 191 6.43 6.33 -85.24
N PRO F 192 5.54 5.36 -84.90
CA PRO F 192 5.86 3.94 -84.99
C PRO F 192 6.11 3.50 -86.43
N GLU F 193 6.72 2.31 -86.58
CA GLU F 193 7.20 1.83 -87.86
C GLU F 193 6.03 1.52 -88.79
N ASP F 194 5.17 0.58 -88.38
CA ASP F 194 4.08 0.10 -89.23
C ASP F 194 2.78 0.82 -88.90
N THR F 195 2.75 2.13 -89.19
CA THR F 195 1.55 2.93 -89.09
C THR F 195 0.67 2.63 -90.30
N PHE F 196 -0.59 2.25 -90.04
CA PHE F 196 -1.52 1.85 -91.07
C PHE F 196 -2.08 3.10 -91.77
N PHE F 197 -1.54 3.37 -92.98
CA PHE F 197 -2.09 4.39 -93.87
C PHE F 197 -2.95 3.70 -94.91
N PRO F 198 -4.30 3.89 -94.90
CA PRO F 198 -5.17 3.28 -95.90
C PRO F 198 -4.99 3.91 -97.27
N SER F 199 -5.21 3.11 -98.32
CA SER F 199 -4.95 3.50 -99.70
C SER F 199 -5.58 4.86 -100.01
N PRO F 200 -4.75 5.90 -100.31
CA PRO F 200 -5.26 7.25 -100.58
C PRO F 200 -6.03 7.34 -101.90
N GLY G 3 -23.77 25.72 -54.08
CA GLY G 3 -22.75 26.16 -55.09
C GLY G 3 -22.67 27.69 -55.17
N VAL G 4 -21.46 28.18 -55.47
CA VAL G 4 -21.18 29.60 -55.63
C VAL G 4 -21.58 30.03 -57.03
N SER G 5 -22.38 31.11 -57.13
CA SER G 5 -22.85 31.61 -58.40
C SER G 5 -22.11 32.90 -58.76
N GLN G 6 -21.54 32.95 -59.96
CA GLN G 6 -20.78 34.12 -60.41
C GLN G 6 -21.41 34.72 -61.66
N SER G 7 -21.20 36.04 -61.79
CA SER G 7 -21.77 36.89 -62.82
C SER G 7 -20.86 38.10 -63.03
N PRO G 8 -20.48 38.45 -64.28
CA PRO G 8 -20.94 37.76 -65.48
C PRO G 8 -20.15 36.48 -65.70
N SER G 9 -20.51 35.74 -66.75
CA SER G 9 -19.74 34.58 -67.16
C SER G 9 -18.42 35.04 -67.79
N ASN G 10 -18.54 35.68 -68.96
CA ASN G 10 -17.40 36.25 -69.65
C ASN G 10 -17.82 37.56 -70.30
N LYS G 11 -16.97 38.58 -70.14
CA LYS G 11 -17.11 39.83 -70.88
C LYS G 11 -15.75 40.19 -71.48
N VAL G 12 -15.77 40.76 -72.69
CA VAL G 12 -14.58 41.31 -73.30
C VAL G 12 -14.89 42.73 -73.76
N THR G 13 -14.10 43.70 -73.30
CA THR G 13 -14.39 45.10 -73.58
C THR G 13 -13.14 45.81 -74.07
N GLU G 14 -13.34 47.00 -74.65
CA GLU G 14 -12.26 47.84 -75.13
C GLU G 14 -11.54 48.48 -73.93
N LYS G 15 -10.29 48.90 -74.16
CA LYS G 15 -9.43 49.47 -73.13
C LYS G 15 -10.08 50.73 -72.56
N GLY G 16 -10.27 50.73 -71.24
CA GLY G 16 -10.68 51.94 -70.51
C GLY G 16 -12.09 51.87 -69.96
N LYS G 17 -12.85 50.84 -70.34
CA LYS G 17 -14.26 50.75 -70.01
C LYS G 17 -14.45 50.37 -68.54
N ASP G 18 -15.71 50.11 -68.17
CA ASP G 18 -16.10 49.90 -66.78
C ASP G 18 -16.79 48.54 -66.65
N VAL G 19 -16.00 47.52 -66.31
CA VAL G 19 -16.50 46.18 -66.06
C VAL G 19 -16.61 45.95 -64.55
N GLU G 20 -17.81 45.58 -64.11
CA GLU G 20 -18.09 45.34 -62.70
C GLU G 20 -18.52 43.88 -62.54
N LEU G 21 -17.95 43.21 -61.53
CA LEU G 21 -18.16 41.78 -61.33
C LEU G 21 -18.96 41.53 -60.06
N ARG G 22 -19.95 40.64 -60.18
CA ARG G 22 -20.84 40.28 -59.09
C ARG G 22 -20.44 38.88 -58.62
N CYS G 23 -20.87 38.50 -57.41
CA CYS G 23 -20.56 37.19 -56.84
C CYS G 23 -21.55 36.85 -55.73
N ASP G 24 -22.43 35.87 -56.00
CA ASP G 24 -23.37 35.39 -55.00
C ASP G 24 -22.81 34.11 -54.37
N PRO G 25 -22.43 34.14 -53.07
CA PRO G 25 -21.77 33.01 -52.43
C PRO G 25 -22.76 31.91 -52.07
N ILE G 26 -22.24 30.83 -51.46
CA ILE G 26 -23.09 29.82 -50.85
C ILE G 26 -23.76 30.46 -49.64
N SER G 27 -25.07 30.23 -49.51
CA SER G 27 -25.89 30.93 -48.54
C SER G 27 -25.39 30.66 -47.12
N GLY G 28 -25.39 31.71 -46.29
CA GLY G 28 -25.03 31.61 -44.89
C GLY G 28 -23.52 31.48 -44.68
N HIS G 29 -22.75 32.11 -45.58
CA HIS G 29 -21.31 32.20 -45.43
C HIS G 29 -20.93 33.55 -44.82
N THR G 30 -19.76 33.61 -44.19
CA THR G 30 -19.23 34.85 -43.63
C THR G 30 -18.14 35.40 -44.54
N ALA G 31 -17.16 34.56 -44.85
CA ALA G 31 -15.97 34.95 -45.58
C ALA G 31 -16.25 35.00 -47.07
N LEU G 32 -15.53 35.88 -47.78
CA LEU G 32 -15.54 35.94 -49.23
C LEU G 32 -14.23 36.57 -49.72
N TYR G 33 -13.47 35.79 -50.52
CA TYR G 33 -12.14 36.16 -50.96
C TYR G 33 -12.12 36.30 -52.48
N TRP G 34 -11.45 37.35 -52.97
CA TRP G 34 -11.29 37.60 -54.40
C TRP G 34 -9.85 37.27 -54.81
N TYR G 35 -9.70 36.43 -55.85
CA TYR G 35 -8.40 36.09 -56.40
C TYR G 35 -8.38 36.44 -57.89
N ARG G 36 -7.24 36.17 -58.54
CA ARG G 36 -7.08 36.36 -59.97
C ARG G 36 -5.93 35.49 -60.45
N GLN G 37 -5.93 35.16 -61.74
CA GLN G 37 -5.18 34.00 -62.20
C GLN G 37 -4.14 34.39 -63.25
N SER G 38 -4.59 35.09 -64.30
CA SER G 38 -3.87 35.13 -65.56
C SER G 38 -3.58 33.69 -66.03
N LEU G 39 -4.62 33.06 -66.58
CA LEU G 39 -4.70 31.65 -66.93
C LEU G 39 -3.37 31.14 -67.48
N GLY G 40 -2.62 30.47 -66.60
CA GLY G 40 -1.24 30.07 -66.80
C GLY G 40 -0.43 30.22 -65.52
N GLN G 41 -0.45 31.44 -64.96
CA GLN G 41 0.38 31.81 -63.82
C GLN G 41 -0.18 31.25 -62.52
N GLY G 42 0.19 31.88 -61.39
CA GLY G 42 -0.11 31.40 -60.05
C GLY G 42 -1.53 31.70 -59.61
N LEU G 43 -1.67 32.44 -58.50
CA LEU G 43 -2.96 32.87 -57.98
C LEU G 43 -2.77 34.08 -57.07
N GLU G 44 -3.03 35.26 -57.63
CA GLU G 44 -2.83 36.53 -56.95
C GLU G 44 -4.10 36.85 -56.15
N PHE G 45 -3.97 36.86 -54.82
CA PHE G 45 -5.03 37.27 -53.92
C PHE G 45 -5.26 38.77 -54.05
N LEU G 46 -6.43 39.25 -53.61
CA LEU G 46 -6.79 40.64 -53.76
C LEU G 46 -7.35 41.22 -52.46
N ILE G 47 -8.42 40.61 -51.94
CA ILE G 47 -9.18 41.19 -50.83
C ILE G 47 -9.99 40.10 -50.14
N TYR G 48 -10.16 40.23 -48.81
CA TYR G 48 -10.96 39.28 -48.04
C TYR G 48 -11.95 39.99 -47.13
N PHE G 49 -13.22 39.57 -47.24
CA PHE G 49 -14.34 40.18 -46.55
C PHE G 49 -14.77 39.30 -45.38
N GLN G 50 -15.51 39.92 -44.45
CA GLN G 50 -16.14 39.21 -43.35
C GLN G 50 -17.41 39.99 -42.98
N GLY G 51 -18.45 39.82 -43.80
CA GLY G 51 -19.75 40.44 -43.55
C GLY G 51 -20.03 41.58 -44.52
N ASN G 52 -19.34 42.71 -44.32
CA ASN G 52 -19.46 43.90 -45.16
C ASN G 52 -18.17 44.70 -45.11
N SER G 53 -17.37 44.44 -44.08
CA SER G 53 -16.05 45.06 -43.95
C SER G 53 -14.98 44.09 -44.43
N ALA G 54 -13.94 44.66 -45.07
CA ALA G 54 -12.81 43.88 -45.54
C ALA G 54 -11.54 44.40 -44.88
N PRO G 55 -10.98 43.65 -43.90
CA PRO G 55 -9.85 44.14 -43.10
C PRO G 55 -8.51 44.15 -43.84
N ASP G 56 -8.38 43.28 -44.86
CA ASP G 56 -7.14 43.16 -45.60
C ASP G 56 -7.42 43.36 -47.09
N LYS G 57 -7.60 44.62 -47.47
CA LYS G 57 -7.79 45.03 -48.85
C LYS G 57 -6.43 45.14 -49.52
N SER G 58 -5.40 45.44 -48.71
CA SER G 58 -4.04 45.61 -49.17
C SER G 58 -3.62 44.41 -50.02
N GLY G 59 -3.39 44.68 -51.31
CA GLY G 59 -3.05 43.64 -52.27
C GLY G 59 -3.88 43.77 -53.55
N LEU G 60 -3.71 44.90 -54.25
CA LEU G 60 -4.38 45.18 -55.50
C LEU G 60 -3.38 45.81 -56.47
N PRO G 61 -3.55 45.63 -57.81
CA PRO G 61 -2.56 46.14 -58.77
C PRO G 61 -2.69 47.62 -59.08
N SER G 62 -3.79 48.24 -58.63
CA SER G 62 -4.11 49.61 -58.98
C SER G 62 -4.99 50.27 -57.92
N ASP G 63 -5.15 51.59 -58.07
CA ASP G 63 -6.06 52.39 -57.27
C ASP G 63 -7.45 52.34 -57.90
N ARG G 64 -7.51 51.76 -59.11
CA ARG G 64 -8.71 51.70 -59.93
C ARG G 64 -9.69 50.68 -59.36
N PHE G 65 -9.13 49.54 -58.92
CA PHE G 65 -9.88 48.40 -58.42
C PHE G 65 -10.60 48.74 -57.11
N SER G 66 -11.75 48.11 -56.89
CA SER G 66 -12.59 48.34 -55.72
C SER G 66 -13.46 47.11 -55.47
N ALA G 67 -13.83 46.89 -54.21
CA ALA G 67 -14.65 45.75 -53.82
C ALA G 67 -15.52 46.12 -52.63
N GLU G 68 -16.83 45.84 -52.75
CA GLU G 68 -17.80 46.26 -51.76
C GLU G 68 -18.89 45.20 -51.63
N ARG G 69 -18.59 44.14 -50.87
CA ARG G 69 -19.53 43.09 -50.50
C ARG G 69 -20.29 43.55 -49.26
N THR G 70 -21.05 44.64 -49.40
CA THR G 70 -21.77 45.25 -48.29
C THR G 70 -23.25 44.89 -48.37
N GLY G 71 -23.74 44.74 -49.60
CA GLY G 71 -25.15 44.48 -49.86
C GLY G 71 -25.54 43.03 -49.59
N GLY G 72 -25.78 42.72 -48.30
CA GLY G 72 -26.34 41.45 -47.88
C GLY G 72 -25.30 40.32 -47.89
N SER G 73 -24.84 39.96 -49.09
CA SER G 73 -23.95 38.82 -49.28
C SER G 73 -23.19 38.93 -50.60
N VAL G 74 -23.86 39.50 -51.61
CA VAL G 74 -23.29 39.65 -52.95
C VAL G 74 -22.09 40.59 -52.88
N SER G 75 -21.18 40.46 -53.86
CA SER G 75 -19.95 41.23 -53.88
C SER G 75 -19.87 42.10 -55.13
N THR G 76 -19.33 43.32 -54.94
CA THR G 76 -19.03 44.27 -55.99
C THR G 76 -17.55 44.13 -56.35
N LEU G 77 -17.25 44.12 -57.65
CA LEU G 77 -15.87 44.12 -58.10
C LEU G 77 -15.69 45.20 -59.17
N THR G 78 -15.49 46.44 -58.69
CA THR G 78 -15.45 47.61 -59.56
C THR G 78 -14.05 47.79 -60.13
N ILE G 79 -13.91 47.53 -61.43
CA ILE G 79 -12.69 47.83 -62.16
C ILE G 79 -12.98 49.00 -63.09
N GLN G 80 -12.11 50.00 -63.06
CA GLN G 80 -12.26 51.18 -63.89
C GLN G 80 -10.98 51.41 -64.70
N ARG G 81 -11.12 52.12 -65.81
CA ARG G 81 -10.05 52.39 -66.77
C ARG G 81 -9.23 51.12 -67.00
N THR G 82 -9.87 50.15 -67.67
CA THR G 82 -9.30 48.84 -67.91
C THR G 82 -8.10 48.94 -68.84
N GLN G 83 -7.11 48.05 -68.62
CA GLN G 83 -5.90 48.00 -69.42
C GLN G 83 -5.72 46.58 -69.95
N GLN G 84 -4.55 46.32 -70.56
CA GLN G 84 -4.25 45.04 -71.16
C GLN G 84 -3.81 44.05 -70.08
N GLU G 85 -3.55 44.57 -68.87
CA GLU G 85 -3.01 43.79 -67.77
C GLU G 85 -4.15 43.29 -66.86
N ASP G 86 -5.38 43.34 -67.38
CA ASP G 86 -6.55 42.92 -66.63
C ASP G 86 -7.11 41.63 -67.24
N SER G 87 -6.49 41.21 -68.35
CA SER G 87 -6.88 40.00 -69.06
C SER G 87 -6.58 38.78 -68.20
N ALA G 88 -7.48 38.49 -67.26
CA ALA G 88 -7.27 37.42 -66.29
C ALA G 88 -8.59 36.70 -66.00
N VAL G 89 -8.48 35.60 -65.24
CA VAL G 89 -9.64 34.91 -64.72
C VAL G 89 -9.82 35.33 -63.27
N TYR G 90 -10.77 36.26 -63.03
CA TYR G 90 -11.10 36.71 -61.70
C TYR G 90 -11.99 35.66 -61.02
N LEU G 91 -11.62 35.28 -59.80
CA LEU G 91 -12.32 34.21 -59.12
C LEU G 91 -12.77 34.66 -57.73
N CYS G 92 -13.81 33.98 -57.23
CA CYS G 92 -14.49 34.30 -55.99
C CYS G 92 -14.44 33.08 -55.08
N ALA G 93 -14.44 33.32 -53.76
CA ALA G 93 -14.38 32.24 -52.78
C ALA G 93 -15.13 32.64 -51.51
N SER G 94 -15.58 31.63 -50.75
CA SER G 94 -16.33 31.84 -49.52
C SER G 94 -16.03 30.75 -48.50
N SER G 95 -16.03 31.14 -47.22
CA SER G 95 -15.71 30.25 -46.11
C SER G 95 -16.81 30.34 -45.04
N LEU G 96 -17.42 29.18 -44.74
CA LEU G 96 -18.54 29.11 -43.81
C LEU G 96 -18.26 30.03 -42.63
N ASP G 97 -17.19 29.71 -41.88
CA ASP G 97 -16.72 30.56 -40.80
C ASP G 97 -15.63 31.48 -41.34
N LEU G 98 -14.42 30.93 -41.41
CA LEU G 98 -13.19 31.63 -41.74
C LEU G 98 -12.04 30.67 -41.48
N GLY G 99 -12.09 30.02 -40.31
CA GLY G 99 -11.16 28.97 -39.91
C GLY G 99 -11.66 27.60 -40.36
N ALA G 100 -12.55 27.62 -41.35
CA ALA G 100 -13.10 26.41 -41.96
C ALA G 100 -11.99 25.66 -42.70
N ASP G 101 -12.32 24.45 -43.16
CA ASP G 101 -11.37 23.63 -43.90
C ASP G 101 -11.42 24.02 -45.36
N GLU G 102 -12.64 24.07 -45.92
CA GLU G 102 -12.82 24.27 -47.35
C GLU G 102 -12.74 25.76 -47.67
N GLN G 103 -12.82 26.05 -48.97
CA GLN G 103 -12.99 27.38 -49.52
C GLN G 103 -13.57 27.24 -50.92
N PHE G 104 -14.88 27.50 -51.05
CA PHE G 104 -15.64 27.19 -52.26
C PHE G 104 -15.49 28.32 -53.28
N PHE G 105 -15.12 27.94 -54.51
CA PHE G 105 -14.90 28.87 -55.61
C PHE G 105 -16.10 28.86 -56.56
N GLY G 106 -16.10 29.82 -57.50
CA GLY G 106 -17.19 29.96 -58.44
C GLY G 106 -16.78 29.53 -59.86
N PRO G 107 -17.68 29.68 -60.86
CA PRO G 107 -17.33 29.41 -62.25
C PRO G 107 -16.30 30.38 -62.82
N GLY G 108 -15.97 31.41 -62.03
CA GLY G 108 -14.94 32.38 -62.34
C GLY G 108 -15.34 33.32 -63.47
N THR G 109 -14.80 34.55 -63.44
CA THR G 109 -15.04 35.49 -64.52
C THR G 109 -13.78 35.62 -65.36
N ARG G 110 -13.82 34.97 -66.53
CA ARG G 110 -12.81 35.07 -67.56
C ARG G 110 -13.06 36.37 -68.34
N LEU G 111 -12.13 37.33 -68.20
CA LEU G 111 -12.29 38.64 -68.80
C LEU G 111 -10.96 39.10 -69.39
N THR G 112 -10.96 39.27 -70.72
CA THR G 112 -9.81 39.82 -71.44
C THR G 112 -10.18 41.21 -71.94
N VAL G 113 -9.29 42.17 -71.71
CA VAL G 113 -9.44 43.51 -72.23
C VAL G 113 -8.35 43.76 -73.26
N LEU G 114 -8.76 44.26 -74.42
CA LEU G 114 -7.87 44.45 -75.56
C LEU G 114 -7.63 45.95 -75.74
N GLU G 115 -6.68 46.28 -76.63
CA GLU G 115 -6.35 47.66 -76.94
C GLU G 115 -7.46 48.23 -77.83
N ASP G 116 -7.83 47.47 -78.85
CA ASP G 116 -8.96 47.79 -79.70
C ASP G 116 -9.75 46.51 -80.00
N LEU G 117 -11.01 46.67 -80.40
CA LEU G 117 -11.87 45.55 -80.74
C LEU G 117 -11.85 45.35 -82.25
N LYS G 118 -10.66 45.48 -82.84
CA LYS G 118 -10.46 45.47 -84.28
C LYS G 118 -10.56 44.04 -84.80
N ASN G 119 -9.52 43.24 -84.52
CA ASN G 119 -9.40 41.90 -85.06
C ASN G 119 -10.17 40.91 -84.19
N VAL G 120 -11.33 41.36 -83.69
CA VAL G 120 -12.27 40.49 -83.00
C VAL G 120 -13.13 39.80 -84.05
N PHE G 121 -13.19 38.46 -83.99
CA PHE G 121 -13.88 37.66 -84.98
C PHE G 121 -14.52 36.44 -84.32
N PRO G 122 -15.75 36.06 -84.72
CA PRO G 122 -16.37 34.83 -84.24
C PRO G 122 -15.89 33.62 -85.05
N PRO G 123 -16.03 32.38 -84.53
CA PRO G 123 -15.52 31.20 -85.23
C PRO G 123 -16.52 30.55 -86.18
N GLU G 124 -15.99 30.01 -87.28
CA GLU G 124 -16.72 29.10 -88.14
C GLU G 124 -16.60 27.70 -87.55
N VAL G 125 -17.60 26.86 -87.83
CA VAL G 125 -17.61 25.51 -87.30
C VAL G 125 -17.70 24.51 -88.46
N ALA G 126 -16.95 23.42 -88.32
CA ALA G 126 -16.96 22.34 -89.29
C ALA G 126 -16.98 21.01 -88.55
N VAL G 127 -17.88 20.13 -89.00
CA VAL G 127 -17.89 18.75 -88.53
C VAL G 127 -17.62 17.85 -89.73
N PHE G 128 -16.78 16.84 -89.52
CA PHE G 128 -16.38 15.93 -90.57
C PHE G 128 -16.90 14.53 -90.25
N GLU G 129 -17.60 13.94 -91.23
CA GLU G 129 -18.05 12.56 -91.14
C GLU G 129 -16.83 11.66 -90.94
N PRO G 130 -16.87 10.72 -89.98
CA PRO G 130 -15.77 9.78 -89.75
C PRO G 130 -15.24 9.10 -91.01
N SER G 131 -13.94 8.79 -90.98
CA SER G 131 -13.27 8.08 -92.05
C SER G 131 -13.87 6.68 -92.22
N GLU G 132 -14.02 6.25 -93.48
CA GLU G 132 -14.56 4.93 -93.80
C GLU G 132 -13.59 3.86 -93.30
N ALA G 133 -12.29 4.15 -93.39
CA ALA G 133 -11.25 3.22 -93.01
C ALA G 133 -11.25 3.00 -91.50
N GLU G 134 -11.54 4.07 -90.74
CA GLU G 134 -11.51 4.04 -89.29
C GLU G 134 -12.65 3.15 -88.78
N ILE G 135 -13.76 3.13 -89.51
CA ILE G 135 -14.93 2.34 -89.16
C ILE G 135 -14.55 0.86 -89.14
N SER G 136 -13.87 0.42 -90.20
CA SER G 136 -13.62 -0.99 -90.45
C SER G 136 -12.42 -1.50 -89.65
N HIS G 137 -11.59 -0.57 -89.15
CA HIS G 137 -10.33 -0.94 -88.54
C HIS G 137 -10.49 -1.12 -87.03
N THR G 138 -10.92 -0.06 -86.34
CA THR G 138 -10.93 -0.04 -84.88
C THR G 138 -12.36 -0.12 -84.35
N GLN G 139 -13.33 -0.19 -85.26
CA GLN G 139 -14.75 -0.21 -84.92
C GLN G 139 -15.10 1.01 -84.07
N LYS G 140 -14.68 2.18 -84.55
CA LYS G 140 -14.80 3.43 -83.82
C LYS G 140 -15.19 4.55 -84.77
N ALA G 141 -16.43 5.03 -84.61
CA ALA G 141 -16.87 6.25 -85.27
C ALA G 141 -16.26 7.46 -84.55
N THR G 142 -15.18 8.00 -85.12
CA THR G 142 -14.38 9.02 -84.46
C THR G 142 -14.50 10.34 -85.23
N LEU G 143 -15.40 11.20 -84.74
CA LEU G 143 -15.68 12.49 -85.35
C LEU G 143 -14.61 13.51 -84.96
N VAL G 144 -14.78 14.73 -85.48
CA VAL G 144 -13.85 15.83 -85.29
C VAL G 144 -14.65 17.13 -85.30
N CYS G 145 -14.12 18.16 -84.63
CA CYS G 145 -14.68 19.50 -84.72
C CYS G 145 -13.59 20.52 -84.97
N LEU G 146 -13.98 21.66 -85.55
CA LEU G 146 -13.05 22.73 -85.89
C LEU G 146 -13.75 24.07 -85.77
N ALA G 147 -13.54 24.72 -84.62
CA ALA G 147 -13.76 26.14 -84.46
C ALA G 147 -12.50 26.86 -84.93
N THR G 148 -12.63 27.67 -85.99
CA THR G 148 -11.47 28.21 -86.66
C THR G 148 -11.68 29.70 -86.95
N GLY G 149 -10.64 30.50 -86.62
CA GLY G 149 -10.61 31.92 -86.88
C GLY G 149 -11.45 32.70 -85.87
N PHE G 150 -10.96 32.78 -84.62
CA PHE G 150 -11.63 33.52 -83.56
C PHE G 150 -10.61 34.26 -82.68
N TYR G 151 -11.06 35.39 -82.14
CA TYR G 151 -10.29 36.26 -81.26
C TYR G 151 -11.25 37.26 -80.62
N PRO G 152 -11.21 37.47 -79.28
CA PRO G 152 -10.22 36.86 -78.39
C PRO G 152 -10.54 35.44 -77.95
N ASP G 153 -9.60 34.84 -77.21
CA ASP G 153 -9.62 33.43 -76.89
C ASP G 153 -10.68 33.15 -75.82
N HIS G 154 -11.92 32.90 -76.27
CA HIS G 154 -13.03 32.52 -75.42
C HIS G 154 -13.92 31.54 -76.17
N VAL G 155 -13.83 30.25 -75.79
CA VAL G 155 -14.54 29.20 -76.50
C VAL G 155 -14.97 28.10 -75.55
N GLU G 156 -16.18 27.57 -75.79
CA GLU G 156 -16.70 26.39 -75.13
C GLU G 156 -17.34 25.50 -76.20
N LEU G 157 -16.67 24.37 -76.51
CA LEU G 157 -17.12 23.44 -77.53
C LEU G 157 -17.68 22.19 -76.86
N SER G 158 -18.90 21.80 -77.25
CA SER G 158 -19.56 20.63 -76.69
C SER G 158 -20.43 19.96 -77.75
N TRP G 159 -20.56 18.63 -77.65
CA TRP G 159 -21.23 17.82 -78.65
C TRP G 159 -22.63 17.44 -78.18
N TRP G 160 -23.57 17.38 -79.13
CA TRP G 160 -24.96 17.12 -78.83
C TRP G 160 -25.45 15.92 -79.64
N VAL G 161 -25.77 14.84 -78.92
CA VAL G 161 -26.37 13.66 -79.52
C VAL G 161 -27.87 13.70 -79.22
N ASN G 162 -28.66 13.90 -80.29
CA ASN G 162 -30.11 13.90 -80.24
C ASN G 162 -30.63 14.91 -79.22
N GLY G 163 -29.97 16.08 -79.16
CA GLY G 163 -30.37 17.16 -78.26
C GLY G 163 -29.96 16.90 -76.82
N LYS G 164 -28.95 16.02 -76.64
CA LYS G 164 -28.41 15.70 -75.33
C LYS G 164 -26.89 15.77 -75.40
N GLU G 165 -26.31 16.48 -74.43
CA GLU G 165 -24.87 16.73 -74.34
C GLU G 165 -24.17 15.47 -73.83
N VAL G 166 -23.02 15.14 -74.43
CA VAL G 166 -22.26 13.97 -74.01
C VAL G 166 -20.85 14.41 -73.57
N HIS G 167 -20.31 13.69 -72.59
CA HIS G 167 -19.02 13.99 -72.00
C HIS G 167 -18.12 12.76 -72.09
N SER G 168 -18.74 11.58 -72.03
CA SER G 168 -18.02 10.31 -72.11
C SER G 168 -17.89 9.88 -73.57
N GLY G 169 -16.74 10.20 -74.17
CA GLY G 169 -16.46 9.88 -75.56
C GLY G 169 -15.87 11.07 -76.33
N VAL G 170 -15.94 12.25 -75.70
CA VAL G 170 -15.52 13.50 -76.30
C VAL G 170 -14.20 13.93 -75.67
N CYS G 171 -13.32 14.54 -76.49
CA CYS G 171 -12.12 15.20 -75.99
C CYS G 171 -11.85 16.46 -76.82
N THR G 172 -11.29 17.48 -76.15
CA THR G 172 -11.04 18.78 -76.75
C THR G 172 -9.70 19.32 -76.29
N ASP G 173 -9.12 20.25 -77.09
CA ASP G 173 -7.82 20.84 -76.85
C ASP G 173 -7.80 21.58 -75.52
N PRO G 174 -6.87 21.25 -74.60
CA PRO G 174 -6.70 22.01 -73.37
C PRO G 174 -6.15 23.41 -73.66
N GLN G 175 -5.73 23.61 -74.92
CA GLN G 175 -5.18 24.87 -75.36
C GLN G 175 -5.42 25.04 -76.86
N PRO G 176 -6.23 26.04 -77.28
CA PRO G 176 -6.32 26.41 -78.70
C PRO G 176 -5.07 27.16 -79.15
N LEU G 177 -4.59 26.83 -80.36
CA LEU G 177 -3.39 27.45 -80.90
C LEU G 177 -3.77 28.44 -82.02
N LYS G 178 -2.80 29.28 -82.37
CA LYS G 178 -2.99 30.42 -83.26
C LYS G 178 -3.07 29.96 -84.71
N GLU G 179 -3.60 30.85 -85.56
CA GLU G 179 -3.65 30.66 -87.00
C GLU G 179 -2.51 31.42 -87.67
N GLN G 180 -2.06 32.50 -87.02
CA GLN G 180 -0.88 33.23 -87.44
C GLN G 180 0.11 33.26 -86.28
N PRO G 181 0.77 32.12 -85.96
CA PRO G 181 1.58 32.02 -84.75
C PRO G 181 2.93 32.73 -84.89
N ALA G 182 2.87 33.99 -85.35
CA ALA G 182 4.02 34.85 -85.50
C ALA G 182 3.64 36.28 -85.14
N LEU G 183 2.39 36.65 -85.48
CA LEU G 183 1.84 37.97 -85.22
C LEU G 183 0.95 37.91 -83.98
N ASN G 184 0.78 39.07 -83.33
CA ASN G 184 -0.21 39.23 -82.28
C ASN G 184 -1.57 39.54 -82.93
N ASP G 185 -2.62 39.57 -82.11
CA ASP G 185 -4.00 39.74 -82.55
C ASP G 185 -4.38 38.59 -83.50
N SER G 186 -3.49 37.58 -83.57
CA SER G 186 -3.68 36.42 -84.41
C SER G 186 -4.93 35.66 -83.96
N ARG G 187 -5.61 35.04 -84.93
CA ARG G 187 -6.83 34.27 -84.70
C ARG G 187 -6.45 32.91 -84.12
N TYR G 188 -7.41 32.27 -83.45
CA TYR G 188 -7.16 30.98 -82.83
C TYR G 188 -7.91 29.89 -83.58
N ALA G 189 -7.57 28.63 -83.26
CA ALA G 189 -8.17 27.47 -83.89
C ALA G 189 -8.35 26.35 -82.87
N LEU G 190 -9.61 26.02 -82.57
CA LEU G 190 -9.95 25.00 -81.61
C LEU G 190 -10.25 23.69 -82.33
N SER G 191 -9.84 22.56 -81.73
CA SER G 191 -10.00 21.24 -82.33
C SER G 191 -10.59 20.26 -81.31
N SER G 192 -11.42 19.33 -81.80
CA SER G 192 -12.17 18.43 -80.95
C SER G 192 -12.30 17.05 -81.60
N ARG G 193 -12.91 16.12 -80.85
CA ARG G 193 -13.11 14.73 -81.27
C ARG G 193 -14.24 14.12 -80.44
N LEU G 194 -15.14 13.40 -81.13
CA LEU G 194 -16.15 12.58 -80.46
C LEU G 194 -16.02 11.15 -80.98
N ARG G 195 -15.98 10.18 -80.07
CA ARG G 195 -15.70 8.79 -80.41
C ARG G 195 -16.81 7.90 -79.86
N VAL G 196 -17.41 7.10 -80.74
CA VAL G 196 -18.38 6.08 -80.37
C VAL G 196 -18.20 4.87 -81.30
N SER G 197 -18.93 3.79 -81.00
CA SER G 197 -18.91 2.59 -81.84
C SER G 197 -19.64 2.87 -83.15
N ALA G 198 -19.22 2.16 -84.21
CA ALA G 198 -19.73 2.39 -85.55
C ALA G 198 -21.14 1.82 -85.71
N THR G 199 -21.77 1.44 -84.60
CA THR G 199 -23.17 1.07 -84.59
C THR G 199 -24.02 2.35 -84.52
N PHE G 200 -23.51 3.31 -83.75
CA PHE G 200 -24.13 4.60 -83.49
C PHE G 200 -24.14 5.42 -84.78
N TRP G 201 -22.98 5.47 -85.43
CA TRP G 201 -22.75 6.30 -86.61
C TRP G 201 -23.41 5.68 -87.84
N GLN G 202 -23.27 4.36 -87.99
CA GLN G 202 -23.91 3.65 -89.09
C GLN G 202 -25.37 3.35 -88.71
N ASN G 203 -26.10 4.43 -88.44
CA ASN G 203 -27.53 4.41 -88.20
C ASN G 203 -28.10 5.75 -88.66
N PRO G 204 -28.92 5.78 -89.74
CA PRO G 204 -29.45 7.04 -90.27
C PRO G 204 -30.52 7.67 -89.37
N ARG G 205 -30.42 7.40 -88.07
CA ARG G 205 -31.41 7.80 -87.08
C ARG G 205 -30.77 8.69 -86.02
N ASN G 206 -29.43 8.75 -86.03
CA ASN G 206 -28.66 9.47 -85.02
C ASN G 206 -28.27 10.85 -85.54
N HIS G 207 -27.84 11.72 -84.62
CA HIS G 207 -27.64 13.13 -84.89
C HIS G 207 -26.52 13.67 -84.01
N PHE G 208 -25.60 14.41 -84.65
CA PHE G 208 -24.41 14.94 -83.98
C PHE G 208 -24.26 16.41 -84.36
N ARG G 209 -24.31 17.28 -83.34
CA ARG G 209 -24.15 18.72 -83.53
C ARG G 209 -22.94 19.20 -82.73
N CYS G 210 -22.18 20.13 -83.31
CA CYS G 210 -20.98 20.65 -82.66
C CYS G 210 -21.16 22.11 -82.29
N GLN G 211 -21.51 22.35 -81.02
CA GLN G 211 -21.89 23.66 -80.51
C GLN G 211 -20.64 24.35 -79.96
N VAL G 212 -20.32 25.51 -80.54
CA VAL G 212 -19.23 26.35 -80.07
C VAL G 212 -19.80 27.71 -79.68
N GLN G 213 -19.71 28.05 -78.39
CA GLN G 213 -20.08 29.36 -77.90
C GLN G 213 -18.86 30.26 -77.96
N PHE G 214 -19.06 31.45 -78.53
CA PHE G 214 -18.05 32.50 -78.54
C PHE G 214 -18.56 33.68 -77.74
N TYR G 215 -17.98 33.87 -76.54
CA TYR G 215 -18.26 35.03 -75.73
C TYR G 215 -17.40 36.18 -76.23
N GLY G 216 -18.05 37.18 -76.84
CA GLY G 216 -17.37 38.27 -77.52
C GLY G 216 -17.89 39.64 -77.10
N LEU G 217 -18.85 40.16 -77.87
CA LEU G 217 -19.35 41.51 -77.69
C LEU G 217 -20.85 41.49 -77.40
N SER G 218 -21.34 42.59 -76.80
CA SER G 218 -22.76 42.81 -76.58
C SER G 218 -23.24 43.93 -77.49
N GLU G 219 -24.56 44.10 -77.56
CA GLU G 219 -25.20 45.07 -78.46
C GLU G 219 -24.93 46.49 -77.95
N ASN G 220 -24.56 46.60 -76.67
CA ASN G 220 -24.33 47.87 -76.01
C ASN G 220 -22.97 48.45 -76.42
N ASP G 221 -22.45 47.98 -77.56
CA ASP G 221 -21.27 48.55 -78.19
C ASP G 221 -21.65 48.98 -79.61
N GLU G 222 -21.62 50.30 -79.85
CA GLU G 222 -22.03 50.88 -81.12
C GLU G 222 -20.98 50.58 -82.18
N TRP G 223 -20.97 49.32 -82.63
CA TRP G 223 -20.05 48.84 -83.66
C TRP G 223 -20.57 49.25 -85.04
N THR G 224 -19.71 49.89 -85.82
CA THR G 224 -19.95 50.20 -87.23
C THR G 224 -18.60 50.30 -87.93
N GLN G 225 -18.16 49.18 -88.54
CA GLN G 225 -16.87 49.12 -89.19
C GLN G 225 -17.06 48.64 -90.63
N ASP G 226 -16.67 47.38 -90.89
CA ASP G 226 -16.66 46.83 -92.23
C ASP G 226 -17.75 45.76 -92.37
N ARG G 227 -17.65 44.69 -91.57
CA ARG G 227 -18.60 43.59 -91.60
C ARG G 227 -19.76 43.91 -90.67
N ALA G 228 -20.55 42.86 -90.35
CA ALA G 228 -21.67 42.99 -89.43
C ALA G 228 -21.18 42.96 -87.99
N LYS G 229 -22.11 43.12 -87.04
CA LYS G 229 -21.82 43.20 -85.62
C LYS G 229 -21.40 41.82 -85.12
N PRO G 230 -20.14 41.66 -84.62
CA PRO G 230 -19.64 40.38 -84.12
C PRO G 230 -19.88 40.19 -82.62
N VAL G 231 -21.10 39.74 -82.27
CA VAL G 231 -21.56 39.71 -80.90
C VAL G 231 -21.19 38.39 -80.23
N THR G 232 -21.67 38.22 -78.99
CA THR G 232 -21.61 36.96 -78.27
C THR G 232 -22.70 36.04 -78.80
N GLN G 233 -22.30 34.87 -79.31
CA GLN G 233 -23.21 34.01 -80.05
C GLN G 233 -22.78 32.55 -79.92
N ILE G 234 -23.47 31.68 -80.67
CA ILE G 234 -23.18 30.26 -80.75
C ILE G 234 -23.23 29.83 -82.22
N VAL G 235 -22.33 28.91 -82.59
CA VAL G 235 -22.21 28.43 -83.96
C VAL G 235 -22.21 26.90 -83.91
N SER G 236 -22.97 26.27 -84.84
CA SER G 236 -23.17 24.83 -84.82
C SER G 236 -23.18 24.26 -86.24
N ALA G 237 -22.29 23.29 -86.47
CA ALA G 237 -22.35 22.46 -87.67
C ALA G 237 -22.99 21.13 -87.30
N GLU G 238 -23.92 20.67 -88.15
CA GLU G 238 -24.73 19.49 -87.88
C GLU G 238 -24.40 18.39 -88.87
N ALA G 239 -24.54 17.13 -88.42
CA ALA G 239 -24.37 15.96 -89.28
C ALA G 239 -25.16 14.79 -88.70
N TRP G 240 -25.98 14.16 -89.55
CA TRP G 240 -26.78 13.00 -89.19
C TRP G 240 -25.92 11.75 -89.20
N GLY G 241 -26.51 10.62 -88.79
CA GLY G 241 -25.89 9.32 -88.97
C GLY G 241 -26.02 8.85 -90.41
N ARG G 242 -24.92 8.34 -90.97
CA ARG G 242 -24.87 7.90 -92.37
C ARG G 242 -24.52 6.42 -92.43
N ALA G 243 -25.39 5.66 -93.10
CA ALA G 243 -25.17 4.24 -93.35
C ALA G 243 -24.13 4.07 -94.47
N ASP G 244 -24.26 4.92 -95.51
CA ASP G 244 -23.36 4.95 -96.65
C ASP G 244 -23.22 3.55 -97.26
N LEU H 1 2.74 31.27 -29.18
CA LEU H 1 2.20 31.36 -30.57
C LEU H 1 0.71 31.05 -30.56
N LEU H 2 -0.08 32.03 -31.02
CA LEU H 2 -1.52 31.93 -31.12
C LEU H 2 -1.91 30.82 -32.09
N LEU H 3 -3.18 30.44 -32.02
CA LEU H 3 -3.82 29.46 -32.88
C LEU H 3 -4.20 30.15 -34.19
N ASP H 4 -4.15 29.37 -35.29
CA ASP H 4 -4.38 29.89 -36.63
C ASP H 4 -5.86 29.82 -37.00
N ARG H 5 -6.59 28.88 -36.39
CA ARG H 5 -7.90 28.48 -36.90
C ARG H 5 -9.02 28.89 -35.95
N LEU H 6 -9.59 30.08 -36.21
CA LEU H 6 -10.64 30.66 -35.39
C LEU H 6 -11.98 30.03 -35.80
N ASN H 7 -12.68 29.46 -34.82
CA ASN H 7 -14.03 29.02 -35.10
C ASN H 7 -15.03 29.95 -34.42
N GLN H 8 -16.08 30.29 -35.17
CA GLN H 8 -17.15 31.16 -34.71
C GLN H 8 -18.32 30.31 -34.22
N LEU H 9 -19.07 30.86 -33.28
CA LEU H 9 -20.09 30.12 -32.55
C LEU H 9 -21.32 29.90 -33.44
N GLY I 2 10.18 21.07 -14.27
CA GLY I 2 8.90 20.51 -13.73
C GLY I 2 7.76 20.59 -14.76
N SER I 3 6.54 20.78 -14.26
CA SER I 3 5.36 20.93 -15.11
C SER I 3 5.14 22.41 -15.41
N HIS I 4 4.75 22.70 -16.66
CA HIS I 4 4.61 24.06 -17.14
C HIS I 4 3.36 24.21 -17.99
N SER I 5 2.98 25.46 -18.26
CA SER I 5 1.73 25.75 -18.94
C SER I 5 1.86 27.01 -19.79
N MET I 6 0.98 27.11 -20.80
CA MET I 6 0.83 28.30 -21.62
C MET I 6 -0.66 28.49 -21.89
N ARG I 7 -1.14 29.72 -21.68
CA ARG I 7 -2.55 30.07 -21.83
C ARG I 7 -2.69 31.45 -22.49
N TYR I 8 -3.57 31.54 -23.48
CA TYR I 8 -3.88 32.80 -24.15
C TYR I 8 -5.29 33.24 -23.75
N PHE I 9 -5.45 34.55 -23.55
CA PHE I 9 -6.66 35.10 -22.95
C PHE I 9 -7.29 36.10 -23.91
N PHE I 10 -8.63 36.14 -23.93
CA PHE I 10 -9.34 37.09 -24.77
C PHE I 10 -10.42 37.77 -23.93
N THR I 11 -10.50 39.10 -24.10
CA THR I 11 -11.57 39.90 -23.53
C THR I 11 -12.21 40.69 -24.66
N SER I 12 -13.55 40.59 -24.78
CA SER I 12 -14.25 41.15 -25.93
C SER I 12 -15.49 41.91 -25.46
N VAL I 13 -15.33 43.21 -25.20
CA VAL I 13 -16.35 44.02 -24.57
C VAL I 13 -17.01 44.93 -25.62
N SER I 14 -18.34 44.99 -25.59
CA SER I 14 -19.11 45.82 -26.49
C SER I 14 -19.50 47.12 -25.79
N ARG I 15 -19.52 48.21 -26.57
CA ARG I 15 -19.90 49.53 -26.09
C ARG I 15 -20.71 50.24 -27.19
N PRO I 16 -22.04 50.43 -26.99
CA PRO I 16 -22.92 50.90 -28.07
C PRO I 16 -22.75 52.39 -28.35
N GLY I 17 -22.17 52.71 -29.51
CA GLY I 17 -21.93 54.09 -29.91
C GLY I 17 -20.55 54.58 -29.49
N ARG I 18 -20.05 54.04 -28.36
CA ARG I 18 -18.73 54.35 -27.83
C ARG I 18 -17.66 53.78 -28.76
N GLY I 19 -18.11 53.16 -29.86
CA GLY I 19 -17.25 52.79 -30.97
C GLY I 19 -17.26 51.28 -31.23
N GLU I 20 -16.11 50.77 -31.68
CA GLU I 20 -15.88 49.36 -31.94
C GLU I 20 -16.01 48.56 -30.65
N PRO I 21 -15.99 47.21 -30.71
CA PRO I 21 -15.77 46.40 -29.51
C PRO I 21 -14.35 46.59 -28.97
N ARG I 22 -14.22 46.47 -27.65
CA ARG I 22 -12.95 46.49 -26.95
C ARG I 22 -12.37 45.08 -27.02
N PHE I 23 -11.04 44.98 -27.14
CA PHE I 23 -10.40 43.68 -27.16
C PHE I 23 -9.02 43.72 -26.48
N ILE I 24 -8.88 42.89 -25.44
CA ILE I 24 -7.62 42.70 -24.74
C ILE I 24 -7.27 41.21 -24.79
N ALA I 25 -6.05 40.91 -25.24
CA ALA I 25 -5.56 39.54 -25.24
C ALA I 25 -4.13 39.53 -24.70
N VAL I 26 -3.91 38.75 -23.64
CA VAL I 26 -2.61 38.62 -23.01
C VAL I 26 -2.31 37.15 -22.78
N GLY I 27 -1.17 36.69 -23.30
CA GLY I 27 -0.79 35.29 -23.19
C GLY I 27 0.35 35.09 -22.19
N TYR I 28 0.18 34.09 -21.31
CA TYR I 28 1.09 33.85 -20.19
C TYR I 28 1.84 32.53 -20.40
N VAL I 29 3.03 32.43 -19.79
CA VAL I 29 3.73 31.17 -19.63
C VAL I 29 3.84 30.89 -18.13
N ASP I 30 3.02 29.95 -17.65
CA ASP I 30 2.77 29.76 -16.23
C ASP I 30 2.07 31.00 -15.68
N ASP I 31 2.74 31.73 -14.80
CA ASP I 31 2.20 32.94 -14.20
C ASP I 31 2.88 34.16 -14.84
N THR I 32 3.95 33.91 -15.58
CA THR I 32 4.76 34.97 -16.19
C THR I 32 4.14 35.39 -17.53
N GLN I 33 3.63 36.63 -17.55
CA GLN I 33 3.06 37.26 -18.72
C GLN I 33 4.19 37.57 -19.71
N PHE I 34 3.89 37.47 -21.02
CA PHE I 34 4.91 37.70 -22.03
C PHE I 34 4.40 38.53 -23.19
N VAL I 35 3.27 38.13 -23.80
CA VAL I 35 2.76 38.86 -24.95
C VAL I 35 1.37 39.39 -24.65
N ARG I 36 1.15 40.66 -24.99
CA ARG I 36 -0.12 41.33 -24.75
C ARG I 36 -0.48 42.18 -25.97
N PHE I 37 -1.79 42.32 -26.21
CA PHE I 37 -2.31 43.13 -27.30
C PHE I 37 -3.54 43.89 -26.81
N ASP I 38 -3.53 45.21 -27.06
CA ASP I 38 -4.60 46.09 -26.65
C ASP I 38 -5.13 46.83 -27.87
N SER I 39 -6.44 46.73 -28.10
CA SER I 39 -7.07 47.30 -29.29
C SER I 39 -7.08 48.82 -29.20
N ASP I 40 -7.11 49.35 -27.97
CA ASP I 40 -7.05 50.78 -27.74
C ASP I 40 -5.59 51.21 -27.64
N ALA I 41 -4.95 51.32 -28.81
CA ALA I 41 -3.59 51.81 -28.93
C ALA I 41 -3.29 52.14 -30.39
N ALA I 42 -2.34 53.05 -30.61
CA ALA I 42 -1.89 53.42 -31.93
C ALA I 42 -0.72 52.54 -32.35
N SER I 43 -0.17 51.80 -31.38
CA SER I 43 0.90 50.84 -31.63
C SER I 43 0.35 49.65 -32.43
N GLN I 44 -0.87 49.21 -32.08
CA GLN I 44 -1.66 48.24 -32.83
C GLN I 44 -0.84 46.99 -33.14
N ARG I 45 0.22 46.74 -32.35
CA ARG I 45 1.05 45.56 -32.50
C ARG I 45 1.02 44.76 -31.20
N MET I 46 1.05 43.42 -31.34
CA MET I 46 1.27 42.55 -30.22
C MET I 46 2.65 42.89 -29.64
N GLU I 47 2.66 43.31 -28.37
CA GLU I 47 3.84 43.89 -27.74
C GLU I 47 4.49 42.86 -26.80
N PRO I 48 5.84 42.77 -26.77
CA PRO I 48 6.53 41.86 -25.85
C PRO I 48 6.60 42.49 -24.45
N ARG I 49 6.10 41.75 -23.45
CA ARG I 49 6.06 42.22 -22.08
C ARG I 49 6.99 41.36 -21.21
N ALA I 50 7.96 40.70 -21.86
CA ALA I 50 8.90 39.82 -21.18
C ALA I 50 10.32 40.14 -21.66
N PRO I 51 11.37 39.83 -20.85
CA PRO I 51 12.74 40.16 -21.24
C PRO I 51 13.32 39.17 -22.26
N TRP I 52 12.72 37.98 -22.33
CA TRP I 52 13.30 36.87 -23.06
C TRP I 52 12.61 36.66 -24.41
N ILE I 53 11.47 37.31 -24.61
CA ILE I 53 10.73 37.16 -25.85
C ILE I 53 11.07 38.30 -26.81
N GLU I 54 11.74 39.33 -26.27
CA GLU I 54 12.20 40.45 -27.08
C GLU I 54 13.28 39.95 -28.04
N GLN I 55 13.54 38.64 -27.98
CA GLN I 55 14.57 37.98 -28.76
C GLN I 55 14.05 37.65 -30.16
N GLU I 56 12.86 37.03 -30.21
CA GLU I 56 12.26 36.51 -31.44
C GLU I 56 12.16 37.61 -32.49
N GLY I 57 12.56 37.28 -33.72
CA GLY I 57 12.75 38.26 -34.79
C GLY I 57 11.46 38.91 -35.25
N PRO I 58 11.53 39.89 -36.18
CA PRO I 58 10.35 40.66 -36.61
C PRO I 58 9.32 39.85 -37.40
N GLU I 59 9.67 38.60 -37.74
CA GLU I 59 8.74 37.70 -38.42
C GLU I 59 7.61 37.34 -37.47
N TYR I 60 7.98 36.73 -36.32
CA TYR I 60 7.06 36.18 -35.35
C TYR I 60 5.90 37.14 -35.12
N TRP I 61 6.23 38.42 -34.90
CA TRP I 61 5.30 39.44 -34.45
C TRP I 61 4.24 39.76 -35.50
N ASP I 62 4.65 39.92 -36.76
CA ASP I 62 3.78 40.41 -37.81
C ASP I 62 2.59 39.49 -38.04
N GLY I 63 2.83 38.18 -37.97
CA GLY I 63 1.78 37.18 -38.11
C GLY I 63 0.97 37.03 -36.82
N GLU I 64 1.64 37.26 -35.68
CA GLU I 64 1.01 37.21 -34.37
C GLU I 64 0.16 38.44 -34.14
N THR I 65 0.47 39.51 -34.89
CA THR I 65 -0.32 40.73 -34.92
C THR I 65 -1.48 40.55 -35.88
N ARG I 66 -1.28 39.67 -36.88
CA ARG I 66 -2.35 39.28 -37.78
C ARG I 66 -3.31 38.36 -37.04
N LYS I 67 -2.78 37.24 -36.57
CA LYS I 67 -3.55 36.20 -35.90
C LYS I 67 -4.47 36.82 -34.83
N VAL I 68 -3.96 37.83 -34.12
CA VAL I 68 -4.70 38.40 -33.00
C VAL I 68 -5.65 39.49 -33.48
N LYS I 69 -5.42 40.02 -34.70
CA LYS I 69 -6.32 41.02 -35.24
C LYS I 69 -7.62 40.35 -35.69
N ALA I 70 -7.51 39.09 -36.11
CA ALA I 70 -8.65 38.28 -36.51
C ALA I 70 -9.31 37.71 -35.27
N HIS I 71 -8.50 37.43 -34.24
CA HIS I 71 -8.97 36.93 -32.96
C HIS I 71 -9.85 37.96 -32.28
N SER I 72 -9.65 39.24 -32.63
CA SER I 72 -10.51 40.33 -32.17
C SER I 72 -11.72 40.42 -33.10
N GLN I 73 -11.47 40.22 -34.40
CA GLN I 73 -12.47 40.23 -35.44
C GLN I 73 -13.50 39.13 -35.20
N THR I 74 -13.00 37.91 -34.99
CA THR I 74 -13.83 36.74 -34.71
C THR I 74 -14.78 37.07 -33.57
N HIS I 75 -14.22 37.63 -32.49
CA HIS I 75 -14.94 37.84 -31.25
C HIS I 75 -15.80 39.09 -31.31
N ARG I 76 -15.60 39.90 -32.37
CA ARG I 76 -16.46 41.03 -32.67
C ARG I 76 -17.79 40.50 -33.20
N VAL I 77 -17.70 39.61 -34.19
CA VAL I 77 -18.86 38.93 -34.74
C VAL I 77 -19.46 38.07 -33.63
N ASP I 78 -18.58 37.34 -32.93
CA ASP I 78 -18.97 36.37 -31.91
C ASP I 78 -19.81 37.03 -30.82
N LEU I 79 -19.68 38.35 -30.67
CA LEU I 79 -20.51 39.09 -29.74
C LEU I 79 -21.92 39.21 -30.30
N GLY I 80 -22.03 39.71 -31.54
CA GLY I 80 -23.30 39.88 -32.22
C GLY I 80 -24.01 38.54 -32.44
N THR I 81 -23.21 37.50 -32.74
CA THR I 81 -23.69 36.14 -32.85
C THR I 81 -24.47 35.77 -31.58
N LEU I 82 -23.91 36.18 -30.43
CA LEU I 82 -24.35 35.70 -29.13
C LEU I 82 -25.61 36.44 -28.67
N ARG I 83 -25.55 37.77 -28.66
CA ARG I 83 -26.70 38.58 -28.26
C ARG I 83 -27.90 38.23 -29.13
N GLY I 84 -27.64 37.47 -30.21
CA GLY I 84 -28.69 36.93 -31.06
C GLY I 84 -29.28 35.66 -30.47
N TYR I 85 -28.41 34.78 -29.96
CA TYR I 85 -28.81 33.50 -29.41
C TYR I 85 -29.37 33.64 -27.99
N TYR I 86 -29.50 34.89 -27.51
CA TYR I 86 -29.92 35.14 -26.15
C TYR I 86 -31.11 36.10 -26.08
N ASN I 87 -31.54 36.60 -27.25
CA ASN I 87 -32.64 37.56 -27.35
C ASN I 87 -32.40 38.74 -26.42
N GLN I 88 -31.26 39.43 -26.63
CA GLN I 88 -30.88 40.58 -25.83
C GLN I 88 -30.92 41.84 -26.70
N SER I 89 -30.89 43.01 -26.05
CA SER I 89 -31.03 44.29 -26.72
C SER I 89 -29.76 44.65 -27.48
N GLU I 90 -29.93 45.48 -28.51
CA GLU I 90 -28.83 46.05 -29.27
C GLU I 90 -28.06 47.01 -28.39
N ALA I 91 -28.77 47.67 -27.47
CA ALA I 91 -28.17 48.63 -26.54
C ALA I 91 -27.93 47.94 -25.20
N GLY I 92 -27.01 46.98 -25.19
CA GLY I 92 -26.63 46.27 -23.98
C GLY I 92 -25.17 45.83 -24.05
N SER I 93 -24.38 46.24 -23.04
CA SER I 93 -22.97 45.87 -22.97
C SER I 93 -22.83 44.44 -22.45
N HIS I 94 -22.23 43.59 -23.28
CA HIS I 94 -22.03 42.19 -22.98
C HIS I 94 -20.54 41.87 -23.15
N THR I 95 -20.07 40.83 -22.45
CA THR I 95 -18.67 40.46 -22.50
C THR I 95 -18.51 39.02 -22.98
N VAL I 96 -17.77 38.88 -24.08
CA VAL I 96 -17.26 37.59 -24.52
C VAL I 96 -15.87 37.43 -23.92
N GLN I 97 -15.58 36.20 -23.46
CA GLN I 97 -14.29 35.87 -22.88
C GLN I 97 -13.84 34.51 -23.43
N ARG I 98 -12.54 34.40 -23.70
CA ARG I 98 -11.99 33.16 -24.23
C ARG I 98 -10.62 32.94 -23.59
N MET I 99 -10.23 31.66 -23.49
CA MET I 99 -8.93 31.27 -22.97
C MET I 99 -8.64 29.83 -23.38
N TYR I 100 -7.49 29.63 -24.02
CA TYR I 100 -7.04 28.31 -24.43
C TYR I 100 -5.53 28.22 -24.26
N GLY I 101 -5.03 26.98 -24.34
CA GLY I 101 -3.63 26.68 -24.14
C GLY I 101 -3.42 25.21 -23.79
N CYS I 102 -2.23 24.90 -23.25
CA CYS I 102 -1.80 23.53 -23.07
C CYS I 102 -0.92 23.42 -21.82
N ASP I 103 -1.02 22.26 -21.14
CA ASP I 103 -0.18 21.94 -20.00
C ASP I 103 0.81 20.86 -20.40
N VAL I 104 2.01 20.93 -19.83
CA VAL I 104 3.05 19.92 -20.05
C VAL I 104 3.45 19.31 -18.72
N GLY I 105 3.95 18.07 -18.76
CA GLY I 105 4.44 17.36 -17.59
C GLY I 105 5.89 17.72 -17.27
N SER I 106 6.54 16.86 -16.46
CA SER I 106 7.92 17.03 -16.07
C SER I 106 8.86 16.75 -17.24
N ASP I 107 8.45 15.83 -18.11
CA ASP I 107 9.21 15.39 -19.28
C ASP I 107 9.24 16.49 -20.33
N TRP I 108 8.17 17.29 -20.36
CA TRP I 108 7.95 18.40 -21.30
C TRP I 108 7.07 17.96 -22.46
N ARG I 109 6.64 16.68 -22.42
CA ARG I 109 5.64 16.16 -23.32
C ARG I 109 4.27 16.71 -22.90
N PHE I 110 3.28 16.59 -23.80
CA PHE I 110 1.94 17.08 -23.57
C PHE I 110 1.30 16.33 -22.41
N LEU I 111 0.44 17.03 -21.65
CA LEU I 111 -0.24 16.46 -20.50
C LEU I 111 -1.76 16.63 -20.64
N ARG I 112 -2.22 17.90 -20.64
CA ARG I 112 -3.62 18.22 -20.79
C ARG I 112 -3.76 19.64 -21.35
N GLY I 113 -4.66 19.79 -22.33
CA GLY I 113 -4.94 21.09 -22.95
C GLY I 113 -6.41 21.47 -22.80
N TYR I 114 -6.70 22.77 -22.97
CA TYR I 114 -8.03 23.29 -22.70
C TYR I 114 -8.35 24.46 -23.64
N HIS I 115 -9.64 24.67 -23.87
CA HIS I 115 -10.16 25.73 -24.72
C HIS I 115 -11.61 25.98 -24.30
N GLN I 116 -11.90 27.24 -23.93
CA GLN I 116 -13.18 27.59 -23.33
C GLN I 116 -13.54 29.04 -23.63
N TYR I 117 -14.86 29.26 -23.73
CA TYR I 117 -15.48 30.57 -23.89
C TYR I 117 -16.36 30.84 -22.68
N ALA I 118 -16.56 32.13 -22.35
CA ALA I 118 -17.51 32.54 -21.33
C ALA I 118 -18.20 33.82 -21.77
N TYR I 119 -19.48 33.93 -21.39
CA TYR I 119 -20.31 35.06 -21.78
C TYR I 119 -20.95 35.66 -20.54
N ASP I 120 -20.43 36.82 -20.11
CA ASP I 120 -20.91 37.51 -18.92
C ASP I 120 -20.56 36.70 -17.68
N GLY I 121 -19.30 36.23 -17.63
CA GLY I 121 -18.75 35.60 -16.45
C GLY I 121 -19.43 34.28 -16.10
N LYS I 122 -20.06 33.64 -17.10
CA LYS I 122 -20.64 32.31 -16.92
C LYS I 122 -20.23 31.42 -18.09
N ASP I 123 -19.59 30.28 -17.75
CA ASP I 123 -19.11 29.30 -18.71
C ASP I 123 -20.09 29.21 -19.88
N TYR I 124 -19.58 29.39 -21.10
CA TYR I 124 -20.39 29.24 -22.28
C TYR I 124 -20.24 27.82 -22.84
N ILE I 125 -19.08 27.55 -23.45
CA ILE I 125 -18.76 26.22 -23.92
C ILE I 125 -17.25 26.01 -23.77
N ALA I 126 -16.89 24.81 -23.31
CA ALA I 126 -15.53 24.52 -22.85
C ALA I 126 -15.16 23.08 -23.19
N LEU I 127 -14.31 22.92 -24.22
CA LEU I 127 -13.90 21.62 -24.70
C LEU I 127 -13.33 20.80 -23.54
N LYS I 128 -13.85 19.59 -23.37
CA LYS I 128 -13.56 18.76 -22.20
C LYS I 128 -12.13 18.26 -22.27
N GLU I 129 -11.73 17.51 -21.23
CA GLU I 129 -10.38 17.01 -21.06
C GLU I 129 -9.97 16.14 -22.26
N ASP I 130 -10.94 15.40 -22.80
CA ASP I 130 -10.70 14.35 -23.80
C ASP I 130 -10.56 14.95 -25.20
N LEU I 131 -10.76 16.27 -25.32
CA LEU I 131 -10.58 17.03 -26.55
C LEU I 131 -11.37 16.41 -27.70
N ARG I 132 -12.51 15.79 -27.37
CA ARG I 132 -13.33 15.12 -28.37
C ARG I 132 -14.74 15.70 -28.33
N SER I 133 -15.31 15.82 -27.14
CA SER I 133 -16.62 16.45 -26.94
C SER I 133 -16.53 17.55 -25.90
N TRP I 134 -17.37 18.58 -26.06
CA TRP I 134 -17.33 19.78 -25.24
C TRP I 134 -18.31 19.68 -24.09
N THR I 135 -18.65 20.85 -23.53
CA THR I 135 -19.67 20.98 -22.52
C THR I 135 -20.55 22.18 -22.88
N ALA I 136 -21.73 21.87 -23.40
CA ALA I 136 -22.80 22.85 -23.54
C ALA I 136 -23.32 23.18 -22.14
N ALA I 137 -23.16 24.44 -21.73
CA ALA I 137 -23.57 24.86 -20.41
C ALA I 137 -25.01 25.35 -20.47
N ASP I 138 -25.22 26.46 -21.20
CA ASP I 138 -26.53 27.06 -21.40
C ASP I 138 -27.33 26.22 -22.39
N MET I 139 -28.63 26.53 -22.53
CA MET I 139 -29.49 25.83 -23.48
C MET I 139 -29.15 26.27 -24.90
N ALA I 140 -28.62 27.49 -25.02
CA ALA I 140 -28.30 28.11 -26.30
C ALA I 140 -26.85 27.82 -26.69
N ALA I 141 -26.09 27.22 -25.76
CA ALA I 141 -24.75 26.75 -26.04
C ALA I 141 -24.82 25.53 -26.96
N GLN I 142 -25.96 24.84 -26.89
CA GLN I 142 -26.18 23.58 -27.57
C GLN I 142 -26.37 23.83 -29.06
N THR I 143 -26.91 25.02 -29.37
CA THR I 143 -27.13 25.45 -30.74
C THR I 143 -25.78 25.80 -31.39
N THR I 144 -24.71 25.66 -30.60
CA THR I 144 -23.36 25.97 -31.04
C THR I 144 -22.44 24.78 -30.79
N LYS I 145 -22.89 23.84 -29.95
CA LYS I 145 -22.21 22.56 -29.81
C LYS I 145 -22.55 21.71 -31.02
N HIS I 146 -23.72 21.99 -31.61
CA HIS I 146 -24.15 21.35 -32.84
C HIS I 146 -23.25 21.76 -33.99
N LYS I 147 -23.17 23.07 -34.25
CA LYS I 147 -22.39 23.65 -35.33
C LYS I 147 -20.99 23.03 -35.35
N TRP I 148 -20.46 22.70 -34.17
CA TRP I 148 -19.07 22.32 -34.03
C TRP I 148 -18.91 20.79 -34.09
N GLU I 149 -20.03 20.06 -34.00
CA GLU I 149 -20.05 18.62 -34.17
C GLU I 149 -20.02 18.27 -35.65
N ALA I 150 -20.65 19.12 -36.47
CA ALA I 150 -20.65 18.94 -37.90
C ALA I 150 -19.24 19.15 -38.44
N ALA I 151 -18.54 20.15 -37.87
CA ALA I 151 -17.33 20.72 -38.46
C ALA I 151 -16.07 20.00 -37.99
N HIS I 152 -16.18 19.22 -36.90
CA HIS I 152 -15.05 18.50 -36.33
C HIS I 152 -14.01 19.51 -35.82
N VAL I 153 -14.42 20.35 -34.89
CA VAL I 153 -13.55 21.42 -34.41
C VAL I 153 -12.66 20.86 -33.30
N ALA I 154 -13.11 19.75 -32.71
CA ALA I 154 -12.38 19.09 -31.64
C ALA I 154 -11.00 18.64 -32.12
N GLU I 155 -10.95 17.89 -33.22
CA GLU I 155 -9.71 17.33 -33.72
C GLU I 155 -8.85 18.42 -34.38
N GLN I 156 -9.44 19.61 -34.50
CA GLN I 156 -8.73 20.75 -35.05
C GLN I 156 -7.81 21.35 -33.99
N LEU I 157 -8.30 21.37 -32.74
CA LEU I 157 -7.54 21.88 -31.60
C LEU I 157 -6.64 20.78 -31.07
N ARG I 158 -7.17 19.55 -30.99
CA ARG I 158 -6.40 18.38 -30.61
C ARG I 158 -5.14 18.35 -31.45
N ALA I 159 -5.10 19.22 -32.47
CA ALA I 159 -3.95 19.41 -33.33
C ALA I 159 -3.11 20.58 -32.85
N TYR I 160 -3.76 21.74 -32.64
CA TYR I 160 -3.04 22.92 -32.20
C TYR I 160 -2.44 22.69 -30.83
N LEU I 161 -3.30 22.41 -29.84
CA LEU I 161 -2.88 22.27 -28.45
C LEU I 161 -1.92 21.10 -28.30
N GLU I 162 -2.43 19.89 -28.56
CA GLU I 162 -1.65 18.68 -28.39
C GLU I 162 -0.55 18.63 -29.44
N GLY I 163 -0.44 19.70 -30.25
CA GLY I 163 0.57 19.78 -31.29
C GLY I 163 1.34 21.10 -31.24
N THR I 164 0.77 22.13 -31.87
CA THR I 164 1.45 23.39 -32.16
C THR I 164 1.78 24.14 -30.87
N CYS I 165 0.82 24.17 -29.94
CA CYS I 165 0.96 24.85 -28.66
C CYS I 165 2.20 24.32 -27.94
N VAL I 166 2.21 23.01 -27.67
CA VAL I 166 3.27 22.36 -26.92
C VAL I 166 4.60 22.55 -27.65
N GLU I 167 4.56 22.62 -28.98
CA GLU I 167 5.75 22.77 -29.80
C GLU I 167 6.45 24.08 -29.42
N TRP I 168 5.68 25.17 -29.41
CA TRP I 168 6.23 26.50 -29.23
C TRP I 168 6.53 26.75 -27.76
N LEU I 169 5.70 26.18 -26.88
CA LEU I 169 5.87 26.29 -25.44
C LEU I 169 7.27 25.77 -25.06
N ARG I 170 7.68 24.66 -25.70
CA ARG I 170 9.01 24.10 -25.51
C ARG I 170 10.05 25.20 -25.71
N ARG I 171 10.00 25.86 -26.88
CA ARG I 171 10.91 26.94 -27.20
C ARG I 171 10.90 27.98 -26.08
N TYR I 172 9.70 28.50 -25.79
CA TYR I 172 9.52 29.60 -24.87
C TYR I 172 10.34 29.36 -23.60
N LEU I 173 10.22 28.14 -23.07
CA LEU I 173 10.78 27.76 -21.78
C LEU I 173 12.31 27.75 -21.83
N GLU I 174 12.86 27.20 -22.92
CA GLU I 174 14.30 27.08 -23.06
C GLU I 174 14.92 28.43 -23.41
N ASN I 175 14.08 29.36 -23.86
CA ASN I 175 14.52 30.72 -24.12
C ASN I 175 14.51 31.51 -22.82
N GLY I 176 13.50 31.22 -21.98
CA GLY I 176 13.37 31.82 -20.66
C GLY I 176 14.51 31.39 -19.73
N LYS I 177 15.13 30.24 -20.05
CA LYS I 177 16.28 29.70 -19.35
C LYS I 177 16.00 29.71 -17.85
N GLU I 178 16.46 30.77 -17.17
CA GLU I 178 16.10 30.99 -15.78
C GLU I 178 15.34 32.31 -15.67
N THR I 179 14.09 32.28 -16.12
CA THR I 179 13.05 33.21 -15.73
C THR I 179 11.79 32.37 -15.51
N LEU I 180 11.68 31.31 -16.32
CA LEU I 180 10.55 30.41 -16.32
C LEU I 180 10.95 29.11 -15.62
N GLN I 181 12.17 29.08 -15.08
CA GLN I 181 12.65 27.91 -14.36
C GLN I 181 13.31 28.33 -13.05
N ARG I 182 12.95 29.51 -12.56
CA ARG I 182 13.24 29.89 -11.19
C ARG I 182 12.19 29.25 -10.28
N THR I 183 12.55 29.08 -9.00
CA THR I 183 11.62 28.75 -7.94
C THR I 183 12.02 29.55 -6.70
N ASP I 184 11.50 30.77 -6.60
CA ASP I 184 11.83 31.67 -5.50
C ASP I 184 11.25 31.13 -4.20
N ALA I 185 12.15 30.72 -3.30
CA ALA I 185 11.78 30.23 -1.98
C ALA I 185 11.22 31.41 -1.18
N PRO I 186 9.98 31.29 -0.64
CA PRO I 186 9.29 32.43 -0.05
C PRO I 186 9.94 32.89 1.24
N LYS I 187 10.38 34.15 1.24
CA LYS I 187 10.88 34.80 2.44
C LYS I 187 9.67 35.05 3.36
N THR I 188 9.73 34.45 4.55
CA THR I 188 8.59 34.40 5.46
C THR I 188 8.91 35.06 6.78
N HIS I 189 7.85 35.51 7.46
CA HIS I 189 7.91 36.09 8.80
C HIS I 189 6.50 36.21 9.35
N MET I 190 6.38 36.15 10.68
CA MET I 190 5.09 36.39 11.31
C MET I 190 5.09 37.76 12.00
N THR I 191 4.01 38.51 11.80
CA THR I 191 3.85 39.79 12.46
C THR I 191 2.84 39.63 13.59
N HIS I 192 3.06 40.42 14.66
CA HIS I 192 2.13 40.54 15.77
C HIS I 192 1.48 41.91 15.73
N HIS I 193 0.32 42.03 16.37
CA HIS I 193 -0.38 43.30 16.55
C HIS I 193 -1.56 43.09 17.48
N ALA I 194 -1.49 43.71 18.67
CA ALA I 194 -2.58 43.69 19.62
C ALA I 194 -3.76 44.47 19.05
N VAL I 195 -4.90 43.79 18.91
CA VAL I 195 -6.13 44.41 18.43
C VAL I 195 -6.80 45.14 19.60
N SER I 196 -7.15 44.40 20.65
CA SER I 196 -7.67 44.99 21.87
C SER I 196 -6.61 44.87 22.98
N ASP I 197 -7.08 44.64 24.21
CA ASP I 197 -6.22 44.25 25.31
C ASP I 197 -6.37 42.74 25.54
N HIS I 198 -7.31 42.13 24.80
CA HIS I 198 -7.74 40.78 25.09
C HIS I 198 -7.55 39.85 23.87
N GLU I 199 -7.18 40.44 22.74
CA GLU I 199 -6.95 39.67 21.52
C GLU I 199 -5.85 40.30 20.69
N ALA I 200 -5.03 39.44 20.08
CA ALA I 200 -3.97 39.87 19.18
C ALA I 200 -4.12 39.20 17.81
N THR I 201 -3.36 39.69 16.83
CA THR I 201 -3.31 39.08 15.51
C THR I 201 -1.89 38.60 15.23
N LEU I 202 -1.80 37.34 14.80
CA LEU I 202 -0.58 36.78 14.26
C LEU I 202 -0.81 36.61 12.76
N ARG I 203 0.20 36.96 11.95
CA ARG I 203 -0.03 37.07 10.50
C ARG I 203 1.18 36.61 9.70
N CYS I 204 1.14 35.35 9.23
CA CYS I 204 2.20 34.76 8.43
C CYS I 204 2.31 35.47 7.09
N TRP I 205 3.55 35.77 6.68
CA TRP I 205 3.85 36.44 5.42
C TRP I 205 4.78 35.59 4.56
N ALA I 206 4.28 35.14 3.41
CA ALA I 206 5.13 34.64 2.34
C ALA I 206 5.42 35.78 1.38
N LEU I 207 6.68 35.92 0.99
CA LEU I 207 7.12 37.07 0.23
C LEU I 207 7.95 36.63 -0.98
N SER I 208 7.85 37.45 -2.05
CA SER I 208 8.64 37.39 -3.27
C SER I 208 8.96 35.95 -3.70
N PHE I 209 7.92 35.20 -4.06
CA PHE I 209 8.05 33.80 -4.44
C PHE I 209 7.39 33.57 -5.80
N TYR I 210 7.77 32.46 -6.46
CA TYR I 210 7.21 32.07 -7.74
C TYR I 210 7.26 30.55 -7.87
N PRO I 211 6.18 29.87 -8.37
CA PRO I 211 4.94 30.53 -8.81
C PRO I 211 3.94 30.83 -7.69
N ALA I 212 2.72 31.22 -8.09
CA ALA I 212 1.70 31.73 -7.17
C ALA I 212 1.04 30.59 -6.40
N GLU I 213 1.54 29.37 -6.60
CA GLU I 213 0.97 28.22 -5.92
C GLU I 213 1.60 28.07 -4.54
N ILE I 214 0.87 28.50 -3.51
CA ILE I 214 1.37 28.45 -2.14
C ILE I 214 0.21 28.12 -1.19
N THR I 215 0.54 27.52 -0.04
CA THR I 215 -0.45 27.19 0.98
C THR I 215 0.06 27.63 2.36
N LEU I 216 -0.75 28.46 3.01
CA LEU I 216 -0.53 28.83 4.41
C LEU I 216 -1.64 28.18 5.23
N THR I 217 -1.25 27.57 6.35
CA THR I 217 -2.19 26.87 7.20
C THR I 217 -1.92 27.27 8.65
N TRP I 218 -2.98 27.29 9.46
CA TRP I 218 -2.87 27.60 10.88
C TRP I 218 -3.11 26.34 11.71
N GLN I 219 -2.45 26.26 12.88
CA GLN I 219 -2.63 25.17 13.81
C GLN I 219 -2.44 25.68 15.24
N ARG I 220 -3.36 25.29 16.12
CA ARG I 220 -3.26 25.58 17.54
C ARG I 220 -2.94 24.29 18.29
N ASP I 221 -1.86 24.32 19.07
CA ASP I 221 -1.36 23.20 19.85
C ASP I 221 -0.84 22.10 18.92
N GLY I 222 -1.66 21.71 17.95
CA GLY I 222 -1.29 20.65 17.02
C GLY I 222 -2.22 20.58 15.81
N GLU I 223 -3.53 20.43 16.09
CA GLU I 223 -4.49 20.16 15.04
C GLU I 223 -4.91 21.47 14.36
N ASP I 224 -5.52 21.32 13.16
CA ASP I 224 -5.71 22.40 12.21
C ASP I 224 -6.71 23.42 12.73
N GLN I 225 -6.44 24.69 12.43
CA GLN I 225 -7.25 25.82 12.89
C GLN I 225 -7.97 26.45 11.70
N THR I 226 -9.29 26.54 11.82
CA THR I 226 -10.16 26.95 10.72
C THR I 226 -11.08 28.09 11.19
N GLN I 227 -10.97 28.43 12.48
CA GLN I 227 -11.92 29.30 13.16
C GLN I 227 -11.74 30.75 12.73
N ASP I 228 -11.03 31.52 13.57
CA ASP I 228 -10.94 32.95 13.42
C ASP I 228 -9.67 33.31 12.63
N THR I 229 -9.36 32.49 11.63
CA THR I 229 -8.20 32.74 10.78
C THR I 229 -8.59 33.74 9.70
N GLU I 230 -7.64 34.59 9.33
CA GLU I 230 -7.73 35.44 8.17
C GLU I 230 -6.79 34.88 7.10
N LEU I 231 -7.17 35.03 5.82
CA LEU I 231 -6.33 34.61 4.72
C LEU I 231 -6.75 35.34 3.44
N VAL I 232 -5.91 36.27 3.00
CA VAL I 232 -6.16 37.02 1.78
C VAL I 232 -5.86 36.15 0.57
N GLU I 233 -5.89 36.77 -0.61
CA GLU I 233 -5.60 36.12 -1.88
C GLU I 233 -4.09 36.18 -2.12
N THR I 234 -3.63 35.61 -3.24
CA THR I 234 -2.27 35.86 -3.70
C THR I 234 -2.24 37.18 -4.47
N ARG I 235 -1.03 37.72 -4.62
CA ARG I 235 -0.83 39.10 -5.07
C ARG I 235 0.61 39.32 -5.51
N PRO I 236 0.82 39.79 -6.75
CA PRO I 236 2.17 40.02 -7.28
C PRO I 236 2.80 41.25 -6.65
N ALA I 237 4.07 41.14 -6.29
CA ALA I 237 4.84 42.29 -5.83
C ALA I 237 4.85 43.32 -6.95
N GLY I 238 5.28 42.89 -8.13
CA GLY I 238 5.37 43.74 -9.31
C GLY I 238 6.26 43.09 -10.38
N ASP I 239 7.05 42.09 -9.94
CA ASP I 239 8.00 41.39 -10.76
C ASP I 239 7.78 39.88 -10.62
N GLY I 240 6.54 39.45 -10.84
CA GLY I 240 6.19 38.05 -10.73
C GLY I 240 6.13 37.60 -9.27
N THR I 241 7.30 37.57 -8.62
CA THR I 241 7.44 37.21 -7.21
C THR I 241 6.19 37.61 -6.46
N PHE I 242 5.51 36.61 -5.88
CA PHE I 242 4.17 36.79 -5.35
C PHE I 242 4.20 36.94 -3.83
N GLN I 243 3.02 37.20 -3.25
CA GLN I 243 2.83 37.37 -1.82
C GLN I 243 1.42 36.93 -1.44
N LYS I 244 1.33 35.91 -0.59
CA LYS I 244 0.13 35.70 0.20
C LYS I 244 0.46 36.02 1.66
N TRP I 245 -0.57 36.31 2.46
CA TRP I 245 -0.43 36.31 3.91
C TRP I 245 -1.67 35.73 4.58
N ALA I 246 -1.46 35.07 5.72
CA ALA I 246 -2.52 34.49 6.53
C ALA I 246 -2.40 34.94 7.97
N ALA I 247 -3.53 35.39 8.56
CA ALA I 247 -3.59 35.83 9.94
C ALA I 247 -4.56 34.96 10.76
N VAL I 248 -4.58 35.19 12.06
CA VAL I 248 -5.55 34.59 12.96
C VAL I 248 -5.73 35.50 14.17
N VAL I 249 -6.96 35.57 14.68
CA VAL I 249 -7.25 36.34 15.88
C VAL I 249 -7.11 35.40 17.07
N VAL I 250 -6.34 35.83 18.08
CA VAL I 250 -5.94 34.95 19.17
C VAL I 250 -6.13 35.68 20.50
N PRO I 251 -6.38 34.95 21.61
CA PRO I 251 -6.44 35.55 22.94
C PRO I 251 -5.06 36.00 23.39
N SER I 252 -5.02 37.11 24.14
CA SER I 252 -3.81 37.68 24.70
C SER I 252 -3.17 36.71 25.68
N GLY I 253 -2.25 35.88 25.17
CA GLY I 253 -1.51 34.92 25.98
C GLY I 253 -1.17 33.66 25.20
N GLN I 254 -2.14 33.18 24.42
CA GLN I 254 -2.01 31.91 23.72
C GLN I 254 -1.22 32.09 22.43
N GLU I 255 -0.73 33.32 22.21
CA GLU I 255 0.10 33.70 21.08
C GLU I 255 1.23 32.68 20.89
N GLN I 256 1.61 32.02 21.98
CA GLN I 256 2.71 31.06 21.98
C GLN I 256 2.30 29.77 21.27
N ARG I 257 1.07 29.33 21.54
CA ARG I 257 0.59 28.00 21.16
C ARG I 257 0.46 27.88 19.64
N TYR I 258 0.11 29.00 18.99
CA TYR I 258 -0.24 29.01 17.58
C TYR I 258 1.01 28.90 16.70
N THR I 259 0.92 28.00 15.71
CA THR I 259 1.96 27.75 14.73
C THR I 259 1.36 27.88 13.33
N CYS I 260 2.21 28.18 12.35
CA CYS I 260 1.77 28.41 10.99
C CYS I 260 2.75 27.76 10.01
N HIS I 261 2.24 26.80 9.22
CA HIS I 261 3.02 26.07 8.23
C HIS I 261 2.86 26.72 6.87
N VAL I 262 3.96 26.77 6.10
CA VAL I 262 3.97 27.26 4.73
C VAL I 262 4.43 26.13 3.82
N GLN I 263 3.66 25.89 2.74
CA GLN I 263 3.98 24.90 1.74
C GLN I 263 4.18 25.59 0.39
N HIS I 264 5.34 25.36 -0.24
CA HIS I 264 5.64 25.92 -1.54
C HIS I 264 6.46 24.97 -2.39
N GLU I 265 6.56 25.30 -3.69
CA GLU I 265 7.22 24.47 -4.69
C GLU I 265 8.73 24.59 -4.52
N GLY I 266 9.17 25.55 -3.71
CA GLY I 266 10.57 25.90 -3.57
C GLY I 266 11.20 25.42 -2.26
N LEU I 267 10.38 25.28 -1.21
CA LEU I 267 10.86 24.88 0.10
C LEU I 267 10.99 23.35 0.12
N PRO I 268 12.14 22.82 0.63
CA PRO I 268 12.38 21.37 0.63
C PRO I 268 11.35 20.61 1.46
N LYS I 269 11.54 20.64 2.79
CA LYS I 269 10.61 20.09 3.76
C LYS I 269 9.70 21.22 4.26
N PRO I 270 8.67 20.94 5.09
CA PRO I 270 7.77 21.99 5.60
C PRO I 270 8.49 23.07 6.40
N LEU I 271 8.01 24.32 6.28
CA LEU I 271 8.55 25.46 7.00
C LEU I 271 7.59 25.82 8.14
N THR I 272 8.13 25.93 9.36
CA THR I 272 7.35 26.23 10.54
C THR I 272 7.60 27.67 10.98
N LEU I 273 6.57 28.32 11.53
CA LEU I 273 6.72 29.66 12.07
C LEU I 273 5.75 29.90 13.22
N ARG I 274 6.30 30.34 14.36
CA ARG I 274 5.54 30.67 15.55
C ARG I 274 5.87 32.10 15.98
N TRP I 275 5.24 32.55 17.07
CA TRP I 275 5.62 33.79 17.71
C TRP I 275 6.16 33.51 19.11
N GLU I 276 7.30 34.11 19.43
CA GLU I 276 7.96 33.94 20.71
C GLU I 276 8.61 35.25 21.15
N GLY I 277 8.64 35.48 22.46
CA GLY I 277 9.19 36.70 23.04
C GLY I 277 9.73 36.46 24.45
N MET J 1 -25.75 37.71 -17.21
CA MET J 1 -25.02 38.82 -16.54
C MET J 1 -24.92 38.52 -15.04
N ILE J 2 -23.86 37.79 -14.67
CA ILE J 2 -23.53 37.54 -13.28
C ILE J 2 -22.33 38.44 -12.93
N GLN J 3 -22.49 39.24 -11.88
CA GLN J 3 -21.52 40.27 -11.56
C GLN J 3 -20.77 39.88 -10.28
N ARG J 4 -19.49 40.25 -10.23
CA ARG J 4 -18.67 40.08 -9.05
C ARG J 4 -18.04 41.42 -8.68
N THR J 5 -17.76 41.59 -7.38
CA THR J 5 -17.30 42.86 -6.83
C THR J 5 -15.83 42.79 -6.45
N PRO J 6 -15.02 43.80 -6.85
CA PRO J 6 -13.57 43.78 -6.64
C PRO J 6 -13.13 43.56 -5.20
N LYS J 7 -12.28 42.54 -5.02
CA LYS J 7 -11.51 42.39 -3.80
C LYS J 7 -10.21 43.17 -4.00
N ILE J 8 -10.01 44.18 -3.15
CA ILE J 8 -8.93 45.15 -3.31
C ILE J 8 -7.93 44.98 -2.16
N GLN J 9 -6.64 45.06 -2.51
CA GLN J 9 -5.55 45.14 -1.55
C GLN J 9 -4.62 46.27 -1.99
N VAL J 10 -4.22 47.10 -1.03
CA VAL J 10 -3.10 48.01 -1.25
C VAL J 10 -1.92 47.49 -0.44
N TYR J 11 -0.72 47.62 -1.01
CA TYR J 11 0.49 47.07 -0.41
C TYR J 11 1.72 47.61 -1.13
N SER J 12 2.90 47.14 -0.69
CA SER J 12 4.18 47.57 -1.24
C SER J 12 4.93 46.38 -1.82
N ARG J 13 5.81 46.65 -2.80
CA ARG J 13 6.60 45.61 -3.45
C ARG J 13 7.52 44.94 -2.44
N HIS J 14 8.36 45.74 -1.75
CA HIS J 14 9.29 45.23 -0.75
C HIS J 14 8.83 45.67 0.65
N PRO J 15 9.25 44.96 1.73
CA PRO J 15 9.00 45.39 3.10
C PRO J 15 9.46 46.82 3.38
N ALA J 16 8.50 47.68 3.73
CA ALA J 16 8.67 49.12 3.66
C ALA J 16 9.42 49.64 4.88
N GLU J 17 10.73 49.82 4.72
CA GLU J 17 11.54 50.57 5.67
C GLU J 17 11.56 52.03 5.23
N ASN J 18 11.34 52.94 6.19
CA ASN J 18 11.23 54.36 5.93
C ASN J 18 12.55 54.86 5.33
N GLY J 19 12.44 55.55 4.19
CA GLY J 19 13.58 56.17 3.53
C GLY J 19 14.22 55.25 2.48
N LYS J 20 13.40 54.31 1.97
CA LYS J 20 13.82 53.36 0.96
C LYS J 20 12.88 53.48 -0.24
N SER J 21 13.46 53.46 -1.45
CA SER J 21 12.68 53.44 -2.68
C SER J 21 11.85 52.16 -2.74
N ASN J 22 10.54 52.33 -2.93
CA ASN J 22 9.61 51.22 -2.97
C ASN J 22 8.49 51.55 -3.95
N PHE J 23 7.52 50.63 -4.09
CA PHE J 23 6.50 50.73 -5.11
C PHE J 23 5.13 50.40 -4.51
N LEU J 24 4.19 51.34 -4.63
CA LEU J 24 2.89 51.25 -4.00
C LEU J 24 1.89 50.60 -4.95
N ASN J 25 1.30 49.49 -4.51
CA ASN J 25 0.45 48.65 -5.32
C ASN J 25 -1.02 48.93 -5.05
N CYS J 26 -1.87 48.37 -5.93
CA CYS J 26 -3.29 48.22 -5.67
C CYS J 26 -3.83 47.08 -6.50
N TYR J 27 -3.70 45.85 -5.98
CA TYR J 27 -4.17 44.65 -6.64
C TYR J 27 -5.69 44.55 -6.47
N VAL J 28 -6.39 44.46 -7.61
CA VAL J 28 -7.83 44.25 -7.64
C VAL J 28 -8.06 42.91 -8.32
N SER J 29 -8.96 42.10 -7.76
CA SER J 29 -9.09 40.70 -8.17
C SER J 29 -10.54 40.40 -8.50
N GLY J 30 -10.85 39.10 -8.58
CA GLY J 30 -12.18 38.60 -8.91
C GLY J 30 -13.25 39.69 -8.98
N PHE J 31 -13.45 40.25 -10.18
CA PHE J 31 -14.49 41.25 -10.42
C PHE J 31 -15.01 41.16 -11.85
N HIS J 32 -16.29 41.50 -12.02
CA HIS J 32 -17.02 41.39 -13.27
C HIS J 32 -18.23 42.32 -13.21
N PRO J 33 -18.58 43.10 -14.27
CA PRO J 33 -17.86 43.09 -15.55
C PRO J 33 -16.53 43.85 -15.61
N SER J 34 -16.08 44.11 -16.84
CA SER J 34 -14.68 44.22 -17.20
C SER J 34 -14.01 45.46 -16.62
N ASP J 35 -14.59 46.64 -16.91
CA ASP J 35 -13.85 47.89 -16.71
C ASP J 35 -14.17 48.48 -15.34
N ILE J 36 -13.10 48.76 -14.60
CA ILE J 36 -13.12 49.31 -13.26
C ILE J 36 -12.40 50.65 -13.29
N GLU J 37 -12.32 51.35 -12.15
CA GLU J 37 -11.63 52.63 -12.12
C GLU J 37 -10.74 52.72 -10.88
N VAL J 38 -9.45 52.45 -11.07
CA VAL J 38 -8.50 52.40 -9.97
C VAL J 38 -7.60 53.63 -10.04
N ASP J 39 -7.51 54.36 -8.92
CA ASP J 39 -6.56 55.46 -8.78
C ASP J 39 -6.00 55.45 -7.37
N LEU J 40 -4.69 55.67 -7.27
CA LEU J 40 -4.00 55.70 -5.99
C LEU J 40 -3.88 57.15 -5.53
N LEU J 41 -3.84 57.34 -4.21
CA LEU J 41 -3.93 58.67 -3.61
C LEU J 41 -2.85 58.86 -2.54
N LYS J 42 -2.16 60.00 -2.62
CA LYS J 42 -1.25 60.49 -1.59
C LYS J 42 -1.82 61.79 -1.03
N ASN J 43 -2.55 61.67 0.08
CA ASN J 43 -3.17 62.77 0.81
C ASN J 43 -4.34 63.35 0.01
N GLY J 44 -5.26 62.48 -0.42
CA GLY J 44 -6.53 62.90 -0.99
C GLY J 44 -6.45 63.34 -2.45
N GLU J 45 -5.25 63.25 -3.05
CA GLU J 45 -5.05 63.65 -4.44
C GLU J 45 -4.35 62.53 -5.21
N ARG J 46 -4.61 62.47 -6.52
CA ARG J 46 -4.13 61.40 -7.39
C ARG J 46 -2.63 61.54 -7.61
N ILE J 47 -1.95 60.39 -7.72
CA ILE J 47 -0.55 60.34 -8.12
C ILE J 47 -0.47 60.57 -9.62
N GLU J 48 0.54 61.34 -10.05
CA GLU J 48 0.68 61.75 -11.44
C GLU J 48 0.81 60.51 -12.33
N LYS J 49 2.04 59.97 -12.44
CA LYS J 49 2.26 58.79 -13.25
C LYS J 49 2.03 57.54 -12.41
N VAL J 50 1.08 56.70 -12.86
CA VAL J 50 0.85 55.38 -12.28
C VAL J 50 0.75 54.38 -13.43
N GLU J 51 1.65 53.39 -13.43
CA GLU J 51 1.66 52.33 -14.41
C GLU J 51 0.72 51.22 -13.95
N HIS J 52 -0.18 50.79 -14.84
CA HIS J 52 -1.09 49.70 -14.52
C HIS J 52 -0.71 48.44 -15.31
N SER J 53 -1.41 47.35 -15.01
CA SER J 53 -1.12 46.04 -15.57
C SER J 53 -2.15 45.68 -16.64
N ASP J 54 -2.18 44.39 -17.01
CA ASP J 54 -3.02 43.93 -18.10
C ASP J 54 -4.21 43.15 -17.56
N LEU J 55 -5.15 42.83 -18.45
CA LEU J 55 -6.48 42.40 -18.08
C LEU J 55 -6.70 40.94 -18.44
N SER J 56 -6.53 40.08 -17.43
CA SER J 56 -6.96 38.69 -17.50
C SER J 56 -7.91 38.40 -16.35
N PHE J 57 -8.18 37.09 -16.19
CA PHE J 57 -9.11 36.53 -15.23
C PHE J 57 -8.45 35.29 -14.63
N SER J 58 -9.07 34.77 -13.56
CA SER J 58 -8.74 33.44 -13.09
C SER J 58 -9.67 32.44 -13.78
N LYS J 59 -9.50 31.15 -13.48
CA LYS J 59 -10.40 30.12 -13.99
C LYS J 59 -11.80 30.36 -13.41
N ASP J 60 -11.93 31.45 -12.64
CA ASP J 60 -13.18 31.94 -12.07
C ASP J 60 -13.99 32.66 -13.13
N TRP J 61 -13.27 33.29 -14.08
CA TRP J 61 -13.82 34.13 -15.14
C TRP J 61 -13.93 35.57 -14.67
N SER J 62 -13.30 35.86 -13.53
CA SER J 62 -13.36 37.16 -12.89
C SER J 62 -12.03 37.88 -13.07
N PHE J 63 -12.11 39.14 -13.51
CA PHE J 63 -10.96 39.89 -14.00
C PHE J 63 -10.04 40.28 -12.84
N TYR J 64 -8.88 40.83 -13.22
CA TYR J 64 -7.89 41.31 -12.27
C TYR J 64 -6.93 42.28 -12.95
N LEU J 65 -6.47 43.29 -12.20
CA LEU J 65 -5.43 44.20 -12.65
C LEU J 65 -4.45 44.48 -11.51
N LEU J 66 -3.27 44.98 -11.86
CA LEU J 66 -2.40 45.59 -10.87
C LEU J 66 -2.17 47.06 -11.23
N TYR J 67 -2.01 47.88 -10.18
CA TYR J 67 -1.63 49.28 -10.31
C TYR J 67 -0.49 49.53 -9.33
N TYR J 68 0.58 50.14 -9.85
CA TYR J 68 1.78 50.38 -9.04
C TYR J 68 2.33 51.76 -9.40
N THR J 69 3.09 52.33 -8.45
CA THR J 69 3.65 53.67 -8.60
C THR J 69 4.87 53.79 -7.70
N GLU J 70 5.91 54.48 -8.20
CA GLU J 70 7.10 54.79 -7.43
C GLU J 70 6.70 55.61 -6.20
N PHE J 71 7.37 55.34 -5.06
CA PHE J 71 7.15 56.12 -3.85
C PHE J 71 8.26 55.86 -2.84
N THR J 72 8.29 56.71 -1.79
CA THR J 72 9.06 56.48 -0.58
C THR J 72 8.17 56.72 0.64
N PRO J 73 7.95 55.71 1.50
CA PRO J 73 7.16 55.90 2.72
C PRO J 73 7.94 56.70 3.75
N THR J 74 7.31 57.74 4.29
CA THR J 74 7.94 58.57 5.31
C THR J 74 7.27 58.34 6.65
N GLU J 75 7.75 59.05 7.68
CA GLU J 75 7.27 58.91 9.05
C GLU J 75 5.79 59.29 9.16
N LYS J 76 5.45 60.46 8.61
CA LYS J 76 4.12 61.03 8.65
C LYS J 76 3.70 61.42 7.22
N ASP J 77 2.99 60.50 6.57
CA ASP J 77 2.56 60.64 5.18
C ASP J 77 1.73 59.42 4.82
N GLU J 78 0.50 59.66 4.37
CA GLU J 78 -0.49 58.60 4.18
C GLU J 78 -0.60 58.26 2.69
N TYR J 79 -1.16 57.07 2.43
CA TYR J 79 -1.40 56.56 1.08
C TYR J 79 -2.64 55.66 1.10
N ALA J 80 -3.36 55.63 -0.02
CA ALA J 80 -4.56 54.82 -0.15
C ALA J 80 -4.94 54.65 -1.61
N CYS J 81 -5.61 53.54 -1.90
CA CYS J 81 -6.16 53.27 -3.21
C CYS J 81 -7.63 53.68 -3.22
N ARG J 82 -8.14 54.02 -4.41
CA ARG J 82 -9.56 54.28 -4.62
C ARG J 82 -10.02 53.46 -5.81
N VAL J 83 -11.17 52.81 -5.66
CA VAL J 83 -11.70 51.95 -6.71
C VAL J 83 -13.21 52.14 -6.80
N ASN J 84 -13.67 52.32 -8.04
CA ASN J 84 -15.09 52.46 -8.35
C ASN J 84 -15.44 51.36 -9.35
N HIS J 85 -16.52 50.63 -9.04
CA HIS J 85 -17.06 49.60 -9.92
C HIS J 85 -18.55 49.88 -10.09
N VAL J 86 -19.20 49.13 -10.98
CA VAL J 86 -20.63 49.28 -11.23
C VAL J 86 -21.39 48.73 -10.04
N THR J 87 -20.80 47.73 -9.39
CA THR J 87 -21.46 46.92 -8.38
C THR J 87 -21.69 47.70 -7.08
N LEU J 88 -21.08 48.89 -6.97
CA LEU J 88 -20.98 49.60 -5.71
C LEU J 88 -21.86 50.86 -5.71
N SER J 89 -22.24 51.31 -4.51
CA SER J 89 -22.99 52.55 -4.32
C SER J 89 -22.03 53.73 -4.44
N GLN J 90 -20.89 53.62 -3.76
CA GLN J 90 -19.88 54.66 -3.68
C GLN J 90 -18.55 54.10 -4.18
N PRO J 91 -17.48 54.92 -4.24
CA PRO J 91 -16.11 54.40 -4.38
C PRO J 91 -15.58 53.88 -3.05
N LYS J 92 -14.94 52.71 -3.08
CA LYS J 92 -14.29 52.16 -1.91
C LYS J 92 -12.87 52.71 -1.83
N ILE J 93 -12.68 53.73 -0.98
CA ILE J 93 -11.35 54.23 -0.65
C ILE J 93 -10.77 53.35 0.44
N VAL J 94 -9.92 52.39 0.04
CA VAL J 94 -9.25 51.56 1.01
C VAL J 94 -7.80 52.02 1.13
N LYS J 95 -7.30 52.05 2.37
CA LYS J 95 -6.08 52.78 2.74
C LYS J 95 -4.92 51.81 2.85
N TRP J 96 -3.69 52.36 2.75
CA TRP J 96 -2.49 51.56 2.88
C TRP J 96 -2.06 51.41 4.34
N ASP J 97 -1.29 50.34 4.61
CA ASP J 97 -1.06 49.86 5.97
C ASP J 97 0.27 49.12 6.04
N ARG J 98 0.51 48.46 7.18
CA ARG J 98 1.48 47.38 7.31
C ARG J 98 0.77 46.16 7.89
N ASP J 99 -0.48 46.36 8.34
CA ASP J 99 -1.40 45.31 8.74
C ASP J 99 -1.81 44.50 7.50
N MET J 100 -2.39 45.19 6.52
CA MET J 100 -2.79 44.60 5.25
C MET J 100 -1.63 44.68 4.25
N VAL K 3 -23.15 2.90 54.27
CA VAL K 3 -21.74 2.57 54.62
C VAL K 3 -21.72 1.77 55.93
N GLU K 4 -21.77 0.44 55.82
CA GLU K 4 -21.84 -0.43 56.99
C GLU K 4 -20.58 -1.30 57.05
N GLN K 5 -19.91 -1.23 58.19
CA GLN K 5 -18.56 -1.78 58.34
C GLN K 5 -18.64 -3.10 59.10
N ASN K 6 -17.47 -3.72 59.30
CA ASN K 6 -17.33 -4.93 60.09
C ASN K 6 -17.56 -4.61 61.56
N SER K 7 -18.02 -5.59 62.32
CA SER K 7 -18.24 -5.44 63.75
C SER K 7 -16.91 -5.57 64.48
N GLY K 8 -16.37 -6.80 64.50
CA GLY K 8 -15.22 -7.14 65.30
C GLY K 8 -15.52 -7.01 66.79
N PRO K 9 -14.55 -6.59 67.63
CA PRO K 9 -13.17 -6.37 67.18
C PRO K 9 -12.49 -7.65 66.69
N LEU K 10 -11.67 -7.51 65.64
CA LEU K 10 -10.88 -8.59 65.10
C LEU K 10 -9.58 -8.70 65.91
N SER K 11 -8.96 -9.89 65.91
CA SER K 11 -7.75 -10.14 66.68
C SER K 11 -6.86 -11.15 65.96
N VAL K 12 -5.68 -10.68 65.49
CA VAL K 12 -4.79 -11.45 64.63
C VAL K 12 -3.40 -11.46 65.26
N PRO K 13 -2.72 -12.64 65.34
CA PRO K 13 -1.33 -12.71 65.80
C PRO K 13 -0.34 -12.12 64.79
N GLU K 14 0.85 -11.78 65.28
CA GLU K 14 1.86 -11.01 64.56
C GLU K 14 2.28 -11.73 63.28
N GLY K 15 2.53 -10.95 62.22
CA GLY K 15 2.99 -11.46 60.96
C GLY K 15 1.84 -11.83 60.04
N ALA K 16 0.78 -12.39 60.64
CA ALA K 16 -0.41 -12.82 59.92
C ALA K 16 -1.17 -11.60 59.41
N ILE K 17 -2.08 -11.84 58.46
CA ILE K 17 -2.72 -10.78 57.70
C ILE K 17 -4.01 -10.37 58.39
N ALA K 18 -4.07 -9.08 58.76
CA ALA K 18 -5.29 -8.45 59.22
C ALA K 18 -6.10 -7.99 58.01
N SER K 19 -7.34 -8.48 57.91
CA SER K 19 -8.21 -8.22 56.79
C SER K 19 -9.52 -7.58 57.27
N LEU K 20 -9.83 -6.41 56.71
CA LEU K 20 -11.00 -5.63 57.11
C LEU K 20 -11.94 -5.45 55.91
N ASN K 21 -13.24 -5.39 56.19
CA ASN K 21 -14.24 -5.29 55.14
C ASN K 21 -15.06 -4.00 55.32
N CYS K 22 -15.84 -3.67 54.30
CA CYS K 22 -16.69 -2.48 54.24
C CYS K 22 -17.59 -2.56 53.02
N THR K 23 -18.91 -2.35 53.22
CA THR K 23 -19.88 -2.35 52.13
C THR K 23 -20.57 -0.99 52.04
N TYR K 24 -21.39 -0.80 50.99
CA TYR K 24 -22.05 0.48 50.73
C TYR K 24 -23.36 0.26 49.95
N SER K 25 -23.86 1.32 49.30
CA SER K 25 -25.18 1.33 48.69
C SER K 25 -25.16 1.80 47.24
N ASP K 26 -24.65 3.01 47.00
CA ASP K 26 -24.65 3.62 45.67
C ASP K 26 -23.59 2.93 44.81
N ARG K 27 -24.04 2.36 43.69
CA ARG K 27 -23.19 1.60 42.76
C ARG K 27 -21.96 2.43 42.38
N GLY K 28 -22.21 3.71 42.06
CA GLY K 28 -21.15 4.67 41.81
C GLY K 28 -20.84 5.48 43.06
N SER K 29 -19.67 5.21 43.66
CA SER K 29 -19.21 5.95 44.82
C SER K 29 -17.82 6.51 44.56
N GLN K 30 -17.02 5.75 43.81
CA GLN K 30 -15.82 6.20 43.11
C GLN K 30 -14.85 6.94 44.03
N SER K 31 -15.03 6.81 45.36
CA SER K 31 -14.15 7.44 46.33
C SER K 31 -14.18 6.66 47.63
N PHE K 32 -13.08 5.92 47.89
CA PHE K 32 -13.01 5.00 49.01
C PHE K 32 -11.67 5.16 49.73
N PHE K 33 -11.75 5.54 51.02
CA PHE K 33 -10.58 5.84 51.83
C PHE K 33 -10.57 4.94 53.07
N TRP K 34 -9.36 4.68 53.59
CA TRP K 34 -9.15 3.94 54.83
C TRP K 34 -8.43 4.82 55.85
N TYR K 35 -8.97 4.83 57.09
CA TYR K 35 -8.56 5.76 58.13
C TYR K 35 -8.19 5.01 59.41
N ARG K 36 -7.06 5.36 60.02
CA ARG K 36 -6.53 4.69 61.20
C ARG K 36 -6.49 5.67 62.39
N GLN K 37 -6.82 5.15 63.58
CA GLN K 37 -6.94 5.94 64.80
C GLN K 37 -6.50 5.11 66.01
N TYR K 38 -5.41 5.53 66.64
CA TYR K 38 -4.99 4.99 67.93
C TYR K 38 -5.92 5.56 69.01
N SER K 39 -6.64 4.66 69.69
CA SER K 39 -7.71 5.05 70.60
C SER K 39 -7.33 6.32 71.35
N GLY K 40 -8.00 7.42 70.99
CA GLY K 40 -7.78 8.71 71.62
C GLY K 40 -6.61 9.46 71.02
N LYS K 41 -6.46 9.39 69.69
CA LYS K 41 -5.54 10.24 68.95
C LYS K 41 -6.17 10.67 67.63
N SER K 42 -5.41 11.44 66.85
CA SER K 42 -5.87 11.98 65.57
C SER K 42 -5.93 10.88 64.52
N PRO K 43 -7.12 10.62 63.92
CA PRO K 43 -7.25 9.68 62.80
C PRO K 43 -6.67 10.20 61.49
N GLU K 44 -5.62 9.51 61.00
CA GLU K 44 -5.02 9.82 59.71
C GLU K 44 -5.66 8.93 58.64
N LEU K 45 -5.77 9.45 57.42
CA LEU K 45 -6.02 8.60 56.27
C LEU K 45 -4.79 7.73 56.06
N ILE K 46 -5.02 6.49 55.60
CA ILE K 46 -3.91 5.58 55.39
C ILE K 46 -3.95 4.97 53.99
N MET K 47 -5.15 4.75 53.44
CA MET K 47 -5.28 4.26 52.08
C MET K 47 -6.45 4.93 51.36
N PHE K 48 -6.31 5.07 50.03
CA PHE K 48 -7.33 5.65 49.18
C PHE K 48 -7.33 4.93 47.84
N ILE K 49 -8.53 4.52 47.39
CA ILE K 49 -8.71 3.89 46.10
C ILE K 49 -9.91 4.54 45.40
N TYR K 50 -9.85 4.60 44.06
CA TYR K 50 -10.81 5.38 43.29
C TYR K 50 -11.53 4.52 42.25
N SER K 51 -10.93 3.37 41.90
CA SER K 51 -11.54 2.42 40.97
C SER K 51 -11.18 0.99 41.36
N ASN K 52 -11.88 0.03 40.75
CA ASN K 52 -11.75 -1.39 41.04
C ASN K 52 -10.31 -1.83 40.87
N GLY K 53 -9.89 -2.80 41.69
CA GLY K 53 -8.55 -3.35 41.57
C GLY K 53 -7.81 -3.37 42.91
N ASP K 54 -6.53 -3.73 42.83
CA ASP K 54 -5.73 -4.09 43.99
C ASP K 54 -4.59 -3.08 44.14
N LYS K 55 -4.89 -1.93 44.75
CA LYS K 55 -3.89 -0.92 45.02
C LYS K 55 -3.08 -1.34 46.25
N GLU K 56 -1.76 -1.20 46.15
CA GLU K 56 -0.86 -1.64 47.20
C GLU K 56 0.13 -0.53 47.53
N ASP K 57 0.52 -0.47 48.81
CA ASP K 57 1.50 0.47 49.33
C ASP K 57 1.84 0.11 50.77
N GLY K 58 3.10 0.39 51.16
CA GLY K 58 3.58 0.12 52.51
C GLY K 58 3.57 -1.37 52.83
N ARG K 59 2.51 -1.80 53.52
CA ARG K 59 2.25 -3.20 53.78
C ARG K 59 0.78 -3.48 53.47
N PHE K 60 0.09 -2.43 53.02
CA PHE K 60 -1.35 -2.40 52.87
C PHE K 60 -1.76 -2.65 51.42
N THR K 61 -2.93 -3.28 51.26
CA THR K 61 -3.55 -3.52 49.97
C THR K 61 -5.02 -3.12 50.06
N ALA K 62 -5.49 -2.37 49.06
CA ALA K 62 -6.89 -2.04 48.94
C ALA K 62 -7.56 -2.93 47.89
N GLN K 63 -8.89 -2.96 47.91
CA GLN K 63 -9.65 -3.73 46.94
C GLN K 63 -11.07 -3.18 46.87
N LEU K 64 -11.43 -2.68 45.68
CA LEU K 64 -12.76 -2.17 45.42
C LEU K 64 -13.47 -3.09 44.43
N ASN K 65 -14.80 -3.04 44.44
CA ASN K 65 -15.64 -3.93 43.67
C ASN K 65 -17.02 -3.31 43.52
N LYS K 66 -17.18 -2.49 42.47
CA LYS K 66 -18.40 -1.72 42.26
C LYS K 66 -19.59 -2.65 41.98
N ALA K 67 -19.30 -3.95 41.79
CA ALA K 67 -20.33 -4.94 41.54
C ALA K 67 -20.66 -5.68 42.83
N SER K 68 -19.63 -5.98 43.62
CA SER K 68 -19.81 -6.63 44.92
C SER K 68 -20.11 -5.59 45.99
N GLN K 69 -20.09 -4.31 45.58
CA GLN K 69 -20.36 -3.17 46.43
C GLN K 69 -19.66 -3.34 47.78
N TYR K 70 -18.34 -3.56 47.73
CA TYR K 70 -17.52 -3.73 48.92
C TYR K 70 -16.11 -3.19 48.66
N VAL K 71 -15.51 -2.64 49.73
CA VAL K 71 -14.12 -2.22 49.71
C VAL K 71 -13.41 -2.83 50.93
N SER K 72 -12.14 -3.18 50.77
CA SER K 72 -11.43 -3.90 51.82
C SER K 72 -9.97 -3.51 51.90
N LEU K 73 -9.41 -3.62 53.11
CA LEU K 73 -8.02 -3.36 53.40
C LEU K 73 -7.33 -4.65 53.84
N LEU K 74 -6.13 -4.89 53.29
CA LEU K 74 -5.33 -6.05 53.62
C LEU K 74 -4.01 -5.56 54.22
N ILE K 75 -3.76 -5.95 55.48
CA ILE K 75 -2.53 -5.55 56.14
C ILE K 75 -1.62 -6.77 56.26
N ARG K 76 -0.69 -6.89 55.30
CA ARG K 76 0.28 -7.96 55.30
C ARG K 76 1.34 -7.66 56.36
N ASP K 77 1.93 -8.73 56.93
CA ASP K 77 3.05 -8.66 57.86
C ASP K 77 2.76 -7.62 58.94
N SER K 78 2.09 -8.06 60.02
CA SER K 78 1.60 -7.15 61.03
C SER K 78 2.62 -6.94 62.13
N GLN K 79 2.70 -5.69 62.63
CA GLN K 79 3.46 -5.31 63.80
C GLN K 79 2.50 -4.83 64.88
N PRO K 80 2.87 -4.84 66.18
CA PRO K 80 1.96 -4.43 67.25
C PRO K 80 1.63 -2.94 67.23
N SER K 81 2.17 -2.24 66.22
CA SER K 81 1.93 -0.82 66.02
C SER K 81 0.70 -0.60 65.14
N ASP K 82 0.10 -1.71 64.67
CA ASP K 82 -1.11 -1.66 63.86
C ASP K 82 -2.32 -1.93 64.74
N SER K 83 -2.14 -1.78 66.05
CA SER K 83 -3.22 -1.88 67.03
C SER K 83 -3.94 -0.55 67.12
N ALA K 84 -5.00 -0.42 66.31
CA ALA K 84 -5.79 0.80 66.23
C ALA K 84 -7.25 0.44 65.89
N THR K 85 -8.02 1.46 65.52
CA THR K 85 -9.36 1.29 65.01
C THR K 85 -9.38 1.79 63.57
N TYR K 86 -9.92 0.96 62.66
CA TYR K 86 -9.88 1.27 61.24
C TYR K 86 -11.27 1.66 60.75
N LEU K 87 -11.31 2.61 59.81
CA LEU K 87 -12.55 3.25 59.41
C LEU K 87 -12.51 3.49 57.90
N CYS K 88 -13.36 2.75 57.18
CA CYS K 88 -13.54 2.92 55.74
C CYS K 88 -14.45 4.13 55.52
N ALA K 89 -13.99 5.04 54.67
CA ALA K 89 -14.71 6.30 54.45
C ALA K 89 -15.12 6.40 52.99
N VAL K 90 -16.40 6.70 52.77
CA VAL K 90 -16.92 6.83 51.42
C VAL K 90 -17.42 8.26 51.23
N ARG K 91 -16.71 9.01 50.37
CA ARG K 91 -17.13 10.33 49.96
C ARG K 91 -18.32 10.18 49.01
N GLU K 92 -19.50 10.56 49.50
CA GLU K 92 -20.70 10.45 48.70
C GLU K 92 -21.53 11.71 48.86
N GLY K 93 -22.82 11.61 48.54
CA GLY K 93 -23.61 12.79 48.20
C GLY K 93 -22.82 13.63 47.19
N ALA K 94 -22.74 14.93 47.46
CA ALA K 94 -21.86 15.83 46.73
C ALA K 94 -20.43 15.46 47.06
N GLN K 95 -19.85 16.24 47.97
CA GLN K 95 -18.64 15.89 48.69
C GLN K 95 -18.82 16.24 50.16
N LYS K 96 -19.08 15.18 50.94
CA LYS K 96 -18.74 15.10 52.35
C LYS K 96 -18.39 13.63 52.61
N LEU K 97 -17.53 13.37 53.59
CA LEU K 97 -17.20 11.99 53.91
C LEU K 97 -18.22 11.44 54.90
N VAL K 98 -18.40 10.13 54.86
CA VAL K 98 -19.27 9.43 55.78
C VAL K 98 -18.65 8.06 56.10
N PHE K 99 -18.69 7.73 57.39
CA PHE K 99 -17.90 6.65 57.95
C PHE K 99 -18.83 5.55 58.47
N GLY K 100 -18.33 4.32 58.39
CA GLY K 100 -19.01 3.16 58.94
C GLY K 100 -18.87 3.09 60.45
N GLN K 101 -19.31 1.97 61.01
CA GLN K 101 -19.39 1.77 62.44
C GLN K 101 -18.01 1.90 63.08
N GLY K 102 -16.98 1.38 62.38
CA GLY K 102 -15.61 1.33 62.90
C GLY K 102 -15.25 -0.09 63.31
N THR K 103 -14.08 -0.56 62.85
CA THR K 103 -13.63 -1.92 63.18
C THR K 103 -12.32 -1.83 63.95
N ARG K 104 -12.39 -2.23 65.23
CA ARG K 104 -11.30 -2.11 66.18
C ARG K 104 -10.41 -3.35 66.10
N LEU K 105 -9.09 -3.14 66.05
CA LEU K 105 -8.14 -4.20 65.75
C LEU K 105 -6.97 -4.18 66.72
N THR K 106 -6.62 -5.37 67.23
CA THR K 106 -5.49 -5.56 68.12
C THR K 106 -4.55 -6.59 67.48
N ILE K 107 -3.25 -6.24 67.42
CA ILE K 107 -2.24 -7.14 66.90
C ILE K 107 -1.36 -7.61 68.07
N ASN K 108 -1.35 -8.93 68.29
CA ASN K 108 -0.61 -9.57 69.37
C ASN K 108 0.85 -9.70 68.99
N PRO K 109 1.80 -9.32 69.87
CA PRO K 109 3.22 -9.40 69.55
C PRO K 109 3.76 -10.83 69.60
N ASN K 110 5.04 -10.99 69.24
CA ASN K 110 5.70 -12.28 69.21
C ASN K 110 6.40 -12.52 70.54
N ILE K 111 5.64 -13.04 71.52
CA ILE K 111 6.20 -13.45 72.80
C ILE K 111 7.00 -14.72 72.57
N GLN K 112 8.29 -14.54 72.25
CA GLN K 112 9.16 -15.63 71.83
C GLN K 112 9.77 -16.31 73.06
N ASN K 113 9.79 -15.58 74.18
CA ASN K 113 10.38 -16.09 75.41
C ASN K 113 9.40 -15.92 76.56
N PRO K 114 8.27 -16.68 76.61
CA PRO K 114 7.32 -16.60 77.71
C PRO K 114 8.03 -16.89 79.03
N ASP K 115 8.12 -15.85 79.88
CA ASP K 115 8.79 -15.93 81.17
C ASP K 115 7.78 -15.64 82.26
N PRO K 116 6.85 -16.59 82.57
CA PRO K 116 5.73 -16.33 83.46
C PRO K 116 6.20 -15.95 84.86
N ALA K 117 6.15 -14.64 85.14
CA ALA K 117 6.65 -14.09 86.38
C ALA K 117 5.69 -13.03 86.92
N VAL K 118 5.25 -13.21 88.17
CA VAL K 118 4.49 -12.22 88.91
C VAL K 118 5.40 -11.65 89.98
N TYR K 119 5.29 -10.33 90.21
CA TYR K 119 6.14 -9.65 91.18
C TYR K 119 5.31 -8.67 92.02
N GLN K 120 5.72 -8.47 93.27
CA GLN K 120 5.14 -7.46 94.12
C GLN K 120 6.05 -6.24 94.14
N LEU K 121 5.55 -5.13 93.58
CA LEU K 121 6.29 -3.89 93.51
C LEU K 121 6.20 -3.16 94.85
N ARG K 122 7.37 -2.80 95.38
CA ARG K 122 7.56 -2.31 96.74
C ARG K 122 6.40 -1.44 97.19
N ASP K 123 5.93 -1.71 98.41
CA ASP K 123 5.12 -0.79 99.18
C ASP K 123 5.91 0.52 99.31
N SER K 124 5.80 1.36 98.28
CA SER K 124 6.76 2.41 97.96
C SER K 124 6.92 3.41 99.11
N LYS K 125 8.11 4.05 99.14
CA LYS K 125 8.43 5.11 100.08
C LYS K 125 7.57 6.32 99.77
N SER K 126 6.63 6.15 98.83
CA SER K 126 5.78 7.20 98.33
C SER K 126 4.31 6.86 98.57
N SER K 127 4.06 5.63 99.04
CA SER K 127 2.71 5.10 99.15
C SER K 127 2.60 4.17 100.36
N ASP K 128 1.51 3.38 100.40
CA ASP K 128 1.28 2.38 101.43
C ASP K 128 0.38 1.26 100.88
N LYS K 129 -0.11 1.45 99.65
CA LYS K 129 -0.82 0.41 98.92
C LYS K 129 0.21 -0.56 98.33
N SER K 130 -0.23 -1.80 98.07
CA SER K 130 0.63 -2.81 97.48
C SER K 130 0.11 -3.16 96.09
N VAL K 131 1.05 -3.31 95.14
CA VAL K 131 0.74 -3.52 93.74
C VAL K 131 1.51 -4.72 93.21
N CYS K 132 0.76 -5.64 92.56
CA CYS K 132 1.33 -6.84 91.96
C CYS K 132 1.22 -6.75 90.44
N LEU K 133 2.39 -6.81 89.79
CA LEU K 133 2.52 -6.77 88.34
C LEU K 133 2.77 -8.18 87.81
N PHE K 134 1.77 -8.72 87.10
CA PHE K 134 1.93 -9.95 86.34
C PHE K 134 2.36 -9.60 84.93
N THR K 135 3.52 -10.12 84.51
CA THR K 135 4.19 -9.65 83.31
C THR K 135 4.85 -10.80 82.55
N ASP K 136 5.07 -10.57 81.25
CA ASP K 136 5.93 -11.36 80.37
C ASP K 136 5.22 -12.62 79.85
N PHE K 137 3.90 -12.69 80.04
CA PHE K 137 3.14 -13.88 79.68
C PHE K 137 2.99 -13.97 78.16
N ASP K 138 2.27 -15.01 77.71
CA ASP K 138 2.20 -15.41 76.31
C ASP K 138 1.23 -14.53 75.54
N SER K 139 0.82 -15.03 74.36
CA SER K 139 -0.15 -14.37 73.51
C SER K 139 -1.43 -15.19 73.46
N GLN K 140 -1.88 -15.64 74.64
CA GLN K 140 -3.04 -16.52 74.75
C GLN K 140 -3.82 -16.24 76.03
N THR K 141 -3.14 -15.75 77.06
CA THR K 141 -3.71 -15.60 78.40
C THR K 141 -4.82 -14.55 78.39
N ASN K 142 -6.00 -14.94 78.89
CA ASN K 142 -7.14 -14.05 79.01
C ASN K 142 -7.29 -13.63 80.46
N VAL K 143 -6.50 -12.62 80.86
CA VAL K 143 -6.52 -12.08 82.21
C VAL K 143 -7.79 -11.26 82.39
N SER K 144 -8.59 -11.63 83.39
CA SER K 144 -9.93 -11.07 83.58
C SER K 144 -10.03 -10.33 84.91
N GLN K 145 -11.26 -10.03 85.34
CA GLN K 145 -11.55 -9.49 86.65
C GLN K 145 -11.35 -10.59 87.70
N SER K 146 -12.12 -10.53 88.79
CA SER K 146 -12.05 -11.53 89.84
C SER K 146 -13.39 -11.62 90.57
N LYS K 147 -13.46 -12.53 91.55
CA LYS K 147 -14.62 -12.72 92.40
C LYS K 147 -14.88 -11.43 93.18
N ASP K 148 -13.83 -10.92 93.84
CA ASP K 148 -13.89 -9.68 94.60
C ASP K 148 -13.86 -8.50 93.63
N SER K 149 -14.75 -7.53 93.87
CA SER K 149 -14.76 -6.28 93.13
C SER K 149 -14.02 -5.19 93.90
N ASP K 150 -13.66 -5.51 95.16
CA ASP K 150 -12.85 -4.65 96.00
C ASP K 150 -11.40 -4.72 95.52
N VAL K 151 -11.11 -5.74 94.72
CA VAL K 151 -9.81 -5.93 94.09
C VAL K 151 -9.94 -5.56 92.61
N TYR K 152 -9.02 -4.70 92.14
CA TYR K 152 -9.05 -4.18 90.78
C TYR K 152 -7.93 -4.82 89.95
N ILE K 153 -8.29 -5.34 88.78
CA ILE K 153 -7.33 -5.93 87.85
C ILE K 153 -7.54 -5.30 86.47
N THR K 154 -6.43 -5.18 85.72
CA THR K 154 -6.40 -4.48 84.46
C THR K 154 -6.30 -5.47 83.31
N ASP K 155 -6.50 -4.96 82.08
CA ASP K 155 -6.34 -5.75 80.86
C ASP K 155 -4.85 -5.87 80.55
N LYS K 156 -4.52 -6.86 79.71
CA LYS K 156 -3.18 -7.01 79.17
C LYS K 156 -2.83 -5.78 78.34
N CYS K 157 -1.54 -5.40 78.36
CA CYS K 157 -1.07 -4.22 77.66
C CYS K 157 0.36 -4.44 77.20
N VAL K 158 0.61 -4.11 75.93
CA VAL K 158 1.90 -4.39 75.29
C VAL K 158 2.76 -3.13 75.36
N LEU K 159 3.98 -3.28 75.90
CA LEU K 159 4.97 -2.23 75.89
C LEU K 159 6.14 -2.65 75.01
N ASP K 160 6.96 -1.67 74.61
CA ASP K 160 8.09 -1.94 73.73
C ASP K 160 9.17 -0.89 73.94
N MET K 161 10.37 -1.37 74.35
CA MET K 161 11.58 -0.59 74.22
C MET K 161 12.11 -0.80 72.80
N ARG K 162 12.24 0.29 72.05
CA ARG K 162 12.51 0.25 70.63
C ARG K 162 13.88 -0.37 70.34
N SER K 163 14.82 -0.18 71.27
CA SER K 163 16.21 -0.58 71.06
C SER K 163 16.52 -1.89 71.80
N MET K 164 15.85 -2.10 72.94
CA MET K 164 16.11 -3.26 73.78
C MET K 164 15.31 -4.47 73.31
N ASP K 165 14.45 -4.26 72.29
CA ASP K 165 13.64 -5.28 71.65
C ASP K 165 12.61 -5.85 72.63
N PHE K 166 13.09 -6.32 73.79
CA PHE K 166 12.31 -6.95 74.83
C PHE K 166 10.90 -6.34 74.87
N LYS K 167 9.94 -7.05 74.26
CA LYS K 167 8.53 -6.69 74.30
C LYS K 167 7.83 -7.54 75.34
N SER K 168 6.97 -6.89 76.15
CA SER K 168 6.29 -7.58 77.24
C SER K 168 4.81 -7.24 77.25
N ASN K 169 4.00 -8.22 77.67
CA ASN K 169 2.59 -8.04 77.96
C ASN K 169 2.43 -8.03 79.48
N SER K 170 1.73 -7.01 80.00
CA SER K 170 1.60 -6.83 81.43
C SER K 170 0.18 -6.38 81.83
N ALA K 171 -0.27 -6.91 82.97
CA ALA K 171 -1.54 -6.53 83.57
C ALA K 171 -1.34 -6.41 85.08
N VAL K 172 -1.75 -5.26 85.64
CA VAL K 172 -1.44 -4.88 87.00
C VAL K 172 -2.66 -5.11 87.88
N ALA K 173 -2.42 -5.52 89.13
CA ALA K 173 -3.48 -5.77 90.09
C ALA K 173 -3.04 -5.36 91.50
N TRP K 174 -3.98 -4.79 92.26
CA TRP K 174 -3.77 -4.38 93.63
C TRP K 174 -5.01 -4.68 94.46
N SER K 175 -5.02 -4.25 95.74
CA SER K 175 -6.19 -4.37 96.58
C SER K 175 -6.29 -3.22 97.57
N ASN K 176 -7.52 -2.69 97.70
CA ASN K 176 -7.86 -1.60 98.60
C ASN K 176 -8.05 -2.15 100.01
N LYS K 177 -8.24 -3.48 100.08
CA LYS K 177 -8.43 -4.22 101.32
C LYS K 177 -7.09 -4.38 102.02
N SER K 178 -7.14 -4.73 103.31
CA SER K 178 -5.95 -5.07 104.08
C SER K 178 -5.75 -6.59 104.06
N ASP K 179 -6.79 -7.31 103.63
CA ASP K 179 -6.79 -8.76 103.56
C ASP K 179 -6.61 -9.18 102.10
N PHE K 180 -5.35 -9.22 101.64
CA PHE K 180 -5.02 -9.53 100.26
C PHE K 180 -3.63 -10.15 100.17
N ALA K 181 -3.48 -11.12 99.26
CA ALA K 181 -2.20 -11.76 98.99
C ALA K 181 -1.68 -11.31 97.63
N CYS K 182 -0.86 -12.15 96.99
CA CYS K 182 -0.35 -11.86 95.65
C CYS K 182 -0.26 -13.15 94.83
N ALA K 183 0.05 -14.27 95.51
CA ALA K 183 0.15 -15.57 94.87
C ALA K 183 -1.21 -16.00 94.34
N ASN K 184 -2.27 -15.42 94.91
CA ASN K 184 -3.65 -15.64 94.50
C ASN K 184 -4.27 -14.31 94.09
N ALA K 185 -3.53 -13.53 93.31
CA ALA K 185 -4.00 -12.24 92.80
C ALA K 185 -4.61 -12.43 91.41
N PHE K 186 -4.18 -13.50 90.73
CA PHE K 186 -4.66 -13.81 89.40
C PHE K 186 -5.39 -15.16 89.43
N ASN K 187 -6.51 -15.19 90.16
CA ASN K 187 -7.37 -16.36 90.29
C ASN K 187 -8.06 -16.61 88.96
N ASN K 188 -8.52 -15.53 88.32
CA ASN K 188 -9.42 -15.59 87.18
C ASN K 188 -8.65 -15.33 85.89
N SER K 189 -7.82 -16.32 85.50
CA SER K 189 -7.03 -16.25 84.28
C SER K 189 -6.62 -17.65 83.84
N ILE K 190 -6.07 -17.74 82.61
CA ILE K 190 -5.41 -18.95 82.14
C ILE K 190 -3.90 -18.75 82.35
N ILE K 191 -3.49 -18.69 83.62
CA ILE K 191 -2.12 -18.42 84.01
C ILE K 191 -1.22 -19.56 83.57
N PRO K 192 0.00 -19.29 83.08
CA PRO K 192 0.90 -20.33 82.56
C PRO K 192 1.34 -21.38 83.59
N GLU K 193 2.07 -22.39 83.11
CA GLU K 193 2.42 -23.58 83.86
C GLU K 193 3.22 -23.20 85.10
N ASP K 194 4.47 -22.77 84.90
CA ASP K 194 5.36 -22.37 85.98
C ASP K 194 5.23 -20.86 86.22
N THR K 195 4.25 -20.49 87.04
CA THR K 195 4.01 -19.10 87.40
C THR K 195 4.92 -18.74 88.57
N PHE K 196 5.74 -17.70 88.37
CA PHE K 196 6.69 -17.22 89.34
C PHE K 196 5.97 -16.45 90.44
N PHE K 197 6.06 -16.95 91.68
CA PHE K 197 5.53 -16.25 92.84
C PHE K 197 6.63 -16.13 93.90
N PRO K 198 7.50 -15.09 93.83
CA PRO K 198 8.48 -14.86 94.89
C PRO K 198 7.86 -14.22 96.13
N SER K 199 8.36 -14.62 97.31
CA SER K 199 7.78 -14.25 98.60
C SER K 199 8.00 -12.75 98.88
N PRO K 200 6.92 -12.00 99.22
CA PRO K 200 7.03 -10.56 99.45
C PRO K 200 7.76 -10.19 100.75
N GLY L 3 -0.28 22.13 60.68
CA GLY L 3 -1.23 21.15 61.30
C GLY L 3 -2.56 21.81 61.69
N VAL L 4 -3.43 21.02 62.34
CA VAL L 4 -4.75 21.47 62.73
C VAL L 4 -4.78 21.64 64.25
N SER L 5 -5.22 22.83 64.70
CA SER L 5 -5.33 23.15 66.11
C SER L 5 -6.78 23.03 66.56
N GLN L 6 -6.96 22.76 67.85
CA GLN L 6 -8.29 22.73 68.45
C GLN L 6 -8.24 23.26 69.87
N SER L 7 -9.37 23.83 70.29
CA SER L 7 -9.50 24.47 71.58
C SER L 7 -10.97 24.38 72.02
N PRO L 8 -11.27 24.17 73.33
CA PRO L 8 -10.24 23.86 74.33
C PRO L 8 -9.75 22.42 74.19
N SER L 9 -8.71 22.07 74.94
CA SER L 9 -8.19 20.71 74.97
C SER L 9 -9.31 19.77 75.41
N ASN L 10 -9.62 19.79 76.71
CA ASN L 10 -10.78 19.12 77.26
C ASN L 10 -11.73 20.18 77.81
N LYS L 11 -12.82 19.74 78.45
CA LYS L 11 -13.80 20.64 79.04
C LYS L 11 -14.72 19.83 79.97
N VAL L 12 -15.23 20.51 81.00
CA VAL L 12 -16.30 19.99 81.83
C VAL L 12 -17.28 21.12 82.08
N THR L 13 -18.57 20.80 82.09
CA THR L 13 -19.63 21.79 82.25
C THR L 13 -20.73 21.22 83.14
N GLU L 14 -21.74 22.06 83.40
CA GLU L 14 -23.00 21.61 83.98
C GLU L 14 -24.05 21.53 82.87
N LYS L 15 -25.09 20.73 83.12
CA LYS L 15 -26.26 20.64 82.26
C LYS L 15 -26.90 22.03 82.13
N GLY L 16 -26.30 22.90 81.32
CA GLY L 16 -26.82 24.24 81.14
C GLY L 16 -25.80 25.19 80.52
N LYS L 17 -24.74 25.52 81.28
CA LYS L 17 -23.76 26.50 80.88
C LYS L 17 -23.17 26.13 79.52
N ASP L 18 -23.18 27.11 78.61
CA ASP L 18 -22.86 26.91 77.20
C ASP L 18 -21.36 26.71 77.02
N VAL L 19 -20.97 26.18 75.85
CA VAL L 19 -19.58 25.95 75.50
C VAL L 19 -19.36 26.41 74.05
N GLU L 20 -18.11 26.80 73.76
CA GLU L 20 -17.67 27.07 72.40
C GLU L 20 -16.42 26.23 72.12
N LEU L 21 -16.34 25.71 70.89
CA LEU L 21 -15.22 24.88 70.47
C LEU L 21 -14.57 25.49 69.23
N ARG L 22 -13.26 25.71 69.33
CA ARG L 22 -12.48 26.42 68.32
C ARG L 22 -11.71 25.41 67.48
N CYS L 23 -11.24 25.86 66.31
CA CYS L 23 -10.57 25.02 65.34
C CYS L 23 -9.95 25.90 64.25
N ASP L 24 -8.63 25.77 64.10
CA ASP L 24 -7.89 26.47 63.06
C ASP L 24 -7.38 25.44 62.05
N PRO L 25 -8.06 25.31 60.88
CA PRO L 25 -7.62 24.41 59.81
C PRO L 25 -6.34 24.91 59.14
N ILE L 26 -5.60 24.00 58.51
CA ILE L 26 -4.35 24.35 57.84
C ILE L 26 -4.63 25.47 56.86
N SER L 27 -3.83 26.53 56.97
CA SER L 27 -4.05 27.77 56.24
C SER L 27 -4.19 27.48 54.74
N GLY L 28 -5.29 27.96 54.15
CA GLY L 28 -5.58 27.81 52.73
C GLY L 28 -6.41 26.56 52.44
N HIS L 29 -7.30 26.22 53.37
CA HIS L 29 -8.16 25.04 53.23
C HIS L 29 -9.61 25.49 53.07
N THR L 30 -10.23 25.08 51.96
CA THR L 30 -11.51 25.59 51.51
C THR L 30 -12.67 24.83 52.15
N ALA L 31 -12.38 23.69 52.78
CA ALA L 31 -13.43 22.87 53.36
C ALA L 31 -13.12 22.56 54.82
N LEU L 32 -14.14 22.66 55.68
CA LEU L 32 -14.02 22.27 57.08
C LEU L 32 -15.24 21.47 57.51
N TYR L 33 -14.98 20.38 58.26
CA TYR L 33 -16.00 19.44 58.72
C TYR L 33 -15.93 19.32 60.24
N TRP L 34 -17.07 19.00 60.86
CA TRP L 34 -17.17 18.87 62.31
C TRP L 34 -17.73 17.51 62.68
N TYR L 35 -16.85 16.61 63.15
CA TYR L 35 -17.30 15.29 63.57
C TYR L 35 -17.34 15.23 65.10
N ARG L 36 -18.32 14.49 65.62
CA ARG L 36 -18.33 14.08 67.01
C ARG L 36 -17.94 12.60 67.05
N GLN L 37 -17.47 12.13 68.22
CA GLN L 37 -17.19 10.73 68.43
C GLN L 37 -17.90 10.30 69.70
N SER L 38 -17.78 9.01 70.04
CA SER L 38 -18.40 8.45 71.24
C SER L 38 -17.71 7.15 71.60
N LEU L 39 -16.62 7.27 72.38
CA LEU L 39 -15.71 6.18 72.69
C LEU L 39 -16.45 4.84 72.72
N GLY L 40 -16.40 4.15 71.57
CA GLY L 40 -17.13 2.90 71.36
C GLY L 40 -17.83 2.84 70.01
N GLN L 41 -18.47 3.96 69.64
CA GLN L 41 -19.20 4.09 68.38
C GLN L 41 -18.23 4.34 67.24
N GLY L 42 -18.67 5.14 66.26
CA GLY L 42 -17.89 5.46 65.07
C GLY L 42 -17.54 6.94 64.99
N LEU L 43 -17.95 7.57 63.88
CA LEU L 43 -17.69 8.98 63.65
C LEU L 43 -18.91 9.62 62.98
N GLU L 44 -19.58 10.50 63.73
CA GLU L 44 -20.84 11.09 63.32
C GLU L 44 -20.60 12.50 62.82
N PHE L 45 -21.30 12.86 61.72
CA PHE L 45 -21.07 14.12 61.04
C PHE L 45 -22.14 15.14 61.43
N LEU L 46 -21.68 16.36 61.73
CA LEU L 46 -22.55 17.41 62.24
C LEU L 46 -22.76 18.46 61.15
N ILE L 47 -21.66 19.08 60.70
CA ILE L 47 -21.75 20.21 59.78
C ILE L 47 -20.43 20.32 59.02
N TYR L 48 -20.50 20.90 57.81
CA TYR L 48 -19.30 21.21 57.04
C TYR L 48 -19.47 22.55 56.34
N PHE L 49 -18.32 23.21 56.10
CA PHE L 49 -18.25 24.55 55.59
C PHE L 49 -17.45 24.59 54.29
N GLN L 50 -17.97 25.34 53.31
CA GLN L 50 -17.26 25.63 52.08
C GLN L 50 -16.76 27.07 52.17
N GLY L 51 -15.83 27.31 53.09
CA GLY L 51 -15.44 28.66 53.48
C GLY L 51 -16.38 29.21 54.54
N ASN L 52 -17.08 30.31 54.22
CA ASN L 52 -18.02 30.91 55.14
C ASN L 52 -19.43 30.43 54.83
N SER L 53 -19.51 29.37 54.01
CA SER L 53 -20.78 28.78 53.60
C SER L 53 -21.07 27.55 54.44
N ALA L 54 -22.35 27.32 54.74
CA ALA L 54 -22.77 26.10 55.40
C ALA L 54 -23.69 25.30 54.46
N PRO L 55 -23.14 24.55 53.49
CA PRO L 55 -23.95 23.83 52.49
C PRO L 55 -24.75 22.67 53.06
N ASP L 56 -24.20 22.00 54.09
CA ASP L 56 -24.85 20.85 54.71
C ASP L 56 -24.88 21.04 56.23
N LYS L 57 -25.92 21.73 56.70
CA LYS L 57 -26.12 21.96 58.12
C LYS L 57 -26.68 20.71 58.78
N SER L 58 -27.38 19.89 57.98
CA SER L 58 -28.19 18.78 58.46
C SER L 58 -27.34 17.68 59.08
N GLY L 59 -27.65 17.34 60.34
CA GLY L 59 -26.87 16.40 61.13
C GLY L 59 -26.62 16.90 62.54
N LEU L 60 -26.87 18.19 62.77
CA LEU L 60 -26.82 18.78 64.10
C LEU L 60 -28.07 18.37 64.85
N PRO L 61 -27.92 17.71 66.04
CA PRO L 61 -29.07 17.13 66.74
C PRO L 61 -30.17 18.15 67.00
N SER L 62 -29.88 19.12 67.88
CA SER L 62 -30.86 20.12 68.28
C SER L 62 -30.43 21.50 67.81
N ASP L 63 -31.23 22.51 68.18
CA ASP L 63 -31.01 23.89 67.82
C ASP L 63 -30.02 24.51 68.81
N ARG L 64 -29.67 23.74 69.85
CA ARG L 64 -28.69 24.13 70.86
C ARG L 64 -27.30 24.04 70.26
N PHE L 65 -27.19 23.26 69.17
CA PHE L 65 -25.96 23.13 68.40
C PHE L 65 -25.99 24.12 67.25
N SER L 66 -24.95 24.96 67.17
CA SER L 66 -24.80 25.92 66.10
C SER L 66 -23.32 26.19 65.86
N ALA L 67 -22.92 26.15 64.58
CA ALA L 67 -21.53 26.38 64.20
C ALA L 67 -21.45 27.57 63.24
N GLU L 68 -20.38 28.36 63.40
CA GLU L 68 -20.28 29.66 62.79
C GLU L 68 -18.82 29.94 62.42
N ARG L 69 -18.52 29.79 61.13
CA ARG L 69 -17.20 30.15 60.60
C ARG L 69 -17.40 31.10 59.43
N THR L 70 -16.82 32.30 59.56
CA THR L 70 -16.87 33.31 58.53
C THR L 70 -15.49 33.98 58.45
N GLY L 71 -15.04 34.51 59.59
CA GLY L 71 -13.77 35.19 59.72
C GLY L 71 -12.59 34.24 59.50
N GLY L 72 -11.97 34.36 58.33
CA GLY L 72 -10.83 33.54 57.94
C GLY L 72 -11.15 32.06 58.01
N SER L 73 -10.31 31.33 58.76
CA SER L 73 -10.40 29.88 58.81
C SER L 73 -10.96 29.43 60.16
N VAL L 74 -10.67 30.21 61.22
CA VAL L 74 -11.12 29.90 62.57
C VAL L 74 -12.60 29.58 62.52
N SER L 75 -13.00 28.50 63.20
CA SER L 75 -14.39 28.06 63.19
C SER L 75 -14.88 27.77 64.60
N THR L 76 -16.16 28.09 64.85
CA THR L 76 -16.74 27.96 66.17
C THR L 76 -18.00 27.11 66.12
N LEU L 77 -18.11 26.18 67.06
CA LEU L 77 -19.34 25.43 67.31
C LEU L 77 -19.83 25.74 68.72
N THR L 78 -21.06 26.25 68.83
CA THR L 78 -21.63 26.68 70.08
C THR L 78 -22.70 25.67 70.54
N ILE L 79 -22.54 25.20 71.78
CA ILE L 79 -23.48 24.28 72.38
C ILE L 79 -24.10 24.95 73.60
N GLN L 80 -25.22 25.66 73.37
CA GLN L 80 -25.99 26.28 74.44
C GLN L 80 -26.71 25.19 75.24
N ARG L 81 -27.11 25.53 76.47
CA ARG L 81 -27.92 24.68 77.32
C ARG L 81 -27.54 23.21 77.11
N THR L 82 -26.29 22.88 77.49
CA THR L 82 -25.72 21.56 77.26
C THR L 82 -26.55 20.49 77.96
N GLN L 83 -26.72 19.34 77.29
CA GLN L 83 -27.44 18.21 77.84
C GLN L 83 -26.44 17.12 78.20
N GLN L 84 -26.80 16.26 79.16
CA GLN L 84 -25.93 15.19 79.63
C GLN L 84 -25.49 14.32 78.46
N GLU L 85 -26.35 14.26 77.42
CA GLU L 85 -26.15 13.37 76.30
C GLU L 85 -25.54 14.13 75.13
N ASP L 86 -24.63 15.07 75.45
CA ASP L 86 -23.86 15.79 74.44
C ASP L 86 -22.38 15.43 74.60
N SER L 87 -22.01 15.03 75.82
CA SER L 87 -20.65 14.66 76.16
C SER L 87 -20.11 13.66 75.14
N ALA L 88 -19.20 14.15 74.30
CA ALA L 88 -18.59 13.36 73.24
C ALA L 88 -17.18 13.89 73.00
N VAL L 89 -16.48 13.29 72.04
CA VAL L 89 -15.21 13.78 71.55
C VAL L 89 -15.49 14.53 70.24
N TYR L 90 -15.38 15.86 70.28
CA TYR L 90 -15.66 16.68 69.12
C TYR L 90 -14.37 16.91 68.34
N LEU L 91 -14.36 16.39 67.10
CA LEU L 91 -13.19 16.41 66.25
C LEU L 91 -13.36 17.46 65.15
N CYS L 92 -12.23 17.98 64.68
CA CYS L 92 -12.22 18.91 63.56
C CYS L 92 -11.38 18.33 62.42
N ALA L 93 -11.82 18.56 61.19
CA ALA L 93 -11.05 18.23 60.02
C ALA L 93 -11.23 19.30 58.95
N SER L 94 -10.14 19.63 58.26
CA SER L 94 -10.20 20.48 57.09
C SER L 94 -9.69 19.74 55.86
N SER L 95 -10.60 19.53 54.90
CA SER L 95 -10.21 19.21 53.53
C SER L 95 -9.66 20.47 52.89
N LEU L 96 -8.51 20.33 52.23
CA LEU L 96 -7.93 21.37 51.40
C LEU L 96 -8.99 21.86 50.42
N ASP L 97 -9.57 20.90 49.67
CA ASP L 97 -10.43 21.17 48.54
C ASP L 97 -11.88 20.84 48.88
N LEU L 98 -12.20 19.54 48.91
CA LEU L 98 -13.57 19.07 48.81
C LEU L 98 -13.52 17.72 48.11
N GLY L 99 -12.81 17.71 46.98
CA GLY L 99 -12.37 16.50 46.30
C GLY L 99 -10.86 16.29 46.46
N ALA L 100 -10.39 16.42 47.70
CA ALA L 100 -8.98 16.29 48.05
C ALA L 100 -8.71 14.90 48.61
N ASP L 101 -7.44 14.46 48.48
CA ASP L 101 -7.02 13.10 48.81
C ASP L 101 -7.37 12.77 50.26
N GLU L 102 -6.39 12.99 51.14
CA GLU L 102 -6.45 12.72 52.57
C GLU L 102 -6.85 14.01 53.28
N GLN L 103 -7.83 13.91 54.19
CA GLN L 103 -8.28 15.08 54.93
C GLN L 103 -7.73 15.07 56.36
N PHE L 104 -7.16 16.22 56.74
CA PHE L 104 -6.34 16.37 57.92
C PHE L 104 -7.21 16.74 59.12
N PHE L 105 -7.12 15.93 60.19
CA PHE L 105 -7.85 16.12 61.43
C PHE L 105 -6.96 16.78 62.47
N GLY L 106 -7.56 17.14 63.61
CA GLY L 106 -6.87 17.75 64.74
C GLY L 106 -7.23 17.06 66.05
N PRO L 107 -6.62 17.48 67.19
CA PRO L 107 -6.63 16.70 68.44
C PRO L 107 -8.00 16.22 68.93
N GLY L 108 -8.98 17.13 68.99
CA GLY L 108 -10.34 16.76 69.32
C GLY L 108 -10.72 17.09 70.75
N THR L 109 -11.69 18.01 70.90
CA THR L 109 -12.09 18.55 72.18
C THR L 109 -13.00 17.55 72.90
N ARG L 110 -12.41 16.70 73.75
CA ARG L 110 -13.18 15.78 74.56
C ARG L 110 -13.89 16.57 75.66
N LEU L 111 -15.23 16.63 75.58
CA LEU L 111 -16.02 17.39 76.52
C LEU L 111 -16.99 16.46 77.26
N THR L 112 -17.15 16.71 78.57
CA THR L 112 -18.03 15.94 79.44
C THR L 112 -19.09 16.86 80.06
N VAL L 113 -20.36 16.50 79.87
CA VAL L 113 -21.47 17.21 80.49
C VAL L 113 -21.98 16.36 81.66
N LEU L 114 -22.08 17.01 82.83
CA LEU L 114 -22.54 16.38 84.06
C LEU L 114 -23.69 17.20 84.63
N GLU L 115 -24.55 16.55 85.43
CA GLU L 115 -25.66 17.23 86.07
C GLU L 115 -25.15 17.98 87.31
N ASP L 116 -24.32 17.30 88.10
CA ASP L 116 -23.75 17.90 89.31
C ASP L 116 -22.23 17.88 89.20
N LEU L 117 -21.59 18.86 89.84
CA LEU L 117 -20.14 18.91 89.93
C LEU L 117 -19.71 18.39 91.30
N LYS L 118 -20.69 17.95 92.10
CA LYS L 118 -20.48 17.58 93.49
C LYS L 118 -19.48 16.42 93.59
N ASN L 119 -19.64 15.42 92.73
CA ASN L 119 -18.78 14.25 92.75
C ASN L 119 -17.69 14.41 91.70
N VAL L 120 -16.85 15.44 91.87
CA VAL L 120 -15.68 15.64 91.04
C VAL L 120 -14.45 15.55 91.94
N PHE L 121 -13.45 14.79 91.48
CA PHE L 121 -12.25 14.52 92.25
C PHE L 121 -11.05 14.42 91.32
N PRO L 122 -9.86 14.92 91.73
CA PRO L 122 -8.63 14.74 90.98
C PRO L 122 -8.01 13.37 91.25
N PRO L 123 -6.97 12.94 90.50
CA PRO L 123 -6.31 11.66 90.75
C PRO L 123 -5.33 11.75 91.92
N GLU L 124 -5.00 10.58 92.49
CA GLU L 124 -4.09 10.46 93.62
C GLU L 124 -2.88 9.65 93.17
N VAL L 125 -1.92 10.32 92.51
CA VAL L 125 -0.85 9.66 91.79
C VAL L 125 0.22 9.19 92.77
N ALA L 126 0.53 7.89 92.69
CA ALA L 126 1.56 7.25 93.50
C ALA L 126 2.41 6.35 92.61
N VAL L 127 3.72 6.35 92.87
CA VAL L 127 4.67 5.60 92.06
C VAL L 127 5.18 4.40 92.86
N PHE L 128 5.52 3.31 92.14
CA PHE L 128 5.93 2.06 92.76
C PHE L 128 7.29 1.61 92.21
N GLU L 129 8.07 0.97 93.08
CA GLU L 129 9.43 0.55 92.78
C GLU L 129 9.44 -0.91 92.36
N PRO L 130 10.25 -1.30 91.34
CA PRO L 130 10.36 -2.69 90.92
C PRO L 130 10.70 -3.66 92.06
N SER L 131 10.26 -4.92 91.91
CA SER L 131 10.52 -5.97 92.88
C SER L 131 12.01 -6.27 92.95
N GLU L 132 12.48 -6.58 94.17
CA GLU L 132 13.88 -6.87 94.44
C GLU L 132 14.33 -8.11 93.68
N ALA L 133 13.35 -8.89 93.21
CA ALA L 133 13.61 -10.15 92.54
C ALA L 133 13.60 -9.98 91.02
N GLU L 134 13.04 -8.86 90.54
CA GLU L 134 12.84 -8.65 89.12
C GLU L 134 14.14 -8.24 88.44
N ILE L 135 14.93 -7.38 89.10
CA ILE L 135 16.15 -6.84 88.53
C ILE L 135 17.17 -7.98 88.36
N SER L 136 16.90 -9.10 89.04
CA SER L 136 17.82 -10.24 89.08
C SER L 136 17.38 -11.33 88.10
N HIS L 137 16.07 -11.52 87.97
CA HIS L 137 15.52 -12.59 87.15
C HIS L 137 15.46 -12.17 85.68
N THR L 138 14.69 -11.12 85.38
CA THR L 138 14.37 -10.75 84.00
C THR L 138 15.32 -9.68 83.46
N GLN L 139 16.22 -9.19 84.33
CA GLN L 139 17.31 -8.29 83.95
C GLN L 139 16.79 -6.89 83.65
N LYS L 140 15.46 -6.73 83.58
CA LYS L 140 14.84 -5.47 83.22
C LYS L 140 13.75 -5.13 84.24
N ALA L 141 13.89 -3.96 84.87
CA ALA L 141 13.03 -3.54 85.97
C ALA L 141 11.91 -2.65 85.44
N THR L 142 10.68 -2.92 85.92
CA THR L 142 9.48 -2.26 85.45
C THR L 142 8.89 -1.38 86.56
N LEU L 143 8.76 -0.08 86.27
CA LEU L 143 8.07 0.86 87.14
C LEU L 143 6.58 0.83 86.81
N VAL L 144 5.76 0.92 87.86
CA VAL L 144 4.31 0.96 87.67
C VAL L 144 3.78 2.23 88.35
N CYS L 145 2.84 2.89 87.68
CA CYS L 145 2.14 4.03 88.25
C CYS L 145 0.71 3.64 88.61
N LEU L 146 -0.02 4.56 89.24
CA LEU L 146 -1.41 4.36 89.58
C LEU L 146 -2.06 5.70 89.87
N ALA L 147 -3.31 5.86 89.41
CA ALA L 147 -4.10 7.06 89.66
C ALA L 147 -5.54 6.66 89.96
N THR L 148 -5.97 6.91 91.21
CA THR L 148 -7.25 6.41 91.67
C THR L 148 -8.18 7.56 92.04
N GLY L 149 -9.48 7.25 92.06
CA GLY L 149 -10.51 8.12 92.59
C GLY L 149 -10.65 9.44 91.85
N PHE L 150 -10.39 9.41 90.53
CA PHE L 150 -10.57 10.60 89.71
C PHE L 150 -11.88 10.48 88.92
N TYR L 151 -12.51 11.63 88.67
CA TYR L 151 -13.78 11.72 87.96
C TYR L 151 -14.00 13.16 87.50
N PRO L 152 -14.40 13.38 86.23
CA PRO L 152 -14.57 12.31 85.24
C PRO L 152 -13.23 11.88 84.63
N ASP L 153 -13.24 10.73 83.94
CA ASP L 153 -12.04 10.17 83.34
C ASP L 153 -11.54 11.10 82.23
N HIS L 154 -10.65 12.02 82.61
CA HIS L 154 -10.15 13.06 81.73
C HIS L 154 -8.68 13.33 82.04
N VAL L 155 -7.86 12.28 81.97
CA VAL L 155 -6.47 12.33 82.36
C VAL L 155 -5.56 12.13 81.14
N GLU L 156 -4.35 12.70 81.23
CA GLU L 156 -3.26 12.39 80.32
C GLU L 156 -2.03 12.03 81.15
N LEU L 157 -1.70 10.74 81.20
CA LEU L 157 -0.59 10.26 82.01
C LEU L 157 0.65 10.10 81.14
N SER L 158 1.78 10.62 81.63
CA SER L 158 3.06 10.53 80.95
C SER L 158 4.14 10.11 81.94
N TRP L 159 5.34 9.83 81.42
CA TRP L 159 6.51 9.53 82.23
C TRP L 159 7.63 10.48 81.86
N TRP L 160 8.35 10.97 82.88
CA TRP L 160 9.38 11.99 82.69
C TRP L 160 10.71 11.54 83.28
N VAL L 161 11.54 10.94 82.42
CA VAL L 161 12.86 10.47 82.80
C VAL L 161 13.87 11.61 82.63
N ASN L 162 14.60 11.89 83.71
CA ASN L 162 15.61 12.94 83.77
C ASN L 162 14.94 14.30 83.74
N GLY L 163 14.41 14.67 82.57
CA GLY L 163 13.73 15.95 82.40
C GLY L 163 12.89 15.99 81.13
N LYS L 164 12.90 14.88 80.38
CA LYS L 164 12.18 14.78 79.11
C LYS L 164 11.13 13.68 79.21
N GLU L 165 10.02 13.89 78.49
CA GLU L 165 8.95 12.91 78.38
C GLU L 165 9.40 11.75 77.49
N VAL L 166 9.28 10.53 78.03
CA VAL L 166 9.67 9.34 77.29
C VAL L 166 8.42 8.60 76.83
N HIS L 167 8.50 8.02 75.63
CA HIS L 167 7.40 7.33 75.00
C HIS L 167 7.75 5.85 74.82
N SER L 168 9.01 5.60 74.44
CA SER L 168 9.52 4.28 74.14
C SER L 168 9.72 3.48 75.43
N GLY L 169 8.83 2.49 75.64
CA GLY L 169 8.89 1.61 76.80
C GLY L 169 7.58 1.63 77.57
N VAL L 170 6.87 2.76 77.50
CA VAL L 170 5.67 3.03 78.27
C VAL L 170 4.53 2.13 77.79
N CYS L 171 3.63 1.79 78.72
CA CYS L 171 2.30 1.32 78.38
C CYS L 171 1.31 1.97 79.34
N THR L 172 0.23 2.52 78.78
CA THR L 172 -0.90 3.00 79.56
C THR L 172 -2.16 2.26 79.15
N ASP L 173 -2.93 1.80 80.14
CA ASP L 173 -4.26 1.24 79.89
C ASP L 173 -5.01 2.19 78.95
N PRO L 174 -5.34 1.76 77.71
CA PRO L 174 -6.10 2.61 76.80
C PRO L 174 -7.46 2.96 77.37
N GLN L 175 -8.01 2.07 78.20
CA GLN L 175 -9.27 2.29 78.89
C GLN L 175 -9.07 2.20 80.40
N PRO L 176 -9.73 3.08 81.20
CA PRO L 176 -9.62 3.04 82.66
C PRO L 176 -10.48 1.93 83.29
N LEU L 177 -10.67 2.04 84.61
CA LEU L 177 -11.50 1.12 85.37
C LEU L 177 -12.07 1.87 86.57
N LYS L 178 -13.04 1.25 87.24
CA LYS L 178 -13.79 1.92 88.29
C LYS L 178 -13.30 1.49 89.67
N GLU L 179 -13.40 2.41 90.64
CA GLU L 179 -13.02 2.16 92.02
C GLU L 179 -14.19 1.51 92.76
N GLN L 180 -15.40 1.74 92.25
CA GLN L 180 -16.59 1.02 92.69
C GLN L 180 -17.31 0.51 91.45
N PRO L 181 -16.80 -0.56 90.79
CA PRO L 181 -17.30 -0.98 89.48
C PRO L 181 -18.80 -1.25 89.44
N ALA L 182 -19.40 -1.45 90.62
CA ALA L 182 -20.82 -1.69 90.75
C ALA L 182 -21.59 -0.36 90.74
N LEU L 183 -21.07 0.64 91.47
CA LEU L 183 -21.76 1.90 91.65
C LEU L 183 -21.87 2.65 90.32
N ASN L 184 -23.03 3.27 90.09
CA ASN L 184 -23.34 3.97 88.86
C ASN L 184 -22.68 5.34 88.88
N ASP L 185 -21.75 5.56 87.94
CA ASP L 185 -20.99 6.79 87.80
C ASP L 185 -19.99 6.91 88.93
N SER L 186 -19.28 5.80 89.20
CA SER L 186 -18.31 5.73 90.27
C SER L 186 -17.04 6.47 89.88
N ARG L 187 -16.15 6.66 90.86
CA ARG L 187 -14.87 7.31 90.69
C ARG L 187 -13.90 6.34 90.01
N TYR L 188 -13.10 6.86 89.07
CA TYR L 188 -12.31 6.05 88.16
C TYR L 188 -10.88 5.90 88.66
N ALA L 189 -10.20 4.87 88.15
CA ALA L 189 -8.81 4.58 88.42
C ALA L 189 -8.11 4.20 87.11
N LEU L 190 -6.80 4.46 87.05
CA LEU L 190 -6.00 4.19 85.86
C LEU L 190 -4.56 3.85 86.24
N SER L 191 -3.99 2.88 85.54
CA SER L 191 -2.63 2.42 85.81
C SER L 191 -1.74 2.65 84.58
N SER L 192 -0.44 2.38 84.77
CA SER L 192 0.60 2.64 83.79
C SER L 192 1.86 1.86 84.17
N ARG L 193 2.69 1.56 83.16
CA ARG L 193 3.97 0.91 83.36
C ARG L 193 5.05 1.65 82.57
N LEU L 194 6.31 1.43 82.96
CA LEU L 194 7.46 1.96 82.24
C LEU L 194 8.64 1.03 82.49
N ARG L 195 8.90 0.13 81.53
CA ARG L 195 10.00 -0.81 81.63
C ARG L 195 11.28 -0.12 81.14
N VAL L 196 12.37 -0.35 81.88
CA VAL L 196 13.69 0.16 81.53
C VAL L 196 14.71 -0.96 81.71
N SER L 197 15.98 -0.60 81.90
CA SER L 197 17.06 -1.58 82.03
C SER L 197 17.22 -1.99 83.49
N ALA L 198 18.40 -2.55 83.79
CA ALA L 198 18.85 -2.81 85.16
C ALA L 198 19.94 -1.80 85.50
N THR L 199 20.30 -0.97 84.52
CA THR L 199 21.32 0.04 84.66
C THR L 199 20.66 1.39 84.92
N PHE L 200 19.44 1.54 84.37
CA PHE L 200 18.70 2.80 84.44
C PHE L 200 18.07 2.94 85.81
N TRP L 201 17.92 1.82 86.54
CA TRP L 201 17.24 1.80 87.82
C TRP L 201 18.25 1.74 88.97
N GLN L 202 19.24 0.84 88.86
CA GLN L 202 20.24 0.64 89.89
C GLN L 202 21.10 1.89 90.04
N ASN L 203 21.18 2.68 88.96
CA ASN L 203 21.88 3.95 88.96
C ASN L 203 21.35 4.82 90.10
N PRO L 204 22.22 5.30 91.02
CA PRO L 204 21.77 5.96 92.24
C PRO L 204 20.94 7.22 92.01
N ARG L 205 21.35 8.03 91.02
CA ARG L 205 20.62 9.25 90.69
C ARG L 205 20.18 9.24 89.24
N ASN L 206 18.96 8.75 89.02
CA ASN L 206 18.21 8.90 87.79
C ASN L 206 16.77 9.22 88.17
N HIS L 207 16.14 10.13 87.41
CA HIS L 207 14.86 10.67 87.84
C HIS L 207 13.69 10.03 87.09
N PHE L 208 12.85 9.33 87.85
CA PHE L 208 11.64 8.70 87.35
C PHE L 208 10.43 9.44 87.90
N ARG L 209 9.73 10.16 87.01
CA ARG L 209 8.52 10.85 87.44
C ARG L 209 7.32 10.33 86.66
N CYS L 210 6.27 9.95 87.41
CA CYS L 210 4.94 9.71 86.85
C CYS L 210 4.13 10.99 87.01
N GLN L 211 3.93 11.69 85.90
CA GLN L 211 3.13 12.89 85.85
C GLN L 211 1.79 12.57 85.18
N VAL L 212 0.71 13.07 85.79
CA VAL L 212 -0.65 12.90 85.29
C VAL L 212 -1.30 14.28 85.28
N GLN L 213 -2.02 14.58 84.19
CA GLN L 213 -2.87 15.75 84.15
C GLN L 213 -4.26 15.35 84.64
N PHE L 214 -4.98 16.31 85.22
CA PHE L 214 -6.41 16.14 85.40
C PHE L 214 -7.13 17.33 84.78
N TYR L 215 -8.01 17.02 83.83
CA TYR L 215 -8.91 18.00 83.23
C TYR L 215 -10.21 18.00 84.01
N GLY L 216 -10.65 19.20 84.39
CA GLY L 216 -11.85 19.39 85.18
C GLY L 216 -12.29 20.84 85.21
N LEU L 217 -12.49 21.35 86.43
CA LEU L 217 -13.13 22.64 86.65
C LEU L 217 -12.13 23.77 86.45
N SER L 218 -12.67 24.98 86.37
CA SER L 218 -11.92 26.20 86.62
C SER L 218 -12.61 26.94 87.78
N GLU L 219 -12.06 28.11 88.14
CA GLU L 219 -12.58 28.91 89.23
C GLU L 219 -13.94 29.50 88.83
N ASN L 220 -14.22 29.48 87.52
CA ASN L 220 -15.36 30.14 86.92
C ASN L 220 -16.65 29.37 87.23
N ASP L 221 -16.52 28.07 87.50
CA ASP L 221 -17.65 27.23 87.87
C ASP L 221 -17.97 27.46 89.34
N GLU L 222 -19.28 27.48 89.66
CA GLU L 222 -19.77 27.72 91.01
C GLU L 222 -19.38 26.54 91.88
N TRP L 223 -18.85 26.84 93.08
CA TRP L 223 -18.38 25.81 94.00
C TRP L 223 -18.41 26.33 95.45
N THR L 224 -19.22 25.68 96.28
CA THR L 224 -19.16 25.81 97.73
C THR L 224 -19.49 24.44 98.34
N GLN L 225 -18.47 23.58 98.38
CA GLN L 225 -18.66 22.20 98.80
C GLN L 225 -17.72 21.90 99.96
N ASP L 226 -17.70 20.61 100.37
CA ASP L 226 -17.01 20.16 101.57
C ASP L 226 -15.54 19.86 101.27
N ARG L 227 -15.08 20.22 100.07
CA ARG L 227 -13.71 19.91 99.66
C ARG L 227 -13.06 21.12 98.99
N ALA L 228 -11.78 20.96 98.62
CA ALA L 228 -11.03 21.94 97.86
C ALA L 228 -11.41 21.83 96.39
N LYS L 229 -11.53 22.99 95.72
CA LYS L 229 -12.00 23.09 94.35
C LYS L 229 -11.11 22.24 93.44
N PRO L 230 -11.64 21.12 92.88
CA PRO L 230 -10.84 20.24 92.01
C PRO L 230 -10.71 20.81 90.59
N VAL L 231 -9.59 21.51 90.36
CA VAL L 231 -9.38 22.30 89.16
C VAL L 231 -8.61 21.49 88.12
N THR L 232 -8.46 22.08 86.94
CA THR L 232 -7.47 21.67 85.97
C THR L 232 -6.09 21.76 86.64
N GLN L 233 -5.52 20.60 86.98
CA GLN L 233 -4.28 20.56 87.73
C GLN L 233 -3.44 19.37 87.26
N ILE L 234 -2.14 19.43 87.56
CA ILE L 234 -1.20 18.36 87.27
C ILE L 234 -0.83 17.69 88.59
N VAL L 235 -0.83 16.34 88.60
CA VAL L 235 -0.47 15.59 89.79
C VAL L 235 0.69 14.65 89.48
N SER L 236 1.77 14.78 90.26
CA SER L 236 3.05 14.14 89.97
C SER L 236 3.38 13.09 91.02
N ALA L 237 4.46 12.34 90.78
CA ALA L 237 5.09 11.46 91.75
C ALA L 237 6.53 11.15 91.32
N GLU L 238 7.48 11.77 92.02
CA GLU L 238 8.90 11.61 91.79
C GLU L 238 9.35 10.21 92.21
N ALA L 239 10.56 9.82 91.78
CA ALA L 239 11.21 8.60 92.21
C ALA L 239 12.68 8.62 91.79
N TRP L 240 13.57 8.25 92.72
CA TRP L 240 15.00 8.15 92.46
C TRP L 240 15.38 6.68 92.31
N GLY L 241 16.45 6.43 91.56
CA GLY L 241 17.01 5.10 91.40
C GLY L 241 17.61 4.58 92.70
N ARG L 242 17.57 3.26 92.89
CA ARG L 242 18.06 2.64 94.10
C ARG L 242 19.19 1.68 93.79
N ALA L 243 20.34 1.89 94.47
CA ALA L 243 21.52 1.06 94.33
C ALA L 243 21.36 -0.22 95.17
N ASP L 244 21.23 -0.03 96.49
CA ASP L 244 21.08 -1.13 97.42
C ASP L 244 19.66 -1.14 97.99
N LEU M 1 -23.69 9.96 34.33
CA LEU M 1 -23.44 10.24 35.78
C LEU M 1 -22.26 11.20 35.92
N LEU M 2 -22.37 12.08 36.92
CA LEU M 2 -21.42 13.13 37.19
C LEU M 2 -20.26 12.60 38.02
N LEU M 3 -19.12 13.29 37.86
CA LEU M 3 -17.88 13.10 38.61
C LEU M 3 -18.10 13.39 40.08
N ASP M 4 -17.29 12.74 40.93
CA ASP M 4 -17.41 12.86 42.38
C ASP M 4 -16.23 13.66 42.95
N ARG M 5 -15.02 13.40 42.46
CA ARG M 5 -13.82 13.99 43.01
C ARG M 5 -13.54 15.33 42.33
N LEU M 6 -14.13 16.38 42.89
CA LEU M 6 -14.18 17.66 42.23
C LEU M 6 -13.15 18.62 42.86
N ASN M 7 -12.27 19.15 42.00
CA ASN M 7 -11.14 19.94 42.46
C ASN M 7 -11.26 21.38 41.97
N GLN M 8 -10.62 22.28 42.71
CA GLN M 8 -10.60 23.72 42.42
C GLN M 8 -9.30 24.08 41.72
N LEU M 9 -9.22 25.31 41.20
CA LEU M 9 -8.10 25.75 40.39
C LEU M 9 -7.06 26.48 41.26
N GLY N 2 -22.59 3.30 15.68
CA GLY N 2 -21.12 3.13 15.89
C GLY N 2 -20.70 3.54 17.30
N SER N 3 -19.61 4.30 17.38
CA SER N 3 -19.03 4.74 18.64
C SER N 3 -19.92 5.77 19.32
N HIS N 4 -19.93 5.76 20.66
CA HIS N 4 -20.86 6.58 21.42
C HIS N 4 -20.13 7.49 22.41
N SER N 5 -20.80 8.59 22.76
CA SER N 5 -20.24 9.66 23.57
C SER N 5 -21.18 10.05 24.71
N MET N 6 -20.57 10.34 25.87
CA MET N 6 -21.24 11.01 26.97
C MET N 6 -20.39 12.21 27.37
N ARG N 7 -21.03 13.37 27.51
CA ARG N 7 -20.36 14.61 27.86
C ARG N 7 -21.22 15.37 28.87
N TYR N 8 -20.60 16.33 29.56
CA TYR N 8 -21.31 17.28 30.39
C TYR N 8 -20.88 18.70 30.03
N PHE N 9 -21.87 19.60 30.00
CA PHE N 9 -21.62 20.98 29.65
C PHE N 9 -22.14 21.87 30.78
N PHE N 10 -21.26 22.74 31.29
CA PHE N 10 -21.58 23.62 32.41
C PHE N 10 -21.20 25.06 32.10
N THR N 11 -22.14 25.97 32.37
CA THR N 11 -21.82 27.39 32.42
C THR N 11 -21.79 27.83 33.89
N SER N 12 -20.95 28.83 34.16
CA SER N 12 -20.70 29.33 35.50
C SER N 12 -20.36 30.82 35.39
N VAL N 13 -21.38 31.66 35.58
CA VAL N 13 -21.26 33.08 35.32
C VAL N 13 -21.53 33.87 36.59
N SER N 14 -20.53 34.64 37.01
CA SER N 14 -20.69 35.54 38.14
C SER N 14 -21.43 36.80 37.69
N ARG N 15 -22.42 37.20 38.48
CA ARG N 15 -23.11 38.47 38.35
C ARG N 15 -22.99 39.24 39.66
N PRO N 16 -22.05 40.20 39.76
CA PRO N 16 -21.71 40.83 41.05
C PRO N 16 -22.84 41.61 41.71
N GLY N 17 -23.09 41.30 42.99
CA GLY N 17 -24.09 41.97 43.78
C GLY N 17 -25.40 41.19 43.88
N ARG N 18 -25.83 40.65 42.73
CA ARG N 18 -27.14 40.02 42.58
C ARG N 18 -27.06 38.55 42.99
N GLY N 19 -26.79 38.32 44.29
CA GLY N 19 -26.79 36.99 44.87
C GLY N 19 -25.50 36.22 44.62
N GLU N 20 -25.66 34.94 44.26
CA GLU N 20 -24.55 34.05 43.97
C GLU N 20 -24.48 33.81 42.45
N PRO N 21 -23.29 33.51 41.90
CA PRO N 21 -23.14 33.30 40.45
C PRO N 21 -24.11 32.23 39.95
N ARG N 22 -24.59 32.42 38.72
CA ARG N 22 -25.45 31.47 38.03
C ARG N 22 -24.63 30.26 37.58
N PHE N 23 -25.23 29.08 37.69
CA PHE N 23 -24.56 27.85 37.30
C PHE N 23 -25.57 26.90 36.64
N ILE N 24 -25.54 26.86 35.30
CA ILE N 24 -26.21 25.85 34.49
C ILE N 24 -25.26 24.66 34.33
N ALA N 25 -25.85 23.46 34.24
CA ALA N 25 -25.08 22.25 34.03
C ALA N 25 -25.97 21.19 33.38
N VAL N 26 -25.79 20.99 32.07
CA VAL N 26 -26.49 19.93 31.37
C VAL N 26 -25.48 18.86 30.93
N GLY N 27 -26.00 17.64 30.69
CA GLY N 27 -25.19 16.47 30.40
C GLY N 27 -25.75 15.66 29.24
N TYR N 28 -24.87 15.25 28.32
CA TYR N 28 -25.27 14.82 26.99
C TYR N 28 -24.91 13.36 26.73
N VAL N 29 -25.84 12.63 26.12
CA VAL N 29 -25.60 11.32 25.54
C VAL N 29 -25.79 11.45 24.02
N ASP N 30 -24.68 11.26 23.30
CA ASP N 30 -24.57 11.55 21.88
C ASP N 30 -25.01 12.99 21.64
N ASP N 31 -26.10 13.15 20.88
CA ASP N 31 -26.65 14.46 20.58
C ASP N 31 -28.00 14.61 21.28
N THR N 32 -28.04 14.27 22.58
CA THR N 32 -29.24 14.37 23.39
C THR N 32 -28.88 14.74 24.84
N GLN N 33 -29.57 15.75 25.38
CA GLN N 33 -29.56 16.05 26.80
C GLN N 33 -30.25 14.91 27.54
N PHE N 34 -29.76 14.57 28.74
CA PHE N 34 -30.45 13.60 29.58
C PHE N 34 -30.68 14.20 30.97
N VAL N 35 -29.61 14.70 31.59
CA VAL N 35 -29.71 15.38 32.87
C VAL N 35 -29.41 16.86 32.68
N ARG N 36 -30.34 17.71 33.16
CA ARG N 36 -30.11 19.14 33.23
C ARG N 36 -30.09 19.56 34.70
N PHE N 37 -29.69 20.80 34.94
CA PHE N 37 -29.74 21.41 36.26
C PHE N 37 -29.62 22.92 36.12
N ASP N 38 -30.43 23.66 36.89
CA ASP N 38 -30.34 25.11 36.90
C ASP N 38 -30.36 25.62 38.33
N SER N 39 -29.50 26.60 38.62
CA SER N 39 -29.51 27.29 39.90
C SER N 39 -30.70 28.23 39.95
N ASP N 40 -31.05 28.80 38.79
CA ASP N 40 -32.19 29.69 38.65
C ASP N 40 -33.48 28.89 38.78
N ALA N 41 -33.38 27.58 38.50
CA ALA N 41 -34.50 26.67 38.69
C ALA N 41 -34.97 26.72 40.14
N ALA N 42 -36.29 26.68 40.32
CA ALA N 42 -36.88 26.69 41.65
C ALA N 42 -36.78 25.29 42.26
N SER N 43 -36.78 24.27 41.40
CA SER N 43 -36.83 22.88 41.83
C SER N 43 -35.55 22.49 42.58
N GLN N 44 -34.41 23.03 42.13
CA GLN N 44 -33.09 22.76 42.68
C GLN N 44 -32.77 21.27 42.61
N ARG N 45 -33.54 20.54 41.79
CA ARG N 45 -33.35 19.12 41.50
C ARG N 45 -32.53 19.00 40.22
N MET N 46 -31.83 17.87 40.06
CA MET N 46 -31.39 17.45 38.74
C MET N 46 -32.64 16.96 38.00
N GLU N 47 -32.81 17.43 36.76
CA GLU N 47 -34.05 17.23 36.05
C GLU N 47 -33.79 16.30 34.86
N PRO N 48 -34.66 15.30 34.61
CA PRO N 48 -34.60 14.51 33.38
C PRO N 48 -35.18 15.31 32.22
N ARG N 49 -34.56 15.15 31.04
CA ARG N 49 -34.99 15.85 29.84
C ARG N 49 -35.12 14.85 28.69
N ALA N 50 -35.20 13.56 29.05
CA ALA N 50 -35.24 12.46 28.09
C ALA N 50 -36.05 11.31 28.70
N PRO N 51 -36.89 10.63 27.89
CA PRO N 51 -37.87 9.69 28.44
C PRO N 51 -37.31 8.33 28.87
N TRP N 52 -35.99 8.19 28.92
CA TRP N 52 -35.38 6.89 29.17
C TRP N 52 -34.61 6.85 30.48
N ILE N 53 -34.24 8.03 31.02
CA ILE N 53 -33.56 8.12 32.29
C ILE N 53 -34.60 8.11 33.41
N GLU N 54 -35.87 7.95 33.02
CA GLU N 54 -37.01 7.89 33.91
C GLU N 54 -36.90 6.64 34.80
N GLN N 55 -36.47 5.53 34.18
CA GLN N 55 -36.35 4.25 34.85
C GLN N 55 -35.59 4.40 36.16
N GLU N 56 -34.37 4.98 36.08
CA GLU N 56 -33.49 5.11 37.22
C GLU N 56 -34.26 5.69 38.40
N GLY N 57 -34.00 5.15 39.59
CA GLY N 57 -34.86 5.35 40.74
C GLY N 57 -34.62 6.68 41.46
N PRO N 58 -35.18 6.84 42.68
CA PRO N 58 -35.05 8.08 43.46
C PRO N 58 -33.69 8.26 44.14
N GLU N 59 -32.92 7.17 44.24
CA GLU N 59 -31.63 7.19 44.92
C GLU N 59 -30.53 7.68 43.98
N TYR N 60 -30.84 7.69 42.67
CA TYR N 60 -29.95 8.24 41.67
C TYR N 60 -30.04 9.76 41.71
N TRP N 61 -31.26 10.28 41.67
CA TRP N 61 -31.57 11.69 41.48
C TRP N 61 -31.28 12.50 42.74
N ASP N 62 -31.05 11.81 43.85
CA ASP N 62 -30.72 12.47 45.10
C ASP N 62 -29.22 12.74 45.15
N GLY N 63 -28.43 11.68 44.94
CA GLY N 63 -26.98 11.77 44.94
C GLY N 63 -26.45 12.58 43.76
N GLU N 64 -27.27 12.72 42.72
CA GLU N 64 -26.87 13.46 41.53
C GLU N 64 -27.21 14.93 41.69
N THR N 65 -28.34 15.22 42.35
CA THR N 65 -28.65 16.59 42.75
C THR N 65 -27.56 17.07 43.69
N ARG N 66 -27.26 16.24 44.70
CA ARG N 66 -26.18 16.49 45.63
C ARG N 66 -24.94 16.96 44.88
N LYS N 67 -24.43 16.12 43.96
CA LYS N 67 -23.13 16.29 43.33
C LYS N 67 -23.04 17.62 42.58
N VAL N 68 -23.99 17.89 41.67
CA VAL N 68 -23.97 19.05 40.78
C VAL N 68 -23.90 20.34 41.57
N LYS N 69 -24.42 20.32 42.81
CA LYS N 69 -24.43 21.45 43.72
C LYS N 69 -23.02 21.71 44.28
N ALA N 70 -22.26 20.63 44.46
CA ALA N 70 -20.87 20.74 44.87
C ALA N 70 -20.07 21.37 43.74
N HIS N 71 -20.22 20.79 42.55
CA HIS N 71 -19.64 21.31 41.32
C HIS N 71 -19.86 22.81 41.26
N SER N 72 -21.14 23.20 41.46
CA SER N 72 -21.63 24.56 41.49
C SER N 72 -20.82 25.38 42.47
N GLN N 73 -20.65 24.83 43.68
CA GLN N 73 -20.01 25.46 44.83
C GLN N 73 -18.51 25.65 44.58
N THR N 74 -17.89 24.65 43.96
CA THR N 74 -16.50 24.74 43.57
C THR N 74 -16.33 25.79 42.47
N HIS N 75 -17.34 25.90 41.60
CA HIS N 75 -17.35 26.85 40.49
C HIS N 75 -17.59 28.28 40.99
N ARG N 76 -18.27 28.41 42.13
CA ARG N 76 -18.47 29.70 42.77
C ARG N 76 -17.14 30.19 43.35
N VAL N 77 -16.26 29.26 43.71
CA VAL N 77 -14.98 29.60 44.33
C VAL N 77 -13.92 29.78 43.24
N ASP N 78 -14.06 29.01 42.15
CA ASP N 78 -13.10 29.02 41.04
C ASP N 78 -13.10 30.37 40.34
N LEU N 79 -14.30 30.95 40.18
CA LEU N 79 -14.47 32.28 39.61
C LEU N 79 -13.60 33.27 40.39
N GLY N 80 -13.70 33.19 41.72
CA GLY N 80 -12.98 34.06 42.63
C GLY N 80 -11.47 33.88 42.53
N THR N 81 -11.05 32.62 42.39
CA THR N 81 -9.66 32.27 42.22
C THR N 81 -9.11 32.96 40.97
N LEU N 82 -9.91 32.88 39.88
CA LEU N 82 -9.50 33.40 38.58
C LEU N 82 -9.33 34.91 38.63
N ARG N 83 -10.16 35.57 39.46
CA ARG N 83 -10.15 37.01 39.60
C ARG N 83 -8.75 37.45 40.02
N GLY N 84 -8.14 36.69 40.93
CA GLY N 84 -6.82 36.97 41.47
C GLY N 84 -5.71 36.50 40.55
N TYR N 85 -6.08 35.69 39.54
CA TYR N 85 -5.13 35.13 38.60
C TYR N 85 -4.97 36.07 37.40
N TYR N 86 -5.99 36.92 37.18
CA TYR N 86 -5.97 37.88 36.08
C TYR N 86 -6.24 39.29 36.62
N ASN N 87 -6.12 39.46 37.94
CA ASN N 87 -6.12 40.75 38.61
C ASN N 87 -7.26 41.65 38.10
N GLN N 88 -8.44 41.06 37.89
CA GLN N 88 -9.60 41.80 37.42
C GLN N 88 -10.35 42.39 38.62
N SER N 89 -11.24 43.35 38.35
CA SER N 89 -11.97 44.06 39.38
C SER N 89 -13.15 43.23 39.88
N GLU N 90 -13.78 43.70 40.96
CA GLU N 90 -14.77 42.95 41.71
C GLU N 90 -16.08 42.86 40.94
N ALA N 91 -16.33 43.83 40.05
CA ALA N 91 -17.54 43.83 39.25
C ALA N 91 -17.19 43.63 37.78
N GLY N 92 -17.55 42.45 37.26
CA GLY N 92 -17.34 42.10 35.86
C GLY N 92 -18.00 40.77 35.51
N SER N 93 -18.85 40.79 34.47
CA SER N 93 -19.52 39.60 33.98
C SER N 93 -18.46 38.62 33.44
N HIS N 94 -18.16 37.60 34.25
CA HIS N 94 -17.21 36.57 33.88
C HIS N 94 -17.92 35.26 33.59
N THR N 95 -17.24 34.38 32.84
CA THR N 95 -17.80 33.12 32.41
C THR N 95 -16.75 32.02 32.61
N VAL N 96 -17.13 30.97 33.35
CA VAL N 96 -16.33 29.76 33.45
C VAL N 96 -17.11 28.60 32.81
N GLN N 97 -16.37 27.74 32.11
CA GLN N 97 -16.96 26.68 31.31
C GLN N 97 -16.17 25.39 31.53
N ARG N 98 -16.75 24.50 32.34
CA ARG N 98 -16.18 23.18 32.55
C ARG N 98 -16.91 22.20 31.65
N MET N 99 -16.13 21.24 31.13
CA MET N 99 -16.65 20.21 30.24
C MET N 99 -15.86 18.93 30.52
N TYR N 100 -16.58 17.83 30.73
CA TYR N 100 -15.92 16.53 30.76
C TYR N 100 -16.86 15.45 30.26
N GLY N 101 -16.27 14.32 29.83
CA GLY N 101 -17.01 13.19 29.31
C GLY N 101 -16.09 12.13 28.73
N CYS N 102 -16.69 11.09 28.13
CA CYS N 102 -15.96 9.95 27.60
C CYS N 102 -16.64 9.43 26.35
N ASP N 103 -15.82 9.09 25.34
CA ASP N 103 -16.24 8.39 24.14
C ASP N 103 -15.87 6.92 24.27
N VAL N 104 -16.73 6.05 23.72
CA VAL N 104 -16.44 4.62 23.61
C VAL N 104 -16.52 4.23 22.13
N GLY N 105 -15.72 3.23 21.74
CA GLY N 105 -15.78 2.63 20.42
C GLY N 105 -16.99 1.72 20.27
N SER N 106 -17.01 0.92 19.19
CA SER N 106 -18.12 0.05 18.88
C SER N 106 -18.17 -1.15 19.83
N ASP N 107 -17.00 -1.50 20.39
CA ASP N 107 -16.89 -2.55 21.39
C ASP N 107 -17.29 -2.03 22.77
N TRP N 108 -17.83 -0.80 22.79
CA TRP N 108 -18.36 -0.14 23.98
C TRP N 108 -17.29 -0.05 25.07
N ARG N 109 -16.03 0.15 24.65
CA ARG N 109 -14.89 0.23 25.54
C ARG N 109 -14.24 1.61 25.36
N PHE N 110 -13.39 1.98 26.34
CA PHE N 110 -12.78 3.30 26.39
C PHE N 110 -12.09 3.61 25.05
N LEU N 111 -12.51 4.72 24.43
CA LEU N 111 -11.87 5.20 23.21
C LEU N 111 -11.07 6.46 23.54
N ARG N 112 -11.78 7.54 23.87
CA ARG N 112 -11.18 8.79 24.30
C ARG N 112 -12.08 9.43 25.35
N GLY N 113 -11.46 9.85 26.47
CA GLY N 113 -12.08 10.69 27.47
C GLY N 113 -11.41 12.04 27.52
N TYR N 114 -12.17 13.08 27.91
CA TYR N 114 -11.66 14.44 27.85
C TYR N 114 -12.29 15.30 28.94
N HIS N 115 -11.46 16.19 29.51
CA HIS N 115 -11.87 17.11 30.55
C HIS N 115 -11.06 18.40 30.43
N GLN N 116 -11.75 19.51 30.12
CA GLN N 116 -11.13 20.79 29.78
C GLN N 116 -11.94 21.95 30.36
N TYR N 117 -11.21 22.99 30.81
CA TYR N 117 -11.79 24.21 31.37
C TYR N 117 -11.54 25.39 30.42
N ALA N 118 -12.35 26.43 30.58
CA ALA N 118 -12.22 27.66 29.82
C ALA N 118 -12.86 28.82 30.58
N TYR N 119 -12.17 29.97 30.56
CA TYR N 119 -12.62 31.18 31.24
C TYR N 119 -12.82 32.30 30.21
N ASP N 120 -14.07 32.76 30.09
CA ASP N 120 -14.45 33.87 29.23
C ASP N 120 -13.96 33.68 27.81
N GLY N 121 -14.46 32.62 27.15
CA GLY N 121 -14.37 32.45 25.72
C GLY N 121 -12.97 32.03 25.25
N LYS N 122 -12.13 31.56 26.18
CA LYS N 122 -10.81 31.05 25.86
C LYS N 122 -10.45 29.94 26.83
N ASP N 123 -9.76 28.89 26.34
CA ASP N 123 -9.33 27.79 27.18
C ASP N 123 -8.53 28.35 28.36
N TYR N 124 -8.72 27.72 29.52
CA TYR N 124 -7.84 27.94 30.66
C TYR N 124 -6.84 26.79 30.73
N ILE N 125 -7.32 25.62 31.14
CA ILE N 125 -6.53 24.41 31.21
C ILE N 125 -7.34 23.25 30.61
N ALA N 126 -6.66 22.39 29.85
CA ALA N 126 -7.30 21.23 29.25
C ALA N 126 -6.53 19.97 29.63
N LEU N 127 -7.15 18.81 29.42
CA LEU N 127 -6.50 17.54 29.66
C LEU N 127 -6.24 16.85 28.32
N LYS N 128 -4.96 16.59 28.05
CA LYS N 128 -4.49 15.98 26.81
C LYS N 128 -5.08 14.57 26.68
N GLU N 129 -4.99 14.02 25.47
CA GLU N 129 -5.64 12.75 25.13
C GLU N 129 -4.91 11.60 25.80
N ASP N 130 -3.66 11.84 26.21
CA ASP N 130 -2.89 10.85 26.95
C ASP N 130 -3.48 10.68 28.34
N LEU N 131 -4.30 11.65 28.75
CA LEU N 131 -5.10 11.60 29.97
C LEU N 131 -4.20 11.52 31.20
N ARG N 132 -2.98 12.08 31.11
CA ARG N 132 -2.06 12.10 32.23
C ARG N 132 -1.14 13.32 32.15
N SER N 133 -1.46 14.24 31.23
CA SER N 133 -0.78 15.53 31.18
C SER N 133 -1.76 16.63 30.79
N TRP N 134 -1.44 17.87 31.17
CA TRP N 134 -2.32 19.01 30.95
C TRP N 134 -1.74 19.95 29.91
N THR N 135 -2.64 20.66 29.22
CA THR N 135 -2.30 21.82 28.42
C THR N 135 -2.78 23.06 29.14
N ALA N 136 -1.90 24.06 29.25
CA ALA N 136 -2.25 25.34 29.84
C ALA N 136 -2.18 26.43 28.78
N ALA N 137 -3.27 27.18 28.67
CA ALA N 137 -3.45 28.17 27.61
C ALA N 137 -2.65 29.43 27.94
N ASP N 138 -2.69 29.84 29.20
CA ASP N 138 -2.07 31.07 29.67
C ASP N 138 -0.79 30.74 30.44
N MET N 139 -0.01 31.80 30.75
CA MET N 139 1.10 31.71 31.67
C MET N 139 0.53 31.64 33.08
N ALA N 140 -0.52 32.42 33.31
CA ALA N 140 -1.27 32.40 34.56
C ALA N 140 -1.87 31.02 34.79
N ALA N 141 -2.41 30.43 33.71
CA ALA N 141 -3.08 29.13 33.72
C ALA N 141 -2.10 28.01 34.07
N GLN N 142 -0.83 28.38 34.30
CA GLN N 142 0.24 27.43 34.60
C GLN N 142 0.35 27.23 36.11
N THR N 143 -0.29 28.11 36.88
CA THR N 143 -0.34 27.96 38.33
C THR N 143 -1.32 26.85 38.69
N THR N 144 -2.33 26.68 37.85
CA THR N 144 -3.33 25.64 38.03
C THR N 144 -2.82 24.33 37.43
N LYS N 145 -1.67 24.41 36.75
CA LYS N 145 -0.99 23.21 36.27
C LYS N 145 -0.11 22.66 37.38
N HIS N 146 0.48 23.57 38.17
CA HIS N 146 1.45 23.20 39.19
C HIS N 146 0.76 22.62 40.42
N LYS N 147 -0.54 22.88 40.57
CA LYS N 147 -1.25 22.42 41.75
C LYS N 147 -1.90 21.06 41.49
N TRP N 148 -1.74 20.54 40.27
CA TRP N 148 -2.39 19.32 39.83
C TRP N 148 -1.35 18.28 39.39
N GLU N 149 -0.12 18.47 39.86
CA GLU N 149 0.97 17.52 39.67
C GLU N 149 1.50 17.10 41.04
N ALA N 150 1.25 17.96 42.03
CA ALA N 150 1.59 17.68 43.41
C ALA N 150 0.37 17.10 44.12
N ALA N 151 -0.77 17.08 43.41
CA ALA N 151 -2.01 16.52 43.92
C ALA N 151 -2.34 15.24 43.16
N HIS N 152 -1.89 15.18 41.89
CA HIS N 152 -2.07 14.05 40.99
C HIS N 152 -3.51 13.98 40.51
N VAL N 153 -4.08 15.15 40.19
CA VAL N 153 -5.45 15.24 39.74
C VAL N 153 -5.56 14.55 38.39
N ALA N 154 -4.43 14.51 37.67
CA ALA N 154 -4.35 13.96 36.34
C ALA N 154 -4.72 12.47 36.34
N GLU N 155 -4.12 11.73 37.29
CA GLU N 155 -4.36 10.29 37.43
C GLU N 155 -5.74 10.07 38.05
N GLN N 156 -6.22 11.07 38.79
CA GLN N 156 -7.46 10.98 39.52
C GLN N 156 -8.64 10.96 38.54
N LEU N 157 -8.57 11.81 37.51
CA LEU N 157 -9.64 11.97 36.54
C LEU N 157 -9.70 10.75 35.62
N ARG N 158 -8.52 10.28 35.23
CA ARG N 158 -8.37 9.05 34.47
C ARG N 158 -9.34 8.00 35.00
N ALA N 159 -9.39 7.87 36.33
CA ALA N 159 -10.06 6.76 37.00
C ALA N 159 -11.57 7.01 37.09
N TYR N 160 -12.04 8.10 36.47
CA TYR N 160 -13.46 8.33 36.32
C TYR N 160 -13.86 8.04 34.88
N LEU N 161 -13.04 8.52 33.94
CA LEU N 161 -13.33 8.47 32.53
C LEU N 161 -13.06 7.05 31.99
N GLU N 162 -12.19 6.31 32.69
CA GLU N 162 -11.82 4.96 32.29
C GLU N 162 -12.54 3.94 33.17
N GLY N 163 -13.13 4.39 34.28
CA GLY N 163 -13.80 3.50 35.21
C GLY N 163 -15.31 3.77 35.26
N THR N 164 -15.67 4.94 35.81
CA THR N 164 -17.05 5.24 36.17
C THR N 164 -17.82 5.72 34.95
N CYS N 165 -17.24 6.66 34.22
CA CYS N 165 -17.85 7.29 33.06
C CYS N 165 -18.34 6.23 32.09
N VAL N 166 -17.44 5.31 31.73
CA VAL N 166 -17.69 4.33 30.67
C VAL N 166 -18.76 3.35 31.13
N GLU N 167 -18.70 2.94 32.42
CA GLU N 167 -19.59 1.94 32.97
C GLU N 167 -21.03 2.44 32.92
N TRP N 168 -21.22 3.73 33.19
CA TRP N 168 -22.56 4.31 33.26
C TRP N 168 -23.09 4.60 31.87
N LEU N 169 -22.17 4.78 30.90
CA LEU N 169 -22.52 5.00 29.50
C LEU N 169 -23.17 3.74 28.93
N ARG N 170 -22.44 2.61 29.02
CA ARG N 170 -22.96 1.32 28.63
C ARG N 170 -24.37 1.12 29.20
N ARG N 171 -24.51 1.37 30.50
CA ARG N 171 -25.76 1.14 31.21
C ARG N 171 -26.79 2.19 30.81
N TYR N 172 -26.32 3.35 30.33
CA TYR N 172 -27.23 4.37 29.81
C TYR N 172 -27.77 3.90 28.47
N LEU N 173 -26.88 3.40 27.61
CA LEU N 173 -27.23 3.05 26.23
C LEU N 173 -28.28 1.94 26.22
N GLU N 174 -28.28 1.10 27.25
CA GLU N 174 -29.07 -0.11 27.25
C GLU N 174 -30.50 0.16 27.72
N ASN N 175 -30.70 1.24 28.48
CA ASN N 175 -32.00 1.51 29.06
C ASN N 175 -32.96 2.06 28.01
N GLY N 176 -32.49 3.03 27.23
CA GLY N 176 -33.22 3.55 26.07
C GLY N 176 -32.63 2.99 24.77
N LYS N 177 -32.82 1.68 24.57
CA LYS N 177 -32.12 0.90 23.56
C LYS N 177 -32.57 1.31 22.16
N GLU N 178 -33.83 1.74 22.04
CA GLU N 178 -34.45 2.01 20.75
C GLU N 178 -33.91 3.33 20.20
N THR N 179 -33.86 4.36 21.07
CA THR N 179 -33.62 5.73 20.67
C THR N 179 -32.14 5.94 20.36
N LEU N 180 -31.29 5.74 21.37
CA LEU N 180 -29.94 6.28 21.39
C LEU N 180 -29.03 5.63 20.36
N GLN N 181 -29.37 4.40 19.97
CA GLN N 181 -28.53 3.59 19.09
C GLN N 181 -28.97 3.75 17.63
N ARG N 182 -30.23 4.19 17.44
CA ARG N 182 -30.84 4.32 16.14
C ARG N 182 -30.03 5.28 15.25
N THR N 183 -30.27 5.19 13.93
CA THR N 183 -29.83 6.20 12.98
C THR N 183 -31.02 6.62 12.13
N ASP N 184 -31.34 7.92 12.16
CA ASP N 184 -32.42 8.49 11.35
C ASP N 184 -31.84 9.12 10.09
N ALA N 185 -32.08 8.47 8.95
CA ALA N 185 -31.58 8.88 7.65
C ALA N 185 -32.38 10.09 7.15
N PRO N 186 -31.70 11.09 6.53
CA PRO N 186 -32.33 12.38 6.24
C PRO N 186 -33.29 12.34 5.05
N LYS N 187 -34.44 13.02 5.20
CA LYS N 187 -35.32 13.27 4.06
C LYS N 187 -34.86 14.54 3.37
N THR N 188 -34.50 14.39 2.09
CA THR N 188 -33.83 15.43 1.33
C THR N 188 -34.67 15.81 0.10
N HIS N 189 -35.00 17.10 -0.01
CA HIS N 189 -35.52 17.63 -1.26
C HIS N 189 -34.54 18.67 -1.80
N MET N 190 -35.02 19.56 -2.68
CA MET N 190 -34.17 20.55 -3.30
C MET N 190 -35.06 21.62 -3.94
N THR N 191 -35.15 22.78 -3.27
CA THR N 191 -36.01 23.85 -3.73
C THR N 191 -35.30 24.66 -4.82
N HIS N 192 -36.00 25.68 -5.32
CA HIS N 192 -35.47 26.58 -6.34
C HIS N 192 -36.14 27.95 -6.21
N HIS N 193 -35.43 28.85 -5.53
CA HIS N 193 -35.80 30.25 -5.42
C HIS N 193 -35.09 31.01 -6.53
N ALA N 194 -35.86 31.70 -7.38
CA ALA N 194 -35.28 32.49 -8.47
C ALA N 194 -34.90 33.87 -7.94
N VAL N 195 -33.58 34.11 -7.85
CA VAL N 195 -33.04 35.36 -7.33
C VAL N 195 -33.40 36.50 -8.27
N SER N 196 -33.09 36.33 -9.57
CA SER N 196 -33.35 37.33 -10.59
C SER N 196 -33.62 36.64 -11.93
N ASP N 197 -33.21 37.32 -13.02
CA ASP N 197 -33.28 36.75 -14.35
C ASP N 197 -31.89 36.27 -14.76
N HIS N 198 -30.94 36.38 -13.82
CA HIS N 198 -29.55 36.06 -14.07
C HIS N 198 -29.07 35.00 -13.10
N GLU N 199 -29.39 35.18 -11.81
CA GLU N 199 -28.99 34.29 -10.74
C GLU N 199 -30.19 33.48 -10.25
N ALA N 200 -29.93 32.25 -9.82
CA ALA N 200 -30.96 31.38 -9.26
C ALA N 200 -30.33 30.53 -8.16
N THR N 201 -31.10 30.25 -7.10
CA THR N 201 -30.53 29.71 -5.86
C THR N 201 -31.10 28.32 -5.55
N LEU N 202 -30.24 27.31 -5.63
CA LEU N 202 -30.62 25.93 -5.37
C LEU N 202 -30.33 25.56 -3.92
N ARG N 203 -31.36 25.65 -3.07
CA ARG N 203 -31.24 25.22 -1.69
C ARG N 203 -31.35 23.70 -1.65
N CYS N 204 -30.51 23.04 -0.83
CA CYS N 204 -30.46 21.59 -0.76
C CYS N 204 -30.59 21.14 0.70
N TRP N 205 -31.68 20.43 1.00
CA TRP N 205 -32.15 20.21 2.37
C TRP N 205 -31.85 18.79 2.84
N ALA N 206 -32.03 18.59 4.14
CA ALA N 206 -32.02 17.28 4.79
C ALA N 206 -32.69 17.43 6.15
N LEU N 207 -33.92 16.90 6.26
CA LEU N 207 -34.78 17.19 7.40
C LEU N 207 -35.03 15.94 8.24
N SER N 208 -35.62 16.14 9.42
CA SER N 208 -35.77 15.15 10.49
C SER N 208 -34.75 14.01 10.36
N PHE N 209 -33.53 14.26 10.85
CA PHE N 209 -32.45 13.28 10.77
C PHE N 209 -31.57 13.33 12.03
N TYR N 210 -30.92 12.21 12.32
CA TYR N 210 -30.14 12.00 13.54
C TYR N 210 -29.11 10.92 13.28
N PRO N 211 -27.90 10.99 13.87
CA PRO N 211 -27.45 12.12 14.68
C PRO N 211 -27.20 13.39 13.85
N ALA N 212 -26.23 14.19 14.30
CA ALA N 212 -26.01 15.53 13.77
C ALA N 212 -24.95 15.52 12.67
N GLU N 213 -24.10 14.49 12.66
CA GLU N 213 -23.00 14.45 11.70
C GLU N 213 -23.54 14.20 10.30
N ILE N 214 -23.29 15.18 9.42
CA ILE N 214 -23.80 15.19 8.05
C ILE N 214 -22.90 16.10 7.23
N THR N 215 -22.77 15.80 5.93
CA THR N 215 -22.01 16.65 5.04
C THR N 215 -22.78 16.89 3.75
N LEU N 216 -23.34 18.10 3.63
CA LEU N 216 -23.88 18.60 2.38
C LEU N 216 -22.76 19.29 1.63
N THR N 217 -22.42 18.75 0.46
CA THR N 217 -21.34 19.29 -0.34
C THR N 217 -21.83 19.51 -1.77
N TRP N 218 -21.61 20.72 -2.29
CA TRP N 218 -22.01 21.05 -3.64
C TRP N 218 -20.93 20.64 -4.63
N GLN N 219 -21.37 20.02 -5.73
CA GLN N 219 -20.50 19.68 -6.85
C GLN N 219 -20.96 20.44 -8.08
N ARG N 220 -20.20 20.30 -9.17
CA ARG N 220 -20.57 20.83 -10.46
C ARG N 220 -19.94 19.94 -11.53
N ASP N 221 -20.80 19.25 -12.29
CA ASP N 221 -20.34 18.27 -13.28
C ASP N 221 -19.47 17.23 -12.57
N GLY N 222 -18.19 17.58 -12.38
CA GLY N 222 -17.22 16.69 -11.77
C GLY N 222 -16.63 17.27 -10.48
N GLU N 223 -15.72 18.24 -10.63
CA GLU N 223 -15.05 18.86 -9.49
C GLU N 223 -16.07 19.56 -8.60
N ASP N 224 -15.68 19.81 -7.36
CA ASP N 224 -16.60 20.26 -6.34
C ASP N 224 -16.65 21.79 -6.32
N GLN N 225 -17.87 22.33 -6.45
CA GLN N 225 -18.13 23.76 -6.44
C GLN N 225 -18.03 24.28 -5.01
N THR N 226 -17.42 25.45 -4.86
CA THR N 226 -17.05 25.99 -3.57
C THR N 226 -17.42 27.47 -3.48
N GLN N 227 -17.62 28.11 -4.65
CA GLN N 227 -17.62 29.56 -4.74
C GLN N 227 -18.93 30.14 -4.24
N ASP N 228 -20.01 29.90 -4.99
CA ASP N 228 -21.24 30.64 -4.76
C ASP N 228 -22.10 29.93 -3.72
N THR N 229 -21.54 28.89 -3.09
CA THR N 229 -22.32 28.07 -2.16
C THR N 229 -22.59 28.82 -0.86
N GLU N 230 -23.50 28.24 -0.07
CA GLU N 230 -23.70 28.61 1.31
C GLU N 230 -23.84 27.31 2.11
N LEU N 231 -23.87 27.42 3.44
CA LEU N 231 -24.04 26.28 4.32
C LEU N 231 -24.32 26.79 5.73
N VAL N 232 -25.56 26.60 6.19
CA VAL N 232 -25.96 26.97 7.55
C VAL N 232 -25.56 25.86 8.51
N GLU N 233 -25.16 26.27 9.72
CA GLU N 233 -24.75 25.34 10.76
C GLU N 233 -25.94 24.49 11.17
N THR N 234 -25.67 23.21 11.42
CA THR N 234 -26.68 22.20 11.69
C THR N 234 -27.54 22.63 12.88
N ARG N 235 -28.85 22.72 12.63
CA ARG N 235 -29.83 23.26 13.56
C ARG N 235 -30.80 22.16 13.99
N PRO N 236 -31.08 22.01 15.30
CA PRO N 236 -32.12 21.08 15.75
C PRO N 236 -33.53 21.57 15.44
N ALA N 237 -34.42 20.63 15.09
CA ALA N 237 -35.76 20.96 14.65
C ALA N 237 -36.71 21.08 15.84
N GLY N 238 -36.50 20.25 16.86
CA GLY N 238 -37.28 20.33 18.08
C GLY N 238 -37.62 18.96 18.66
N ASP N 239 -38.12 18.07 17.80
CA ASP N 239 -38.69 16.79 18.19
C ASP N 239 -37.62 15.88 18.76
N GLY N 240 -36.42 15.95 18.19
CA GLY N 240 -35.29 15.11 18.56
C GLY N 240 -34.37 14.87 17.38
N THR N 241 -34.72 15.51 16.25
CA THR N 241 -33.99 15.35 15.00
C THR N 241 -33.29 16.66 14.67
N PHE N 242 -32.63 16.70 13.51
CA PHE N 242 -31.93 17.89 13.04
C PHE N 242 -32.38 18.23 11.62
N GLN N 243 -31.90 19.39 11.14
CA GLN N 243 -32.10 19.84 9.78
C GLN N 243 -30.78 20.45 9.30
N LYS N 244 -30.54 20.41 7.99
CA LYS N 244 -29.47 21.19 7.40
C LYS N 244 -29.75 21.40 5.92
N TRP N 245 -29.50 22.63 5.46
CA TRP N 245 -29.48 22.93 4.04
C TRP N 245 -28.18 23.63 3.66
N ALA N 246 -27.83 23.49 2.37
CA ALA N 246 -26.75 24.22 1.74
C ALA N 246 -27.24 24.70 0.38
N ALA N 247 -27.13 26.01 0.13
CA ALA N 247 -27.55 26.56 -1.16
C ALA N 247 -26.36 26.74 -2.10
N VAL N 248 -26.65 27.16 -3.33
CA VAL N 248 -25.67 27.69 -4.26
C VAL N 248 -26.40 28.59 -5.24
N VAL N 249 -25.85 29.78 -5.47
CA VAL N 249 -26.33 30.65 -6.54
C VAL N 249 -25.65 30.22 -7.83
N VAL N 250 -26.45 30.07 -8.89
CA VAL N 250 -26.01 29.55 -10.18
C VAL N 250 -26.63 30.41 -11.28
N PRO N 251 -25.90 30.62 -12.40
CA PRO N 251 -26.44 31.35 -13.56
C PRO N 251 -27.74 30.74 -14.08
N SER N 252 -28.68 31.61 -14.44
CA SER N 252 -29.99 31.20 -14.93
C SER N 252 -29.84 30.28 -16.13
N GLY N 253 -30.07 28.99 -15.90
CA GLY N 253 -30.06 28.01 -16.97
C GLY N 253 -28.75 27.23 -17.02
N GLN N 254 -28.34 26.70 -15.87
CA GLN N 254 -27.17 25.84 -15.80
C GLN N 254 -27.39 24.77 -14.74
N GLU N 255 -28.49 24.91 -13.98
CA GLU N 255 -28.79 24.15 -12.79
C GLU N 255 -28.49 22.66 -13.00
N GLN N 256 -28.56 22.22 -14.25
CA GLN N 256 -28.43 20.82 -14.62
C GLN N 256 -26.99 20.36 -14.47
N ARG N 257 -26.13 21.26 -13.96
CA ARG N 257 -24.73 20.95 -13.78
C ARG N 257 -24.44 20.73 -12.29
N TYR N 258 -25.36 21.21 -11.45
CA TYR N 258 -25.13 21.31 -10.02
C TYR N 258 -25.76 20.13 -9.28
N THR N 259 -24.91 19.43 -8.54
CA THR N 259 -25.28 18.27 -7.74
C THR N 259 -24.93 18.50 -6.26
N CYS N 260 -25.90 18.22 -5.39
CA CYS N 260 -25.72 18.29 -3.95
C CYS N 260 -25.50 16.86 -3.44
N HIS N 261 -24.47 16.66 -2.63
CA HIS N 261 -24.09 15.33 -2.21
C HIS N 261 -24.25 15.18 -0.70
N VAL N 262 -25.12 14.25 -0.32
CA VAL N 262 -25.59 14.09 1.05
C VAL N 262 -24.88 12.89 1.66
N GLN N 263 -24.24 13.13 2.83
CA GLN N 263 -23.49 12.14 3.60
C GLN N 263 -24.12 11.99 4.99
N HIS N 264 -24.16 10.75 5.50
CA HIS N 264 -24.79 10.49 6.80
C HIS N 264 -24.51 9.06 7.27
N GLU N 265 -24.65 8.86 8.59
CA GLU N 265 -24.43 7.57 9.22
C GLU N 265 -25.53 6.61 8.75
N GLY N 266 -26.74 7.14 8.65
CA GLY N 266 -27.95 6.35 8.42
C GLY N 266 -28.28 6.20 6.93
N LEU N 267 -27.52 6.89 6.09
CA LEU N 267 -27.62 6.71 4.66
C LEU N 267 -26.80 5.49 4.25
N PRO N 268 -27.44 4.43 3.71
CA PRO N 268 -26.71 3.26 3.21
C PRO N 268 -25.54 3.67 2.31
N LYS N 269 -25.84 4.37 1.21
CA LYS N 269 -24.83 4.93 0.33
C LYS N 269 -25.07 6.44 0.22
N PRO N 270 -24.09 7.23 -0.28
CA PRO N 270 -24.27 8.68 -0.45
C PRO N 270 -25.30 9.03 -1.52
N LEU N 271 -26.00 10.16 -1.33
CA LEU N 271 -27.07 10.57 -2.22
C LEU N 271 -26.55 11.54 -3.29
N THR N 272 -27.36 11.68 -4.34
CA THR N 272 -27.13 12.64 -5.42
C THR N 272 -28.41 13.44 -5.63
N LEU N 273 -28.30 14.77 -5.54
CA LEU N 273 -29.47 15.61 -5.75
C LEU N 273 -29.22 16.60 -6.88
N ARG N 274 -30.06 16.49 -7.92
CA ARG N 274 -29.93 17.30 -9.12
C ARG N 274 -31.29 17.89 -9.49
N TRP N 275 -31.27 19.18 -9.83
CA TRP N 275 -32.47 19.90 -10.22
C TRP N 275 -32.75 19.66 -11.70
N GLU N 276 -34.01 19.35 -12.03
CA GLU N 276 -34.42 19.09 -13.40
C GLU N 276 -35.68 19.89 -13.73
N GLY N 277 -36.21 19.69 -14.94
CA GLY N 277 -37.43 20.34 -15.38
C GLY N 277 -37.74 20.05 -16.85
N GLY N 278 -39.04 19.98 -17.18
CA GLY N 278 -39.49 19.65 -18.53
C GLY N 278 -39.53 20.87 -19.46
N GLY N 279 -39.49 20.61 -20.77
CA GLY N 279 -39.43 21.62 -21.81
C GLY N 279 -40.60 22.60 -21.75
N MET O 1 -11.20 38.44 27.86
CA MET O 1 -12.60 38.55 27.36
C MET O 1 -12.61 38.41 25.84
N ILE O 2 -13.40 37.46 25.34
CA ILE O 2 -13.56 37.21 23.92
C ILE O 2 -15.03 37.37 23.56
N GLN O 3 -15.41 38.60 23.21
CA GLN O 3 -16.72 38.90 22.69
C GLN O 3 -16.91 38.13 21.38
N ARG O 4 -18.08 37.49 21.26
CA ARG O 4 -18.43 36.74 20.07
C ARG O 4 -19.88 37.04 19.72
N THR O 5 -20.12 37.32 18.43
CA THR O 5 -21.44 37.61 17.91
C THR O 5 -22.18 36.31 17.62
N PRO O 6 -23.54 36.29 17.73
CA PRO O 6 -24.32 35.09 17.41
C PRO O 6 -24.79 34.99 15.97
N LYS O 7 -25.18 33.77 15.57
CA LYS O 7 -25.77 33.51 14.26
C LYS O 7 -27.18 32.94 14.46
N ILE O 8 -28.13 33.53 13.74
CA ILE O 8 -29.54 33.41 14.06
C ILE O 8 -30.28 32.76 12.88
N GLN O 9 -31.13 31.77 13.19
CA GLN O 9 -31.93 31.08 12.20
C GLN O 9 -33.35 30.90 12.74
N VAL O 10 -34.34 31.34 11.96
CA VAL O 10 -35.74 31.18 12.31
C VAL O 10 -36.32 30.11 11.40
N TYR O 11 -36.91 29.06 11.98
CA TYR O 11 -37.42 27.98 11.16
C TYR O 11 -38.56 27.24 11.86
N SER O 12 -39.02 26.16 11.22
CA SER O 12 -40.15 25.37 11.69
C SER O 12 -39.73 23.91 11.85
N ARG O 13 -40.53 23.14 12.60
CA ARG O 13 -40.25 21.73 12.81
C ARG O 13 -40.57 20.99 11.52
N HIS O 14 -41.85 20.61 11.37
CA HIS O 14 -42.38 20.11 10.12
C HIS O 14 -42.39 21.26 9.12
N PRO O 15 -42.20 21.01 7.81
CA PRO O 15 -42.26 22.07 6.80
C PRO O 15 -43.61 22.80 6.84
N ALA O 16 -43.62 24.02 6.32
CA ALA O 16 -44.76 24.92 6.38
C ALA O 16 -45.99 24.26 5.77
N GLU O 17 -47.13 24.39 6.48
CA GLU O 17 -48.41 23.89 6.02
C GLU O 17 -49.51 24.78 6.60
N ASN O 18 -50.15 25.56 5.72
CA ASN O 18 -51.22 26.49 6.09
C ASN O 18 -52.13 25.85 7.11
N GLY O 19 -52.16 26.43 8.32
CA GLY O 19 -52.98 25.95 9.43
C GLY O 19 -52.66 24.50 9.78
N LYS O 20 -51.54 24.30 10.50
CA LYS O 20 -51.16 22.97 10.95
C LYS O 20 -50.43 23.10 12.29
N SER O 21 -50.65 22.11 13.17
CA SER O 21 -49.93 22.01 14.42
C SER O 21 -48.43 21.98 14.13
N ASN O 22 -47.81 23.15 14.19
CA ASN O 22 -46.43 23.31 13.78
C ASN O 22 -45.67 24.08 14.86
N PHE O 23 -44.34 23.91 14.87
CA PHE O 23 -43.48 24.57 15.82
C PHE O 23 -42.57 25.55 15.10
N LEU O 24 -42.49 26.78 15.64
CA LEU O 24 -41.53 27.79 15.23
C LEU O 24 -40.27 27.60 16.06
N ASN O 25 -39.12 27.91 15.46
CA ASN O 25 -37.84 27.78 16.13
C ASN O 25 -37.07 29.08 15.97
N CYS O 26 -36.08 29.29 16.84
CA CYS O 26 -35.09 30.33 16.65
C CYS O 26 -33.78 29.94 17.32
N TYR O 27 -32.98 29.16 16.58
CA TYR O 27 -31.70 28.68 17.07
C TYR O 27 -30.65 29.78 16.90
N VAL O 28 -30.13 30.23 18.05
CA VAL O 28 -29.06 31.21 18.17
C VAL O 28 -27.81 30.47 18.65
N SER O 29 -26.67 30.75 18.03
CA SER O 29 -25.44 30.01 18.31
C SER O 29 -24.20 30.89 18.13
N GLY O 30 -23.11 30.49 18.79
CA GLY O 30 -21.79 31.05 18.57
C GLY O 30 -21.51 32.34 19.35
N PHE O 31 -22.31 32.60 20.39
CA PHE O 31 -22.22 33.86 21.11
C PHE O 31 -21.46 33.67 22.42
N HIS O 32 -20.94 34.80 22.93
CA HIS O 32 -20.19 34.92 24.17
C HIS O 32 -20.12 36.40 24.54
N PRO O 33 -20.30 36.78 25.83
CA PRO O 33 -20.70 35.86 26.90
C PRO O 33 -22.15 35.37 26.81
N SER O 34 -22.59 34.72 27.89
CA SER O 34 -23.74 33.84 27.92
C SER O 34 -25.04 34.63 27.96
N ASP O 35 -24.93 35.91 28.30
CA ASP O 35 -26.10 36.74 28.56
C ASP O 35 -26.64 37.27 27.23
N ILE O 36 -27.77 36.70 26.79
CA ILE O 36 -28.38 37.06 25.52
C ILE O 36 -29.88 37.30 25.73
N GLU O 37 -30.46 38.18 24.91
CA GLU O 37 -31.87 38.52 24.95
C GLU O 37 -32.53 38.11 23.64
N VAL O 38 -33.28 37.01 23.67
CA VAL O 38 -33.91 36.45 22.48
C VAL O 38 -35.42 36.51 22.65
N ASP O 39 -36.12 36.95 21.58
CA ASP O 39 -37.56 37.14 21.57
C ASP O 39 -38.14 36.61 20.27
N LEU O 40 -39.46 36.39 20.23
CA LEU O 40 -40.16 35.86 19.06
C LEU O 40 -41.45 36.62 18.82
N LEU O 41 -41.61 37.15 17.61
CA LEU O 41 -42.67 38.10 17.31
C LEU O 41 -43.63 37.53 16.28
N LYS O 42 -44.92 37.81 16.46
CA LYS O 42 -45.96 37.54 15.48
C LYS O 42 -46.67 38.85 15.14
N ASN O 43 -46.57 39.24 13.86
CA ASN O 43 -47.16 40.46 13.34
C ASN O 43 -46.55 41.70 14.00
N GLY O 44 -45.50 41.47 14.82
CA GLY O 44 -44.79 42.55 15.48
C GLY O 44 -44.66 42.32 16.99
N GLU O 45 -45.79 42.10 17.65
CA GLU O 45 -45.85 41.99 19.11
C GLU O 45 -45.25 40.66 19.56
N ARG O 46 -44.63 40.67 20.75
CA ARG O 46 -43.97 39.51 21.35
C ARG O 46 -45.01 38.41 21.60
N ILE O 47 -44.58 37.15 21.48
CA ILE O 47 -45.42 36.02 21.86
C ILE O 47 -45.02 35.58 23.26
N GLU O 48 -46.02 35.27 24.09
CA GLU O 48 -45.81 34.93 25.48
C GLU O 48 -45.42 33.46 25.62
N LYS O 49 -46.18 32.58 24.94
CA LYS O 49 -46.04 31.15 25.08
C LYS O 49 -44.87 30.66 24.24
N VAL O 50 -43.64 30.98 24.67
CA VAL O 50 -42.42 30.61 23.96
C VAL O 50 -41.46 29.94 24.94
N GLU O 51 -41.29 28.63 24.80
CA GLU O 51 -40.38 27.87 25.64
C GLU O 51 -38.96 28.03 25.08
N HIS O 52 -37.95 27.68 25.89
CA HIS O 52 -36.57 27.66 25.44
C HIS O 52 -35.81 26.48 26.05
N SER O 53 -34.69 26.15 25.41
CA SER O 53 -33.90 24.97 25.75
C SER O 53 -32.87 25.31 26.82
N ASP O 54 -31.95 24.36 27.07
CA ASP O 54 -30.89 24.56 28.04
C ASP O 54 -29.64 25.09 27.35
N LEU O 55 -28.82 25.81 28.13
CA LEU O 55 -27.64 26.47 27.60
C LEU O 55 -26.45 25.53 27.58
N SER O 56 -26.16 24.99 26.40
CA SER O 56 -24.91 24.30 26.14
C SER O 56 -24.07 25.12 25.15
N PHE O 57 -22.94 24.53 24.73
CA PHE O 57 -21.96 25.21 23.91
C PHE O 57 -21.21 24.17 23.09
N SER O 58 -20.75 24.58 21.89
CA SER O 58 -19.93 23.75 21.02
C SER O 58 -18.54 23.61 21.64
N LYS O 59 -17.75 22.67 21.11
CA LYS O 59 -16.40 22.42 21.59
C LYS O 59 -15.58 23.71 21.52
N ASP O 60 -16.09 24.68 20.76
CA ASP O 60 -15.46 25.96 20.48
C ASP O 60 -15.66 26.93 21.65
N TRP O 61 -16.62 26.59 22.53
CA TRP O 61 -16.95 27.33 23.74
C TRP O 61 -18.09 28.32 23.50
N SER O 62 -18.43 28.52 22.22
CA SER O 62 -19.52 29.41 21.83
C SER O 62 -20.86 28.77 22.15
N PHE O 63 -21.71 29.53 22.85
CA PHE O 63 -22.96 29.00 23.39
C PHE O 63 -24.04 29.01 22.32
N TYR O 64 -24.88 27.97 22.31
CA TYR O 64 -26.05 27.90 21.45
C TYR O 64 -27.32 27.85 22.29
N LEU O 65 -28.46 28.13 21.66
CA LEU O 65 -29.77 28.09 22.31
C LEU O 65 -30.87 27.86 21.28
N LEU O 66 -31.92 27.14 21.70
CA LEU O 66 -33.16 27.11 20.94
C LEU O 66 -34.29 27.71 21.77
N TYR O 67 -34.93 28.74 21.20
CA TYR O 67 -36.21 29.24 21.62
C TYR O 67 -37.26 28.77 20.62
N TYR O 68 -38.43 28.39 21.11
CA TYR O 68 -39.43 27.76 20.26
C TYR O 68 -40.83 27.94 20.82
N THR O 69 -41.82 27.74 19.95
CA THR O 69 -43.23 27.95 20.27
C THR O 69 -44.10 27.18 19.27
N GLU O 70 -45.28 26.76 19.73
CA GLU O 70 -46.28 26.11 18.90
C GLU O 70 -47.09 27.19 18.19
N PHE O 71 -47.24 27.06 16.87
CA PHE O 71 -47.93 28.07 16.07
C PHE O 71 -48.72 27.43 14.93
N THR O 72 -49.50 28.26 14.23
CA THR O 72 -50.39 27.84 13.16
C THR O 72 -50.31 28.85 12.01
N PRO O 73 -49.36 28.68 11.06
CA PRO O 73 -49.16 29.66 9.98
C PRO O 73 -50.26 29.66 8.91
N THR O 74 -50.46 30.84 8.29
CA THR O 74 -51.41 31.01 7.20
C THR O 74 -50.76 31.79 6.06
N GLU O 75 -51.59 32.37 5.19
CA GLU O 75 -51.14 33.03 3.98
C GLU O 75 -50.36 34.29 4.33
N LYS O 76 -51.07 35.37 4.66
CA LYS O 76 -50.46 36.64 4.99
C LYS O 76 -50.35 36.77 6.51
N ASP O 77 -49.20 36.37 7.05
CA ASP O 77 -48.94 36.41 8.48
C ASP O 77 -47.44 36.62 8.70
N GLU O 78 -47.11 37.71 9.41
CA GLU O 78 -45.74 38.13 9.66
C GLU O 78 -45.13 37.27 10.77
N TYR O 79 -43.83 36.98 10.65
CA TYR O 79 -43.10 36.26 11.68
C TYR O 79 -41.62 36.59 11.61
N ALA O 80 -40.99 36.72 12.78
CA ALA O 80 -39.57 37.06 12.89
C ALA O 80 -39.02 36.54 14.21
N CYS O 81 -37.72 36.80 14.42
CA CYS O 81 -37.05 36.50 15.68
C CYS O 81 -36.14 37.67 16.06
N ARG O 82 -36.51 38.37 17.13
CA ARG O 82 -35.80 39.56 17.59
C ARG O 82 -34.80 39.16 18.68
N VAL O 83 -33.51 39.35 18.39
CA VAL O 83 -32.43 38.96 19.29
C VAL O 83 -31.62 40.20 19.67
N ASN O 84 -31.07 40.18 20.89
CA ASN O 84 -30.27 41.28 21.41
C ASN O 84 -29.06 40.70 22.17
N HIS O 85 -27.89 41.31 21.97
CA HIS O 85 -26.67 40.86 22.61
C HIS O 85 -25.73 42.03 22.91
N VAL O 86 -24.60 41.74 23.57
CA VAL O 86 -23.59 42.71 23.93
C VAL O 86 -22.68 42.99 22.73
N THR O 87 -22.90 42.25 21.64
CA THR O 87 -22.15 42.44 20.40
C THR O 87 -23.04 43.16 19.39
N LEU O 88 -24.10 43.79 19.87
CA LEU O 88 -25.07 44.41 18.97
C LEU O 88 -25.44 45.80 19.47
N SER O 89 -25.21 46.81 18.61
CA SER O 89 -25.57 48.20 18.88
C SER O 89 -27.08 48.37 18.78
N GLN O 90 -27.68 47.61 17.86
CA GLN O 90 -29.12 47.57 17.67
C GLN O 90 -29.58 46.14 17.93
N PRO O 91 -30.89 45.90 18.21
CA PRO O 91 -31.44 44.56 18.15
C PRO O 91 -31.32 44.04 16.72
N LYS O 92 -31.02 42.74 16.58
CA LYS O 92 -31.00 42.08 15.29
C LYS O 92 -32.37 41.45 15.06
N ILE O 93 -32.95 41.69 13.87
CA ILE O 93 -34.26 41.18 13.52
C ILE O 93 -34.13 40.30 12.29
N VAL O 94 -34.41 39.00 12.47
CA VAL O 94 -34.36 38.03 11.40
C VAL O 94 -35.78 37.50 11.16
N LYS O 95 -36.27 37.69 9.94
CA LYS O 95 -37.64 37.31 9.60
C LYS O 95 -37.69 35.80 9.36
N TRP O 96 -38.91 35.26 9.23
CA TRP O 96 -39.10 33.85 8.93
C TRP O 96 -39.46 33.66 7.46
N ASP O 97 -38.69 32.80 6.78
CA ASP O 97 -38.98 32.44 5.40
C ASP O 97 -39.67 31.07 5.41
N ARG O 98 -39.94 30.54 4.21
CA ARG O 98 -40.48 29.20 4.11
C ARG O 98 -39.44 28.27 3.48
N ASP O 99 -38.39 28.87 2.90
CA ASP O 99 -37.41 28.10 2.15
C ASP O 99 -36.00 28.66 2.34
N MET O 100 -35.82 29.55 3.33
CA MET O 100 -34.51 30.02 3.72
C MET O 100 -34.26 29.70 5.20
N VAL P 3 8.79 -11.08 -57.93
CA VAL P 3 9.30 -9.70 -57.66
C VAL P 3 9.42 -8.95 -58.98
N GLU P 4 8.49 -8.01 -59.18
CA GLU P 4 8.41 -7.25 -60.43
C GLU P 4 8.29 -5.76 -60.11
N GLN P 5 8.40 -4.94 -61.16
CA GLN P 5 8.62 -3.51 -61.03
C GLN P 5 8.14 -2.82 -62.29
N ASN P 6 8.18 -1.49 -62.30
CA ASN P 6 8.11 -0.75 -63.54
C ASN P 6 9.53 -0.42 -63.98
N SER P 7 9.83 -0.66 -65.26
CA SER P 7 11.17 -0.45 -65.80
C SER P 7 11.39 1.01 -66.18
N GLY P 8 10.42 1.86 -65.85
CA GLY P 8 10.37 3.23 -66.35
C GLY P 8 9.94 3.24 -67.81
N PRO P 9 10.53 4.09 -68.67
CA PRO P 9 11.43 5.17 -68.21
C PRO P 9 10.64 6.29 -67.56
N LEU P 10 11.21 6.86 -66.50
CA LEU P 10 10.60 7.95 -65.77
C LEU P 10 11.42 9.23 -65.99
N SER P 11 10.71 10.30 -66.39
CA SER P 11 11.33 11.56 -66.76
C SER P 11 10.80 12.68 -65.87
N VAL P 12 11.40 12.82 -64.69
CA VAL P 12 10.98 13.78 -63.69
C VAL P 12 11.90 15.00 -63.74
N PRO P 13 11.34 16.24 -63.69
CA PRO P 13 12.14 17.46 -63.78
C PRO P 13 12.92 17.78 -62.51
N GLU P 14 13.86 18.71 -62.61
CA GLU P 14 14.74 19.05 -61.51
C GLU P 14 13.91 19.63 -60.35
N GLY P 15 14.26 19.23 -59.13
CA GLY P 15 13.61 19.70 -57.92
C GLY P 15 12.44 18.81 -57.51
N ALA P 16 11.68 18.34 -58.52
CA ALA P 16 10.48 17.55 -58.32
C ALA P 16 10.83 16.18 -57.77
N ILE P 17 9.91 15.61 -56.98
CA ILE P 17 10.18 14.40 -56.22
C ILE P 17 9.97 13.17 -57.11
N ALA P 18 11.06 12.42 -57.31
CA ALA P 18 11.02 11.14 -58.01
C ALA P 18 10.44 10.08 -57.07
N SER P 19 9.44 9.36 -57.57
CA SER P 19 8.77 8.31 -56.81
C SER P 19 8.85 6.99 -57.57
N LEU P 20 9.50 6.00 -56.95
CA LEU P 20 9.69 4.68 -57.55
C LEU P 20 8.82 3.67 -56.80
N ASN P 21 8.40 2.61 -57.50
CA ASN P 21 7.53 1.60 -56.93
C ASN P 21 7.75 0.25 -57.59
N CYS P 22 7.74 -0.80 -56.76
CA CYS P 22 7.75 -2.20 -57.18
C CYS P 22 6.88 -3.01 -56.21
N THR P 23 5.97 -3.81 -56.76
CA THR P 23 5.26 -4.79 -55.94
C THR P 23 6.15 -6.02 -55.81
N TYR P 24 5.62 -7.10 -55.21
CA TYR P 24 6.39 -8.32 -55.07
C TYR P 24 5.47 -9.53 -54.94
N SER P 25 6.08 -10.73 -55.05
CA SER P 25 5.36 -11.97 -55.25
C SER P 25 4.95 -12.60 -53.91
N ASP P 26 5.89 -12.66 -52.97
CA ASP P 26 5.71 -13.46 -51.77
C ASP P 26 4.92 -12.69 -50.71
N ARG P 27 3.84 -13.33 -50.23
CA ARG P 27 2.97 -12.78 -49.20
C ARG P 27 3.79 -12.44 -47.96
N GLY P 28 4.74 -13.31 -47.63
CA GLY P 28 5.50 -13.19 -46.40
C GLY P 28 6.95 -12.84 -46.66
N SER P 29 7.17 -11.77 -47.43
CA SER P 29 8.51 -11.24 -47.64
C SER P 29 8.98 -10.56 -46.37
N GLN P 30 10.24 -10.11 -46.34
CA GLN P 30 10.81 -9.67 -45.08
C GLN P 30 11.77 -8.49 -45.26
N SER P 31 12.68 -8.58 -46.24
CA SER P 31 13.77 -7.62 -46.31
C SER P 31 13.84 -7.00 -47.70
N PHE P 32 13.74 -5.66 -47.75
CA PHE P 32 13.58 -4.93 -49.01
C PHE P 32 14.74 -3.97 -49.19
N PHE P 33 15.11 -3.71 -50.45
CA PHE P 33 16.33 -2.99 -50.77
C PHE P 33 16.15 -2.09 -51.98
N TRP P 34 16.91 -0.99 -51.97
CA TRP P 34 17.06 -0.12 -53.12
C TRP P 34 18.55 0.09 -53.38
N TYR P 35 19.07 -0.62 -54.40
CA TYR P 35 20.38 -0.33 -54.95
C TYR P 35 20.21 0.69 -56.07
N ARG P 36 21.33 0.99 -56.74
CA ARG P 36 21.34 1.99 -57.79
C ARG P 36 22.51 1.66 -58.72
N GLN P 37 22.49 2.22 -59.94
CA GLN P 37 23.53 1.95 -60.92
C GLN P 37 23.56 3.07 -61.95
N TYR P 38 24.76 3.50 -62.33
CA TYR P 38 24.93 4.63 -63.22
C TYR P 38 25.14 4.16 -64.65
N SER P 39 25.15 5.14 -65.57
CA SER P 39 25.48 4.92 -66.96
C SER P 39 26.96 4.55 -67.06
N GLY P 40 27.27 3.30 -66.72
CA GLY P 40 28.63 2.79 -66.74
C GLY P 40 29.30 2.85 -65.36
N LYS P 41 28.62 2.30 -64.35
CA LYS P 41 29.16 2.07 -63.03
C LYS P 41 28.55 0.79 -62.45
N SER P 42 28.99 0.41 -61.25
CA SER P 42 28.50 -0.78 -60.56
C SER P 42 27.49 -0.38 -59.48
N PRO P 43 26.62 -1.31 -59.02
CA PRO P 43 25.60 -1.01 -58.00
C PRO P 43 26.13 -0.68 -56.61
N GLU P 44 25.49 0.32 -55.98
CA GLU P 44 25.62 0.65 -54.58
C GLU P 44 24.22 0.63 -53.95
N LEU P 45 24.14 0.19 -52.70
CA LEU P 45 22.90 0.27 -51.95
C LEU P 45 22.64 1.74 -51.57
N ILE P 46 21.38 2.15 -51.69
CA ILE P 46 21.02 3.52 -51.38
C ILE P 46 20.01 3.58 -50.24
N MET P 47 19.15 2.55 -50.13
CA MET P 47 18.20 2.45 -49.04
C MET P 47 17.87 0.98 -48.77
N PHE P 48 17.43 0.71 -47.53
CA PHE P 48 16.98 -0.61 -47.09
C PHE P 48 15.98 -0.45 -45.96
N ILE P 49 15.00 -1.37 -45.89
CA ILE P 49 13.88 -1.23 -44.97
C ILE P 49 13.43 -2.61 -44.51
N TYR P 50 13.08 -2.73 -43.22
CA TYR P 50 12.86 -4.05 -42.62
C TYR P 50 11.45 -4.22 -42.07
N SER P 51 10.70 -3.13 -41.92
CA SER P 51 9.30 -3.20 -41.53
C SER P 51 8.47 -2.08 -42.17
N ASN P 52 7.16 -2.12 -41.89
CA ASN P 52 6.20 -1.12 -42.36
C ASN P 52 6.59 0.26 -41.84
N GLY P 53 6.52 1.26 -42.71
CA GLY P 53 6.62 2.64 -42.27
C GLY P 53 7.62 3.46 -43.10
N ASP P 54 7.77 4.72 -42.70
CA ASP P 54 8.57 5.69 -43.42
C ASP P 54 9.99 5.69 -42.85
N LYS P 55 10.96 5.26 -43.67
CA LYS P 55 12.36 5.41 -43.33
C LYS P 55 12.97 6.48 -44.22
N GLU P 56 13.63 7.46 -43.61
CA GLU P 56 14.29 8.51 -44.37
C GLU P 56 15.80 8.32 -44.27
N ASP P 57 16.51 8.83 -45.29
CA ASP P 57 17.97 8.84 -45.31
C ASP P 57 18.42 10.17 -45.89
N GLY P 58 18.19 11.25 -45.13
CA GLY P 58 18.42 12.60 -45.60
C GLY P 58 17.42 12.99 -46.69
N ARG P 59 17.77 12.71 -47.94
CA ARG P 59 16.98 13.10 -49.08
C ARG P 59 16.10 11.93 -49.53
N PHE P 60 16.64 10.72 -49.36
CA PHE P 60 15.96 9.49 -49.74
C PHE P 60 14.99 9.07 -48.63
N THR P 61 13.69 9.13 -48.93
CA THR P 61 12.67 8.45 -48.14
C THR P 61 12.49 7.04 -48.69
N ALA P 62 11.81 6.19 -47.93
CA ALA P 62 11.48 4.86 -48.41
C ALA P 62 10.24 4.34 -47.68
N GLN P 63 9.20 4.05 -48.48
CA GLN P 63 7.94 3.54 -47.97
C GLN P 63 7.85 2.05 -48.27
N LEU P 64 7.24 1.30 -47.35
CA LEU P 64 6.90 -0.10 -47.52
C LEU P 64 5.57 -0.37 -46.84
N ASN P 65 4.70 -1.09 -47.56
CA ASN P 65 3.45 -1.56 -47.01
C ASN P 65 3.38 -3.07 -47.22
N LYS P 66 3.64 -3.82 -46.16
CA LYS P 66 3.66 -5.27 -46.21
C LYS P 66 2.26 -5.81 -46.50
N ALA P 67 1.25 -4.97 -46.26
CA ALA P 67 -0.14 -5.32 -46.51
C ALA P 67 -0.45 -5.29 -48.01
N SER P 68 -0.24 -4.12 -48.64
CA SER P 68 -0.55 -3.90 -50.04
C SER P 68 0.52 -4.53 -50.93
N GLN P 69 1.62 -4.97 -50.30
CA GLN P 69 2.71 -5.70 -50.94
C GLN P 69 3.41 -4.82 -51.96
N TYR P 70 3.73 -3.59 -51.55
CA TYR P 70 4.38 -2.59 -52.38
C TYR P 70 5.47 -1.90 -51.57
N VAL P 71 6.56 -1.53 -52.23
CA VAL P 71 7.65 -0.83 -51.58
C VAL P 71 8.18 0.25 -52.52
N SER P 72 8.52 1.42 -51.95
CA SER P 72 8.70 2.62 -52.73
C SER P 72 9.88 3.44 -52.22
N LEU P 73 10.73 3.89 -53.17
CA LEU P 73 11.72 4.92 -52.92
C LEU P 73 11.07 6.28 -53.18
N LEU P 74 11.55 7.31 -52.47
CA LEU P 74 11.15 8.69 -52.67
C LEU P 74 12.39 9.57 -52.59
N ILE P 75 12.65 10.33 -53.66
CA ILE P 75 13.84 11.15 -53.73
C ILE P 75 13.41 12.62 -53.66
N ARG P 76 13.77 13.28 -52.57
CA ARG P 76 13.54 14.72 -52.42
C ARG P 76 14.78 15.47 -52.86
N ASP P 77 14.56 16.70 -53.35
CA ASP P 77 15.59 17.58 -53.88
C ASP P 77 16.36 16.85 -54.97
N SER P 78 15.66 16.57 -56.08
CA SER P 78 16.23 15.83 -57.19
C SER P 78 17.22 16.70 -57.96
N GLN P 79 18.31 16.06 -58.40
CA GLN P 79 19.43 16.73 -59.06
C GLN P 79 19.88 15.87 -60.24
N PRO P 80 20.51 16.48 -61.28
CA PRO P 80 20.98 15.72 -62.45
C PRO P 80 21.82 14.50 -62.11
N SER P 81 22.41 14.50 -60.91
CA SER P 81 23.29 13.43 -60.47
C SER P 81 22.50 12.23 -59.96
N ASP P 82 21.21 12.46 -59.63
CA ASP P 82 20.34 11.41 -59.14
C ASP P 82 19.81 10.57 -60.30
N SER P 83 20.36 10.78 -61.50
CA SER P 83 19.95 10.07 -62.70
C SER P 83 20.68 8.73 -62.78
N ALA P 84 19.92 7.63 -62.72
CA ALA P 84 20.49 6.29 -62.74
C ALA P 84 19.40 5.24 -62.98
N THR P 85 19.78 3.96 -62.80
CA THR P 85 18.87 2.83 -62.83
C THR P 85 18.63 2.37 -61.39
N TYR P 86 17.38 2.50 -60.93
CA TYR P 86 17.03 2.30 -59.53
C TYR P 86 16.52 0.88 -59.31
N LEU P 87 17.25 0.12 -58.48
CA LEU P 87 17.12 -1.34 -58.45
C LEU P 87 16.42 -1.79 -57.17
N CYS P 88 15.14 -2.17 -57.32
CA CYS P 88 14.32 -2.77 -56.28
C CYS P 88 14.81 -4.19 -56.00
N ALA P 89 14.87 -4.58 -54.72
CA ALA P 89 15.50 -5.83 -54.34
C ALA P 89 14.88 -6.43 -53.08
N VAL P 90 14.50 -7.71 -53.17
CA VAL P 90 13.86 -8.46 -52.09
C VAL P 90 14.61 -9.77 -51.88
N ARG P 91 15.02 -10.02 -50.63
CA ARG P 91 15.72 -11.25 -50.28
C ARG P 91 14.77 -12.44 -50.42
N GLU P 92 15.08 -13.34 -51.36
CA GLU P 92 14.18 -14.42 -51.75
C GLU P 92 14.45 -15.66 -50.90
N GLY P 93 13.34 -16.30 -50.47
CA GLY P 93 13.37 -17.52 -49.69
C GLY P 93 14.46 -17.50 -48.64
N ALA P 94 15.59 -18.15 -48.96
CA ALA P 94 16.77 -18.16 -48.12
C ALA P 94 17.39 -16.77 -48.11
N GLN P 95 18.70 -16.71 -48.37
CA GLN P 95 19.40 -15.46 -48.48
C GLN P 95 20.03 -15.39 -49.86
N LYS P 96 19.19 -15.07 -50.85
CA LYS P 96 19.59 -15.03 -52.24
C LYS P 96 19.50 -13.58 -52.75
N LEU P 97 18.31 -12.98 -52.58
CA LEU P 97 18.02 -11.62 -53.04
C LEU P 97 17.74 -11.63 -54.54
N VAL P 98 16.46 -11.48 -54.89
CA VAL P 98 15.98 -11.48 -56.27
C VAL P 98 15.74 -10.04 -56.70
N PHE P 99 16.37 -9.65 -57.82
CA PHE P 99 16.30 -8.28 -58.33
C PHE P 99 15.14 -8.12 -59.31
N GLY P 100 14.41 -7.01 -59.16
CA GLY P 100 13.35 -6.63 -60.07
C GLY P 100 13.89 -6.11 -61.41
N GLN P 101 13.01 -5.52 -62.21
CA GLN P 101 13.31 -5.12 -63.58
C GLN P 101 14.32 -3.97 -63.63
N GLY P 102 14.32 -3.13 -62.58
CA GLY P 102 15.10 -1.91 -62.51
C GLY P 102 14.40 -0.75 -63.20
N THR P 103 14.56 0.47 -62.66
CA THR P 103 13.91 1.64 -63.21
C THR P 103 14.95 2.65 -63.70
N ARG P 104 14.78 3.11 -64.94
CA ARG P 104 15.65 4.12 -65.51
C ARG P 104 15.05 5.50 -65.24
N LEU P 105 15.75 6.29 -64.42
CA LEU P 105 15.29 7.60 -63.99
C LEU P 105 16.26 8.67 -64.49
N THR P 106 15.71 9.70 -65.12
CA THR P 106 16.49 10.83 -65.60
C THR P 106 15.91 12.12 -65.05
N ILE P 107 16.71 12.83 -64.24
CA ILE P 107 16.31 14.09 -63.65
C ILE P 107 16.62 15.20 -64.65
N ASN P 108 15.56 15.75 -65.27
CA ASN P 108 15.69 16.74 -66.32
C ASN P 108 16.04 18.09 -65.69
N PRO P 109 17.26 18.64 -65.95
CA PRO P 109 17.72 19.85 -65.28
C PRO P 109 17.00 21.11 -65.76
N ASN P 110 16.62 21.96 -64.81
CA ASN P 110 15.98 23.23 -65.12
C ASN P 110 17.04 24.22 -65.59
N ILE P 111 16.87 24.72 -66.82
CA ILE P 111 17.79 25.67 -67.41
C ILE P 111 17.14 27.05 -67.42
N GLN P 112 17.64 27.93 -66.54
CA GLN P 112 17.07 29.26 -66.35
C GLN P 112 17.44 30.17 -67.51
N ASN P 113 18.49 29.78 -68.27
CA ASN P 113 18.99 30.62 -69.36
C ASN P 113 19.22 29.77 -70.61
N PRO P 114 18.16 29.36 -71.35
CA PRO P 114 18.32 28.60 -72.58
C PRO P 114 18.92 29.50 -73.66
N ASP P 115 19.72 28.90 -74.56
CA ASP P 115 20.30 29.62 -75.68
C ASP P 115 20.65 28.63 -76.80
N PRO P 116 19.64 28.05 -77.51
CA PRO P 116 19.91 27.03 -78.52
C PRO P 116 20.67 27.57 -79.72
N ALA P 117 21.84 26.97 -79.99
CA ALA P 117 22.76 27.42 -81.02
C ALA P 117 23.58 26.24 -81.53
N VAL P 118 23.84 26.24 -82.84
CA VAL P 118 24.59 25.18 -83.49
C VAL P 118 25.92 25.72 -83.96
N TYR P 119 26.95 25.59 -83.10
CA TYR P 119 28.29 26.05 -83.41
C TYR P 119 29.02 24.98 -84.24
N GLN P 120 30.23 25.34 -84.70
CA GLN P 120 31.04 24.42 -85.48
C GLN P 120 32.48 24.50 -84.98
N LEU P 121 33.08 23.33 -84.76
CA LEU P 121 34.42 23.23 -84.19
C LEU P 121 35.42 22.94 -85.31
N ARG P 122 36.65 23.40 -85.12
CA ARG P 122 37.72 23.24 -86.09
C ARG P 122 38.61 22.06 -85.68
N ASP P 123 39.18 21.38 -86.68
CA ASP P 123 40.11 20.29 -86.48
C ASP P 123 41.32 20.81 -85.70
N SER P 124 41.76 20.05 -84.69
CA SER P 124 43.05 20.29 -84.07
C SER P 124 44.12 19.61 -84.90
N LYS P 125 43.86 19.52 -86.21
CA LYS P 125 44.57 18.69 -87.16
C LYS P 125 44.77 17.29 -86.58
N SER P 126 43.64 16.71 -86.14
CA SER P 126 43.57 15.36 -85.59
C SER P 126 42.63 14.50 -86.43
N SER P 127 41.69 15.16 -87.14
CA SER P 127 40.73 14.49 -88.00
C SER P 127 40.29 15.42 -89.14
N ASP P 128 39.34 14.94 -89.94
CA ASP P 128 38.80 15.67 -91.07
C ASP P 128 37.45 16.29 -90.69
N LYS P 129 36.69 15.54 -89.87
CA LYS P 129 35.29 15.81 -89.58
C LYS P 129 35.14 17.20 -88.98
N SER P 130 34.31 18.03 -89.62
CA SER P 130 33.82 19.26 -89.04
C SER P 130 32.58 18.93 -88.20
N VAL P 131 32.64 19.29 -86.91
CA VAL P 131 31.69 18.80 -85.93
C VAL P 131 30.66 19.88 -85.63
N CYS P 132 29.38 19.49 -85.62
CA CYS P 132 28.28 20.36 -85.21
C CYS P 132 27.96 20.10 -83.74
N LEU P 133 27.93 21.17 -82.94
CA LEU P 133 27.65 21.08 -81.51
C LEU P 133 26.37 21.85 -81.21
N PHE P 134 25.35 21.13 -80.71
CA PHE P 134 24.06 21.71 -80.38
C PHE P 134 23.99 21.86 -78.86
N THR P 135 24.36 23.05 -78.37
CA THR P 135 24.60 23.26 -76.94
C THR P 135 23.78 24.44 -76.42
N ASP P 136 23.57 24.44 -75.09
CA ASP P 136 22.82 25.45 -74.35
C ASP P 136 21.34 25.41 -74.74
N PHE P 137 20.59 24.48 -74.15
CA PHE P 137 19.13 24.46 -74.24
C PHE P 137 18.55 23.74 -73.03
N ASP P 138 17.23 23.92 -72.81
CA ASP P 138 16.55 23.30 -71.68
C ASP P 138 16.04 21.91 -72.07
N SER P 139 15.69 21.13 -71.05
CA SER P 139 15.39 19.71 -71.16
C SER P 139 14.31 19.44 -72.20
N GLN P 140 13.22 20.22 -72.14
CA GLN P 140 12.03 19.96 -72.93
C GLN P 140 12.27 20.27 -74.41
N THR P 141 13.31 19.64 -74.97
CA THR P 141 13.59 19.68 -76.39
C THR P 141 14.04 18.28 -76.81
N ASN P 142 13.34 17.70 -77.77
CA ASN P 142 13.59 16.32 -78.19
C ASN P 142 14.55 16.33 -79.39
N VAL P 143 15.81 15.95 -79.13
CA VAL P 143 16.83 15.89 -80.16
C VAL P 143 16.56 14.66 -81.03
N SER P 144 15.85 14.91 -82.14
CA SER P 144 15.50 13.87 -83.09
C SER P 144 16.76 13.35 -83.78
N GLN P 145 16.62 12.25 -84.53
CA GLN P 145 17.75 11.62 -85.19
C GLN P 145 18.11 12.39 -86.46
N SER P 146 18.77 11.69 -87.40
CA SER P 146 19.35 12.33 -88.57
C SER P 146 18.67 11.83 -89.85
N LYS P 147 18.99 12.51 -90.96
CA LYS P 147 18.52 12.17 -92.29
C LYS P 147 19.09 10.81 -92.69
N ASP P 148 20.41 10.80 -92.94
CA ASP P 148 21.11 9.60 -93.39
C ASP P 148 21.47 8.75 -92.18
N SER P 149 21.74 7.46 -92.44
CA SER P 149 22.24 6.55 -91.42
C SER P 149 23.76 6.59 -91.40
N ASP P 150 24.35 7.34 -92.34
CA ASP P 150 25.78 7.57 -92.40
C ASP P 150 26.08 9.06 -92.17
N VAL P 151 25.11 9.75 -91.57
CA VAL P 151 25.28 11.07 -90.98
C VAL P 151 24.86 10.96 -89.51
N TYR P 152 25.85 11.03 -88.61
CA TYR P 152 25.65 10.60 -87.23
C TYR P 152 25.19 11.77 -86.36
N ILE P 153 24.33 11.45 -85.39
CA ILE P 153 24.01 12.29 -84.25
C ILE P 153 24.15 11.42 -82.99
N THR P 154 24.33 12.07 -81.84
CA THR P 154 24.45 11.36 -80.57
C THR P 154 23.25 11.66 -79.68
N ASP P 155 23.14 10.88 -78.59
CA ASP P 155 22.20 11.11 -77.50
C ASP P 155 22.57 12.42 -76.82
N LYS P 156 21.55 13.17 -76.39
CA LYS P 156 21.75 14.44 -75.70
C LYS P 156 22.42 14.20 -74.34
N CYS P 157 23.01 15.25 -73.78
CA CYS P 157 23.99 15.11 -72.71
C CYS P 157 23.96 16.33 -71.80
N VAL P 158 24.01 16.10 -70.48
CA VAL P 158 23.97 17.16 -69.48
C VAL P 158 25.28 17.19 -68.71
N LEU P 159 25.93 18.36 -68.72
CA LEU P 159 27.19 18.57 -68.01
C LEU P 159 27.04 19.70 -67.00
N ASP P 160 28.07 19.90 -66.17
CA ASP P 160 28.00 20.80 -65.03
C ASP P 160 29.42 21.25 -64.64
N MET P 161 29.58 22.57 -64.46
CA MET P 161 30.81 23.17 -63.99
C MET P 161 30.61 23.58 -62.52
N ARG P 162 31.49 23.09 -61.65
CA ARG P 162 31.35 23.30 -60.21
C ARG P 162 31.92 24.67 -59.81
N SER P 163 32.74 25.25 -60.68
CA SER P 163 33.37 26.54 -60.42
C SER P 163 32.35 27.67 -60.56
N MET P 164 31.46 27.52 -61.56
CA MET P 164 30.57 28.61 -61.95
C MET P 164 29.11 28.25 -61.70
N ASP P 165 28.84 26.96 -61.44
CA ASP P 165 27.51 26.46 -61.10
C ASP P 165 26.53 26.77 -62.24
N PHE P 166 26.70 26.05 -63.36
CA PHE P 166 26.00 26.35 -64.60
C PHE P 166 25.80 25.06 -65.40
N LYS P 167 24.53 24.74 -65.68
CA LYS P 167 24.17 23.51 -66.37
C LYS P 167 23.84 23.82 -67.84
N SER P 168 23.88 22.76 -68.67
CA SER P 168 23.51 22.84 -70.07
C SER P 168 23.31 21.45 -70.66
N ASN P 169 22.47 21.37 -71.68
CA ASN P 169 22.38 20.20 -72.54
C ASN P 169 23.32 20.40 -73.73
N SER P 170 23.73 19.30 -74.37
CA SER P 170 24.55 19.36 -75.58
C SER P 170 24.54 18.04 -76.32
N ALA P 171 23.98 18.05 -77.54
CA ALA P 171 24.05 16.93 -78.46
C ALA P 171 25.01 17.27 -79.59
N VAL P 172 25.69 16.24 -80.12
CA VAL P 172 26.76 16.40 -81.09
C VAL P 172 26.46 15.57 -82.33
N ALA P 173 26.68 16.18 -83.50
CA ALA P 173 26.44 15.54 -84.78
C ALA P 173 27.61 15.81 -85.74
N TRP P 174 27.96 14.80 -86.53
CA TRP P 174 29.02 14.90 -87.51
C TRP P 174 28.79 13.92 -88.65
N SER P 175 29.48 14.16 -89.77
CA SER P 175 29.58 13.21 -90.85
C SER P 175 30.93 13.36 -91.53
N ASN P 176 31.51 12.22 -91.96
CA ASN P 176 32.82 12.19 -92.57
C ASN P 176 32.74 12.67 -94.02
N LYS P 177 31.52 12.97 -94.48
CA LYS P 177 31.29 13.58 -95.78
C LYS P 177 31.38 15.09 -95.63
N SER P 178 32.16 15.72 -96.53
CA SER P 178 32.39 17.16 -96.50
C SER P 178 31.11 17.90 -96.93
N ASP P 179 30.21 17.19 -97.61
CA ASP P 179 28.87 17.67 -97.89
C ASP P 179 28.07 17.66 -96.59
N PHE P 180 28.32 18.68 -95.75
CA PHE P 180 27.78 18.72 -94.40
C PHE P 180 27.80 20.15 -93.88
N ALA P 181 26.62 20.75 -93.80
CA ALA P 181 26.42 22.04 -93.18
C ALA P 181 25.46 21.88 -91.99
N CYS P 182 25.85 22.43 -90.84
CA CYS P 182 25.08 22.33 -89.62
C CYS P 182 23.76 23.11 -89.77
N ALA P 183 23.63 23.83 -90.89
CA ALA P 183 22.48 24.68 -91.15
C ALA P 183 21.31 23.87 -91.70
N ASN P 184 21.57 22.61 -92.08
CA ASN P 184 20.56 21.75 -92.67
C ASN P 184 20.62 20.35 -92.06
N ALA P 185 21.75 20.04 -91.41
CA ALA P 185 21.95 18.75 -90.77
C ALA P 185 21.03 18.60 -89.57
N PHE P 186 20.90 19.70 -88.82
CA PHE P 186 20.09 19.73 -87.62
C PHE P 186 18.71 20.34 -87.90
N ASN P 187 18.48 20.72 -89.16
CA ASN P 187 17.15 21.15 -89.58
C ASN P 187 16.32 19.92 -89.96
N ASN P 188 16.82 18.74 -89.56
CA ASN P 188 16.12 17.48 -89.68
C ASN P 188 15.19 17.31 -88.48
N SER P 189 15.61 17.85 -87.33
CA SER P 189 14.88 17.74 -86.08
C SER P 189 13.83 18.84 -85.99
N ILE P 190 13.80 19.56 -84.86
CA ILE P 190 12.87 20.67 -84.64
C ILE P 190 13.68 21.90 -84.25
N ILE P 191 13.55 22.97 -85.04
CA ILE P 191 14.29 24.21 -84.82
C ILE P 191 13.55 25.08 -83.80
N PRO P 192 14.18 25.46 -82.67
CA PRO P 192 13.57 26.33 -81.67
C PRO P 192 13.15 27.71 -82.17
N GLU P 193 12.53 28.49 -81.27
CA GLU P 193 11.93 29.78 -81.56
C GLU P 193 12.98 30.75 -82.11
N ASP P 194 14.07 30.91 -81.37
CA ASP P 194 15.19 31.73 -81.79
C ASP P 194 16.47 30.89 -81.77
N THR P 195 16.66 30.10 -82.82
CA THR P 195 17.82 29.25 -82.98
C THR P 195 18.99 30.11 -83.44
N PHE P 196 19.92 30.37 -82.51
CA PHE P 196 21.10 31.17 -82.79
C PHE P 196 22.00 30.43 -83.78
N PHE P 197 21.73 30.66 -85.08
CA PHE P 197 22.56 30.15 -86.15
C PHE P 197 23.74 31.09 -86.35
N PRO P 198 24.93 30.78 -85.77
CA PRO P 198 26.08 31.69 -85.86
C PRO P 198 26.75 31.62 -87.22
N SER P 199 26.68 30.43 -87.84
CA SER P 199 27.41 30.11 -89.07
C SER P 199 28.84 30.63 -88.98
N PRO P 200 29.69 30.02 -88.12
CA PRO P 200 31.01 30.57 -87.80
C PRO P 200 31.91 30.80 -89.03
N GLY Q 3 38.12 -2.07 -49.81
CA GLY Q 3 37.49 -2.17 -51.15
C GLY Q 3 37.28 -3.63 -51.56
N VAL Q 4 36.36 -3.82 -52.52
CA VAL Q 4 36.08 -5.12 -53.13
C VAL Q 4 36.77 -5.14 -54.50
N SER Q 5 37.35 -6.29 -54.86
CA SER Q 5 38.16 -6.36 -56.06
C SER Q 5 37.65 -7.43 -57.03
N GLN Q 6 37.30 -7.00 -58.25
CA GLN Q 6 37.00 -7.89 -59.35
C GLN Q 6 38.13 -7.81 -60.38
N SER Q 7 38.47 -8.96 -60.97
CA SER Q 7 39.60 -9.08 -61.87
C SER Q 7 39.24 -10.05 -63.00
N PRO Q 8 39.64 -9.78 -64.28
CA PRO Q 8 40.34 -8.55 -64.64
C PRO Q 8 39.38 -7.41 -64.99
N SER Q 9 39.89 -6.40 -65.70
CA SER Q 9 39.08 -5.29 -66.19
C SER Q 9 38.16 -5.78 -67.30
N ASN Q 10 38.75 -5.97 -68.49
CA ASN Q 10 38.02 -6.47 -69.64
C ASN Q 10 38.76 -7.69 -70.19
N LYS Q 11 38.08 -8.42 -71.07
CA LYS Q 11 38.66 -9.56 -71.76
C LYS Q 11 37.88 -9.81 -73.05
N VAL Q 12 38.60 -9.67 -74.18
CA VAL Q 12 38.07 -10.03 -75.48
C VAL Q 12 38.79 -11.31 -75.91
N THR Q 13 38.02 -12.37 -76.20
CA THR Q 13 38.60 -13.67 -76.52
C THR Q 13 37.90 -14.29 -77.74
N GLU Q 14 38.31 -15.51 -78.07
CA GLU Q 14 37.81 -16.22 -79.24
C GLU Q 14 36.67 -17.15 -78.84
N LYS Q 15 35.78 -17.43 -79.80
CA LYS Q 15 34.66 -18.34 -79.62
C LYS Q 15 35.18 -19.78 -79.56
N GLY Q 16 35.78 -20.12 -78.42
CA GLY Q 16 36.38 -21.43 -78.21
C GLY Q 16 37.40 -21.41 -77.07
N LYS Q 17 37.92 -20.22 -76.77
CA LYS Q 17 38.87 -20.03 -75.69
C LYS Q 17 38.12 -19.97 -74.36
N ASP Q 18 38.75 -20.51 -73.31
CA ASP Q 18 38.14 -20.62 -71.99
C ASP Q 18 38.68 -19.50 -71.10
N VAL Q 19 37.79 -18.85 -70.34
CA VAL Q 19 38.12 -17.67 -69.57
C VAL Q 19 37.97 -17.94 -68.07
N GLU Q 20 38.82 -17.28 -67.29
CA GLU Q 20 38.73 -17.25 -65.83
C GLU Q 20 38.48 -15.82 -65.38
N LEU Q 21 37.41 -15.64 -64.59
CA LEU Q 21 37.08 -14.36 -63.97
C LEU Q 21 37.35 -14.49 -62.48
N ARG Q 22 38.19 -13.57 -61.97
CA ARG Q 22 38.63 -13.59 -60.58
C ARG Q 22 37.73 -12.65 -59.77
N CYS Q 23 37.65 -12.89 -58.46
CA CYS Q 23 36.99 -11.98 -57.54
C CYS Q 23 37.65 -12.05 -56.16
N ASP Q 24 37.96 -10.87 -55.62
CA ASP Q 24 38.53 -10.72 -54.29
C ASP Q 24 37.56 -9.90 -53.44
N PRO Q 25 36.88 -10.51 -52.44
CA PRO Q 25 35.97 -9.79 -51.55
C PRO Q 25 36.73 -9.07 -50.44
N ILE Q 26 35.97 -8.41 -49.56
CA ILE Q 26 36.55 -7.70 -48.43
C ILE Q 26 37.15 -8.72 -47.47
N SER Q 27 38.12 -8.26 -46.66
CA SER Q 27 39.00 -9.11 -45.88
C SER Q 27 38.26 -9.72 -44.69
N GLY Q 28 37.13 -10.40 -44.96
CA GLY Q 28 36.39 -11.09 -43.93
C GLY Q 28 34.89 -11.17 -44.23
N HIS Q 29 34.54 -11.14 -45.52
CA HIS Q 29 33.17 -11.31 -45.97
C HIS Q 29 32.91 -12.77 -46.29
N THR Q 30 31.94 -13.37 -45.57
CA THR Q 30 31.63 -14.79 -45.71
C THR Q 30 30.98 -15.04 -47.07
N ALA Q 31 29.80 -14.44 -47.29
CA ALA Q 31 28.99 -14.70 -48.46
C ALA Q 31 29.60 -14.00 -49.68
N LEU Q 32 29.29 -14.55 -50.86
CA LEU Q 32 29.76 -14.02 -52.13
C LEU Q 32 28.81 -14.42 -53.26
N TYR Q 33 28.45 -13.43 -54.09
CA TYR Q 33 27.38 -13.54 -55.07
C TYR Q 33 27.92 -13.28 -56.47
N TRP Q 34 27.42 -14.05 -57.44
CA TRP Q 34 27.70 -13.82 -58.86
C TRP Q 34 26.40 -13.49 -59.58
N TYR Q 35 26.39 -12.34 -60.26
CA TYR Q 35 25.34 -12.03 -61.21
C TYR Q 35 25.99 -11.78 -62.57
N ARG Q 36 25.16 -11.55 -63.58
CA ARG Q 36 25.61 -10.98 -64.84
C ARG Q 36 24.53 -10.06 -65.39
N GLN Q 37 24.95 -9.06 -66.16
CA GLN Q 37 24.04 -8.10 -66.75
C GLN Q 37 24.61 -7.63 -68.09
N SER Q 38 23.73 -7.54 -69.09
CA SER Q 38 23.91 -6.66 -70.22
C SER Q 38 23.03 -5.43 -69.99
N LEU Q 39 23.59 -4.23 -70.15
CA LEU Q 39 22.84 -3.00 -69.87
C LEU Q 39 21.77 -2.77 -70.94
N GLY Q 40 21.48 -3.82 -71.71
CA GLY Q 40 20.27 -3.95 -72.50
C GLY Q 40 19.36 -5.04 -71.93
N GLN Q 41 19.42 -5.22 -70.60
CA GLN Q 41 18.63 -6.20 -69.86
C GLN Q 41 18.61 -5.84 -68.37
N GLY Q 42 18.46 -6.87 -67.52
CA GLY Q 42 18.48 -6.76 -66.08
C GLY Q 42 19.54 -7.69 -65.47
N LEU Q 43 19.57 -7.76 -64.14
CA LEU Q 43 20.60 -8.47 -63.40
C LEU Q 43 20.22 -9.94 -63.23
N GLU Q 44 20.95 -10.83 -63.93
CA GLU Q 44 20.69 -12.26 -63.93
C GLU Q 44 21.56 -12.95 -62.88
N PHE Q 45 20.91 -13.69 -61.97
CA PHE Q 45 21.61 -14.41 -60.92
C PHE Q 45 22.28 -15.65 -61.48
N LEU Q 46 23.46 -15.97 -60.94
CA LEU Q 46 24.24 -17.13 -61.38
C LEU Q 46 24.35 -18.14 -60.24
N ILE Q 47 25.16 -17.80 -59.23
CA ILE Q 47 25.46 -18.70 -58.14
C ILE Q 47 25.85 -17.89 -56.90
N TYR Q 48 25.39 -18.36 -55.74
CA TYR Q 48 25.82 -17.77 -54.48
C TYR Q 48 26.69 -18.77 -53.73
N PHE Q 49 27.73 -18.24 -53.08
CA PHE Q 49 28.68 -19.03 -52.30
C PHE Q 49 28.67 -18.56 -50.84
N GLN Q 50 28.78 -19.54 -49.93
CA GLN Q 50 28.73 -19.28 -48.49
C GLN Q 50 29.80 -20.14 -47.82
N GLY Q 51 30.80 -19.47 -47.23
CA GLY Q 51 32.01 -20.14 -46.79
C GLY Q 51 32.80 -20.67 -47.98
N ASN Q 52 32.44 -21.89 -48.43
CA ASN Q 52 32.90 -22.45 -49.68
C ASN Q 52 31.87 -23.45 -50.20
N SER Q 53 30.65 -23.37 -49.65
CA SER Q 53 29.50 -24.06 -50.19
C SER Q 53 28.88 -23.20 -51.29
N ALA Q 54 28.09 -23.84 -52.16
CA ALA Q 54 27.40 -23.14 -53.24
C ALA Q 54 25.95 -23.66 -53.34
N PRO Q 55 25.11 -23.41 -52.32
CA PRO Q 55 23.76 -24.00 -52.26
C PRO Q 55 22.90 -23.81 -53.51
N ASP Q 56 23.12 -22.68 -54.22
CA ASP Q 56 22.29 -22.33 -55.37
C ASP Q 56 23.15 -22.24 -56.62
N LYS Q 57 23.36 -23.39 -57.27
CA LYS Q 57 24.12 -23.48 -58.51
C LYS Q 57 23.19 -23.20 -59.70
N SER Q 58 21.94 -23.67 -59.58
CA SER Q 58 20.94 -23.59 -60.63
C SER Q 58 20.61 -22.14 -60.96
N GLY Q 59 21.44 -21.56 -61.83
CA GLY Q 59 21.29 -20.19 -62.31
C GLY Q 59 22.26 -19.96 -63.46
N LEU Q 60 23.24 -20.87 -63.58
CA LEU Q 60 24.17 -20.92 -64.69
C LEU Q 60 23.45 -21.50 -65.90
N PRO Q 61 23.50 -20.84 -67.09
CA PRO Q 61 22.78 -21.31 -68.28
C PRO Q 61 23.29 -22.65 -68.80
N SER Q 62 24.62 -22.82 -68.83
CA SER Q 62 25.25 -24.03 -69.31
C SER Q 62 26.36 -24.46 -68.35
N ASP Q 63 26.67 -25.76 -68.36
CA ASP Q 63 27.57 -26.39 -67.40
C ASP Q 63 29.00 -25.88 -67.61
N ARG Q 64 29.23 -25.25 -68.76
CA ARG Q 64 30.53 -24.72 -69.14
C ARG Q 64 31.03 -23.76 -68.08
N PHE Q 65 30.09 -23.07 -67.41
CA PHE Q 65 30.37 -22.10 -66.36
C PHE Q 65 30.72 -22.85 -65.07
N SER Q 66 31.73 -22.36 -64.34
CA SER Q 66 32.31 -23.09 -63.24
C SER Q 66 32.02 -22.41 -61.90
N ALA Q 67 31.69 -23.24 -60.91
CA ALA Q 67 31.31 -22.80 -59.57
C ALA Q 67 32.46 -23.09 -58.61
N GLU Q 68 33.43 -22.18 -58.57
CA GLU Q 68 34.65 -22.40 -57.80
C GLU Q 68 34.83 -21.27 -56.78
N ARG Q 69 35.05 -21.66 -55.52
CA ARG Q 69 35.51 -20.77 -54.47
C ARG Q 69 36.13 -21.62 -53.38
N THR Q 70 37.29 -22.20 -53.69
CA THR Q 70 37.89 -23.28 -52.91
C THR Q 70 38.41 -22.74 -51.57
N GLY Q 71 39.31 -21.76 -51.65
CA GLY Q 71 39.98 -21.20 -50.48
C GLY Q 71 39.00 -20.74 -49.41
N GLY Q 72 37.87 -20.16 -49.85
CA GLY Q 72 36.84 -19.69 -48.95
C GLY Q 72 36.63 -18.19 -49.06
N SER Q 73 37.62 -17.49 -49.64
CA SER Q 73 37.55 -16.05 -49.81
C SER Q 73 37.52 -15.70 -51.29
N VAL Q 74 38.69 -15.80 -51.96
CA VAL Q 74 38.83 -15.45 -53.36
C VAL Q 74 38.11 -16.49 -54.20
N SER Q 75 37.54 -16.05 -55.34
CA SER Q 75 36.65 -16.90 -56.13
C SER Q 75 37.04 -16.86 -57.61
N THR Q 76 36.56 -17.87 -58.35
CA THR Q 76 36.85 -18.08 -59.75
C THR Q 76 35.60 -18.59 -60.46
N LEU Q 77 35.30 -18.00 -61.62
CA LEU Q 77 34.24 -18.47 -62.48
C LEU Q 77 34.84 -18.82 -63.84
N THR Q 78 34.80 -20.11 -64.19
CA THR Q 78 35.48 -20.58 -65.39
C THR Q 78 34.45 -20.99 -66.44
N ILE Q 79 34.12 -20.05 -67.34
CA ILE Q 79 33.37 -20.38 -68.54
C ILE Q 79 34.32 -21.07 -69.51
N GLN Q 80 33.89 -22.22 -70.04
CA GLN Q 80 34.74 -23.06 -70.87
C GLN Q 80 34.09 -23.25 -72.24
N ARG Q 81 34.90 -23.10 -73.30
CA ARG Q 81 34.45 -23.07 -74.68
C ARG Q 81 33.37 -22.00 -74.83
N THR Q 82 33.76 -20.75 -74.56
CA THR Q 82 32.85 -19.61 -74.49
C THR Q 82 32.14 -19.42 -75.83
N GLN Q 83 30.98 -18.76 -75.77
CA GLN Q 83 30.18 -18.51 -76.96
C GLN Q 83 29.88 -17.01 -77.07
N GLN Q 84 28.92 -16.66 -77.92
CA GLN Q 84 28.58 -15.27 -78.17
C GLN Q 84 27.27 -14.92 -77.47
N GLU Q 85 26.71 -15.89 -76.73
CA GLU Q 85 25.49 -15.72 -75.97
C GLU Q 85 25.82 -15.23 -74.56
N ASP Q 86 27.12 -15.27 -74.22
CA ASP Q 86 27.63 -14.67 -73.00
C ASP Q 86 27.63 -13.16 -73.18
N SER Q 87 28.80 -12.63 -73.59
CA SER Q 87 28.98 -11.25 -74.03
C SER Q 87 28.37 -10.25 -73.04
N ALA Q 88 28.25 -10.67 -71.78
CA ALA Q 88 27.62 -9.86 -70.74
C ALA Q 88 28.67 -9.39 -69.75
N VAL Q 89 28.29 -8.39 -68.93
CA VAL Q 89 29.13 -7.94 -67.83
C VAL Q 89 28.88 -8.86 -66.64
N TYR Q 90 29.96 -9.37 -66.06
CA TYR Q 90 29.86 -10.33 -64.97
C TYR Q 90 30.20 -9.67 -63.64
N LEU Q 91 29.24 -9.71 -62.71
CA LEU Q 91 29.33 -8.97 -61.47
C LEU Q 91 29.54 -9.93 -60.31
N CYS Q 92 30.28 -9.45 -59.29
CA CYS Q 92 30.62 -10.22 -58.11
C CYS Q 92 30.49 -9.33 -56.88
N ALA Q 93 29.64 -9.74 -55.94
CA ALA Q 93 29.34 -8.95 -54.75
C ALA Q 93 29.56 -9.77 -53.49
N SER Q 94 30.00 -9.09 -52.42
CA SER Q 94 30.24 -9.72 -51.13
C SER Q 94 29.28 -9.16 -50.09
N SER Q 95 28.83 -10.04 -49.18
CA SER Q 95 27.99 -9.67 -48.06
C SER Q 95 28.78 -9.81 -46.76
N LEU Q 96 28.45 -8.95 -45.78
CA LEU Q 96 28.98 -9.04 -44.43
C LEU Q 96 28.73 -10.45 -43.87
N ASP Q 97 27.47 -10.73 -43.54
CA ASP Q 97 27.00 -12.07 -43.20
C ASP Q 97 26.44 -12.71 -44.47
N LEU Q 98 25.28 -13.36 -44.34
CA LEU Q 98 24.54 -13.89 -45.48
C LEU Q 98 23.52 -12.86 -45.91
N GLY Q 99 22.35 -12.87 -45.27
CA GLY Q 99 21.30 -11.90 -45.53
C GLY Q 99 21.46 -10.65 -44.67
N ALA Q 100 22.64 -10.01 -44.79
CA ALA Q 100 23.02 -8.91 -43.92
C ALA Q 100 22.77 -7.57 -44.58
N ASP Q 101 23.06 -6.50 -43.84
CA ASP Q 101 22.74 -5.11 -44.16
C ASP Q 101 22.92 -4.86 -45.65
N GLU Q 102 24.17 -4.87 -46.10
CA GLU Q 102 24.51 -4.46 -47.45
C GLU Q 102 25.22 -5.59 -48.18
N GLN Q 103 25.20 -5.52 -49.51
CA GLN Q 103 25.90 -6.44 -50.39
C GLN Q 103 26.83 -5.63 -51.29
N PHE Q 104 28.11 -5.59 -50.91
CA PHE Q 104 29.10 -4.75 -51.56
C PHE Q 104 29.52 -5.38 -52.89
N PHE Q 105 29.45 -4.58 -53.96
CA PHE Q 105 29.76 -5.03 -55.31
C PHE Q 105 31.20 -4.68 -55.67
N GLY Q 106 31.82 -5.56 -56.47
CA GLY Q 106 33.09 -5.24 -57.13
C GLY Q 106 32.87 -4.40 -58.38
N PRO Q 107 33.94 -3.88 -59.02
CA PRO Q 107 33.81 -3.03 -60.21
C PRO Q 107 33.17 -3.68 -61.43
N GLY Q 108 33.35 -5.00 -61.58
CA GLY Q 108 32.77 -5.73 -62.69
C GLY Q 108 33.84 -6.35 -63.59
N THR Q 109 33.39 -7.12 -64.60
CA THR Q 109 34.28 -7.72 -65.58
C THR Q 109 33.54 -7.86 -66.91
N ARG Q 110 33.58 -6.79 -67.71
CA ARG Q 110 32.97 -6.79 -69.03
C ARG Q 110 33.70 -7.79 -69.91
N LEU Q 111 32.92 -8.60 -70.64
CA LEU Q 111 33.45 -9.68 -71.45
C LEU Q 111 32.63 -9.78 -72.74
N THR Q 112 33.32 -9.69 -73.88
CA THR Q 112 32.70 -9.93 -75.18
C THR Q 112 33.52 -10.95 -75.96
N VAL Q 113 32.88 -12.06 -76.31
CA VAL Q 113 33.51 -13.14 -77.04
C VAL Q 113 33.03 -13.10 -78.49
N LEU Q 114 33.99 -13.15 -79.43
CA LEU Q 114 33.72 -13.08 -80.85
C LEU Q 114 34.23 -14.35 -81.52
N GLU Q 115 33.73 -14.63 -82.74
CA GLU Q 115 34.29 -15.69 -83.55
C GLU Q 115 35.42 -15.11 -84.40
N ASP Q 116 35.16 -13.96 -85.04
CA ASP Q 116 36.18 -13.29 -85.83
C ASP Q 116 36.81 -12.17 -85.01
N LEU Q 117 38.15 -12.08 -85.07
CA LEU Q 117 38.89 -10.96 -84.54
C LEU Q 117 39.26 -10.02 -85.69
N LYS Q 118 38.66 -10.29 -86.86
CA LYS Q 118 38.98 -9.59 -88.11
C LYS Q 118 38.60 -8.12 -87.98
N ASN Q 119 37.38 -7.87 -87.51
CA ASN Q 119 36.82 -6.52 -87.43
C ASN Q 119 37.12 -5.94 -86.05
N VAL Q 120 38.36 -6.12 -85.59
CA VAL Q 120 38.85 -5.55 -84.34
C VAL Q 120 39.82 -4.42 -84.66
N PHE Q 121 39.40 -3.20 -84.30
CA PHE Q 121 40.17 -1.99 -84.56
C PHE Q 121 40.29 -1.18 -83.28
N PRO Q 122 41.49 -0.61 -82.99
CA PRO Q 122 41.66 0.35 -81.90
C PRO Q 122 41.32 1.77 -82.36
N PRO Q 123 40.64 2.58 -81.51
CA PRO Q 123 40.04 3.84 -81.97
C PRO Q 123 40.99 5.04 -82.00
N GLU Q 124 40.98 5.77 -83.11
CA GLU Q 124 41.68 7.04 -83.18
C GLU Q 124 40.79 8.10 -82.52
N VAL Q 125 41.45 9.08 -81.90
CA VAL Q 125 40.79 10.10 -81.10
C VAL Q 125 41.11 11.47 -81.69
N ALA Q 126 40.17 12.41 -81.56
CA ALA Q 126 40.35 13.76 -82.07
C ALA Q 126 39.68 14.77 -81.15
N VAL Q 127 40.44 15.78 -80.72
CA VAL Q 127 39.93 16.88 -79.92
C VAL Q 127 39.83 18.12 -80.80
N PHE Q 128 38.84 18.97 -80.51
CA PHE Q 128 38.51 20.09 -81.38
C PHE Q 128 38.41 21.38 -80.57
N GLU Q 129 38.88 22.48 -81.19
CA GLU Q 129 38.81 23.83 -80.63
C GLU Q 129 37.36 24.25 -80.49
N PRO Q 130 36.92 24.77 -79.32
CA PRO Q 130 35.64 25.48 -79.22
C PRO Q 130 35.55 26.59 -80.25
N SER Q 131 34.35 26.77 -80.81
CA SER Q 131 34.08 27.76 -81.85
C SER Q 131 34.39 29.16 -81.32
N GLU Q 132 34.86 30.03 -82.22
CA GLU Q 132 35.07 31.43 -81.91
C GLU Q 132 33.71 32.09 -81.64
N ALA Q 133 32.67 31.53 -82.28
CA ALA Q 133 31.31 32.04 -82.23
C ALA Q 133 30.69 31.82 -80.85
N GLU Q 134 31.11 30.75 -80.16
CA GLU Q 134 30.58 30.42 -78.85
C GLU Q 134 31.24 31.30 -77.79
N ILE Q 135 32.50 31.67 -78.02
CA ILE Q 135 33.25 32.51 -77.11
C ILE Q 135 32.58 33.88 -77.04
N SER Q 136 31.94 34.27 -78.15
CA SER Q 136 31.23 35.54 -78.25
C SER Q 136 29.94 35.49 -77.46
N HIS Q 137 29.10 34.50 -77.78
CA HIS Q 137 27.68 34.51 -77.42
C HIS Q 137 27.46 34.15 -75.96
N THR Q 138 28.15 33.11 -75.47
CA THR Q 138 27.91 32.60 -74.13
C THR Q 138 29.08 32.90 -73.20
N GLN Q 139 30.26 33.14 -73.79
CA GLN Q 139 31.48 33.39 -73.04
C GLN Q 139 31.87 32.17 -72.21
N LYS Q 140 31.90 31.01 -72.90
CA LYS Q 140 32.39 29.75 -72.36
C LYS Q 140 32.90 28.90 -73.52
N ALA Q 141 33.74 27.90 -73.22
CA ALA Q 141 34.38 27.10 -74.26
C ALA Q 141 34.00 25.63 -74.10
N THR Q 142 33.43 25.06 -75.18
CA THR Q 142 32.97 23.68 -75.20
C THR Q 142 33.81 22.88 -76.20
N LEU Q 143 34.51 21.87 -75.69
CA LEU Q 143 35.33 20.97 -76.48
C LEU Q 143 34.53 19.71 -76.81
N VAL Q 144 34.97 19.00 -77.87
CA VAL Q 144 34.36 17.74 -78.27
C VAL Q 144 35.46 16.74 -78.62
N CYS Q 145 35.34 15.53 -78.07
CA CYS Q 145 36.22 14.43 -78.41
C CYS Q 145 35.46 13.45 -79.31
N LEU Q 146 36.19 12.74 -80.17
CA LEU Q 146 35.57 11.79 -81.08
C LEU Q 146 36.45 10.55 -81.24
N ALA Q 147 35.98 9.43 -80.68
CA ALA Q 147 36.60 8.14 -80.88
C ALA Q 147 35.76 7.33 -81.87
N THR Q 148 36.34 7.06 -83.04
CA THR Q 148 35.65 6.38 -84.12
C THR Q 148 36.44 5.13 -84.52
N GLY Q 149 35.71 4.07 -84.84
CA GLY Q 149 36.30 2.86 -85.39
C GLY Q 149 36.93 1.97 -84.32
N PHE Q 150 36.08 1.39 -83.47
CA PHE Q 150 36.52 0.44 -82.47
C PHE Q 150 35.53 -0.70 -82.33
N TYR Q 151 36.04 -1.86 -81.96
CA TYR Q 151 35.28 -3.09 -81.80
C TYR Q 151 36.10 -4.07 -80.97
N PRO Q 152 35.54 -4.65 -79.88
CA PRO Q 152 34.14 -4.43 -79.50
C PRO Q 152 33.94 -3.14 -78.71
N ASP Q 153 32.72 -2.96 -78.19
CA ASP Q 153 32.34 -1.75 -77.48
C ASP Q 153 32.81 -1.85 -76.04
N HIS Q 154 34.12 -1.63 -75.84
CA HIS Q 154 34.72 -1.48 -74.52
C HIS Q 154 35.63 -0.26 -74.54
N VAL Q 155 35.12 0.88 -74.03
CA VAL Q 155 35.83 2.14 -74.11
C VAL Q 155 35.59 2.97 -72.84
N GLU Q 156 36.67 3.57 -72.34
CA GLU Q 156 36.68 4.35 -71.11
C GLU Q 156 37.36 5.70 -71.38
N LEU Q 157 36.55 6.73 -71.66
CA LEU Q 157 37.04 8.06 -71.98
C LEU Q 157 37.24 8.87 -70.69
N SER Q 158 38.15 9.84 -70.75
CA SER Q 158 38.41 10.75 -69.65
C SER Q 158 39.25 11.92 -70.13
N TRP Q 159 38.79 13.14 -69.82
CA TRP Q 159 39.56 14.36 -70.08
C TRP Q 159 40.56 14.57 -68.96
N TRP Q 160 41.76 15.01 -69.35
CA TRP Q 160 42.81 15.35 -68.40
C TRP Q 160 43.29 16.78 -68.68
N VAL Q 161 43.02 17.68 -67.73
CA VAL Q 161 43.41 19.08 -67.86
C VAL Q 161 44.50 19.36 -66.83
N ASN Q 162 45.75 19.34 -67.31
CA ASN Q 162 46.95 19.67 -66.53
C ASN Q 162 47.25 18.58 -65.50
N GLY Q 163 47.55 17.37 -66.00
CA GLY Q 163 48.11 16.31 -65.18
C GLY Q 163 47.09 15.54 -64.37
N LYS Q 164 46.05 16.24 -63.89
CA LYS Q 164 45.00 15.66 -63.08
C LYS Q 164 43.74 15.53 -63.92
N GLU Q 165 43.00 14.42 -63.73
CA GLU Q 165 41.77 14.17 -64.46
C GLU Q 165 40.66 15.05 -63.91
N VAL Q 166 40.01 15.81 -64.81
CA VAL Q 166 38.85 16.60 -64.43
C VAL Q 166 37.60 15.73 -64.55
N HIS Q 167 36.66 15.96 -63.63
CA HIS Q 167 35.33 15.38 -63.71
C HIS Q 167 34.30 16.50 -63.89
N SER Q 168 34.58 17.64 -63.26
CA SER Q 168 33.69 18.79 -63.33
C SER Q 168 33.82 19.48 -64.68
N GLY Q 169 32.70 19.49 -65.42
CA GLY Q 169 32.58 20.17 -66.71
C GLY Q 169 32.41 19.19 -67.86
N VAL Q 170 32.44 17.90 -67.52
CA VAL Q 170 32.53 16.82 -68.50
C VAL Q 170 31.16 16.19 -68.67
N CYS Q 171 30.95 15.61 -69.85
CA CYS Q 171 29.95 14.56 -70.06
C CYS Q 171 30.43 13.65 -71.20
N THR Q 172 30.35 12.34 -70.97
CA THR Q 172 30.66 11.34 -71.98
C THR Q 172 29.35 10.70 -72.45
N ASP Q 173 29.11 10.79 -73.77
CA ASP Q 173 27.95 10.24 -74.43
C ASP Q 173 27.52 8.94 -73.73
N PRO Q 174 26.35 8.93 -73.07
CA PRO Q 174 25.93 7.78 -72.25
C PRO Q 174 25.86 6.46 -73.03
N GLN Q 175 25.58 6.54 -74.33
CA GLN Q 175 25.50 5.37 -75.18
C GLN Q 175 26.24 5.62 -76.50
N PRO Q 176 27.27 4.81 -76.83
CA PRO Q 176 27.92 4.85 -78.13
C PRO Q 176 26.98 4.37 -79.23
N LEU Q 177 27.38 4.57 -80.50
CA LEU Q 177 26.49 4.31 -81.62
C LEU Q 177 27.23 3.64 -82.78
N LYS Q 178 26.53 2.69 -83.42
CA LYS Q 178 27.03 1.94 -84.56
C LYS Q 178 27.13 2.85 -85.77
N GLU Q 179 28.24 2.74 -86.51
CA GLU Q 179 28.45 3.52 -87.72
C GLU Q 179 27.69 2.89 -88.89
N GLN Q 180 27.41 1.58 -88.75
CA GLN Q 180 26.58 0.85 -89.69
C GLN Q 180 25.39 0.27 -88.93
N PRO Q 181 24.20 0.93 -88.97
CA PRO Q 181 23.01 0.38 -88.33
C PRO Q 181 22.48 -0.82 -89.09
N ALA Q 182 22.84 -0.90 -90.38
CA ALA Q 182 22.33 -1.91 -91.30
C ALA Q 182 23.12 -3.20 -91.16
N LEU Q 183 24.43 -3.13 -91.46
CA LEU Q 183 25.31 -4.28 -91.34
C LEU Q 183 25.60 -4.54 -89.87
N ASN Q 184 25.80 -5.82 -89.54
CA ASN Q 184 26.25 -6.21 -88.21
C ASN Q 184 27.77 -6.11 -88.15
N ASP Q 185 28.33 -6.27 -86.94
CA ASP Q 185 29.76 -6.11 -86.68
C ASP Q 185 30.19 -4.69 -87.10
N SER Q 186 29.44 -3.70 -86.60
CA SER Q 186 29.68 -2.31 -86.94
C SER Q 186 30.75 -1.72 -86.04
N ARG Q 187 31.71 -1.01 -86.64
CA ARG Q 187 32.78 -0.34 -85.92
C ARG Q 187 32.18 0.89 -85.22
N TYR Q 188 32.29 0.89 -83.88
CA TYR Q 188 31.51 1.78 -83.03
C TYR Q 188 32.11 3.19 -83.01
N ALA Q 189 31.31 4.15 -82.52
CA ALA Q 189 31.68 5.55 -82.39
C ALA Q 189 30.97 6.19 -81.19
N LEU Q 190 31.70 7.07 -80.49
CA LEU Q 190 31.23 7.72 -79.27
C LEU Q 190 31.84 9.11 -79.17
N SER Q 191 31.16 10.02 -78.48
CA SER Q 191 31.59 11.40 -78.33
C SER Q 191 31.74 11.75 -76.84
N SER Q 192 32.19 12.99 -76.58
CA SER Q 192 32.34 13.54 -75.24
C SER Q 192 32.35 15.07 -75.32
N ARG Q 193 32.21 15.73 -74.16
CA ARG Q 193 32.17 17.18 -74.10
C ARG Q 193 32.75 17.68 -72.78
N LEU Q 194 33.78 18.53 -72.87
CA LEU Q 194 34.28 19.29 -71.74
C LEU Q 194 33.82 20.74 -71.90
N ARG Q 195 33.63 21.44 -70.78
CA ARG Q 195 33.31 22.86 -70.84
C ARG Q 195 34.12 23.62 -69.81
N VAL Q 196 34.56 24.83 -70.19
CA VAL Q 196 35.27 25.73 -69.30
C VAL Q 196 34.75 27.15 -69.53
N SER Q 197 35.25 28.10 -68.72
CA SER Q 197 35.05 29.51 -68.96
C SER Q 197 35.99 29.95 -70.09
N ALA Q 198 35.54 30.92 -70.87
CA ALA Q 198 36.25 31.33 -72.08
C ALA Q 198 37.52 32.09 -71.73
N THR Q 199 37.82 32.18 -70.42
CA THR Q 199 39.06 32.76 -69.95
C THR Q 199 40.10 31.66 -69.78
N PHE Q 200 39.62 30.45 -69.48
CA PHE Q 200 40.45 29.26 -69.36
C PHE Q 200 40.98 28.89 -70.75
N TRP Q 201 40.13 29.06 -71.77
CA TRP Q 201 40.46 28.80 -73.16
C TRP Q 201 41.30 29.95 -73.71
N GLN Q 202 41.25 31.11 -73.05
CA GLN Q 202 42.07 32.25 -73.39
C GLN Q 202 43.51 31.97 -72.96
N ASN Q 203 43.68 31.58 -71.69
CA ASN Q 203 44.98 31.33 -71.09
C ASN Q 203 45.65 30.15 -71.78
N PRO Q 204 46.74 30.39 -72.54
CA PRO Q 204 47.37 29.34 -73.35
C PRO Q 204 48.35 28.46 -72.58
N ARG Q 205 48.20 28.41 -71.25
CA ARG Q 205 48.97 27.50 -70.42
C ARG Q 205 48.08 26.38 -69.90
N ASN Q 206 46.82 26.39 -70.36
CA ASN Q 206 45.87 25.34 -70.02
C ASN Q 206 45.99 24.18 -71.02
N HIS Q 207 46.43 23.02 -70.50
CA HIS Q 207 46.56 21.80 -71.26
C HIS Q 207 45.21 21.10 -71.35
N PHE Q 208 44.74 20.85 -72.59
CA PHE Q 208 43.55 20.06 -72.82
C PHE Q 208 43.93 18.76 -73.51
N ARG Q 209 43.51 17.63 -72.91
CA ARG Q 209 43.90 16.32 -73.40
C ARG Q 209 42.80 15.31 -73.16
N CYS Q 210 42.43 14.59 -74.22
CA CYS Q 210 41.38 13.58 -74.22
C CYS Q 210 42.03 12.21 -74.35
N GLN Q 211 41.61 11.28 -73.49
CA GLN Q 211 42.21 9.96 -73.40
C GLN Q 211 41.13 8.90 -73.58
N VAL Q 212 41.42 7.91 -74.43
CA VAL Q 212 40.54 6.78 -74.65
C VAL Q 212 41.29 5.49 -74.37
N GLN Q 213 40.83 4.78 -73.34
CA GLN Q 213 41.30 3.45 -73.01
C GLN Q 213 40.48 2.45 -73.82
N PHE Q 214 41.14 1.74 -74.74
CA PHE Q 214 40.52 0.72 -75.56
C PHE Q 214 40.99 -0.66 -75.12
N TYR Q 215 40.03 -1.49 -74.70
CA TYR Q 215 40.29 -2.88 -74.36
C TYR Q 215 40.06 -3.74 -75.61
N GLY Q 216 41.15 -4.27 -76.16
CA GLY Q 216 41.11 -5.14 -77.33
C GLY Q 216 41.65 -6.52 -77.00
N LEU Q 217 42.51 -7.02 -77.89
CA LEU Q 217 43.14 -8.33 -77.72
C LEU Q 217 44.26 -8.21 -76.70
N SER Q 218 44.55 -9.34 -76.03
CA SER Q 218 45.69 -9.43 -75.13
C SER Q 218 46.96 -9.63 -75.94
N GLU Q 219 48.11 -9.32 -75.32
CA GLU Q 219 49.41 -9.51 -75.94
C GLU Q 219 49.78 -10.99 -75.87
N ASN Q 220 48.85 -11.83 -76.30
CA ASN Q 220 48.98 -13.29 -76.28
C ASN Q 220 48.14 -13.89 -77.40
N ASP Q 221 47.08 -13.18 -77.81
CA ASP Q 221 46.15 -13.67 -78.82
C ASP Q 221 46.80 -13.63 -80.19
N GLU Q 222 46.41 -14.59 -81.05
CA GLU Q 222 47.05 -14.84 -82.32
C GLU Q 222 46.59 -13.80 -83.35
N TRP Q 223 47.53 -13.39 -84.21
CA TRP Q 223 47.28 -12.39 -85.23
C TRP Q 223 47.46 -12.96 -86.63
N THR Q 224 46.35 -13.46 -87.19
CA THR Q 224 46.30 -13.99 -88.53
C THR Q 224 45.97 -12.86 -89.52
N GLN Q 225 46.65 -11.72 -89.36
CA GLN Q 225 46.37 -10.55 -90.16
C GLN Q 225 47.65 -9.85 -90.60
N ASP Q 226 47.48 -8.81 -91.42
CA ASP Q 226 48.56 -8.13 -92.14
C ASP Q 226 48.90 -6.82 -91.44
N ARG Q 227 47.86 -6.10 -90.98
CA ARG Q 227 48.00 -4.81 -90.35
C ARG Q 227 48.59 -4.97 -88.94
N ALA Q 228 48.64 -3.88 -88.19
CA ALA Q 228 49.24 -3.84 -86.86
C ALA Q 228 48.30 -4.48 -85.84
N LYS Q 229 48.89 -5.07 -84.79
CA LYS Q 229 48.17 -5.83 -83.77
C LYS Q 229 47.49 -4.87 -82.80
N PRO Q 230 46.14 -4.97 -82.62
CA PRO Q 230 45.40 -4.05 -81.76
C PRO Q 230 45.30 -4.50 -80.29
N VAL Q 231 46.44 -4.47 -79.60
CA VAL Q 231 46.49 -4.72 -78.17
C VAL Q 231 45.85 -3.54 -77.44
N THR Q 232 45.62 -3.72 -76.13
CA THR Q 232 45.06 -2.68 -75.27
C THR Q 232 46.02 -1.50 -75.24
N GLN Q 233 45.46 -0.28 -75.36
CA GLN Q 233 46.26 0.93 -75.49
C GLN Q 233 45.45 2.15 -75.02
N ILE Q 234 46.15 3.27 -74.84
CA ILE Q 234 45.54 4.56 -74.57
C ILE Q 234 46.00 5.57 -75.61
N VAL Q 235 45.07 6.44 -76.05
CA VAL Q 235 45.30 7.32 -77.17
C VAL Q 235 45.19 8.77 -76.73
N SER Q 236 46.09 9.61 -77.26
CA SER Q 236 46.06 11.05 -77.00
C SER Q 236 44.98 11.71 -77.85
N ALA Q 237 44.75 12.99 -77.55
CA ALA Q 237 44.03 13.96 -78.36
C ALA Q 237 44.11 15.30 -77.64
N GLU Q 238 44.98 16.18 -78.13
CA GLU Q 238 45.38 17.35 -77.36
C GLU Q 238 44.78 18.60 -77.97
N ALA Q 239 44.78 19.67 -77.17
CA ALA Q 239 44.54 21.04 -77.60
C ALA Q 239 45.09 21.99 -76.54
N TRP Q 240 45.33 23.25 -76.93
CA TRP Q 240 45.85 24.27 -76.05
C TRP Q 240 44.89 25.47 -76.01
N GLY Q 241 45.07 26.32 -74.99
CA GLY Q 241 44.42 27.62 -74.98
C GLY Q 241 44.94 28.48 -76.14
N ARG Q 242 44.06 29.34 -76.67
CA ARG Q 242 44.39 30.14 -77.84
C ARG Q 242 43.96 31.58 -77.62
N ALA Q 243 44.95 32.46 -77.51
CA ALA Q 243 44.72 33.90 -77.59
C ALA Q 243 44.58 34.29 -79.05
N ASP Q 244 45.65 34.05 -79.83
CA ASP Q 244 45.67 34.32 -81.26
C ASP Q 244 46.40 33.17 -81.97
N LEU R 1 6.69 -17.85 -38.99
CA LEU R 1 7.52 -17.51 -40.18
C LEU R 1 8.98 -17.32 -39.74
N LEU R 2 9.90 -17.91 -40.48
CA LEU R 2 11.29 -17.98 -40.07
C LEU R 2 11.96 -16.63 -40.26
N LEU R 3 12.98 -16.37 -39.44
CA LEU R 3 13.83 -15.21 -39.58
C LEU R 3 14.54 -15.28 -40.94
N ASP R 4 14.42 -14.19 -41.72
CA ASP R 4 14.93 -14.14 -43.07
C ASP R 4 16.41 -13.75 -43.05
N ARG R 5 16.73 -12.68 -42.31
CA ARG R 5 18.06 -12.11 -42.29
C ARG R 5 18.92 -12.91 -41.32
N LEU R 6 19.90 -13.65 -41.87
CA LEU R 6 20.69 -14.58 -41.07
C LEU R 6 22.10 -14.06 -40.88
N ASN R 7 22.70 -14.47 -39.76
CA ASN R 7 23.98 -13.92 -39.31
C ASN R 7 24.86 -15.06 -38.78
N GLN R 8 26.10 -15.11 -39.30
CA GLN R 8 27.08 -16.10 -38.89
C GLN R 8 27.96 -15.51 -37.80
N LEU R 9 28.34 -16.36 -36.84
CA LEU R 9 29.02 -15.96 -35.61
C LEU R 9 30.42 -15.41 -35.94
N GLY S 2 -5.31 -14.47 -22.98
CA GLY S 2 -4.13 -15.31 -22.59
C GLY S 2 -2.84 -14.77 -23.19
N SER S 3 -1.72 -15.16 -22.58
CA SER S 3 -0.39 -14.75 -23.03
C SER S 3 0.21 -15.83 -23.92
N HIS S 4 0.00 -15.69 -25.24
CA HIS S 4 0.46 -16.65 -26.22
C HIS S 4 1.90 -16.33 -26.63
N SER S 5 2.50 -17.23 -27.43
CA SER S 5 3.86 -17.03 -27.92
C SER S 5 4.13 -17.94 -29.12
N MET S 6 5.04 -17.50 -29.98
CA MET S 6 5.66 -18.35 -30.99
C MET S 6 7.14 -18.48 -30.66
N ARG S 7 7.70 -19.65 -30.98
CA ARG S 7 9.12 -19.90 -30.80
C ARG S 7 9.58 -20.90 -31.85
N TYR S 8 10.89 -20.91 -32.11
CA TYR S 8 11.50 -21.89 -33.00
C TYR S 8 12.69 -22.52 -32.30
N PHE S 9 12.99 -23.78 -32.67
CA PHE S 9 14.07 -24.52 -32.04
C PHE S 9 14.99 -25.09 -33.12
N PHE S 10 16.22 -24.56 -33.17
CA PHE S 10 17.21 -24.95 -34.17
C PHE S 10 18.35 -25.71 -33.50
N THR S 11 18.69 -26.88 -34.06
CA THR S 11 19.68 -27.78 -33.51
C THR S 11 20.65 -28.20 -34.61
N SER S 12 21.94 -28.21 -34.29
CA SER S 12 23.00 -28.54 -35.23
C SER S 12 24.05 -29.40 -34.54
N VAL S 13 24.22 -30.63 -35.02
CA VAL S 13 25.16 -31.57 -34.41
C VAL S 13 26.04 -32.17 -35.50
N SER S 14 27.35 -31.92 -35.40
CA SER S 14 28.31 -32.46 -36.35
C SER S 14 28.54 -33.95 -36.08
N ARG S 15 28.98 -34.66 -37.12
CA ARG S 15 29.37 -36.05 -37.03
C ARG S 15 30.53 -36.28 -38.00
N PRO S 16 31.71 -35.64 -37.78
CA PRO S 16 32.75 -35.54 -38.79
C PRO S 16 33.31 -36.87 -39.30
N GLY S 17 33.25 -37.07 -40.63
CA GLY S 17 33.68 -38.31 -41.26
C GLY S 17 32.59 -39.37 -41.26
N ARG S 18 31.35 -38.95 -40.93
CA ARG S 18 30.17 -39.81 -40.97
C ARG S 18 29.00 -39.01 -41.56
N GLY S 19 29.33 -38.05 -42.43
CA GLY S 19 28.35 -37.17 -43.07
C GLY S 19 28.46 -35.75 -42.56
N GLU S 20 27.61 -34.86 -43.09
CA GLU S 20 27.55 -33.47 -42.68
C GLU S 20 26.79 -33.38 -41.36
N PRO S 21 26.81 -32.22 -40.66
CA PRO S 21 26.02 -32.05 -39.44
C PRO S 21 24.50 -32.20 -39.59
N ARG S 22 23.96 -33.12 -38.78
CA ARG S 22 22.53 -33.33 -38.62
C ARG S 22 21.90 -32.08 -38.00
N PHE S 23 20.87 -31.56 -38.68
CA PHE S 23 20.25 -30.31 -38.27
C PHE S 23 18.74 -30.52 -38.12
N ILE S 24 18.20 -30.15 -36.95
CA ILE S 24 16.77 -30.30 -36.69
C ILE S 24 16.19 -29.00 -36.15
N ALA S 25 15.28 -28.41 -36.95
CA ALA S 25 14.59 -27.17 -36.64
C ALA S 25 13.10 -27.44 -36.49
N VAL S 26 12.58 -27.18 -35.28
CA VAL S 26 11.19 -27.44 -34.98
C VAL S 26 10.52 -26.12 -34.60
N GLY S 27 9.26 -25.98 -35.02
CA GLY S 27 8.44 -24.82 -34.70
C GLY S 27 7.49 -25.11 -33.55
N TYR S 28 7.08 -24.05 -32.85
CA TYR S 28 6.28 -24.18 -31.65
C TYR S 28 5.41 -22.94 -31.47
N VAL S 29 4.10 -23.17 -31.35
CA VAL S 29 3.19 -22.13 -30.89
C VAL S 29 2.71 -22.53 -29.49
N ASP S 30 3.20 -21.79 -28.49
CA ASP S 30 2.92 -22.04 -27.08
C ASP S 30 3.68 -23.29 -26.64
N ASP S 31 2.91 -24.38 -26.48
CA ASP S 31 3.43 -25.69 -26.16
C ASP S 31 3.05 -26.65 -27.27
N THR S 32 2.72 -26.09 -28.44
CA THR S 32 2.23 -26.85 -29.59
C THR S 32 3.25 -26.78 -30.72
N GLN S 33 3.61 -27.96 -31.24
CA GLN S 33 4.42 -28.12 -32.44
C GLN S 33 3.52 -27.82 -33.64
N PHE S 34 4.12 -27.37 -34.75
CA PHE S 34 3.35 -27.13 -35.97
C PHE S 34 4.17 -27.37 -37.23
N VAL S 35 5.51 -27.24 -37.13
CA VAL S 35 6.39 -27.55 -38.25
C VAL S 35 7.64 -28.26 -37.76
N ARG S 36 8.29 -28.97 -38.68
CA ARG S 36 9.52 -29.70 -38.44
C ARG S 36 10.36 -29.68 -39.72
N PHE S 37 11.67 -29.89 -39.58
CA PHE S 37 12.53 -30.13 -40.71
C PHE S 37 13.71 -30.99 -40.27
N ASP S 38 14.01 -32.01 -41.07
CA ASP S 38 15.17 -32.86 -40.86
C ASP S 38 16.08 -32.72 -42.07
N SER S 39 17.40 -32.78 -41.83
CA SER S 39 18.37 -32.93 -42.90
C SER S 39 18.51 -34.41 -43.24
N ASP S 40 18.08 -35.26 -42.30
CA ASP S 40 17.93 -36.69 -42.49
C ASP S 40 16.50 -36.99 -42.97
N ALA S 41 15.88 -35.99 -43.59
CA ALA S 41 14.48 -36.09 -44.00
C ALA S 41 14.37 -36.91 -45.27
N ALA S 42 13.19 -37.49 -45.46
CA ALA S 42 12.82 -38.10 -46.72
C ALA S 42 12.70 -37.02 -47.79
N SER S 43 11.64 -36.20 -47.67
CA SER S 43 11.22 -35.30 -48.74
C SER S 43 12.14 -34.10 -48.86
N GLN S 44 12.67 -33.62 -47.74
CA GLN S 44 13.46 -32.40 -47.64
C GLN S 44 12.54 -31.18 -47.72
N ARG S 45 11.54 -31.16 -46.84
CA ARG S 45 10.48 -30.15 -46.85
C ARG S 45 10.00 -29.90 -45.43
N MET S 46 9.73 -28.63 -45.12
CA MET S 46 9.01 -28.24 -43.93
C MET S 46 7.63 -28.88 -43.99
N GLU S 47 7.26 -29.61 -42.94
CA GLU S 47 6.09 -30.48 -43.00
C GLU S 47 4.99 -29.98 -42.06
N PRO S 48 3.71 -30.21 -42.43
CA PRO S 48 2.58 -29.84 -41.57
C PRO S 48 2.43 -30.80 -40.39
N ARG S 49 2.48 -30.25 -39.18
CA ARG S 49 2.42 -31.04 -37.95
C ARG S 49 1.24 -30.57 -37.12
N ALA S 50 0.34 -29.81 -37.76
CA ALA S 50 -0.86 -29.28 -37.14
C ALA S 50 -1.96 -29.18 -38.19
N PRO S 51 -3.24 -29.42 -37.83
CA PRO S 51 -4.33 -29.42 -38.81
C PRO S 51 -4.52 -28.08 -39.50
N TRP S 52 -4.18 -26.98 -38.79
CA TRP S 52 -4.54 -25.64 -39.21
C TRP S 52 -3.46 -24.99 -40.06
N ILE S 53 -2.28 -25.62 -40.12
CA ILE S 53 -1.22 -25.10 -40.98
C ILE S 53 -1.41 -25.64 -42.39
N GLU S 54 -1.86 -26.90 -42.48
CA GLU S 54 -2.09 -27.58 -43.75
C GLU S 54 -2.84 -26.63 -44.69
N GLN S 55 -3.78 -25.86 -44.11
CA GLN S 55 -4.64 -24.98 -44.87
C GLN S 55 -3.93 -23.65 -45.10
N GLU S 56 -2.67 -23.73 -45.55
CA GLU S 56 -1.88 -22.59 -45.96
C GLU S 56 -1.64 -22.66 -47.48
N GLY S 57 -1.03 -21.60 -48.02
CA GLY S 57 -0.64 -21.57 -49.43
C GLY S 57 0.63 -22.38 -49.69
N PRO S 58 0.87 -22.82 -50.95
CA PRO S 58 2.11 -23.53 -51.30
C PRO S 58 3.35 -22.64 -51.32
N GLU S 59 3.13 -21.35 -51.59
CA GLU S 59 4.18 -20.33 -51.55
C GLU S 59 4.80 -20.27 -50.16
N TYR S 60 4.01 -20.66 -49.15
CA TYR S 60 4.40 -20.63 -47.75
C TYR S 60 5.24 -21.85 -47.40
N TRP S 61 5.28 -22.86 -48.27
CA TRP S 61 6.06 -24.04 -47.98
C TRP S 61 7.36 -24.04 -48.78
N ASP S 62 7.32 -23.45 -49.98
CA ASP S 62 8.49 -23.37 -50.85
C ASP S 62 9.46 -22.33 -50.30
N GLY S 63 8.91 -21.17 -49.92
CA GLY S 63 9.70 -20.13 -49.29
C GLY S 63 10.25 -20.62 -47.95
N GLU S 64 9.35 -21.16 -47.13
CA GLU S 64 9.65 -21.56 -45.77
C GLU S 64 10.43 -22.87 -45.76
N THR S 65 10.85 -23.32 -46.96
CA THR S 65 11.78 -24.42 -47.07
C THR S 65 13.17 -23.85 -47.34
N ARG S 66 13.24 -22.92 -48.31
CA ARG S 66 14.48 -22.28 -48.67
C ARG S 66 15.08 -21.60 -47.44
N LYS S 67 14.20 -21.12 -46.55
CA LYS S 67 14.61 -20.42 -45.34
C LYS S 67 15.39 -21.36 -44.44
N VAL S 68 14.74 -22.45 -44.02
CA VAL S 68 15.27 -23.35 -43.00
C VAL S 68 16.58 -23.97 -43.45
N LYS S 69 16.70 -24.24 -44.76
CA LYS S 69 17.91 -24.83 -45.29
C LYS S 69 19.06 -23.83 -45.16
N ALA S 70 18.72 -22.54 -45.25
CA ALA S 70 19.69 -21.46 -45.10
C ALA S 70 20.18 -21.40 -43.66
N HIS S 71 19.26 -21.64 -42.72
CA HIS S 71 19.62 -21.78 -41.32
C HIS S 71 20.64 -22.90 -41.17
N SER S 72 20.30 -24.08 -41.73
CA SER S 72 21.20 -25.21 -41.70
C SER S 72 22.58 -24.78 -42.15
N GLN S 73 22.65 -24.11 -43.31
CA GLN S 73 23.89 -23.65 -43.91
C GLN S 73 24.66 -22.78 -42.91
N THR S 74 23.91 -21.92 -42.21
CA THR S 74 24.46 -21.00 -41.24
C THR S 74 25.07 -21.80 -40.08
N HIS S 75 24.27 -22.73 -39.54
CA HIS S 75 24.67 -23.55 -38.40
C HIS S 75 25.72 -24.57 -38.80
N ARG S 76 25.94 -24.70 -40.11
CA ARG S 76 26.99 -25.53 -40.66
C ARG S 76 28.33 -24.85 -40.38
N VAL S 77 28.44 -23.58 -40.78
CA VAL S 77 29.65 -22.79 -40.62
C VAL S 77 29.82 -22.44 -39.14
N ASP S 78 28.69 -22.20 -38.45
CA ASP S 78 28.66 -21.80 -37.05
C ASP S 78 29.44 -22.81 -36.20
N LEU S 79 29.07 -24.09 -36.31
CA LEU S 79 29.72 -25.16 -35.57
C LEU S 79 31.22 -25.11 -35.82
N GLY S 80 31.59 -24.96 -37.10
CA GLY S 80 32.97 -24.97 -37.55
C GLY S 80 33.78 -23.80 -37.00
N THR S 81 33.19 -22.61 -37.01
CA THR S 81 33.81 -21.40 -36.50
C THR S 81 34.16 -21.61 -35.03
N LEU S 82 33.16 -22.12 -34.28
CA LEU S 82 33.23 -22.38 -32.85
C LEU S 82 34.36 -23.35 -32.54
N ARG S 83 34.49 -24.39 -33.38
CA ARG S 83 35.51 -25.41 -33.25
C ARG S 83 36.89 -24.77 -33.35
N GLY S 84 36.99 -23.69 -34.15
CA GLY S 84 38.21 -22.91 -34.28
C GLY S 84 38.29 -21.79 -33.25
N TYR S 85 37.20 -21.58 -32.52
CA TYR S 85 37.09 -20.47 -31.58
C TYR S 85 37.56 -20.90 -30.20
N TYR S 86 37.64 -22.22 -29.97
CA TYR S 86 37.91 -22.74 -28.64
C TYR S 86 39.20 -23.56 -28.62
N ASN S 87 39.91 -23.59 -29.76
CA ASN S 87 41.15 -24.34 -29.94
C ASN S 87 40.85 -25.84 -29.98
N GLN S 88 39.62 -26.19 -30.38
CA GLN S 88 39.10 -27.53 -30.24
C GLN S 88 39.50 -28.40 -31.44
N SER S 89 39.11 -29.68 -31.36
CA SER S 89 39.46 -30.69 -32.34
C SER S 89 38.65 -30.48 -33.62
N GLU S 90 39.12 -31.10 -34.71
CA GLU S 90 38.43 -31.09 -35.99
C GLU S 90 37.89 -32.49 -36.28
N ALA S 91 37.54 -33.22 -35.20
CA ALA S 91 37.10 -34.60 -35.29
C ALA S 91 35.99 -34.88 -34.27
N GLY S 92 36.03 -34.15 -33.15
CA GLY S 92 35.04 -34.28 -32.10
C GLY S 92 33.67 -33.74 -32.55
N SER S 93 32.61 -34.38 -32.06
CA SER S 93 31.24 -33.97 -32.35
C SER S 93 30.90 -32.73 -31.52
N HIS S 94 30.07 -31.86 -32.11
CA HIS S 94 29.69 -30.61 -31.45
C HIS S 94 28.21 -30.31 -31.70
N THR S 95 27.66 -29.40 -30.89
CA THR S 95 26.23 -29.14 -30.84
C THR S 95 25.95 -27.65 -30.67
N VAL S 96 25.44 -27.04 -31.74
CA VAL S 96 24.91 -25.68 -31.70
C VAL S 96 23.40 -25.77 -31.51
N GLN S 97 22.84 -24.78 -30.80
CA GLN S 97 21.43 -24.74 -30.50
C GLN S 97 20.94 -23.29 -30.55
N ARG S 98 19.99 -23.01 -31.45
CA ARG S 98 19.40 -21.68 -31.57
C ARG S 98 17.90 -21.75 -31.25
N MET S 99 17.38 -20.62 -30.77
CA MET S 99 16.01 -20.44 -30.35
C MET S 99 15.68 -18.95 -30.40
N TYR S 100 14.63 -18.60 -31.15
CA TYR S 100 14.09 -17.25 -31.10
C TYR S 100 12.57 -17.29 -31.06
N GLY S 101 11.96 -16.14 -30.73
CA GLY S 101 10.52 -16.02 -30.69
C GLY S 101 10.04 -14.69 -30.14
N CYS S 102 8.70 -14.57 -30.07
CA CYS S 102 8.01 -13.38 -29.62
C CYS S 102 6.86 -13.81 -28.72
N ASP S 103 6.37 -12.87 -27.90
CA ASP S 103 5.26 -13.09 -26.99
C ASP S 103 4.17 -12.05 -27.23
N VAL S 104 2.98 -12.34 -26.71
CA VAL S 104 1.84 -11.44 -26.78
C VAL S 104 1.08 -11.49 -25.46
N GLY S 105 0.11 -10.57 -25.30
CA GLY S 105 -0.82 -10.62 -24.18
C GLY S 105 -2.21 -11.05 -24.65
N SER S 106 -3.20 -10.91 -23.76
CA SER S 106 -4.59 -11.15 -24.12
C SER S 106 -5.05 -10.11 -25.15
N ASP S 107 -4.34 -8.97 -25.16
CA ASP S 107 -4.61 -7.89 -26.09
C ASP S 107 -4.11 -8.25 -27.49
N TRP S 108 -3.43 -9.40 -27.59
CA TRP S 108 -2.93 -9.96 -28.85
C TRP S 108 -1.73 -9.20 -29.39
N ARG S 109 -1.46 -8.01 -28.82
CA ARG S 109 -0.38 -7.13 -29.24
C ARG S 109 0.96 -7.68 -28.73
N PHE S 110 2.07 -7.13 -29.23
CA PHE S 110 3.43 -7.62 -28.94
C PHE S 110 3.76 -7.46 -27.46
N LEU S 111 4.61 -8.37 -26.94
CA LEU S 111 5.07 -8.32 -25.56
C LEU S 111 6.60 -8.35 -25.48
N ARG S 112 7.21 -9.50 -25.78
CA ARG S 112 8.64 -9.70 -25.56
C ARG S 112 9.21 -10.70 -26.55
N GLY S 113 10.45 -10.45 -26.98
CA GLY S 113 11.18 -11.37 -27.83
C GLY S 113 12.41 -11.94 -27.13
N TYR S 114 13.12 -12.83 -27.83
CA TYR S 114 14.38 -13.40 -27.38
C TYR S 114 15.03 -14.14 -28.55
N HIS S 115 16.36 -14.20 -28.53
CA HIS S 115 17.12 -14.85 -29.59
C HIS S 115 18.46 -15.29 -29.02
N GLN S 116 18.59 -16.57 -28.73
CA GLN S 116 19.71 -17.07 -27.94
C GLN S 116 20.33 -18.30 -28.60
N TYR S 117 21.65 -18.24 -28.76
CA TYR S 117 22.45 -19.37 -29.21
C TYR S 117 23.02 -20.09 -27.99
N ALA S 118 23.52 -21.31 -28.22
CA ALA S 118 24.28 -22.07 -27.25
C ALA S 118 25.08 -23.16 -27.96
N TYR S 119 26.31 -23.36 -27.50
CA TYR S 119 27.23 -24.32 -28.07
C TYR S 119 27.65 -25.31 -26.99
N ASP S 120 27.28 -26.59 -27.19
CA ASP S 120 27.62 -27.67 -26.29
C ASP S 120 27.08 -27.39 -24.90
N GLY S 121 25.75 -27.34 -24.79
CA GLY S 121 25.07 -27.20 -23.51
C GLY S 121 25.15 -25.77 -22.97
N LYS S 122 26.38 -25.25 -22.87
CA LYS S 122 26.66 -23.98 -22.24
C LYS S 122 26.07 -22.83 -23.07
N ASP S 123 25.63 -21.77 -22.37
CA ASP S 123 25.17 -20.53 -22.99
C ASP S 123 26.32 -19.92 -23.80
N TYR S 124 25.98 -19.36 -24.96
CA TYR S 124 26.94 -18.67 -25.79
C TYR S 124 26.61 -17.18 -25.77
N ILE S 125 25.76 -16.76 -26.71
CA ILE S 125 25.25 -15.40 -26.77
C ILE S 125 23.72 -15.45 -26.77
N ALA S 126 23.11 -14.35 -26.35
CA ALA S 126 21.67 -14.22 -26.26
C ALA S 126 21.30 -12.73 -26.20
N LEU S 127 20.11 -12.41 -26.71
CA LEU S 127 19.63 -11.03 -26.71
C LEU S 127 18.94 -10.77 -25.37
N LYS S 128 19.19 -9.57 -24.80
CA LYS S 128 18.56 -9.14 -23.57
C LYS S 128 17.14 -8.66 -23.84
N GLU S 129 16.39 -8.39 -22.76
CA GLU S 129 14.98 -8.03 -22.84
C GLU S 129 14.80 -6.76 -23.69
N ASP S 130 15.86 -5.93 -23.75
CA ASP S 130 15.82 -4.63 -24.39
C ASP S 130 15.76 -4.77 -25.91
N LEU S 131 16.24 -5.91 -26.42
CA LEU S 131 16.35 -6.19 -27.86
C LEU S 131 17.32 -5.21 -28.50
N ARG S 132 18.32 -4.80 -27.70
CA ARG S 132 19.19 -3.69 -28.06
C ARG S 132 20.65 -4.04 -27.77
N SER S 133 20.88 -4.82 -26.72
CA SER S 133 22.23 -5.19 -26.31
C SER S 133 22.31 -6.70 -26.03
N TRP S 134 23.49 -7.27 -26.33
CA TRP S 134 23.72 -8.70 -26.25
C TRP S 134 24.32 -9.10 -24.91
N THR S 135 24.27 -10.40 -24.61
CA THR S 135 24.87 -10.97 -23.41
C THR S 135 25.60 -12.26 -23.76
N ALA S 136 26.93 -12.17 -23.88
CA ALA S 136 27.78 -13.28 -24.25
C ALA S 136 28.43 -13.87 -23.00
N ALA S 137 28.36 -15.20 -22.89
CA ALA S 137 28.76 -15.91 -21.68
C ALA S 137 30.28 -16.13 -21.67
N ASP S 138 30.76 -16.98 -22.60
CA ASP S 138 32.12 -17.49 -22.57
C ASP S 138 33.12 -16.35 -22.84
N MET S 139 34.40 -16.65 -22.59
CA MET S 139 35.49 -15.70 -22.79
C MET S 139 35.77 -15.54 -24.27
N ALA S 140 35.86 -16.67 -24.98
CA ALA S 140 36.16 -16.67 -26.39
C ALA S 140 34.87 -16.83 -27.21
N ALA S 141 33.78 -16.23 -26.71
CA ALA S 141 32.50 -16.22 -27.39
C ALA S 141 32.03 -14.79 -27.59
N GLN S 142 32.98 -13.91 -27.89
CA GLN S 142 32.71 -12.48 -28.00
C GLN S 142 33.22 -11.95 -29.35
N THR S 143 33.91 -12.81 -30.11
CA THR S 143 34.22 -12.52 -31.50
C THR S 143 32.90 -12.40 -32.26
N THR S 144 31.85 -12.98 -31.66
CA THR S 144 30.48 -12.84 -32.10
C THR S 144 29.90 -11.53 -31.57
N LYS S 145 30.19 -11.24 -30.30
CA LYS S 145 29.70 -10.06 -29.62
C LYS S 145 30.16 -8.81 -30.37
N HIS S 146 31.46 -8.78 -30.71
CA HIS S 146 32.10 -7.59 -31.23
C HIS S 146 31.88 -7.44 -32.73
N LYS S 147 31.59 -8.55 -33.42
CA LYS S 147 31.16 -8.47 -34.81
C LYS S 147 29.76 -7.87 -34.86
N TRP S 148 28.87 -8.40 -34.00
CA TRP S 148 27.46 -8.11 -34.04
C TRP S 148 27.16 -6.70 -33.54
N GLU S 149 27.99 -6.21 -32.61
CA GLU S 149 27.96 -4.82 -32.22
C GLU S 149 28.20 -3.97 -33.46
N ALA S 150 29.23 -4.33 -34.22
CA ALA S 150 29.71 -3.54 -35.35
C ALA S 150 28.81 -3.74 -36.57
N ALA S 151 28.16 -4.91 -36.65
CA ALA S 151 27.29 -5.23 -37.76
C ALA S 151 25.86 -4.77 -37.47
N HIS S 152 25.61 -4.41 -36.21
CA HIS S 152 24.33 -3.90 -35.74
C HIS S 152 23.24 -4.94 -35.97
N VAL S 153 23.41 -6.12 -35.37
CA VAL S 153 22.54 -7.27 -35.60
C VAL S 153 21.30 -7.16 -34.70
N ALA S 154 21.51 -6.68 -33.47
CA ALA S 154 20.46 -6.54 -32.47
C ALA S 154 19.32 -5.67 -33.02
N GLU S 155 19.68 -4.64 -33.78
CA GLU S 155 18.74 -3.67 -34.32
C GLU S 155 17.86 -4.35 -35.36
N GLN S 156 18.45 -5.27 -36.12
CA GLN S 156 17.80 -5.92 -37.25
C GLN S 156 16.75 -6.91 -36.75
N LEU S 157 17.05 -7.60 -35.65
CA LEU S 157 16.19 -8.63 -35.11
C LEU S 157 14.99 -7.99 -34.40
N ARG S 158 15.21 -6.77 -33.88
CA ARG S 158 14.17 -5.98 -33.25
C ARG S 158 13.04 -5.73 -34.24
N ALA S 159 13.41 -5.52 -35.51
CA ALA S 159 12.45 -5.31 -36.58
C ALA S 159 11.64 -6.58 -36.81
N TYR S 160 12.33 -7.73 -36.80
CA TYR S 160 11.70 -9.01 -37.10
C TYR S 160 10.79 -9.45 -35.96
N LEU S 161 11.29 -9.33 -34.72
CA LEU S 161 10.59 -9.87 -33.57
C LEU S 161 9.37 -9.03 -33.24
N GLU S 162 9.57 -7.72 -33.09
CA GLU S 162 8.49 -6.79 -32.82
C GLU S 162 7.56 -6.73 -34.03
N GLY S 163 8.02 -7.28 -35.15
CA GLY S 163 7.30 -7.24 -36.42
C GLY S 163 6.79 -8.61 -36.86
N THR S 164 7.51 -9.21 -37.82
CA THR S 164 7.00 -10.33 -38.60
C THR S 164 6.60 -11.50 -37.70
N CYS S 165 7.33 -11.66 -36.58
CA CYS S 165 7.10 -12.76 -35.65
C CYS S 165 5.66 -12.73 -35.15
N VAL S 166 5.25 -11.57 -34.61
CA VAL S 166 3.94 -11.43 -34.00
C VAL S 166 2.89 -11.33 -35.10
N GLU S 167 3.23 -10.64 -36.20
CA GLU S 167 2.30 -10.45 -37.31
C GLU S 167 1.78 -11.82 -37.75
N TRP S 168 2.72 -12.76 -37.89
CA TRP S 168 2.42 -14.10 -38.37
C TRP S 168 1.81 -14.97 -37.27
N LEU S 169 2.17 -14.67 -36.02
CA LEU S 169 1.64 -15.35 -34.84
C LEU S 169 0.14 -15.07 -34.71
N ARG S 170 -0.24 -13.82 -35.01
CA ARG S 170 -1.63 -13.39 -35.04
C ARG S 170 -2.36 -14.10 -36.17
N ARG S 171 -1.69 -14.21 -37.32
CA ARG S 171 -2.19 -14.97 -38.45
C ARG S 171 -2.38 -16.43 -38.04
N TYR S 172 -1.41 -16.97 -37.28
CA TYR S 172 -1.40 -18.37 -36.91
C TYR S 172 -2.49 -18.68 -35.89
N LEU S 173 -2.82 -17.71 -35.04
CA LEU S 173 -3.82 -17.90 -34.00
C LEU S 173 -5.23 -17.77 -34.59
N GLU S 174 -5.37 -16.96 -35.64
CA GLU S 174 -6.66 -16.69 -36.28
C GLU S 174 -7.09 -17.93 -37.06
N ASN S 175 -6.13 -18.78 -37.39
CA ASN S 175 -6.34 -19.95 -38.23
C ASN S 175 -6.64 -21.17 -37.36
N GLY S 176 -5.91 -21.30 -36.25
CA GLY S 176 -6.11 -22.40 -35.32
C GLY S 176 -7.17 -22.08 -34.27
N LYS S 177 -8.08 -21.15 -34.62
CA LYS S 177 -9.04 -20.57 -33.69
C LYS S 177 -9.72 -21.66 -32.86
N GLU S 178 -9.98 -22.81 -33.49
CA GLU S 178 -10.79 -23.86 -32.88
C GLU S 178 -9.97 -24.70 -31.90
N THR S 179 -8.64 -24.61 -32.01
CA THR S 179 -7.76 -25.55 -31.33
C THR S 179 -6.68 -24.84 -30.51
N LEU S 180 -6.23 -23.66 -30.96
CA LEU S 180 -5.07 -23.00 -30.38
C LEU S 180 -5.46 -22.12 -29.20
N GLN S 181 -6.66 -21.53 -29.23
CA GLN S 181 -7.07 -20.62 -28.18
C GLN S 181 -7.67 -21.41 -27.01
N ARG S 182 -7.95 -22.71 -27.26
CA ARG S 182 -8.72 -23.54 -26.34
C ARG S 182 -7.92 -23.82 -25.07
N THR S 183 -8.65 -24.09 -23.98
CA THR S 183 -8.09 -24.44 -22.69
C THR S 183 -8.75 -25.73 -22.21
N ASP S 184 -7.95 -26.62 -21.60
CA ASP S 184 -8.46 -27.86 -21.05
C ASP S 184 -8.29 -27.85 -19.53
N ALA S 185 -9.39 -28.13 -18.82
CA ALA S 185 -9.38 -28.22 -17.37
C ALA S 185 -8.87 -29.61 -16.95
N PRO S 186 -7.87 -29.68 -16.05
CA PRO S 186 -7.28 -30.97 -15.64
C PRO S 186 -8.27 -31.86 -14.90
N LYS S 187 -8.55 -33.04 -15.47
CA LYS S 187 -9.36 -34.05 -14.79
C LYS S 187 -8.51 -34.66 -13.68
N THR S 188 -9.00 -34.55 -12.43
CA THR S 188 -8.15 -34.73 -11.25
C THR S 188 -8.72 -35.78 -10.30
N HIS S 189 -7.81 -36.61 -9.76
CA HIS S 189 -8.11 -37.60 -8.74
C HIS S 189 -6.87 -37.81 -7.87
N MET S 190 -7.00 -38.69 -6.86
CA MET S 190 -5.92 -38.96 -5.93
C MET S 190 -5.94 -40.44 -5.51
N THR S 191 -4.79 -41.11 -5.65
CA THR S 191 -4.69 -42.53 -5.34
C THR S 191 -3.87 -42.76 -4.07
N HIS S 192 -3.81 -44.03 -3.66
CA HIS S 192 -3.17 -44.49 -2.44
C HIS S 192 -2.24 -45.64 -2.80
N HIS S 193 -1.16 -45.81 -2.02
CA HIS S 193 -0.36 -47.04 -2.04
C HIS S 193 0.45 -47.18 -0.75
N ALA S 194 0.28 -48.31 -0.07
CA ALA S 194 1.06 -48.64 1.11
C ALA S 194 2.49 -48.97 0.69
N VAL S 195 3.45 -48.29 1.33
CA VAL S 195 4.86 -48.53 1.06
C VAL S 195 5.45 -49.36 2.20
N SER S 196 4.77 -49.36 3.35
CA SER S 196 5.13 -50.23 4.45
C SER S 196 3.95 -50.38 5.41
N ASP S 197 4.24 -51.01 6.57
CA ASP S 197 3.33 -51.06 7.70
C ASP S 197 3.42 -49.75 8.48
N HIS S 198 4.52 -49.01 8.26
CA HIS S 198 4.83 -47.79 8.97
C HIS S 198 4.37 -46.57 8.16
N GLU S 199 4.65 -46.57 6.85
CA GLU S 199 4.44 -45.41 5.99
C GLU S 199 3.39 -45.71 4.93
N ALA S 200 3.06 -44.68 4.13
CA ALA S 200 2.13 -44.74 3.02
C ALA S 200 2.37 -43.56 2.08
N THR S 201 1.78 -43.63 0.87
CA THR S 201 2.02 -42.64 -0.17
C THR S 201 0.72 -42.27 -0.89
N LEU S 202 0.50 -40.95 -1.02
CA LEU S 202 -0.61 -40.37 -1.76
C LEU S 202 -0.09 -39.73 -3.04
N ARG S 203 -0.85 -39.87 -4.13
CA ARG S 203 -0.44 -39.35 -5.43
C ARG S 203 -1.58 -38.55 -6.05
N CYS S 204 -1.31 -37.27 -6.33
CA CYS S 204 -2.28 -36.32 -6.84
C CYS S 204 -2.15 -36.24 -8.36
N TRP S 205 -3.24 -36.55 -9.07
CA TRP S 205 -3.20 -36.77 -10.51
C TRP S 205 -3.86 -35.61 -11.27
N ALA S 206 -3.16 -35.15 -12.32
CA ALA S 206 -3.68 -34.14 -13.23
C ALA S 206 -3.54 -34.64 -14.67
N LEU S 207 -4.68 -35.04 -15.25
CA LEU S 207 -4.69 -35.68 -16.56
C LEU S 207 -5.35 -34.74 -17.57
N SER S 208 -4.77 -34.68 -18.77
CA SER S 208 -5.31 -34.03 -19.96
C SER S 208 -5.59 -32.55 -19.73
N PHE S 209 -4.51 -31.77 -19.52
CA PHE S 209 -4.60 -30.33 -19.32
C PHE S 209 -3.70 -29.61 -20.33
N TYR S 210 -4.04 -28.36 -20.62
CA TYR S 210 -3.37 -27.57 -21.65
C TYR S 210 -3.56 -26.08 -21.37
N PRO S 211 -2.48 -25.28 -21.21
CA PRO S 211 -1.10 -25.74 -21.46
C PRO S 211 -0.38 -26.28 -20.22
N ALA S 212 0.93 -26.51 -20.37
CA ALA S 212 1.73 -27.23 -19.39
C ALA S 212 2.03 -26.36 -18.18
N GLU S 213 1.57 -25.10 -18.22
CA GLU S 213 1.70 -24.18 -17.11
C GLU S 213 0.76 -24.62 -15.99
N ILE S 214 1.23 -25.55 -15.14
CA ILE S 214 0.45 -26.01 -14.01
C ILE S 214 1.30 -25.99 -12.73
N THR S 215 0.63 -25.65 -11.63
CA THR S 215 1.25 -25.55 -10.32
C THR S 215 0.65 -26.61 -9.41
N LEU S 216 1.52 -27.46 -8.84
CA LEU S 216 1.09 -28.56 -8.01
C LEU S 216 1.88 -28.56 -6.71
N THR S 217 1.17 -28.68 -5.57
CA THR S 217 1.76 -28.67 -4.25
C THR S 217 0.89 -29.46 -3.27
N TRP S 218 1.46 -29.72 -2.08
CA TRP S 218 0.76 -30.33 -0.97
C TRP S 218 0.78 -29.36 0.21
N GLN S 219 -0.06 -29.64 1.22
CA GLN S 219 -0.07 -28.92 2.47
C GLN S 219 -0.37 -29.88 3.62
N ARG S 220 0.48 -29.83 4.67
CA ARG S 220 0.17 -30.41 5.95
C ARG S 220 -0.48 -29.33 6.81
N ASP S 221 -1.79 -29.51 7.09
CA ASP S 221 -2.60 -28.50 7.74
C ASP S 221 -2.54 -27.21 6.94
N GLY S 222 -1.51 -26.40 7.21
CA GLY S 222 -1.32 -25.12 6.54
C GLY S 222 0.16 -24.76 6.41
N GLU S 223 1.00 -25.77 6.22
CA GLU S 223 2.41 -25.56 5.93
C GLU S 223 2.73 -26.23 4.60
N ASP S 224 3.21 -25.43 3.64
CA ASP S 224 3.62 -25.91 2.33
C ASP S 224 4.61 -27.06 2.51
N GLN S 225 4.08 -28.29 2.42
CA GLN S 225 4.87 -29.50 2.51
C GLN S 225 5.93 -29.49 1.41
N THR S 226 7.20 -29.57 1.82
CA THR S 226 8.33 -29.59 0.90
C THR S 226 9.38 -30.59 1.42
N GLN S 227 9.00 -31.37 2.42
CA GLN S 227 9.90 -32.32 3.06
C GLN S 227 9.88 -33.64 2.29
N ASP S 228 8.70 -34.24 2.15
CA ASP S 228 8.56 -35.55 1.52
C ASP S 228 7.83 -35.42 0.18
N THR S 229 8.23 -34.42 -0.61
CA THR S 229 7.60 -34.17 -1.90
C THR S 229 8.17 -35.09 -2.96
N GLU S 230 7.42 -35.22 -4.07
CA GLU S 230 7.92 -35.77 -5.32
C GLU S 230 7.10 -35.17 -6.46
N LEU S 231 7.76 -34.40 -7.31
CA LEU S 231 7.11 -33.74 -8.43
C LEU S 231 7.79 -34.17 -9.73
N VAL S 232 6.97 -34.56 -10.71
CA VAL S 232 7.45 -35.16 -11.95
C VAL S 232 7.39 -34.14 -13.09
N GLU S 233 8.51 -34.02 -13.81
CA GLU S 233 8.62 -33.16 -14.97
C GLU S 233 7.40 -33.40 -15.86
N THR S 234 6.65 -32.31 -16.12
CA THR S 234 5.39 -32.37 -16.85
C THR S 234 5.59 -33.04 -18.20
N ARG S 235 4.85 -34.12 -18.42
CA ARG S 235 4.98 -34.95 -19.60
C ARG S 235 3.82 -34.65 -20.56
N PRO S 236 4.02 -34.77 -21.89
CA PRO S 236 2.92 -34.70 -22.84
C PRO S 236 2.24 -36.06 -22.98
N ALA S 237 0.94 -36.05 -23.21
CA ALA S 237 0.17 -37.27 -23.39
C ALA S 237 0.41 -37.83 -24.78
N GLY S 238 0.58 -36.93 -25.76
CA GLY S 238 0.74 -37.31 -27.14
C GLY S 238 -0.59 -37.39 -27.87
N ASP S 239 -1.46 -36.40 -27.60
CA ASP S 239 -2.71 -36.22 -28.31
C ASP S 239 -3.04 -34.73 -28.40
N GLY S 240 -2.43 -33.94 -27.51
CA GLY S 240 -2.63 -32.50 -27.45
C GLY S 240 -2.72 -32.00 -26.01
N THR S 241 -2.66 -32.94 -25.06
CA THR S 241 -2.77 -32.61 -23.65
C THR S 241 -1.45 -32.92 -22.94
N PHE S 242 -1.43 -32.70 -21.62
CA PHE S 242 -0.26 -32.99 -20.80
C PHE S 242 -0.70 -33.77 -19.56
N GLN S 243 0.27 -34.24 -18.78
CA GLN S 243 0.04 -34.93 -17.52
C GLN S 243 1.08 -34.47 -16.49
N LYS S 244 0.65 -34.42 -15.22
CA LYS S 244 1.56 -34.19 -14.13
C LYS S 244 0.97 -34.80 -12.85
N TRP S 245 1.83 -35.45 -12.07
CA TRP S 245 1.46 -35.92 -10.75
C TRP S 245 2.50 -35.53 -9.71
N ALA S 246 2.07 -35.49 -8.44
CA ALA S 246 2.92 -35.23 -7.30
C ALA S 246 2.59 -36.20 -6.17
N ALA S 247 3.60 -36.54 -5.36
CA ALA S 247 3.42 -37.49 -4.29
C ALA S 247 4.04 -36.98 -2.99
N VAL S 248 3.64 -37.62 -1.89
CA VAL S 248 4.15 -37.34 -0.56
C VAL S 248 4.13 -38.61 0.28
N VAL S 249 5.18 -38.79 1.08
CA VAL S 249 5.35 -39.96 1.93
C VAL S 249 4.81 -39.63 3.32
N VAL S 250 3.66 -40.22 3.66
CA VAL S 250 2.92 -39.88 4.87
C VAL S 250 2.93 -41.06 5.86
N PRO S 251 2.89 -40.80 7.19
CA PRO S 251 2.64 -41.86 8.17
C PRO S 251 1.26 -42.49 7.96
N SER S 252 1.15 -43.79 8.28
CA SER S 252 -0.09 -44.53 8.08
C SER S 252 -1.08 -44.21 9.19
N GLY S 253 -1.54 -42.96 9.21
CA GLY S 253 -2.49 -42.48 10.22
C GLY S 253 -2.98 -41.06 9.92
N GLN S 254 -2.10 -40.25 9.33
CA GLN S 254 -2.38 -38.85 9.05
C GLN S 254 -2.74 -38.66 7.57
N GLU S 255 -3.76 -39.42 7.11
CA GLU S 255 -4.12 -39.49 5.70
C GLU S 255 -5.00 -38.31 5.30
N GLN S 256 -5.99 -38.00 6.16
CA GLN S 256 -6.93 -36.91 5.94
C GLN S 256 -6.36 -35.61 6.50
N ARG S 257 -5.02 -35.55 6.62
CA ARG S 257 -4.31 -34.39 7.10
C ARG S 257 -3.58 -33.70 5.96
N TYR S 258 -3.89 -34.09 4.72
CA TYR S 258 -3.14 -33.63 3.56
C TYR S 258 -4.06 -33.06 2.49
N THR S 259 -3.81 -31.79 2.16
CA THR S 259 -4.50 -31.04 1.12
C THR S 259 -3.62 -30.96 -0.12
N CYS S 260 -4.21 -31.24 -1.28
CA CYS S 260 -3.52 -31.11 -2.55
C CYS S 260 -4.05 -29.88 -3.28
N HIS S 261 -3.15 -29.11 -3.90
CA HIS S 261 -3.49 -27.82 -4.48
C HIS S 261 -3.16 -27.79 -5.97
N VAL S 262 -4.15 -27.43 -6.79
CA VAL S 262 -4.01 -27.36 -8.23
C VAL S 262 -4.40 -25.95 -8.70
N GLN S 263 -3.53 -25.35 -9.53
CA GLN S 263 -3.82 -24.08 -10.18
C GLN S 263 -3.63 -24.25 -11.68
N HIS S 264 -4.50 -23.62 -12.47
CA HIS S 264 -4.42 -23.69 -13.92
C HIS S 264 -5.11 -22.49 -14.57
N GLU S 265 -4.79 -22.27 -15.86
CA GLU S 265 -5.38 -21.19 -16.64
C GLU S 265 -6.88 -21.40 -16.74
N GLY S 266 -7.29 -22.64 -17.04
CA GLY S 266 -8.70 -22.96 -17.24
C GLY S 266 -9.33 -23.63 -16.03
N LEU S 267 -9.34 -22.90 -14.89
CA LEU S 267 -9.93 -23.39 -13.66
C LEU S 267 -10.42 -22.20 -12.83
N PRO S 268 -11.73 -22.13 -12.50
CA PRO S 268 -12.29 -21.01 -11.73
C PRO S 268 -11.72 -20.93 -10.31
N LYS S 269 -12.25 -21.78 -9.40
CA LYS S 269 -11.77 -21.88 -8.04
C LYS S 269 -10.71 -22.98 -7.98
N PRO S 270 -9.41 -22.65 -7.80
CA PRO S 270 -8.33 -23.64 -7.79
C PRO S 270 -8.63 -24.84 -6.89
N LEU S 271 -9.05 -25.94 -7.53
CA LEU S 271 -9.69 -27.07 -6.86
C LEU S 271 -8.71 -27.80 -5.94
N THR S 272 -9.19 -28.12 -4.74
CA THR S 272 -8.42 -28.74 -3.68
C THR S 272 -8.96 -30.15 -3.43
N LEU S 273 -8.05 -31.07 -3.08
CA LEU S 273 -8.36 -32.48 -2.96
C LEU S 273 -7.80 -33.04 -1.65
N ARG S 274 -8.58 -33.93 -1.03
CA ARG S 274 -8.17 -34.69 0.14
C ARG S 274 -8.70 -36.12 0.01
N TRP S 275 -8.02 -37.06 0.66
CA TRP S 275 -8.36 -38.47 0.59
C TRP S 275 -9.55 -38.78 1.51
N MET T 1 32.41 -28.51 -22.48
CA MET T 1 31.60 -29.73 -22.78
C MET T 1 30.72 -30.05 -21.57
N ILE T 2 29.41 -30.17 -21.83
CA ILE T 2 28.44 -30.42 -20.77
C ILE T 2 27.65 -31.68 -21.12
N GLN T 3 27.59 -32.60 -20.15
CA GLN T 3 26.75 -33.78 -20.24
C GLN T 3 25.43 -33.49 -19.53
N ARG T 4 24.46 -34.38 -19.68
CA ARG T 4 23.24 -34.33 -18.89
C ARG T 4 22.61 -35.70 -18.85
N THR T 5 22.29 -36.16 -17.64
CA THR T 5 21.71 -37.48 -17.41
C THR T 5 20.24 -37.47 -17.83
N PRO T 6 19.80 -38.45 -18.65
CA PRO T 6 18.43 -38.46 -19.17
C PRO T 6 17.38 -38.98 -18.20
N LYS T 7 16.39 -38.13 -17.92
CA LYS T 7 15.25 -38.44 -17.06
C LYS T 7 14.20 -39.17 -17.91
N ILE T 8 13.63 -40.23 -17.36
CA ILE T 8 12.74 -41.11 -18.11
C ILE T 8 11.40 -41.22 -17.38
N GLN T 9 10.32 -41.29 -18.17
CA GLN T 9 8.98 -41.56 -17.65
C GLN T 9 8.23 -42.46 -18.62
N VAL T 10 7.81 -43.64 -18.12
CA VAL T 10 6.99 -44.56 -18.89
C VAL T 10 5.55 -44.41 -18.41
N TYR T 11 4.65 -44.11 -19.34
CA TYR T 11 3.27 -43.85 -18.97
C TYR T 11 2.34 -44.02 -20.17
N SER T 12 1.06 -44.26 -19.88
CA SER T 12 0.00 -44.38 -20.86
C SER T 12 -0.75 -43.06 -20.97
N ARG T 13 -1.31 -42.81 -22.16
CA ARG T 13 -1.96 -41.55 -22.51
C ARG T 13 -3.26 -41.40 -21.73
N HIS T 14 -3.98 -42.51 -21.58
CA HIS T 14 -5.12 -42.58 -20.68
C HIS T 14 -4.92 -43.78 -19.76
N PRO T 15 -4.48 -43.59 -18.48
CA PRO T 15 -4.34 -44.70 -17.55
C PRO T 15 -5.44 -45.73 -17.87
N ALA T 16 -5.01 -46.92 -18.30
CA ALA T 16 -5.85 -47.79 -19.10
C ALA T 16 -6.58 -48.83 -18.24
N GLU T 17 -7.81 -49.13 -18.65
CA GLU T 17 -8.53 -50.32 -18.24
C GLU T 17 -8.25 -51.42 -19.27
N ASN T 18 -8.12 -52.66 -18.79
CA ASN T 18 -7.60 -53.77 -19.57
C ASN T 18 -8.46 -54.04 -20.80
N GLY T 19 -7.82 -54.63 -21.81
CA GLY T 19 -8.47 -54.95 -23.07
C GLY T 19 -8.34 -53.80 -24.06
N LYS T 20 -8.88 -52.64 -23.69
CA LYS T 20 -8.98 -51.48 -24.56
C LYS T 20 -7.58 -50.96 -24.87
N SER T 21 -7.32 -50.75 -26.18
CA SER T 21 -6.00 -50.38 -26.68
C SER T 21 -5.75 -48.89 -26.47
N ASN T 22 -4.65 -48.59 -25.78
CA ASN T 22 -4.28 -47.23 -25.42
C ASN T 22 -3.02 -46.86 -26.19
N PHE T 23 -2.13 -46.07 -25.55
CA PHE T 23 -0.85 -45.68 -26.12
C PHE T 23 0.23 -45.76 -25.04
N LEU T 24 1.41 -46.26 -25.42
CA LEU T 24 2.52 -46.40 -24.49
C LEU T 24 3.59 -45.36 -24.82
N ASN T 25 3.61 -44.28 -24.04
CA ASN T 25 4.58 -43.21 -24.22
C ASN T 25 5.82 -43.53 -23.41
N CYS T 26 6.99 -43.12 -23.93
CA CYS T 26 8.21 -43.03 -23.14
C CYS T 26 8.81 -41.65 -23.34
N TYR T 27 8.95 -40.92 -22.23
CA TYR T 27 9.37 -39.53 -22.24
C TYR T 27 10.79 -39.44 -21.70
N VAL T 28 11.75 -39.28 -22.61
CA VAL T 28 13.09 -38.86 -22.22
C VAL T 28 13.13 -37.33 -22.24
N SER T 29 13.82 -36.76 -21.24
CA SER T 29 13.86 -35.33 -21.03
C SER T 29 15.11 -34.96 -20.26
N GLY T 30 15.60 -33.73 -20.47
CA GLY T 30 16.74 -33.20 -19.76
C GLY T 30 18.00 -34.03 -19.97
N PHE T 31 18.44 -34.14 -21.23
CA PHE T 31 19.62 -34.89 -21.59
C PHE T 31 20.44 -34.13 -22.64
N HIS T 32 21.77 -34.28 -22.56
CA HIS T 32 22.69 -33.65 -23.49
C HIS T 32 23.91 -34.55 -23.69
N PRO T 33 24.36 -34.82 -24.94
CA PRO T 33 23.73 -34.28 -26.15
C PRO T 33 22.49 -35.03 -26.65
N SER T 34 22.05 -34.66 -27.86
CA SER T 34 20.77 -35.10 -28.42
C SER T 34 20.84 -36.54 -28.91
N ASP T 35 22.05 -36.99 -29.25
CA ASP T 35 22.25 -38.35 -29.73
C ASP T 35 21.89 -39.34 -28.62
N ILE T 36 20.68 -39.86 -28.69
CA ILE T 36 20.19 -40.81 -27.71
C ILE T 36 19.52 -41.97 -28.44
N GLU T 37 19.56 -43.15 -27.83
CA GLU T 37 18.97 -44.36 -28.37
C GLU T 37 17.86 -44.83 -27.43
N VAL T 38 16.66 -45.03 -27.97
CA VAL T 38 15.51 -45.37 -27.16
C VAL T 38 14.73 -46.51 -27.84
N ASP T 39 14.43 -47.54 -27.07
CA ASP T 39 13.60 -48.66 -27.52
C ASP T 39 12.49 -48.92 -26.51
N LEU T 40 11.44 -49.61 -26.96
CA LEU T 40 10.37 -50.06 -26.08
C LEU T 40 10.32 -51.58 -26.08
N LEU T 41 10.76 -52.17 -24.97
CA LEU T 41 10.86 -53.63 -24.84
C LEU T 41 9.53 -54.17 -24.31
N LYS T 42 8.94 -55.09 -25.09
CA LYS T 42 7.79 -55.88 -24.65
C LYS T 42 8.32 -57.17 -24.02
N ASN T 43 8.37 -57.17 -22.67
CA ASN T 43 9.02 -58.21 -21.88
C ASN T 43 10.52 -58.13 -22.10
N GLY T 44 10.92 -57.89 -23.35
CA GLY T 44 12.31 -57.79 -23.77
C GLY T 44 12.44 -57.83 -25.29
N GLU T 45 11.29 -57.75 -25.98
CA GLU T 45 11.26 -57.70 -27.45
C GLU T 45 10.89 -56.28 -27.90
N ARG T 46 11.79 -55.67 -28.68
CA ARG T 46 11.58 -54.36 -29.26
C ARG T 46 10.31 -54.39 -30.13
N ILE T 47 9.55 -53.28 -30.10
CA ILE T 47 8.44 -53.10 -31.02
C ILE T 47 8.98 -52.58 -32.35
N GLU T 48 8.39 -53.06 -33.45
CA GLU T 48 8.81 -52.70 -34.79
C GLU T 48 8.29 -51.29 -35.12
N LYS T 49 6.97 -51.12 -34.96
CA LYS T 49 6.28 -49.89 -35.33
C LYS T 49 6.19 -48.95 -34.13
N VAL T 50 7.23 -48.14 -33.95
CA VAL T 50 7.28 -47.12 -32.91
C VAL T 50 7.75 -45.81 -33.54
N GLU T 51 7.02 -44.73 -33.23
CA GLU T 51 7.34 -43.40 -33.77
C GLU T 51 7.75 -42.48 -32.63
N HIS T 52 8.86 -41.75 -32.87
CA HIS T 52 9.26 -40.68 -31.98
C HIS T 52 8.43 -39.44 -32.30
N SER T 53 8.43 -38.48 -31.38
CA SER T 53 7.81 -37.18 -31.59
C SER T 53 8.68 -36.36 -32.54
N ASP T 54 9.27 -35.29 -32.00
CA ASP T 54 10.27 -34.48 -32.71
C ASP T 54 11.21 -33.88 -31.68
N LEU T 55 12.43 -33.54 -32.12
CA LEU T 55 13.47 -33.10 -31.20
C LEU T 55 13.23 -31.63 -30.83
N SER T 56 13.26 -31.37 -29.52
CA SER T 56 13.15 -30.03 -28.99
C SER T 56 13.91 -29.95 -27.67
N PHE T 57 14.36 -28.74 -27.31
CA PHE T 57 14.96 -28.48 -26.02
C PHE T 57 14.16 -27.39 -25.30
N SER T 58 14.50 -27.16 -24.03
CA SER T 58 13.75 -26.27 -23.14
C SER T 58 14.50 -24.96 -22.95
N LYS T 59 14.16 -24.25 -21.86
CA LYS T 59 14.90 -23.08 -21.43
C LYS T 59 16.11 -23.53 -20.63
N ASP T 60 16.63 -24.73 -20.99
CA ASP T 60 17.62 -25.46 -20.22
C ASP T 60 18.85 -25.71 -21.10
N TRP T 61 18.58 -25.92 -22.39
CA TRP T 61 19.52 -26.49 -23.35
C TRP T 61 19.57 -28.01 -23.16
N SER T 62 18.49 -28.56 -22.61
CA SER T 62 18.35 -29.99 -22.43
C SER T 62 17.24 -30.52 -23.32
N PHE T 63 17.57 -31.54 -24.12
CA PHE T 63 16.68 -32.06 -25.13
C PHE T 63 15.58 -32.90 -24.48
N TYR T 64 14.48 -33.07 -25.21
CA TYR T 64 13.40 -33.97 -24.83
C TYR T 64 12.76 -34.57 -26.08
N LEU T 65 12.38 -35.85 -25.96
CA LEU T 65 11.70 -36.58 -27.02
C LEU T 65 10.58 -37.41 -26.41
N LEU T 66 9.67 -37.86 -27.27
CA LEU T 66 8.62 -38.77 -26.83
C LEU T 66 8.52 -39.91 -27.83
N TYR T 67 8.72 -41.13 -27.33
CA TYR T 67 8.49 -42.33 -28.11
C TYR T 67 7.12 -42.88 -27.71
N TYR T 68 6.20 -42.90 -28.68
CA TYR T 68 4.85 -43.35 -28.43
C TYR T 68 4.49 -44.47 -29.40
N THR T 69 3.45 -45.23 -29.07
CA THR T 69 3.00 -46.37 -29.84
C THR T 69 1.64 -46.83 -29.31
N GLU T 70 0.94 -47.66 -30.10
CA GLU T 70 -0.30 -48.29 -29.68
C GLU T 70 0.05 -49.53 -28.85
N PHE T 71 -0.59 -49.66 -27.68
CA PHE T 71 -0.39 -50.82 -26.82
C PHE T 71 -1.71 -51.26 -26.20
N THR T 72 -1.87 -52.57 -26.09
CA THR T 72 -3.01 -53.17 -25.42
C THR T 72 -2.54 -53.72 -24.06
N PRO T 73 -3.21 -53.35 -22.96
CA PRO T 73 -2.89 -53.87 -21.63
C PRO T 73 -3.38 -55.31 -21.46
N THR T 74 -2.60 -56.26 -22.00
CA THR T 74 -2.96 -57.67 -21.99
C THR T 74 -2.67 -58.28 -20.62
N GLU T 75 -3.71 -58.86 -20.03
CA GLU T 75 -3.73 -59.50 -18.71
C GLU T 75 -2.52 -59.08 -17.85
N LYS T 76 -1.40 -59.79 -18.00
CA LYS T 76 -0.24 -59.59 -17.16
C LYS T 76 1.04 -59.55 -18.00
N ASP T 77 1.09 -58.57 -18.91
CA ASP T 77 2.29 -58.34 -19.71
C ASP T 77 3.13 -57.24 -19.07
N GLU T 78 4.45 -57.31 -19.29
CA GLU T 78 5.40 -56.31 -18.82
C GLU T 78 5.83 -55.46 -20.00
N TYR T 79 5.53 -54.16 -19.93
CA TYR T 79 6.07 -53.19 -20.88
C TYR T 79 7.13 -52.35 -20.17
N ALA T 80 8.09 -51.85 -20.94
CA ALA T 80 9.25 -51.17 -20.40
C ALA T 80 9.86 -50.25 -21.45
N CYS T 81 10.84 -49.44 -21.02
CA CYS T 81 11.53 -48.51 -21.90
C CYS T 81 13.04 -48.69 -21.76
N ARG T 82 13.72 -48.78 -22.91
CA ARG T 82 15.16 -48.98 -22.96
C ARG T 82 15.82 -47.72 -23.50
N VAL T 83 16.78 -47.19 -22.73
CA VAL T 83 17.44 -45.94 -23.06
C VAL T 83 18.94 -46.09 -22.83
N ASN T 84 19.72 -45.62 -23.82
CA ASN T 84 21.19 -45.61 -23.77
C ASN T 84 21.69 -44.20 -24.05
N HIS T 85 22.67 -43.76 -23.25
CA HIS T 85 23.23 -42.42 -23.37
C HIS T 85 24.72 -42.46 -23.03
N VAL T 86 25.44 -41.44 -23.50
CA VAL T 86 26.88 -41.37 -23.34
C VAL T 86 27.22 -41.13 -21.86
N THR T 87 26.25 -40.61 -21.10
CA THR T 87 26.40 -40.41 -19.67
C THR T 87 26.19 -41.74 -18.95
N LEU T 88 25.28 -42.56 -19.50
CA LEU T 88 25.00 -43.91 -19.02
C LEU T 88 26.21 -44.81 -19.30
N SER T 89 26.34 -45.87 -18.48
CA SER T 89 27.29 -46.93 -18.75
C SER T 89 26.55 -48.15 -19.27
N GLN T 90 25.67 -48.69 -18.42
CA GLN T 90 24.79 -49.80 -18.77
C GLN T 90 23.47 -49.23 -19.28
N PRO T 91 23.06 -49.55 -20.53
CA PRO T 91 21.76 -49.14 -21.06
C PRO T 91 20.62 -49.38 -20.07
N LYS T 92 20.10 -48.28 -19.50
CA LYS T 92 19.17 -48.32 -18.39
C LYS T 92 17.79 -48.77 -18.86
N ILE T 93 17.35 -49.92 -18.33
CA ILE T 93 16.00 -50.41 -18.52
C ILE T 93 15.09 -49.73 -17.48
N VAL T 94 13.91 -49.30 -17.93
CA VAL T 94 12.88 -48.75 -17.05
C VAL T 94 11.55 -49.38 -17.41
N LYS T 95 10.88 -49.93 -16.39
CA LYS T 95 9.62 -50.66 -16.54
C LYS T 95 8.43 -49.71 -16.43
N TRP T 96 7.33 -50.09 -17.08
CA TRP T 96 6.05 -49.42 -16.96
C TRP T 96 5.48 -49.68 -15.58
N ASP T 97 4.84 -48.64 -15.02
CA ASP T 97 4.19 -48.72 -13.72
C ASP T 97 2.71 -48.33 -13.89
N ARG T 98 1.84 -49.12 -13.28
CA ARG T 98 0.43 -48.77 -13.16
C ARG T 98 0.28 -47.67 -12.12
N ASP T 99 1.29 -47.59 -11.23
CA ASP T 99 1.39 -46.60 -10.17
C ASP T 99 2.02 -45.31 -10.73
N MET T 100 3.34 -45.19 -10.56
CA MET T 100 4.09 -44.03 -11.02
C MET T 100 4.29 -44.12 -12.53
#